data_5HX2
#
_entry.id   5HX2
#
_cell.length_a   1
_cell.length_b   1
_cell.length_c   1
_cell.angle_alpha   90.00
_cell.angle_beta   90.00
_cell.angle_gamma   90.00
#
_symmetry.space_group_name_H-M   'P 1'
#
loop_
_entity.id
_entity.type
_entity.pdbx_description
1 polymer 'Baseplate wedge protein gp7'
2 polymer 'Baseplate wedge protein gp8'
3 polymer 'Baseplate wedge protein gp6'
4 polymer 'Baseplate wedge protein gp53'
5 polymer 'Baseplate wedge protein gp10'
#
loop_
_entity_poly.entity_id
_entity_poly.type
_entity_poly.pdbx_seq_one_letter_code
_entity_poly.pdbx_strand_id
1 'polypeptide(L)'
;MTVKAPSVTSLRISKLSANQVQVRWDDVGANFYYFVEIAETKTNSGENLPSNQYRWINLGYTANNSFFFDDADPLTTYII
RVATAAQDFEQSDWIYTEEFETFATNAYTFQNMIEMQLANKFIQEKFTLNNSDYVNFNNDTIMAALMNESFQFSPSYVDV
SSISNFIIGENEYHEIQGSIQQVCKDINRVYLMESEGILYLFERYQPVVKVSNDKGQTWKAVKLFNDRVGYPLSKTVYYQ
SANTTYVLGYDKIFYGRKSTDVRWSADDVRFSSQDITFAKLGDQLHLGFDVEIFATYATLPANVYRIAEAITCTDDYIYV
VARDKVRYIKTSNALIDFDPLSPTYSERLFEPDTMTITGNPKAVCYKMDSICDKVFALIIGEVETLNANPRTSKIIDSAD
KGIYVLNHDEKTWKRVFGNTEEERRRIQPGYANMSTDGKLVSLSSSNFKFLSDNVVNDPETAAKYQLIGAVKYEFPREWL
ADKHYHMMAFIADETSDWETFTPQPMKYYAEPFFNWSKKSNTRCWINNSDRAVVVYADLKYTKVIENIPETSPDRLVHEY
WDDGDCTIVMPNVKFTGFKKYASGMLFYKASGEIISYYDFNYRVRDTVEIIWKPTEVFLKAFLQNQEHETPWSPEEERGL
ADPDLRPLIGTMMPDSYLLQDSNFEAFCEAYIQYLSDGYGTQYNNLRNLIRNQYPREEHAWEYLWSEIYKRNIYLNADKR
DAVARFFESRSYDFYSTKGIEASYKFLFKVLYNEEVEIEIESGAGTEYDIIVQSDSLTEDLVGQTIYTATGRCNVTYIER
SYSNGKLQWTVTIHNLLGRLIAGQEVKAERLPSFEGEIIRGVKGKDLLQNNIDYINRSRSYYVMKIKSNLPSSRWKSDVI
RFVHPVGFGFIAITLLTMFINVGLTLKHTETIINKYKNYKWDSGLPTEYADRIAKLTPTGEIEHDSVTGEAIYEPGPMAG
VKYPLPDDYNAENNNSIFQGQLPSERRKLMSPLFDASGTTFAQFRDLVNKRLKDNIGNPRDPENPTQVKIDE
;
A
2 'polypeptide(L)'
;MNDSSVIYRAIVTSKFRTEKMLNFYNSIGSGPDKNTIFITFGRSEPWSSNENEVGFAPPYPTDSVLGVTDMWTHMMGTVK
VLPSMLDAVIPRRDWGDTRYPDPYTFRINDIVVCNSAPYNATESGAGWLVYRCLDVPDTGMCSIASLTDKDECLKLGGKW
TPSARSMTPPEGRGDAEGTIEPGDGYVWEYLFEIPPDVSINRCTNEYIVVPWPEELKEDPTRWGYEDNLTWQQDDFGLIY
RVKANTIRFKAYLDSVYFPEAALPGNKGFRQISIITNPLEAKAHPNDPNVKAEKDYYDPEDLMRHSGEMIYMENRPPIIM
AMDQTEEINILFTF
;
B,C
3 'polypeptide(L)'
;MANTPVNYQLTRTANAIPEIFVGGTFAEIKQNLIEWLNGQNEFLDYDFEGSRLNVLCDLLAYNTLYIQQFGNAAVYESFM
RTANLRSSVVQAAQDNGYLPTSKSAAQTEIMLTCTDALNRNYITIPRGTRFLAYAKDTSVNPYNFVSREDVIAIRDKNNQ
YFPRLKLAQGRIVRTEIIYDKLTPIIIYDKNIDRNQVKLYVDGAEWINWTRKSMVHAGSTSTIYYMRETIDGNTEFYFGE
GEISVNASEGALTANYIGGLKPTQNSTIVIEYISTNGADANGAVGFSYADTLTNITVININENPNDDPDFVGADGGGDPE
DIERIRELGTIKRETQQRCVTATDYDTFVSERFGSIIQAVQTFTDSTKPGYAFIAAKPKSGLYLTTVQREDIKNYLKDYN
LAPITPSIISPNYLFIKTNLKVTYALNKLQESEQWLEGQIIDKIDRYYTEDVEIFNSSFAKSKMLTYVDDADHSVIGSSA
TIQMVREVQNFYKTPEAGIKYNNQIKDRSMESNTFSFNSGRKVVNPDTGLEEDVLYDVRIVSTDRDSKGIGKVIIGPFAS
GDVTENENIQPYTGNDFNKLANSDGRDKYYVIGEINYPADVIYWNIAKINLTSEKFEVQTIELYSDPTDDVIFTRDGSLI
VFENDLRPQYLTIDLEPISQ
;
D,E
4 'polypeptide(L)'
;MLFTFFDPIEYAAKTVNKNAPTIPMTDIFRNYKDYFKRALAGYRLRTYYIKGSPRPEELANAIYGNPQLYWVLLMCNDNY
DPYYGWITSQEAAYQASIQKYKNVGGDQIVYHVNENGEKFYNLISYDDNPYVWYDKGDKARKYPQYEGALAAVDTYEAAV
LENEKLRQIKIIAKSDINSFMNDLIRIMEKSYGNDK
;
F
5 'polypeptide(L)'
;MKQNINIGNVVDDGTGDYLRKGGIKINENFDELYYELGDGDVPYSAGAWKTYNASSGQTLTAEWGKSYAINTSSGRVTIN
LPKGTVNDYNKVIRARDVFATWNVNPVTLVAASGDTIKGSAVPVEINVRFSDLELVYCAPGRWEYVKNKQIDKITSSDIS
NVARKEFLVEVQGQTDFLDVFRGTSYNVNNIRVKHRGNELYYGDVFSENSDFGSPGENEGELVPLDGFNIRLRQPCNIGD
TVQIETFMDGVSQWRSSYTRRQIRLLDSKLTSKTSLEGSIYVTDLSTMKSIPFSAFGLIPGEPINPNSLEVRFNGILQEL
AGTVGMPLFHCVGADSDDEVECSVLGGTWEQSHTDYSVETDENGIPEILHFDSVFEHGDIINITWFNNDLGTLLTKDEII
DETDNLYVSQGPGVDISGDVNLTDFDKIGWPNVEAVQSYQRAFNAVSNIFDTIYPIGTIYENAVNPNNPVTYMGFGSWKL
FGQGKVLVGWNEDISDPNFALNNNDLDSGGNPSHTAGGTGGSTSVTLENANLPATETDEEVLIVDENGSVIVGGCQYDPD
ESGPIYTKYREAKASTNSTHTPPTSITNIQPYITVYRWIRIA
;
G,H,I
#
# COMPACT_ATOMS: atom_id res chain seq x y z
N VAL A 3 10.16 19.93 -1.98
CA VAL A 3 10.77 18.72 -1.46
C VAL A 3 10.51 17.59 -2.45
N LYS A 4 11.23 17.61 -3.56
CA LYS A 4 10.99 16.66 -4.65
C LYS A 4 11.16 15.23 -4.16
N ALA A 5 10.16 14.40 -4.42
CA ALA A 5 10.25 13.01 -4.06
C ALA A 5 11.32 12.32 -4.91
N PRO A 6 12.08 11.40 -4.34
CA PRO A 6 13.25 10.86 -5.05
C PRO A 6 12.88 10.31 -6.41
N SER A 7 13.59 10.78 -7.44
CA SER A 7 13.32 10.34 -8.79
C SER A 7 13.55 8.84 -8.90
N VAL A 8 12.69 8.18 -9.67
CA VAL A 8 12.83 6.74 -9.84
C VAL A 8 14.12 6.44 -10.58
N THR A 9 14.63 5.23 -10.39
CA THR A 9 15.91 4.86 -10.98
C THR A 9 15.82 3.47 -11.61
N SER A 10 16.63 3.27 -12.65
CA SER A 10 16.74 1.98 -13.32
C SER A 10 15.37 1.51 -13.82
N LEU A 11 14.89 2.21 -14.83
CA LEU A 11 13.58 1.97 -15.41
C LEU A 11 13.75 1.11 -16.65
N ARG A 12 13.25 -0.13 -16.60
CA ARG A 12 13.48 -1.10 -17.66
C ARG A 12 12.17 -1.75 -18.07
N ILE A 13 12.16 -2.23 -19.29
CA ILE A 13 11.03 -3.00 -19.82
C ILE A 13 11.42 -4.47 -19.85
N SER A 14 10.45 -5.33 -19.56
CA SER A 14 10.68 -6.76 -19.57
C SER A 14 9.42 -7.47 -20.08
N LYS A 15 9.65 -8.57 -20.79
CA LYS A 15 8.60 -9.45 -21.32
C LYS A 15 7.49 -8.65 -22.00
N LEU A 16 7.87 -7.81 -22.95
CA LEU A 16 6.89 -7.13 -23.77
C LEU A 16 6.39 -8.05 -24.86
N SER A 17 5.09 -8.01 -25.12
CA SER A 17 4.47 -8.69 -26.25
C SER A 17 3.81 -7.63 -27.12
N ALA A 18 3.09 -8.08 -28.14
CA ALA A 18 2.43 -7.13 -29.01
C ALA A 18 1.33 -6.38 -28.26
N ASN A 19 0.45 -7.09 -27.60
CA ASN A 19 -0.64 -6.45 -26.86
C ASN A 19 -0.37 -6.32 -25.37
N GLN A 20 0.77 -6.80 -24.88
CA GLN A 20 1.10 -6.64 -23.47
C GLN A 20 2.54 -6.21 -23.35
N VAL A 21 2.79 -5.25 -22.47
CA VAL A 21 4.14 -4.80 -22.16
C VAL A 21 4.23 -4.56 -20.67
N GLN A 22 5.36 -4.92 -20.07
CA GLN A 22 5.57 -4.76 -18.65
C GLN A 22 6.75 -3.83 -18.40
N VAL A 23 6.64 -3.04 -17.35
CA VAL A 23 7.65 -2.07 -16.95
C VAL A 23 8.15 -2.44 -15.57
N ARG A 24 9.43 -2.18 -15.30
CA ARG A 24 9.98 -2.39 -13.98
C ARG A 24 10.90 -1.25 -13.59
N TRP A 25 10.92 -0.95 -12.29
CA TRP A 25 11.79 0.07 -11.75
C TRP A 25 12.11 -0.24 -10.30
N ASP A 26 13.21 0.36 -9.81
CA ASP A 26 13.65 0.12 -8.46
C ASP A 26 12.66 0.70 -7.45
N ASP A 27 12.77 0.23 -6.21
CA ASP A 27 11.73 0.50 -5.21
C ASP A 27 11.61 2.01 -4.94
N VAL A 28 12.72 2.67 -4.61
CA VAL A 28 12.81 4.12 -4.44
C VAL A 28 12.18 4.57 -3.14
N GLY A 29 11.36 3.73 -2.53
CA GLY A 29 10.85 4.08 -1.21
C GLY A 29 9.68 3.23 -0.77
N ALA A 30 9.38 3.26 0.54
CA ALA A 30 8.32 2.41 1.05
C ALA A 30 6.94 2.97 0.75
N ASN A 31 6.70 4.22 1.13
CA ASN A 31 5.33 4.75 1.16
C ASN A 31 4.96 5.59 -0.06
N PHE A 32 5.85 5.74 -1.03
CA PHE A 32 5.51 6.57 -2.17
C PHE A 32 4.52 5.87 -3.08
N TYR A 33 4.09 6.58 -4.12
CA TYR A 33 3.26 6.04 -5.17
C TYR A 33 3.89 6.40 -6.51
N TYR A 34 3.45 5.70 -7.54
CA TYR A 34 4.02 5.89 -8.87
C TYR A 34 2.87 5.93 -9.86
N PHE A 35 2.81 6.95 -10.69
CA PHE A 35 1.90 6.88 -11.82
C PHE A 35 2.67 7.10 -13.11
N VAL A 36 2.09 6.58 -14.18
CA VAL A 36 2.80 6.28 -15.41
C VAL A 36 2.10 6.99 -16.56
N GLU A 37 2.82 7.15 -17.66
CA GLU A 37 2.26 7.75 -18.86
C GLU A 37 2.73 6.97 -20.07
N ILE A 38 1.85 6.84 -21.06
CA ILE A 38 2.10 6.03 -22.24
C ILE A 38 1.73 6.85 -23.46
N ALA A 39 2.53 6.75 -24.52
CA ALA A 39 2.29 7.59 -25.67
C ALA A 39 2.73 6.90 -26.95
N GLU A 40 1.94 7.07 -28.00
CA GLU A 40 2.43 6.71 -29.32
C GLU A 40 3.46 7.74 -29.76
N THR A 41 4.35 7.31 -30.65
CA THR A 41 5.37 8.22 -31.18
C THR A 41 5.19 8.35 -32.69
N LYS A 42 5.56 7.35 -33.46
CA LYS A 42 5.26 7.33 -34.88
C LYS A 42 3.76 7.44 -35.08
N THR A 43 3.35 8.36 -35.94
CA THR A 43 1.94 8.55 -36.27
C THR A 43 1.74 8.10 -37.70
N ASN A 44 1.09 6.95 -37.87
CA ASN A 44 0.77 6.39 -39.18
C ASN A 44 2.01 6.33 -40.07
N SER A 45 3.03 5.66 -39.54
CA SER A 45 4.29 5.41 -40.23
C SER A 45 5.07 6.71 -40.49
N GLY A 46 4.83 7.74 -39.68
CA GLY A 46 5.61 8.94 -39.71
C GLY A 46 6.57 9.02 -38.53
N GLU A 47 7.45 10.01 -38.58
CA GLU A 47 8.33 10.33 -37.47
C GLU A 47 8.09 11.78 -37.08
N ASN A 48 7.83 12.00 -35.80
CA ASN A 48 7.35 13.29 -35.32
C ASN A 48 8.17 13.76 -34.14
N LEU A 49 8.07 15.07 -33.85
CA LEU A 49 8.89 15.77 -32.87
C LEU A 49 8.28 15.73 -31.49
N PRO A 50 9.11 15.68 -30.45
CA PRO A 50 8.60 15.67 -29.08
C PRO A 50 7.91 16.96 -28.73
N SER A 51 6.95 16.85 -27.79
CA SER A 51 6.18 17.97 -27.23
C SER A 51 5.28 18.60 -28.27
N ASN A 52 5.52 18.31 -29.54
CA ASN A 52 4.58 18.55 -30.61
C ASN A 52 3.70 17.34 -30.85
N GLN A 53 3.83 16.33 -30.02
CA GLN A 53 3.21 15.03 -30.24
C GLN A 53 3.20 14.26 -28.93
N TYR A 54 2.89 12.97 -29.04
CA TYR A 54 2.83 11.98 -27.96
C TYR A 54 1.56 12.12 -27.13
N ARG A 55 0.97 13.32 -27.13
CA ARG A 55 0.06 13.66 -26.05
C ARG A 55 0.65 13.17 -24.74
N TRP A 56 -0.18 12.58 -23.89
CA TRP A 56 0.19 11.54 -22.94
C TRP A 56 -1.10 10.83 -22.57
N ILE A 57 -0.96 9.60 -22.07
CA ILE A 57 -2.10 8.82 -21.63
C ILE A 57 -1.81 8.34 -20.21
N ASN A 58 -2.59 8.79 -19.25
CA ASN A 58 -2.45 8.31 -17.88
C ASN A 58 -2.97 6.89 -17.79
N LEU A 59 -2.14 5.97 -17.30
CA LEU A 59 -2.55 4.59 -17.07
C LEU A 59 -2.91 4.33 -15.62
N GLY A 60 -2.87 5.33 -14.76
CA GLY A 60 -3.17 5.15 -13.35
C GLY A 60 -1.92 5.12 -12.51
N TYR A 61 -2.13 4.91 -11.22
CA TYR A 61 -1.05 4.91 -10.25
C TYR A 61 -1.01 3.57 -9.52
N THR A 62 0.14 3.30 -8.90
CA THR A 62 0.37 2.02 -8.26
C THR A 62 1.16 2.19 -6.97
N ALA A 63 0.85 1.34 -6.00
CA ALA A 63 1.52 1.37 -4.71
C ALA A 63 2.74 0.48 -4.64
N ASN A 64 2.96 -0.33 -5.67
CA ASN A 64 4.18 -1.11 -5.78
C ASN A 64 4.75 -0.92 -7.17
N ASN A 65 6.04 -1.17 -7.31
CA ASN A 65 6.69 -1.00 -8.59
C ASN A 65 6.19 -2.04 -9.59
N SER A 66 6.41 -1.73 -10.87
CA SER A 66 6.18 -2.67 -11.96
C SER A 66 4.72 -3.06 -12.17
N PHE A 67 3.89 -2.14 -12.66
CA PHE A 67 2.54 -2.52 -13.05
C PHE A 67 2.57 -3.13 -14.44
N PHE A 68 1.58 -3.96 -14.73
CA PHE A 68 1.49 -4.69 -15.99
C PHE A 68 0.44 -4.05 -16.88
N PHE A 69 0.80 -3.76 -18.12
CA PHE A 69 -0.03 -2.95 -19.00
C PHE A 69 -0.55 -3.79 -20.16
N ASP A 70 -1.72 -3.40 -20.67
CA ASP A 70 -2.46 -4.14 -21.68
C ASP A 70 -2.74 -3.24 -22.86
N ASP A 71 -3.59 -3.70 -23.78
CA ASP A 71 -3.96 -2.92 -24.96
C ASP A 71 -2.74 -2.70 -25.84
N ALA A 72 -2.43 -1.45 -26.17
CA ALA A 72 -1.22 -1.10 -26.93
C ALA A 72 -1.15 -1.90 -28.24
N ASP A 73 -1.99 -1.49 -29.18
CA ASP A 73 -2.12 -2.19 -30.44
C ASP A 73 -0.75 -2.44 -31.06
N PRO A 74 -0.54 -3.57 -31.74
CA PRO A 74 0.81 -3.95 -32.15
C PRO A 74 1.45 -2.92 -33.07
N LEU A 75 2.78 -2.88 -33.02
CA LEU A 75 3.61 -2.03 -33.87
C LEU A 75 3.40 -0.54 -33.61
N THR A 76 2.93 -0.16 -32.43
CA THR A 76 2.58 1.23 -32.10
C THR A 76 2.90 1.45 -30.63
N THR A 77 2.35 2.53 -30.06
CA THR A 77 2.60 2.93 -28.67
C THR A 77 4.05 3.34 -28.42
N TYR A 78 4.80 2.51 -27.71
CA TYR A 78 6.14 2.71 -27.16
C TYR A 78 6.22 3.73 -26.02
N ILE A 79 7.43 4.28 -25.81
CA ILE A 79 7.78 5.35 -24.87
C ILE A 79 6.90 5.38 -23.61
N ILE A 80 7.13 4.44 -22.70
CA ILE A 80 6.55 4.59 -21.36
C ILE A 80 7.30 5.69 -20.61
N ARG A 81 6.63 6.25 -19.60
CA ARG A 81 7.25 7.24 -18.73
C ARG A 81 6.60 7.15 -17.37
N VAL A 82 7.40 7.33 -16.32
CA VAL A 82 6.93 7.20 -14.96
C VAL A 82 7.39 8.40 -14.14
N ALA A 83 6.80 8.52 -12.95
CA ALA A 83 7.17 9.55 -12.01
C ALA A 83 6.74 9.07 -10.64
N THR A 84 7.27 9.69 -9.61
CA THR A 84 6.88 9.36 -8.25
C THR A 84 6.18 10.54 -7.59
N ALA A 85 5.34 10.24 -6.61
CA ALA A 85 4.59 11.26 -5.90
C ALA A 85 4.18 10.68 -4.56
N ALA A 86 3.79 11.57 -3.65
CA ALA A 86 3.40 11.16 -2.30
C ALA A 86 2.42 12.20 -1.75
N GLN A 87 2.15 12.10 -0.45
CA GLN A 87 1.23 13.05 0.18
C GLN A 87 1.86 14.43 0.31
N ASP A 88 3.04 14.50 0.94
CA ASP A 88 3.62 15.77 1.31
C ASP A 88 4.65 16.30 0.32
N PHE A 89 4.93 15.58 -0.75
CA PHE A 89 6.04 15.91 -1.64
C PHE A 89 5.50 16.42 -2.97
N GLU A 90 6.28 17.30 -3.60
CA GLU A 90 6.00 17.70 -4.97
C GLU A 90 6.41 16.59 -5.93
N GLN A 91 5.67 16.47 -7.02
CA GLN A 91 5.94 15.44 -8.01
C GLN A 91 7.36 15.55 -8.54
N SER A 92 7.96 14.39 -8.84
CA SER A 92 9.31 14.33 -9.36
C SER A 92 9.30 14.59 -10.87
N ASP A 93 10.41 14.30 -11.52
CA ASP A 93 10.55 14.52 -12.95
C ASP A 93 10.38 13.22 -13.70
N TRP A 94 9.81 13.34 -14.89
CA TRP A 94 9.51 12.18 -15.71
C TRP A 94 10.78 11.48 -16.17
N ILE A 95 10.65 10.19 -16.49
CA ILE A 95 11.75 9.38 -16.98
C ILE A 95 11.25 8.47 -18.08
N TYR A 96 12.01 8.38 -19.16
CA TYR A 96 11.60 7.72 -20.38
C TYR A 96 12.38 6.43 -20.55
N THR A 97 11.76 5.43 -21.18
CA THR A 97 12.44 4.16 -21.42
C THR A 97 12.63 3.91 -22.91
N GLU A 98 13.84 4.16 -23.40
CA GLU A 98 14.46 3.47 -24.52
C GLU A 98 13.55 3.13 -25.70
N GLU A 99 12.47 3.89 -25.90
CA GLU A 99 11.65 3.82 -27.12
C GLU A 99 11.45 2.41 -27.68
N PHE A 100 10.72 1.54 -26.99
CA PHE A 100 10.57 0.17 -27.45
C PHE A 100 9.56 0.11 -28.59
N GLU A 101 9.20 -1.10 -29.03
CA GLU A 101 8.09 -1.30 -29.96
C GLU A 101 7.49 -2.68 -29.76
N THR A 102 6.19 -2.77 -29.98
CA THR A 102 5.43 -3.99 -29.83
C THR A 102 5.64 -4.93 -31.01
N PHE A 103 5.38 -6.20 -30.77
CA PHE A 103 5.63 -7.26 -31.73
C PHE A 103 4.44 -7.42 -32.66
N ALA A 104 4.51 -8.42 -33.53
CA ALA A 104 3.49 -8.56 -34.56
C ALA A 104 2.18 -9.11 -33.99
N THR A 105 2.24 -10.24 -33.28
CA THR A 105 0.99 -10.87 -32.89
C THR A 105 0.85 -11.05 -31.38
N ASN A 106 1.47 -12.11 -30.85
CA ASN A 106 1.55 -12.40 -29.42
C ASN A 106 2.13 -13.79 -29.28
N ALA A 107 2.41 -14.24 -28.05
CA ALA A 107 2.94 -15.58 -27.88
C ALA A 107 2.56 -16.11 -26.51
N TYR A 108 2.43 -17.44 -26.42
CA TYR A 108 2.17 -18.10 -25.15
C TYR A 108 2.78 -19.49 -25.18
N THR A 109 3.22 -19.93 -24.01
CA THR A 109 3.58 -21.33 -23.76
C THR A 109 2.84 -21.76 -22.50
N PHE A 110 1.90 -22.69 -22.66
CA PHE A 110 0.99 -23.07 -21.59
C PHE A 110 1.19 -24.53 -21.22
N GLN A 111 0.83 -24.85 -19.99
CA GLN A 111 0.98 -26.18 -19.44
C GLN A 111 -0.37 -26.67 -18.94
N ASN A 112 -0.60 -27.95 -19.09
CA ASN A 112 -1.86 -28.60 -18.71
C ASN A 112 -1.59 -30.09 -18.70
N MET A 113 -2.65 -30.88 -18.51
CA MET A 113 -2.49 -32.31 -18.61
C MET A 113 -2.03 -32.70 -20.01
N ILE A 114 -1.31 -33.82 -20.08
CA ILE A 114 -0.91 -34.35 -21.38
C ILE A 114 -2.09 -35.03 -22.07
N GLU A 115 -3.09 -35.48 -21.32
CA GLU A 115 -4.26 -36.07 -21.95
C GLU A 115 -5.08 -35.01 -22.69
N MET A 116 -5.14 -33.80 -22.14
CA MET A 116 -5.97 -32.75 -22.71
C MET A 116 -5.29 -32.08 -23.89
N GLN A 117 -6.12 -31.63 -24.84
CA GLN A 117 -5.64 -30.93 -26.01
C GLN A 117 -6.53 -29.71 -26.22
N LEU A 118 -6.03 -28.73 -26.98
CA LEU A 118 -6.71 -27.46 -27.15
C LEU A 118 -7.00 -27.18 -28.62
N ALA A 119 -8.20 -26.70 -28.90
CA ALA A 119 -8.55 -26.33 -30.26
C ALA A 119 -7.77 -25.11 -30.70
N ASN A 120 -7.30 -25.12 -31.95
CA ASN A 120 -6.48 -24.01 -32.41
C ASN A 120 -7.24 -22.70 -32.46
N LYS A 121 -8.57 -22.74 -32.51
CA LYS A 121 -9.32 -21.50 -32.49
C LYS A 121 -9.26 -20.85 -31.11
N PHE A 122 -9.53 -21.64 -30.07
CA PHE A 122 -9.44 -21.12 -28.71
C PHE A 122 -8.07 -20.52 -28.42
N ILE A 123 -7.02 -21.06 -29.03
CA ILE A 123 -5.71 -20.44 -28.90
C ILE A 123 -5.67 -19.13 -29.67
N GLN A 124 -6.04 -19.17 -30.95
CA GLN A 124 -5.88 -17.98 -31.79
C GLN A 124 -6.78 -16.85 -31.30
N GLU A 125 -8.04 -17.14 -31.00
CA GLU A 125 -8.95 -16.08 -30.61
C GLU A 125 -8.54 -15.45 -29.28
N LYS A 126 -8.45 -16.27 -28.24
CA LYS A 126 -8.29 -15.72 -26.89
C LYS A 126 -6.86 -15.31 -26.59
N PHE A 127 -5.87 -16.04 -27.10
CA PHE A 127 -4.49 -15.85 -26.67
C PHE A 127 -3.64 -15.15 -27.73
N THR A 128 -3.26 -15.84 -28.80
CA THR A 128 -2.24 -15.25 -29.67
C THR A 128 -2.72 -14.01 -30.39
N LEU A 129 -4.02 -13.82 -30.56
CA LEU A 129 -4.54 -12.57 -31.08
C LEU A 129 -5.07 -11.66 -29.98
N ASN A 130 -5.09 -12.13 -28.73
CA ASN A 130 -5.57 -11.37 -27.58
C ASN A 130 -6.91 -10.71 -27.84
N ASN A 131 -7.87 -11.52 -28.26
CA ASN A 131 -9.27 -11.10 -28.31
C ASN A 131 -9.98 -11.76 -27.14
N SER A 132 -10.32 -10.98 -26.13
CA SER A 132 -11.07 -11.50 -25.00
C SER A 132 -12.54 -11.57 -25.38
N ASP A 133 -13.39 -11.91 -24.43
CA ASP A 133 -14.84 -11.94 -24.62
C ASP A 133 -15.24 -13.00 -25.64
N TYR A 134 -14.25 -13.61 -26.31
CA TYR A 134 -14.48 -14.79 -27.13
C TYR A 134 -15.11 -15.87 -26.27
N VAL A 135 -14.36 -16.35 -25.29
CA VAL A 135 -14.90 -17.10 -24.17
C VAL A 135 -14.28 -16.55 -22.91
N ASN A 136 -15.10 -15.96 -22.04
CA ASN A 136 -14.63 -15.45 -20.76
C ASN A 136 -15.06 -16.43 -19.69
N PHE A 137 -14.11 -17.18 -19.16
CA PHE A 137 -14.42 -18.14 -18.11
C PHE A 137 -14.98 -17.47 -16.87
N ASN A 138 -14.74 -16.18 -16.71
CA ASN A 138 -15.38 -15.44 -15.63
C ASN A 138 -16.86 -15.23 -15.90
N ASN A 139 -17.29 -15.31 -17.16
CA ASN A 139 -18.66 -15.02 -17.53
C ASN A 139 -19.40 -16.24 -18.04
N ASP A 140 -18.95 -16.83 -19.15
CA ASP A 140 -19.74 -17.83 -19.85
C ASP A 140 -19.90 -19.10 -19.01
N THR A 141 -20.89 -19.91 -19.39
CA THR A 141 -21.30 -21.10 -18.65
C THR A 141 -20.54 -22.37 -19.02
N ILE A 142 -19.79 -22.36 -20.11
CA ILE A 142 -19.09 -23.51 -20.68
C ILE A 142 -20.07 -24.65 -20.93
N MET A 143 -19.58 -25.90 -20.91
CA MET A 143 -20.33 -27.14 -21.15
C MET A 143 -19.34 -28.30 -21.32
N ALA A 144 -19.83 -29.55 -21.32
CA ALA A 144 -18.95 -30.69 -21.54
C ALA A 144 -19.72 -31.82 -22.22
N ALA A 145 -19.08 -32.52 -23.15
CA ALA A 145 -19.73 -33.56 -23.95
C ALA A 145 -18.81 -34.77 -24.10
N LEU A 146 -19.40 -35.94 -24.37
CA LEU A 146 -18.67 -37.20 -24.17
C LEU A 146 -18.06 -37.85 -25.40
N MET A 147 -18.29 -37.37 -26.62
CA MET A 147 -17.44 -37.76 -27.74
C MET A 147 -17.21 -39.27 -27.89
N ASN A 148 -18.13 -39.98 -28.54
CA ASN A 148 -18.20 -41.44 -28.44
C ASN A 148 -16.99 -42.17 -29.01
N GLU A 149 -17.05 -43.51 -28.99
CA GLU A 149 -15.88 -44.35 -29.25
C GLU A 149 -15.24 -44.06 -30.60
N SER A 150 -16.00 -43.56 -31.55
CA SER A 150 -15.49 -43.12 -32.85
C SER A 150 -14.85 -41.75 -32.68
N PHE A 151 -14.68 -41.01 -33.77
CA PHE A 151 -14.29 -39.60 -33.64
C PHE A 151 -12.89 -39.41 -33.08
N GLN A 152 -11.89 -39.60 -33.93
CA GLN A 152 -10.58 -39.06 -33.62
C GLN A 152 -10.67 -37.54 -33.73
N PHE A 153 -10.39 -36.84 -32.62
CA PHE A 153 -10.53 -35.40 -32.57
C PHE A 153 -9.37 -34.71 -33.26
N SER A 154 -9.60 -33.46 -33.61
CA SER A 154 -8.53 -32.63 -34.11
C SER A 154 -8.67 -31.23 -33.53
N PRO A 155 -7.72 -30.36 -33.77
CA PRO A 155 -8.03 -28.93 -33.81
C PRO A 155 -8.67 -28.60 -35.13
N SER A 156 -8.84 -27.32 -35.42
CA SER A 156 -9.52 -26.84 -36.62
C SER A 156 -11.01 -27.15 -36.57
N TYR A 157 -11.44 -27.98 -35.63
CA TYR A 157 -12.85 -28.03 -35.30
C TYR A 157 -13.23 -26.76 -34.54
N VAL A 158 -14.20 -26.04 -35.06
CA VAL A 158 -14.48 -24.67 -34.66
C VAL A 158 -15.79 -24.55 -33.89
N ASP A 159 -16.91 -24.97 -34.49
CA ASP A 159 -18.20 -24.96 -33.83
C ASP A 159 -18.57 -26.36 -33.37
N VAL A 160 -19.22 -26.43 -32.20
CA VAL A 160 -19.63 -27.74 -31.68
C VAL A 160 -20.57 -28.43 -32.64
N SER A 161 -21.41 -27.66 -33.33
CA SER A 161 -22.37 -28.26 -34.25
C SER A 161 -21.67 -29.13 -35.29
N SER A 162 -20.50 -28.70 -35.75
CA SER A 162 -19.83 -29.40 -36.84
C SER A 162 -19.55 -30.85 -36.47
N ILE A 163 -19.02 -31.09 -35.27
CA ILE A 163 -18.73 -32.43 -34.83
C ILE A 163 -19.83 -32.99 -33.94
N SER A 164 -20.95 -32.28 -33.79
CA SER A 164 -22.04 -32.79 -32.97
C SER A 164 -22.50 -34.18 -33.39
N ASN A 165 -22.16 -34.61 -34.61
CA ASN A 165 -22.51 -35.95 -35.06
C ASN A 165 -22.02 -37.02 -34.11
N PHE A 166 -20.89 -36.79 -33.44
CA PHE A 166 -20.35 -37.77 -32.51
C PHE A 166 -20.58 -37.23 -31.11
N ILE A 167 -21.63 -37.70 -30.45
CA ILE A 167 -21.91 -37.39 -29.05
C ILE A 167 -22.73 -38.56 -28.53
N ILE A 168 -22.55 -38.89 -27.26
CA ILE A 168 -23.29 -40.01 -26.71
C ILE A 168 -24.70 -39.58 -26.39
N GLY A 169 -25.68 -40.43 -26.67
CA GLY A 169 -27.07 -40.07 -26.54
C GLY A 169 -27.93 -41.26 -26.16
N GLU A 170 -29.19 -40.97 -25.86
CA GLU A 170 -30.11 -41.97 -25.36
C GLU A 170 -30.99 -42.60 -26.42
N ASN A 171 -30.96 -42.14 -27.67
CA ASN A 171 -31.69 -42.83 -28.74
C ASN A 171 -33.20 -42.76 -28.51
N GLU A 172 -33.58 -42.06 -27.44
CA GLU A 172 -34.87 -41.99 -26.74
C GLU A 172 -35.40 -43.35 -26.30
N TYR A 173 -36.72 -43.46 -26.11
CA TYR A 173 -37.36 -44.68 -25.62
C TYR A 173 -38.81 -44.42 -25.26
N HIS A 174 -39.53 -45.46 -24.83
CA HIS A 174 -40.87 -45.28 -24.29
C HIS A 174 -41.10 -46.30 -23.19
N GLU A 175 -41.84 -45.90 -22.16
CA GLU A 175 -42.21 -46.77 -21.04
C GLU A 175 -43.71 -46.73 -20.86
N ILE A 176 -44.24 -47.34 -19.80
CA ILE A 176 -45.67 -47.23 -19.56
C ILE A 176 -45.97 -46.52 -18.24
N GLN A 177 -45.83 -47.21 -17.11
CA GLN A 177 -46.17 -46.65 -15.80
C GLN A 177 -47.58 -46.07 -15.78
N GLY A 178 -48.53 -46.86 -16.26
CA GLY A 178 -49.91 -46.47 -16.51
C GLY A 178 -50.88 -46.90 -15.44
N SER A 179 -52.08 -47.29 -15.87
CA SER A 179 -53.26 -47.76 -15.15
C SER A 179 -54.18 -46.63 -14.72
N ILE A 180 -53.74 -45.38 -14.79
CA ILE A 180 -54.59 -44.19 -14.68
C ILE A 180 -55.51 -44.32 -13.47
N GLN A 181 -56.76 -43.88 -13.63
CA GLN A 181 -57.86 -43.95 -12.67
C GLN A 181 -58.98 -43.15 -13.32
N GLN A 182 -60.17 -43.10 -12.73
CA GLN A 182 -61.24 -42.30 -13.29
C GLN A 182 -61.47 -41.05 -12.44
N VAL A 183 -61.85 -39.97 -13.11
CA VAL A 183 -62.36 -38.77 -12.47
C VAL A 183 -63.85 -38.69 -12.75
N CYS A 184 -64.61 -38.29 -11.73
CA CYS A 184 -66.07 -38.44 -11.73
C CYS A 184 -66.38 -39.92 -11.93
N LYS A 185 -67.42 -40.28 -12.69
CA LYS A 185 -67.77 -41.67 -12.91
C LYS A 185 -67.31 -42.22 -14.25
N ASP A 186 -66.68 -41.40 -15.10
CA ASP A 186 -66.47 -41.75 -16.50
C ASP A 186 -65.02 -42.19 -16.69
N ILE A 187 -64.82 -43.48 -16.93
CA ILE A 187 -63.46 -43.96 -17.21
C ILE A 187 -63.08 -43.71 -18.66
N ASN A 188 -64.06 -43.70 -19.57
CA ASN A 188 -63.75 -43.44 -20.97
C ASN A 188 -63.43 -41.97 -21.19
N ARG A 189 -64.12 -41.09 -20.49
CA ARG A 189 -64.05 -39.66 -20.77
C ARG A 189 -62.75 -39.01 -20.30
N VAL A 190 -61.88 -39.74 -19.58
CA VAL A 190 -60.66 -39.13 -19.06
C VAL A 190 -59.72 -38.78 -20.20
N TYR A 191 -58.80 -37.88 -19.91
CA TYR A 191 -57.74 -37.47 -20.82
C TYR A 191 -56.41 -37.58 -20.09
N LEU A 192 -55.31 -37.51 -20.84
CA LEU A 192 -53.99 -37.61 -20.24
C LEU A 192 -53.04 -36.62 -20.91
N MET A 193 -52.32 -35.86 -20.09
CA MET A 193 -51.29 -34.96 -20.58
C MET A 193 -50.10 -35.06 -19.64
N GLU A 194 -48.93 -35.38 -20.19
CA GLU A 194 -47.69 -35.43 -19.44
C GLU A 194 -46.77 -34.33 -19.95
N SER A 195 -46.03 -33.72 -19.03
CA SER A 195 -45.18 -32.58 -19.35
C SER A 195 -44.09 -32.50 -18.28
N GLU A 196 -43.37 -31.37 -18.26
CA GLU A 196 -42.49 -31.09 -17.13
C GLU A 196 -43.24 -31.29 -15.83
N GLY A 197 -44.41 -30.67 -15.70
CA GLY A 197 -45.41 -31.13 -14.77
C GLY A 197 -45.91 -32.47 -15.25
N ILE A 198 -45.81 -33.49 -14.40
CA ILE A 198 -45.84 -34.87 -14.86
C ILE A 198 -47.24 -35.45 -14.66
N LEU A 199 -47.81 -35.95 -15.75
CA LEU A 199 -49.06 -36.73 -15.75
C LEU A 199 -50.24 -35.92 -15.18
N TYR A 200 -50.66 -34.96 -15.98
CA TYR A 200 -51.98 -34.36 -15.82
C TYR A 200 -53.02 -35.23 -16.52
N LEU A 201 -54.12 -35.53 -15.84
CA LEU A 201 -55.26 -36.18 -16.47
C LEU A 201 -56.51 -35.32 -16.28
N PHE A 202 -57.33 -35.26 -17.32
CA PHE A 202 -58.49 -34.38 -17.37
C PHE A 202 -59.77 -35.18 -17.53
N GLU A 203 -60.84 -34.72 -16.86
CA GLU A 203 -62.19 -35.19 -17.12
C GLU A 203 -62.74 -34.55 -18.39
N ARG A 204 -63.79 -35.16 -18.93
CA ARG A 204 -64.49 -34.55 -20.05
C ARG A 204 -65.18 -33.26 -19.63
N TYR A 205 -65.75 -33.22 -18.42
CA TYR A 205 -66.48 -32.06 -17.97
C TYR A 205 -66.04 -31.59 -16.58
N GLN A 206 -66.21 -32.43 -15.57
CA GLN A 206 -65.92 -32.06 -14.20
C GLN A 206 -64.52 -31.45 -14.09
N PRO A 207 -64.36 -30.31 -13.41
CA PRO A 207 -63.04 -29.65 -13.38
C PRO A 207 -62.01 -30.38 -12.54
N VAL A 208 -62.41 -31.26 -11.62
CA VAL A 208 -61.43 -31.92 -10.78
C VAL A 208 -60.50 -32.77 -11.63
N VAL A 209 -59.20 -32.54 -11.48
CA VAL A 209 -58.19 -33.34 -12.17
C VAL A 209 -57.32 -34.03 -11.13
N LYS A 210 -56.74 -35.15 -11.53
CA LYS A 210 -55.85 -35.90 -10.66
C LYS A 210 -54.46 -35.89 -11.26
N VAL A 211 -53.45 -35.76 -10.41
CA VAL A 211 -52.07 -35.60 -10.85
C VAL A 211 -51.19 -36.54 -10.03
N SER A 212 -50.17 -37.10 -10.68
CA SER A 212 -49.19 -37.93 -10.01
C SER A 212 -47.79 -37.54 -10.45
N ASN A 213 -46.90 -37.36 -9.48
CA ASN A 213 -45.47 -37.23 -9.73
C ASN A 213 -44.75 -38.56 -9.63
N ASP A 214 -45.45 -39.63 -9.26
CA ASP A 214 -44.87 -40.95 -9.08
C ASP A 214 -44.95 -41.82 -10.33
N LYS A 215 -45.40 -41.25 -11.46
CA LYS A 215 -45.59 -41.98 -12.70
C LYS A 215 -46.62 -43.09 -12.53
N GLY A 216 -47.77 -42.74 -11.97
CA GLY A 216 -48.89 -43.64 -11.87
C GLY A 216 -48.89 -44.55 -10.66
N GLN A 217 -47.81 -44.57 -9.87
CA GLN A 217 -47.79 -45.41 -8.69
C GLN A 217 -48.86 -45.02 -7.70
N THR A 218 -49.16 -43.73 -7.59
CA THR A 218 -50.22 -43.24 -6.71
C THR A 218 -50.81 -41.98 -7.31
N TRP A 219 -52.13 -41.83 -7.21
CA TRP A 219 -52.82 -40.68 -7.76
C TRP A 219 -53.36 -39.79 -6.65
N LYS A 220 -53.45 -38.49 -6.93
CA LYS A 220 -54.01 -37.52 -6.01
C LYS A 220 -54.93 -36.59 -6.77
N ALA A 221 -56.11 -36.35 -6.19
CA ALA A 221 -57.15 -35.55 -6.83
C ALA A 221 -57.05 -34.10 -6.40
N VAL A 222 -57.34 -33.18 -7.32
CA VAL A 222 -57.22 -31.76 -7.04
C VAL A 222 -58.12 -30.99 -8.00
N LYS A 223 -58.44 -29.75 -7.61
CA LYS A 223 -59.11 -28.74 -8.42
C LYS A 223 -58.08 -28.08 -9.34
N LEU A 224 -58.37 -26.83 -9.76
CA LEU A 224 -57.62 -25.90 -10.61
C LEU A 224 -58.07 -25.83 -12.07
N PHE A 225 -58.97 -26.71 -12.51
CA PHE A 225 -59.56 -26.45 -13.82
C PHE A 225 -60.70 -25.43 -13.70
N ASN A 226 -61.47 -25.50 -12.61
CA ASN A 226 -62.53 -24.60 -12.17
C ASN A 226 -63.45 -24.15 -13.31
N ASP A 227 -63.67 -25.04 -14.28
CA ASP A 227 -64.58 -24.79 -15.40
C ASP A 227 -65.07 -26.13 -15.92
N ARG A 228 -65.92 -26.06 -16.95
CA ARG A 228 -66.48 -27.25 -17.58
C ARG A 228 -65.47 -28.01 -18.40
N VAL A 229 -64.23 -27.50 -18.52
CA VAL A 229 -63.18 -27.99 -19.40
C VAL A 229 -63.83 -28.23 -20.77
N GLY A 230 -63.51 -29.32 -21.46
CA GLY A 230 -63.92 -29.42 -22.84
C GLY A 230 -64.22 -30.84 -23.29
N TYR A 231 -64.86 -30.92 -24.45
CA TYR A 231 -65.22 -32.18 -25.10
C TYR A 231 -64.77 -32.11 -26.54
N PRO A 232 -63.46 -32.18 -26.77
CA PRO A 232 -62.96 -32.15 -28.15
C PRO A 232 -63.27 -33.46 -28.84
N LEU A 233 -63.33 -33.39 -30.17
CA LEU A 233 -63.88 -34.53 -30.90
C LEU A 233 -62.87 -35.63 -31.17
N SER A 234 -61.62 -35.51 -30.73
CA SER A 234 -60.73 -36.63 -30.96
C SER A 234 -60.14 -37.19 -29.67
N LYS A 235 -58.99 -36.65 -29.25
CA LYS A 235 -58.40 -36.95 -27.96
C LYS A 235 -57.81 -35.70 -27.33
N THR A 236 -56.85 -35.11 -28.04
CA THR A 236 -55.97 -34.09 -27.47
C THR A 236 -56.76 -32.97 -26.83
N VAL A 237 -56.25 -32.51 -25.69
CA VAL A 237 -56.84 -31.40 -24.98
C VAL A 237 -55.71 -30.41 -24.71
N TYR A 238 -54.76 -30.81 -23.88
CA TYR A 238 -53.57 -30.00 -23.70
C TYR A 238 -52.80 -29.92 -25.00
N TYR A 239 -52.56 -28.70 -25.48
CA TYR A 239 -51.73 -28.48 -26.65
C TYR A 239 -50.93 -27.22 -26.35
N GLN A 240 -49.62 -27.26 -26.58
CA GLN A 240 -48.74 -26.27 -25.99
C GLN A 240 -47.59 -25.97 -26.94
N SER A 241 -47.06 -24.75 -26.83
CA SER A 241 -45.89 -24.37 -27.62
C SER A 241 -45.09 -23.33 -26.87
N ALA A 242 -43.76 -23.44 -26.95
CA ALA A 242 -42.82 -22.53 -26.29
C ALA A 242 -43.26 -22.26 -24.85
N ASN A 243 -43.16 -23.28 -23.99
CA ASN A 243 -43.83 -23.25 -22.69
C ASN A 243 -45.29 -22.92 -22.91
N THR A 244 -45.85 -22.04 -22.09
CA THR A 244 -47.18 -21.48 -22.32
C THR A 244 -48.22 -22.57 -22.59
N THR A 245 -48.21 -23.59 -21.75
CA THR A 245 -49.21 -24.65 -21.89
C THR A 245 -50.59 -24.13 -21.55
N TYR A 246 -51.57 -24.49 -22.37
CA TYR A 246 -52.93 -24.09 -22.08
C TYR A 246 -53.92 -25.14 -22.57
N VAL A 247 -54.94 -25.37 -21.75
CA VAL A 247 -56.01 -26.31 -22.04
C VAL A 247 -57.04 -25.65 -22.93
N LEU A 248 -57.77 -26.45 -23.69
CA LEU A 248 -59.00 -25.99 -24.32
C LEU A 248 -60.20 -26.60 -23.62
N GLY A 249 -61.28 -25.83 -23.57
CA GLY A 249 -62.51 -26.29 -22.96
C GLY A 249 -63.72 -25.63 -23.56
N TYR A 250 -64.88 -26.25 -23.35
CA TYR A 250 -66.12 -25.66 -23.81
C TYR A 250 -66.41 -24.35 -23.08
N ASP A 251 -66.15 -24.32 -21.78
CA ASP A 251 -66.34 -23.10 -21.02
C ASP A 251 -65.41 -21.99 -21.51
N LYS A 252 -64.13 -22.31 -21.66
CA LYS A 252 -63.16 -21.28 -22.02
C LYS A 252 -61.95 -21.92 -22.69
N ILE A 253 -61.20 -21.09 -23.38
CA ILE A 253 -59.86 -21.44 -23.83
C ILE A 253 -58.92 -20.90 -22.76
N PHE A 254 -58.31 -21.79 -21.98
CA PHE A 254 -57.66 -21.30 -20.77
C PHE A 254 -56.48 -22.16 -20.38
N TYR A 255 -55.49 -21.51 -19.80
CA TYR A 255 -54.35 -22.18 -19.17
C TYR A 255 -54.62 -22.22 -17.67
N GLY A 256 -54.79 -23.43 -17.13
CA GLY A 256 -55.08 -23.61 -15.73
C GLY A 256 -53.86 -23.40 -14.88
N ARG A 257 -53.93 -23.89 -13.65
CA ARG A 257 -52.82 -23.72 -12.72
C ARG A 257 -51.56 -24.43 -13.21
N LYS A 258 -51.71 -25.65 -13.72
CA LYS A 258 -50.59 -26.49 -14.16
C LYS A 258 -49.61 -26.70 -12.99
N SER A 259 -50.09 -27.46 -12.02
CA SER A 259 -49.38 -27.61 -10.76
C SER A 259 -48.04 -28.29 -10.95
N THR A 260 -47.17 -28.12 -9.96
CA THR A 260 -45.86 -28.74 -9.95
C THR A 260 -45.55 -29.19 -8.53
N ASP A 261 -44.34 -29.70 -8.36
CA ASP A 261 -43.81 -30.13 -7.06
C ASP A 261 -44.77 -31.18 -6.50
N VAL A 262 -45.06 -31.15 -5.20
CA VAL A 262 -45.95 -32.11 -4.56
C VAL A 262 -47.25 -31.39 -4.25
N ARG A 263 -48.34 -31.89 -4.82
CA ARG A 263 -49.65 -31.34 -4.55
C ARG A 263 -50.17 -31.90 -3.23
N TRP A 264 -50.43 -31.01 -2.27
CA TRP A 264 -50.87 -31.43 -0.96
C TRP A 264 -52.16 -30.71 -0.58
N SER A 265 -52.59 -30.87 0.67
CA SER A 265 -53.72 -30.09 1.17
C SER A 265 -53.55 -28.60 0.89
N ALA A 266 -52.30 -28.13 0.90
CA ALA A 266 -51.99 -26.74 0.59
C ALA A 266 -51.91 -26.47 -0.90
N ASP A 267 -52.08 -27.48 -1.75
CA ASP A 267 -52.17 -27.21 -3.18
C ASP A 267 -53.43 -26.43 -3.52
N ASP A 268 -54.52 -26.67 -2.79
CA ASP A 268 -55.73 -25.89 -2.95
C ASP A 268 -55.46 -24.41 -2.72
N VAL A 269 -55.08 -24.05 -1.49
CA VAL A 269 -54.81 -22.65 -1.16
C VAL A 269 -53.71 -22.09 -2.05
N ARG A 270 -52.85 -22.95 -2.59
CA ARG A 270 -51.86 -22.50 -3.57
C ARG A 270 -52.53 -22.07 -4.87
N PHE A 271 -53.66 -22.68 -5.22
CA PHE A 271 -54.33 -22.34 -6.47
C PHE A 271 -55.08 -21.01 -6.38
N SER A 272 -55.76 -20.76 -5.25
CA SER A 272 -56.59 -19.58 -5.13
C SER A 272 -55.85 -18.30 -5.50
N SER A 273 -54.55 -18.24 -5.20
CA SER A 273 -53.76 -17.06 -5.55
C SER A 273 -53.72 -16.87 -7.07
N GLN A 274 -53.47 -17.94 -7.81
CA GLN A 274 -53.38 -17.83 -9.26
C GLN A 274 -54.74 -17.53 -9.88
N ASP A 275 -55.83 -17.89 -9.20
CA ASP A 275 -57.15 -17.56 -9.70
C ASP A 275 -57.33 -16.06 -9.85
N ILE A 276 -57.04 -15.30 -8.78
CA ILE A 276 -57.09 -13.85 -8.87
C ILE A 276 -56.07 -13.33 -9.87
N THR A 277 -54.90 -13.99 -9.93
CA THR A 277 -53.86 -13.56 -10.87
C THR A 277 -54.35 -13.63 -12.30
N PHE A 278 -55.28 -14.54 -12.60
CA PHE A 278 -55.86 -14.59 -13.94
C PHE A 278 -56.54 -13.26 -14.28
N ALA A 279 -57.17 -12.63 -13.29
CA ALA A 279 -57.78 -11.32 -13.46
C ALA A 279 -56.87 -10.18 -13.04
N LYS A 280 -55.65 -10.48 -12.63
CA LYS A 280 -54.74 -9.44 -12.14
C LYS A 280 -54.37 -8.47 -13.26
N LEU A 281 -53.82 -9.00 -14.35
CA LEU A 281 -53.42 -8.21 -15.52
C LEU A 281 -52.26 -7.27 -15.21
N GLY A 282 -51.84 -7.21 -13.95
CA GLY A 282 -50.74 -6.36 -13.56
C GLY A 282 -49.37 -6.90 -13.85
N ASP A 283 -49.27 -8.15 -14.30
CA ASP A 283 -48.06 -8.86 -14.68
C ASP A 283 -47.14 -9.14 -13.50
N GLN A 284 -47.44 -8.65 -12.30
CA GLN A 284 -46.59 -8.89 -11.14
C GLN A 284 -47.18 -9.98 -10.25
N LEU A 285 -48.23 -9.62 -9.51
CA LEU A 285 -48.91 -10.57 -8.62
C LEU A 285 -47.93 -11.24 -7.67
N HIS A 286 -48.08 -12.55 -7.49
CA HIS A 286 -47.20 -13.30 -6.61
C HIS A 286 -45.91 -13.73 -7.30
N LEU A 287 -45.76 -13.45 -8.59
CA LEU A 287 -44.60 -13.89 -9.37
C LEU A 287 -44.36 -15.38 -9.16
N GLY A 288 -45.42 -16.16 -9.40
CA GLY A 288 -45.50 -17.52 -8.92
C GLY A 288 -44.36 -18.44 -9.29
N PHE A 289 -43.72 -19.02 -8.28
CA PHE A 289 -42.73 -20.05 -8.52
C PHE A 289 -43.40 -21.36 -8.90
N ASP A 290 -44.54 -21.65 -8.29
CA ASP A 290 -45.40 -22.72 -8.79
C ASP A 290 -45.76 -22.40 -10.23
N VAL A 291 -45.42 -23.32 -11.14
CA VAL A 291 -45.52 -23.02 -12.55
C VAL A 291 -46.97 -22.85 -12.96
N GLU A 292 -47.23 -21.86 -13.79
CA GLU A 292 -48.58 -21.59 -14.26
C GLU A 292 -48.50 -20.81 -15.57
N ILE A 293 -49.62 -20.76 -16.27
CA ILE A 293 -49.72 -20.02 -17.52
C ILE A 293 -51.08 -19.32 -17.55
N PHE A 294 -51.08 -18.05 -17.96
CA PHE A 294 -52.34 -17.33 -18.16
C PHE A 294 -52.96 -17.63 -19.51
N ALA A 295 -52.15 -17.63 -20.56
CA ALA A 295 -52.63 -17.78 -21.93
C ALA A 295 -53.73 -16.77 -22.26
N THR A 296 -54.88 -17.25 -22.70
CA THR A 296 -56.03 -16.39 -22.94
C THR A 296 -57.24 -16.93 -22.19
N TYR A 297 -58.40 -16.33 -22.39
CA TYR A 297 -59.61 -16.71 -21.67
C TYR A 297 -60.84 -16.31 -22.50
N ALA A 298 -61.99 -16.30 -21.85
CA ALA A 298 -63.35 -16.22 -22.40
C ALA A 298 -63.55 -17.38 -23.38
N THR A 299 -64.33 -17.19 -24.44
CA THR A 299 -64.49 -18.24 -25.42
C THR A 299 -64.94 -17.64 -26.74
N LEU A 300 -64.46 -18.21 -27.83
CA LEU A 300 -65.12 -18.18 -29.13
C LEU A 300 -65.20 -16.81 -29.78
N PRO A 301 -65.30 -16.75 -31.11
CA PRO A 301 -65.97 -15.62 -31.76
C PRO A 301 -67.43 -15.50 -31.36
N ALA A 302 -67.97 -16.51 -30.65
CA ALA A 302 -69.36 -16.79 -30.29
C ALA A 302 -70.05 -17.63 -31.34
N ASN A 303 -69.43 -17.86 -32.49
CA ASN A 303 -69.95 -18.85 -33.42
C ASN A 303 -69.54 -20.28 -33.02
N VAL A 304 -68.34 -20.45 -32.48
CA VAL A 304 -67.85 -21.77 -32.09
C VAL A 304 -68.12 -22.04 -30.63
N TYR A 305 -68.90 -21.18 -29.98
CA TYR A 305 -69.19 -21.35 -28.55
C TYR A 305 -69.71 -22.74 -28.27
N ARG A 306 -69.21 -23.33 -27.18
CA ARG A 306 -69.33 -24.77 -26.88
C ARG A 306 -68.73 -25.53 -28.07
N ILE A 307 -69.31 -26.67 -28.47
CA ILE A 307 -69.11 -27.31 -29.77
C ILE A 307 -67.64 -27.26 -30.21
N ALA A 308 -66.71 -27.43 -29.27
CA ALA A 308 -65.30 -27.18 -29.57
C ALA A 308 -64.67 -28.37 -30.29
N GLU A 309 -63.70 -28.06 -31.15
CA GLU A 309 -62.94 -29.10 -31.85
C GLU A 309 -61.46 -28.76 -31.86
N ALA A 310 -60.66 -29.62 -31.24
CA ALA A 310 -59.20 -29.62 -31.20
C ALA A 310 -58.64 -28.26 -30.79
N ILE A 311 -57.48 -27.89 -31.33
CA ILE A 311 -56.65 -26.80 -30.81
C ILE A 311 -55.51 -26.62 -31.80
N THR A 312 -54.89 -25.45 -31.81
CA THR A 312 -53.53 -25.32 -32.28
C THR A 312 -52.87 -24.13 -31.60
N CYS A 313 -51.61 -24.30 -31.17
CA CYS A 313 -50.82 -23.21 -30.64
C CYS A 313 -50.11 -22.41 -31.72
N THR A 314 -49.50 -23.10 -32.68
CA THR A 314 -48.51 -22.51 -33.57
C THR A 314 -47.49 -21.79 -32.67
N ASP A 315 -47.10 -20.56 -32.98
CA ASP A 315 -46.20 -19.80 -32.14
C ASP A 315 -46.79 -18.43 -31.87
N ASP A 316 -46.97 -17.66 -32.95
CA ASP A 316 -47.52 -16.32 -32.84
C ASP A 316 -48.89 -16.34 -32.15
N TYR A 317 -49.82 -17.15 -32.65
CA TYR A 317 -51.18 -17.06 -32.16
C TYR A 317 -51.94 -18.37 -32.32
N ILE A 318 -52.97 -18.52 -31.48
CA ILE A 318 -53.69 -19.77 -31.30
C ILE A 318 -54.65 -19.99 -32.46
N TYR A 319 -55.07 -21.26 -32.64
CA TYR A 319 -56.13 -21.64 -33.56
C TYR A 319 -57.14 -22.53 -32.85
N VAL A 320 -58.43 -22.28 -33.09
CA VAL A 320 -59.50 -23.16 -32.65
C VAL A 320 -60.52 -23.27 -33.77
N VAL A 321 -61.16 -24.43 -33.85
CA VAL A 321 -62.01 -24.77 -34.99
C VAL A 321 -63.30 -25.41 -34.49
N ALA A 322 -64.42 -25.03 -35.11
CA ALA A 322 -65.67 -25.75 -34.98
C ALA A 322 -66.49 -25.51 -36.24
N ARG A 323 -67.22 -26.53 -36.67
CA ARG A 323 -68.04 -26.44 -37.87
C ARG A 323 -67.22 -25.97 -39.07
N ASP A 324 -65.92 -26.29 -39.06
CA ASP A 324 -64.95 -25.72 -39.97
C ASP A 324 -64.97 -24.19 -39.88
N LYS A 325 -64.57 -23.70 -38.71
CA LYS A 325 -64.31 -22.28 -38.50
C LYS A 325 -62.91 -22.10 -37.92
N VAL A 326 -62.55 -20.88 -37.54
CA VAL A 326 -61.19 -20.59 -37.10
C VAL A 326 -61.23 -19.42 -36.12
N ARG A 327 -60.13 -19.24 -35.39
CA ARG A 327 -59.91 -18.03 -34.62
C ARG A 327 -58.42 -17.76 -34.53
N TYR A 328 -58.06 -16.48 -34.58
CA TYR A 328 -56.69 -16.02 -34.69
C TYR A 328 -56.02 -15.70 -33.36
N ILE A 329 -56.61 -16.08 -32.23
CA ILE A 329 -56.32 -15.47 -30.93
C ILE A 329 -54.83 -15.34 -30.73
N LYS A 330 -54.38 -14.13 -30.44
CA LYS A 330 -52.95 -13.90 -30.26
C LYS A 330 -52.48 -14.46 -28.93
N THR A 331 -51.31 -15.10 -28.95
CA THR A 331 -50.78 -15.72 -27.75
C THR A 331 -50.44 -14.68 -26.70
N SER A 332 -50.00 -13.50 -27.12
CA SER A 332 -49.68 -12.43 -26.20
C SER A 332 -49.98 -11.10 -26.86
N ASN A 333 -50.48 -10.15 -26.06
CA ASN A 333 -50.70 -8.77 -26.50
C ASN A 333 -51.73 -8.70 -27.63
N ALA A 334 -52.86 -9.34 -27.42
CA ALA A 334 -53.97 -9.19 -28.37
C ALA A 334 -54.78 -7.94 -28.03
N LEU A 335 -55.83 -7.70 -28.82
CA LEU A 335 -56.68 -6.55 -28.59
C LEU A 335 -57.65 -6.83 -27.46
N ILE A 336 -57.90 -5.81 -26.64
CA ILE A 336 -58.90 -5.87 -25.59
C ILE A 336 -59.41 -4.47 -25.29
N ASP A 337 -60.69 -4.38 -24.96
CA ASP A 337 -61.29 -3.14 -24.48
C ASP A 337 -62.49 -3.49 -23.61
N PHE A 338 -62.80 -2.62 -22.66
CA PHE A 338 -63.88 -2.86 -21.70
C PHE A 338 -65.20 -2.22 -22.13
N ASP A 339 -65.27 -1.64 -23.34
CA ASP A 339 -66.48 -1.01 -23.81
C ASP A 339 -67.67 -1.95 -23.61
N PRO A 340 -68.72 -1.51 -22.91
CA PRO A 340 -69.69 -2.47 -22.35
C PRO A 340 -70.51 -3.22 -23.38
N LEU A 341 -69.84 -3.97 -24.24
CA LEU A 341 -70.48 -4.96 -25.10
C LEU A 341 -69.76 -6.28 -24.85
N SER A 342 -70.52 -7.32 -24.47
CA SER A 342 -70.01 -8.61 -24.02
C SER A 342 -69.32 -8.41 -22.67
N PRO A 343 -69.00 -9.48 -21.92
CA PRO A 343 -68.37 -9.26 -20.61
C PRO A 343 -67.07 -8.47 -20.68
N THR A 344 -66.19 -8.81 -21.63
CA THR A 344 -64.99 -8.03 -21.97
C THR A 344 -64.25 -7.56 -20.70
N TYR A 345 -63.93 -8.53 -19.86
CA TYR A 345 -63.41 -8.35 -18.51
C TYR A 345 -61.93 -7.99 -18.51
N SER A 346 -61.38 -7.60 -19.66
CA SER A 346 -59.96 -7.64 -19.98
C SER A 346 -59.49 -9.08 -20.18
N GLU A 347 -60.37 -9.88 -20.78
CA GLU A 347 -60.00 -11.15 -21.39
C GLU A 347 -59.98 -10.90 -22.89
N ARG A 348 -58.79 -10.91 -23.48
CA ARG A 348 -58.59 -10.41 -24.83
C ARG A 348 -59.48 -11.14 -25.84
N LEU A 349 -60.26 -10.36 -26.58
CA LEU A 349 -61.18 -10.91 -27.56
C LEU A 349 -60.43 -11.31 -28.82
N PHE A 350 -61.03 -12.23 -29.57
CA PHE A 350 -60.38 -12.83 -30.71
C PHE A 350 -60.38 -11.88 -31.91
N GLU A 351 -59.52 -12.17 -32.87
CA GLU A 351 -59.59 -11.47 -34.14
C GLU A 351 -60.98 -11.63 -34.75
N PRO A 352 -61.47 -10.60 -35.44
CA PRO A 352 -62.90 -10.62 -35.83
C PRO A 352 -63.26 -11.67 -36.86
N ASP A 353 -62.42 -11.87 -37.87
CA ASP A 353 -62.84 -12.59 -39.07
C ASP A 353 -62.72 -14.11 -38.88
N THR A 354 -63.01 -14.84 -39.95
CA THR A 354 -62.92 -16.30 -39.96
C THR A 354 -62.74 -16.73 -41.41
N MET A 355 -62.14 -17.92 -41.59
CA MET A 355 -61.85 -18.45 -42.92
C MET A 355 -62.88 -19.49 -43.37
N THR A 356 -63.10 -20.55 -42.58
CA THR A 356 -64.14 -21.53 -42.90
C THR A 356 -63.84 -22.24 -44.21
N ILE A 357 -62.94 -23.21 -44.15
CA ILE A 357 -62.29 -23.75 -45.34
C ILE A 357 -63.29 -24.39 -46.30
N THR A 358 -62.96 -24.30 -47.60
CA THR A 358 -63.66 -24.87 -48.74
C THR A 358 -65.12 -24.41 -48.74
N GLY A 359 -66.02 -25.27 -49.19
CA GLY A 359 -67.43 -24.95 -49.32
C GLY A 359 -68.38 -25.70 -48.41
N ASN A 360 -67.90 -26.48 -47.46
CA ASN A 360 -68.76 -27.40 -46.74
C ASN A 360 -68.91 -26.95 -45.29
N PRO A 361 -70.07 -26.42 -44.90
CA PRO A 361 -70.29 -26.11 -43.48
C PRO A 361 -70.42 -27.38 -42.66
N LYS A 362 -70.11 -27.24 -41.37
CA LYS A 362 -70.18 -28.34 -40.41
C LYS A 362 -69.35 -29.54 -40.85
N ALA A 363 -68.27 -29.30 -41.59
CA ALA A 363 -67.48 -30.34 -42.23
C ALA A 363 -66.80 -31.28 -41.24
N VAL A 364 -66.96 -31.00 -39.94
CA VAL A 364 -66.38 -31.76 -38.83
C VAL A 364 -64.90 -32.05 -39.10
N CYS A 365 -64.10 -30.99 -39.06
CA CYS A 365 -62.65 -31.16 -39.05
C CYS A 365 -62.23 -31.97 -37.83
N TYR A 366 -61.26 -32.85 -38.01
CA TYR A 366 -60.81 -33.71 -36.93
C TYR A 366 -59.71 -32.97 -36.18
N LYS A 367 -58.98 -33.69 -35.32
CA LYS A 367 -57.88 -33.07 -34.58
C LYS A 367 -56.92 -32.36 -35.52
N MET A 368 -56.38 -31.23 -35.05
CA MET A 368 -55.42 -30.47 -35.82
C MET A 368 -54.20 -30.18 -34.97
N ASP A 369 -53.04 -30.06 -35.62
CA ASP A 369 -51.77 -29.91 -34.94
C ASP A 369 -50.85 -29.06 -35.80
N SER A 370 -49.77 -28.57 -35.19
CA SER A 370 -48.87 -27.66 -35.89
C SER A 370 -47.43 -27.86 -35.46
N ILE A 371 -46.52 -27.55 -36.38
CA ILE A 371 -45.09 -27.48 -36.12
C ILE A 371 -44.53 -26.27 -36.84
N CYS A 372 -43.47 -25.69 -36.26
CA CYS A 372 -42.83 -24.48 -36.79
C CYS A 372 -43.93 -23.44 -37.00
N ASP A 373 -43.95 -22.72 -38.12
CA ASP A 373 -45.14 -21.97 -38.50
C ASP A 373 -45.73 -22.65 -39.72
N LYS A 374 -46.80 -23.41 -39.48
CA LYS A 374 -47.67 -24.12 -40.41
C LYS A 374 -48.65 -24.89 -39.56
N VAL A 375 -49.79 -25.29 -40.13
CA VAL A 375 -50.76 -26.12 -39.45
C VAL A 375 -51.28 -27.14 -40.47
N PHE A 376 -52.23 -27.97 -40.05
CA PHE A 376 -52.80 -28.91 -41.00
C PHE A 376 -54.32 -28.98 -40.92
N ALA A 377 -54.84 -29.51 -39.81
CA ALA A 377 -56.27 -29.70 -39.58
C ALA A 377 -56.90 -30.67 -40.58
N LEU A 378 -56.59 -31.94 -40.35
CA LEU A 378 -57.31 -33.05 -40.98
C LEU A 378 -58.81 -32.90 -40.76
N ILE A 379 -59.58 -33.02 -41.83
CA ILE A 379 -61.03 -33.15 -41.71
C ILE A 379 -61.39 -34.56 -42.15
N ILE A 380 -62.35 -35.17 -41.45
CA ILE A 380 -62.75 -36.53 -41.80
C ILE A 380 -63.54 -36.53 -43.11
N GLY A 381 -64.60 -35.77 -43.17
CA GLY A 381 -65.62 -35.94 -44.18
C GLY A 381 -66.96 -35.50 -43.63
N GLU A 382 -68.02 -36.12 -44.14
CA GLU A 382 -69.35 -35.99 -43.56
C GLU A 382 -69.88 -34.57 -43.51
N VAL A 383 -70.03 -34.04 -42.30
CA VAL A 383 -70.94 -32.96 -41.91
C VAL A 383 -72.28 -33.58 -41.53
N GLU A 384 -72.36 -34.91 -41.62
CA GLU A 384 -73.54 -35.73 -41.34
C GLU A 384 -74.56 -35.63 -42.48
N THR A 385 -74.26 -34.85 -43.52
CA THR A 385 -75.04 -34.61 -44.73
C THR A 385 -76.17 -33.61 -44.48
N LEU A 386 -76.48 -33.27 -43.23
CA LEU A 386 -77.48 -32.26 -42.92
C LEU A 386 -76.79 -31.11 -42.19
N ASN A 387 -77.12 -29.89 -42.62
CA ASN A 387 -76.41 -28.72 -42.13
C ASN A 387 -76.71 -28.49 -40.64
N ALA A 388 -75.85 -27.68 -40.03
CA ALA A 388 -75.87 -27.41 -38.58
C ALA A 388 -75.72 -28.76 -37.87
N ASN A 389 -76.43 -28.98 -36.75
CA ASN A 389 -76.42 -30.23 -35.99
C ASN A 389 -75.06 -30.47 -35.33
N PRO A 390 -74.99 -31.29 -34.29
CA PRO A 390 -73.67 -31.63 -33.73
C PRO A 390 -72.85 -32.46 -34.69
N ARG A 391 -71.55 -32.24 -34.65
CA ARG A 391 -70.61 -32.94 -35.52
C ARG A 391 -70.10 -34.23 -34.92
N THR A 392 -70.61 -34.62 -33.76
CA THR A 392 -70.12 -35.79 -33.04
C THR A 392 -70.93 -37.06 -33.28
N SER A 393 -71.92 -37.02 -34.17
CA SER A 393 -72.82 -38.16 -34.35
C SER A 393 -73.01 -38.48 -35.83
N LYS A 394 -72.96 -39.78 -36.13
CA LYS A 394 -73.31 -40.32 -37.45
C LYS A 394 -72.46 -39.71 -38.56
N ILE A 395 -71.13 -39.81 -38.40
CA ILE A 395 -70.22 -39.29 -39.41
C ILE A 395 -70.29 -40.16 -40.66
N ILE A 396 -70.38 -39.54 -41.82
CA ILE A 396 -70.45 -40.26 -43.09
C ILE A 396 -69.26 -39.86 -43.95
N ASP A 397 -69.20 -40.39 -45.17
CA ASP A 397 -68.10 -40.14 -46.09
C ASP A 397 -68.51 -39.10 -47.12
N SER A 398 -67.74 -38.02 -47.20
CA SER A 398 -68.02 -36.94 -48.13
C SER A 398 -66.75 -36.55 -48.88
N ALA A 399 -66.94 -35.78 -49.94
CA ALA A 399 -65.84 -35.27 -50.73
C ALA A 399 -65.11 -34.16 -49.98
N ASP A 400 -63.91 -33.84 -50.46
CA ASP A 400 -63.02 -32.75 -50.04
C ASP A 400 -62.18 -33.11 -48.83
N LYS A 401 -62.32 -34.30 -48.25
CA LYS A 401 -61.49 -34.68 -47.11
C LYS A 401 -60.01 -34.57 -47.44
N GLY A 402 -59.23 -34.12 -46.48
CA GLY A 402 -57.81 -33.90 -46.70
C GLY A 402 -57.15 -33.33 -45.47
N ILE A 403 -55.85 -33.09 -45.58
CA ILE A 403 -55.10 -32.58 -44.43
C ILE A 403 -55.29 -31.08 -44.28
N TYR A 404 -55.25 -30.33 -45.38
CA TYR A 404 -55.60 -28.92 -45.56
C TYR A 404 -54.52 -27.86 -45.30
N VAL A 405 -53.30 -28.19 -44.88
CA VAL A 405 -52.22 -27.21 -44.92
C VAL A 405 -52.62 -25.97 -44.12
N LEU A 406 -53.03 -24.90 -44.82
CA LEU A 406 -53.08 -23.50 -44.37
C LEU A 406 -51.76 -22.78 -44.38
N ASN A 407 -51.04 -22.84 -45.50
CA ASN A 407 -50.02 -21.84 -45.78
C ASN A 407 -50.62 -20.46 -45.65
N HIS A 408 -49.90 -19.59 -44.93
CA HIS A 408 -50.52 -18.41 -44.34
C HIS A 408 -50.45 -17.22 -45.32
N ASP A 409 -50.86 -16.05 -44.81
CA ASP A 409 -50.87 -14.74 -45.48
C ASP A 409 -52.02 -14.62 -46.47
N GLU A 410 -52.60 -15.74 -46.90
CA GLU A 410 -53.83 -15.72 -47.66
C GLU A 410 -55.06 -16.03 -46.84
N LYS A 411 -54.89 -16.40 -45.57
CA LYS A 411 -56.00 -16.84 -44.71
C LYS A 411 -56.84 -17.92 -45.37
N THR A 412 -56.21 -18.73 -46.23
CA THR A 412 -56.90 -19.78 -46.97
C THR A 412 -56.05 -21.04 -46.93
N TRP A 413 -56.69 -22.21 -46.96
CA TRP A 413 -56.01 -23.47 -46.72
C TRP A 413 -55.91 -24.27 -48.01
N LYS A 414 -54.73 -24.83 -48.27
CA LYS A 414 -54.40 -25.36 -49.59
C LYS A 414 -54.91 -26.77 -49.82
N ARG A 415 -54.97 -27.61 -48.78
CA ARG A 415 -55.46 -28.98 -48.89
C ARG A 415 -54.67 -29.82 -49.90
N VAL A 416 -53.45 -30.24 -49.52
CA VAL A 416 -52.60 -30.94 -50.47
C VAL A 416 -52.68 -32.47 -50.46
N PHE A 417 -53.34 -33.07 -49.47
CA PHE A 417 -53.18 -34.53 -49.39
C PHE A 417 -54.14 -35.27 -50.31
N GLY A 418 -55.40 -35.42 -49.92
CA GLY A 418 -56.30 -36.08 -50.84
C GLY A 418 -56.63 -35.21 -52.02
N ASN A 419 -56.18 -35.58 -53.21
CA ASN A 419 -56.71 -35.02 -54.44
C ASN A 419 -57.56 -36.01 -55.21
N THR A 420 -57.67 -37.25 -54.75
CA THR A 420 -58.34 -38.30 -55.50
C THR A 420 -58.90 -39.33 -54.54
N GLU A 421 -59.93 -40.05 -55.00
CA GLU A 421 -60.56 -41.08 -54.18
C GLU A 421 -59.54 -42.10 -53.71
N GLU A 422 -58.53 -42.39 -54.54
CA GLU A 422 -57.45 -43.28 -54.14
C GLU A 422 -56.84 -42.83 -52.81
N GLU A 423 -56.26 -41.63 -52.80
CA GLU A 423 -55.69 -41.11 -51.56
C GLU A 423 -56.77 -40.74 -50.55
N ARG A 424 -57.94 -40.34 -51.01
CA ARG A 424 -58.95 -39.83 -50.08
C ARG A 424 -59.58 -40.97 -49.29
N ARG A 425 -59.86 -42.10 -49.95
CA ARG A 425 -60.47 -43.23 -49.27
C ARG A 425 -59.63 -43.70 -48.10
N ARG A 426 -58.32 -43.44 -48.14
CA ARG A 426 -57.43 -43.99 -47.12
C ARG A 426 -57.74 -43.44 -45.74
N ILE A 427 -58.46 -42.34 -45.65
CA ILE A 427 -58.89 -41.79 -44.37
C ILE A 427 -60.21 -42.43 -44.00
N GLN A 428 -60.34 -42.85 -42.75
CA GLN A 428 -61.61 -43.37 -42.29
C GLN A 428 -62.14 -42.55 -41.13
N PRO A 429 -63.45 -42.38 -41.01
CA PRO A 429 -64.00 -41.66 -39.87
C PRO A 429 -63.54 -42.22 -38.53
N GLY A 430 -63.57 -43.52 -38.37
CA GLY A 430 -62.90 -44.12 -37.24
C GLY A 430 -61.43 -44.27 -37.49
N TYR A 431 -60.68 -44.39 -36.39
CA TYR A 431 -59.26 -44.67 -36.42
C TYR A 431 -58.48 -43.87 -37.46
N ALA A 432 -58.37 -42.56 -37.24
CA ALA A 432 -57.48 -41.71 -38.01
C ALA A 432 -57.06 -40.56 -37.12
N ASN A 433 -55.81 -40.10 -37.27
CA ASN A 433 -55.31 -39.00 -36.47
C ASN A 433 -54.18 -38.29 -37.18
N MET A 434 -54.03 -37.01 -36.88
CA MET A 434 -53.02 -36.16 -37.48
C MET A 434 -51.79 -35.98 -36.59
N SER A 435 -51.75 -36.62 -35.42
CA SER A 435 -50.79 -36.23 -34.39
C SER A 435 -49.37 -36.24 -34.93
N THR A 436 -48.57 -35.32 -34.39
CA THR A 436 -47.28 -34.97 -34.97
C THR A 436 -46.23 -34.90 -33.87
N ASP A 437 -45.26 -35.81 -33.90
CA ASP A 437 -44.02 -35.54 -33.19
C ASP A 437 -43.21 -34.53 -33.97
N GLY A 438 -42.31 -33.84 -33.28
CA GLY A 438 -41.63 -32.71 -33.90
C GLY A 438 -41.03 -33.07 -35.23
N LYS A 439 -41.46 -32.37 -36.27
CA LYS A 439 -41.09 -32.69 -37.65
C LYS A 439 -41.44 -34.15 -38.01
N LEU A 440 -42.72 -34.50 -37.84
CA LEU A 440 -43.23 -35.77 -38.36
C LEU A 440 -44.51 -35.63 -39.18
N VAL A 441 -45.59 -35.14 -38.56
CA VAL A 441 -46.94 -35.04 -39.15
C VAL A 441 -47.30 -36.36 -39.83
N SER A 442 -47.62 -37.36 -39.02
CA SER A 442 -47.68 -38.74 -39.47
C SER A 442 -48.91 -39.06 -40.31
N LEU A 443 -49.99 -38.32 -40.11
CA LEU A 443 -51.35 -38.72 -40.53
C LEU A 443 -51.61 -40.07 -39.89
N SER A 444 -52.33 -40.99 -40.56
CA SER A 444 -52.60 -42.34 -40.06
C SER A 444 -53.54 -43.03 -41.04
N SER A 445 -53.58 -44.37 -41.05
CA SER A 445 -54.48 -45.02 -41.98
C SER A 445 -54.58 -46.51 -41.64
N SER A 446 -55.45 -47.16 -42.39
CA SER A 446 -55.63 -48.60 -42.45
C SER A 446 -56.30 -48.87 -43.78
N ASN A 447 -56.84 -50.07 -43.95
CA ASN A 447 -57.68 -50.36 -45.11
C ASN A 447 -56.90 -50.22 -46.42
N PHE A 448 -55.74 -50.86 -46.46
CA PHE A 448 -55.00 -50.94 -47.71
C PHE A 448 -55.67 -51.91 -48.67
N LYS A 449 -55.78 -51.51 -49.93
CA LYS A 449 -56.39 -52.35 -50.95
C LYS A 449 -55.61 -52.18 -52.25
N PHE A 450 -55.28 -53.29 -52.89
CA PHE A 450 -54.70 -53.23 -54.21
C PHE A 450 -55.65 -52.52 -55.16
N LEU A 451 -55.16 -51.48 -55.83
CA LEU A 451 -56.00 -50.65 -56.67
C LEU A 451 -55.33 -50.43 -58.01
N SER A 452 -56.03 -50.81 -59.09
CA SER A 452 -55.57 -50.52 -60.44
C SER A 452 -54.17 -51.08 -60.69
N ASP A 453 -53.20 -50.19 -60.88
CA ASP A 453 -51.84 -50.59 -61.24
C ASP A 453 -51.24 -51.59 -60.27
N ASN A 454 -51.80 -51.74 -59.07
CA ASN A 454 -51.37 -52.79 -58.16
C ASN A 454 -51.57 -54.19 -58.75
N VAL A 455 -52.35 -54.34 -59.82
CA VAL A 455 -52.45 -55.58 -60.58
C VAL A 455 -52.33 -55.24 -62.06
N VAL A 456 -51.46 -55.96 -62.77
CA VAL A 456 -51.23 -55.68 -64.18
C VAL A 456 -50.60 -56.91 -64.83
N ASN A 457 -50.72 -57.00 -66.16
CA ASN A 457 -49.84 -57.81 -67.02
C ASN A 457 -49.92 -59.28 -66.59
N ASP A 458 -48.83 -59.86 -66.10
CA ASP A 458 -48.59 -61.29 -65.93
C ASP A 458 -48.58 -62.03 -67.27
N PRO A 459 -47.65 -61.71 -68.17
CA PRO A 459 -47.48 -62.58 -69.34
C PRO A 459 -46.88 -63.93 -69.02
N GLU A 460 -45.95 -63.99 -68.05
CA GLU A 460 -45.21 -65.22 -67.80
C GLU A 460 -46.12 -66.32 -67.27
N THR A 461 -47.11 -65.96 -66.44
CA THR A 461 -48.02 -66.97 -65.94
C THR A 461 -48.87 -67.54 -67.08
N ALA A 462 -49.14 -66.73 -68.11
CA ALA A 462 -49.76 -67.28 -69.31
C ALA A 462 -48.86 -68.31 -69.98
N ALA A 463 -47.55 -68.14 -69.87
CA ALA A 463 -46.64 -69.19 -70.29
C ALA A 463 -46.65 -70.33 -69.28
N LYS A 464 -46.24 -71.51 -69.74
CA LYS A 464 -46.28 -72.75 -68.97
C LYS A 464 -47.73 -73.18 -68.72
N TYR A 465 -48.69 -72.35 -69.11
CA TYR A 465 -50.10 -72.64 -68.98
C TYR A 465 -50.80 -72.23 -70.26
N GLN A 466 -52.11 -72.49 -70.31
CA GLN A 466 -52.98 -72.02 -71.39
C GLN A 466 -53.79 -70.78 -71.02
N LEU A 467 -53.60 -70.22 -69.82
CA LEU A 467 -54.66 -69.47 -69.14
C LEU A 467 -55.21 -68.30 -69.96
N ILE A 468 -54.45 -67.82 -70.95
CA ILE A 468 -54.79 -66.70 -71.83
C ILE A 468 -54.65 -65.38 -71.09
N GLY A 469 -54.66 -65.43 -69.76
CA GLY A 469 -54.50 -64.21 -68.99
C GLY A 469 -54.34 -64.43 -67.51
N ALA A 470 -53.69 -63.48 -66.83
CA ALA A 470 -53.44 -63.60 -65.40
C ALA A 470 -53.21 -62.23 -64.80
N VAL A 471 -53.30 -62.15 -63.47
CA VAL A 471 -53.07 -60.90 -62.77
C VAL A 471 -52.15 -61.16 -61.59
N LYS A 472 -50.98 -60.53 -61.60
CA LYS A 472 -50.02 -60.64 -60.51
C LYS A 472 -49.87 -59.29 -59.83
N TYR A 473 -49.69 -59.31 -58.52
CA TYR A 473 -49.53 -58.08 -57.76
C TYR A 473 -48.21 -57.40 -58.06
N GLU A 474 -48.20 -56.08 -57.92
CA GLU A 474 -46.97 -55.30 -58.03
C GLU A 474 -46.34 -54.98 -56.69
N PHE A 475 -46.99 -55.38 -55.58
CA PHE A 475 -46.53 -55.11 -54.23
C PHE A 475 -46.04 -53.67 -54.05
N PRO A 476 -46.93 -52.68 -54.19
CA PRO A 476 -46.51 -51.31 -53.88
C PRO A 476 -46.15 -51.21 -52.42
N ARG A 477 -44.98 -50.68 -52.14
CA ARG A 477 -44.42 -50.78 -50.80
C ARG A 477 -45.06 -49.72 -49.90
N GLU A 478 -45.77 -50.18 -48.88
CA GLU A 478 -46.29 -49.30 -47.83
C GLU A 478 -46.03 -49.99 -46.50
N TRP A 479 -45.18 -49.40 -45.68
CA TRP A 479 -44.87 -49.99 -44.39
C TRP A 479 -46.15 -50.17 -43.60
N LEU A 480 -46.40 -51.39 -43.16
CA LEU A 480 -47.60 -51.71 -42.42
C LEU A 480 -47.20 -52.44 -41.14
N ALA A 481 -47.91 -52.14 -40.06
CA ALA A 481 -47.50 -52.65 -38.77
C ALA A 481 -47.78 -54.15 -38.65
N ASP A 482 -47.00 -54.80 -37.80
CA ASP A 482 -47.23 -56.16 -37.37
C ASP A 482 -48.25 -56.10 -36.24
N LYS A 483 -48.33 -57.15 -35.44
CA LYS A 483 -49.20 -57.22 -34.27
C LYS A 483 -50.67 -57.26 -34.70
N HIS A 484 -51.51 -56.47 -34.05
CA HIS A 484 -52.94 -56.50 -34.34
C HIS A 484 -53.44 -55.10 -34.65
N TYR A 485 -54.51 -55.04 -35.43
CA TYR A 485 -54.93 -53.82 -36.10
C TYR A 485 -53.72 -53.21 -36.82
N HIS A 486 -53.37 -53.86 -37.92
CA HIS A 486 -52.24 -53.43 -38.73
C HIS A 486 -52.44 -51.99 -39.13
N MET A 487 -51.46 -51.15 -38.82
CA MET A 487 -51.55 -49.71 -39.00
C MET A 487 -50.47 -49.24 -39.95
N MET A 488 -50.76 -48.19 -40.70
CA MET A 488 -49.82 -47.59 -41.62
C MET A 488 -49.63 -46.12 -41.22
N ALA A 489 -48.73 -45.43 -41.92
CA ALA A 489 -48.53 -44.01 -41.69
C ALA A 489 -48.10 -43.34 -42.97
N PHE A 490 -48.60 -42.12 -43.20
CA PHE A 490 -48.28 -41.30 -44.35
C PHE A 490 -47.18 -40.28 -44.09
N ILE A 491 -46.42 -40.44 -43.01
CA ILE A 491 -45.49 -39.44 -42.48
C ILE A 491 -44.68 -38.79 -43.59
N ALA A 492 -44.59 -37.46 -43.59
CA ALA A 492 -43.74 -36.74 -44.53
C ALA A 492 -43.14 -35.52 -43.86
N ASP A 493 -41.85 -35.27 -44.14
CA ASP A 493 -41.08 -34.30 -43.39
C ASP A 493 -40.10 -33.54 -44.26
N GLU A 494 -40.08 -32.23 -44.08
CA GLU A 494 -39.12 -31.28 -44.66
C GLU A 494 -38.96 -31.60 -46.14
N THR A 495 -37.76 -31.40 -46.70
CA THR A 495 -37.33 -31.99 -47.97
C THR A 495 -38.24 -31.61 -49.14
N SER A 496 -39.40 -31.06 -48.78
CA SER A 496 -40.57 -30.88 -49.62
C SER A 496 -41.11 -29.49 -49.39
N ASP A 497 -41.20 -29.10 -48.10
CA ASP A 497 -42.23 -28.27 -47.49
C ASP A 497 -43.49 -29.09 -47.29
N TRP A 498 -43.33 -30.26 -46.66
CA TRP A 498 -44.44 -31.15 -46.33
C TRP A 498 -45.10 -31.55 -47.65
N GLU A 499 -46.34 -31.16 -47.92
CA GLU A 499 -46.74 -31.11 -49.33
C GLU A 499 -46.65 -32.44 -50.06
N THR A 500 -47.72 -33.25 -50.02
CA THR A 500 -47.77 -34.65 -50.47
C THR A 500 -47.08 -35.62 -49.53
N PHE A 501 -47.78 -35.93 -48.43
CA PHE A 501 -47.39 -37.01 -47.54
C PHE A 501 -47.23 -38.31 -48.33
N THR A 502 -46.30 -39.15 -47.86
CA THR A 502 -45.98 -40.41 -48.49
C THR A 502 -45.76 -41.46 -47.40
N PRO A 503 -46.03 -42.73 -47.68
CA PRO A 503 -45.93 -43.74 -46.62
C PRO A 503 -44.51 -43.92 -46.11
N GLN A 504 -44.38 -43.98 -44.79
CA GLN A 504 -43.10 -44.12 -44.10
C GLN A 504 -43.32 -44.97 -42.87
N PRO A 505 -42.26 -45.63 -42.37
CA PRO A 505 -42.42 -46.50 -41.20
C PRO A 505 -42.85 -45.71 -39.98
N MET A 506 -43.90 -46.19 -39.31
CA MET A 506 -44.31 -45.63 -38.04
C MET A 506 -43.44 -46.21 -36.94
N LYS A 507 -42.85 -45.34 -36.13
CA LYS A 507 -41.86 -45.79 -35.17
C LYS A 507 -42.51 -46.58 -34.03
N TYR A 508 -43.45 -45.96 -33.33
CA TYR A 508 -43.91 -46.46 -32.05
C TYR A 508 -45.23 -47.24 -32.09
N TYR A 509 -45.75 -47.57 -33.27
CA TYR A 509 -47.04 -48.27 -33.33
C TYR A 509 -48.17 -47.41 -32.78
N ALA A 510 -48.77 -46.61 -33.67
CA ALA A 510 -49.76 -45.59 -33.33
C ALA A 510 -49.11 -44.40 -32.64
N GLU A 511 -47.93 -44.03 -33.13
CA GLU A 511 -47.48 -42.65 -32.99
C GLU A 511 -48.57 -41.66 -33.35
N PRO A 512 -49.38 -41.86 -34.40
CA PRO A 512 -50.46 -40.90 -34.67
C PRO A 512 -51.50 -40.79 -33.57
N PHE A 513 -51.62 -41.74 -32.67
CA PHE A 513 -52.61 -41.58 -31.62
C PHE A 513 -52.10 -40.82 -30.41
N PHE A 514 -50.80 -40.63 -30.29
CA PHE A 514 -50.25 -39.89 -29.16
C PHE A 514 -50.70 -38.44 -29.19
N ASN A 515 -50.75 -37.83 -28.02
CA ASN A 515 -51.05 -36.41 -27.90
C ASN A 515 -49.73 -35.66 -27.87
N TRP A 516 -49.43 -34.93 -28.95
CA TRP A 516 -48.18 -34.20 -29.04
C TRP A 516 -48.06 -33.15 -27.95
N SER A 517 -46.82 -32.89 -27.55
CA SER A 517 -46.48 -31.81 -26.63
C SER A 517 -45.16 -31.22 -27.08
N LYS A 518 -45.01 -29.90 -26.94
CA LYS A 518 -43.80 -29.23 -27.37
C LYS A 518 -42.87 -28.93 -26.20
N LYS A 519 -43.33 -28.16 -25.22
CA LYS A 519 -42.62 -28.09 -23.95
C LYS A 519 -42.41 -29.49 -23.40
N SER A 520 -41.18 -29.76 -22.97
CA SER A 520 -40.73 -31.08 -22.52
C SER A 520 -40.64 -32.08 -23.67
N ASN A 521 -41.19 -31.71 -24.84
CA ASN A 521 -41.11 -32.45 -26.11
C ASN A 521 -41.26 -33.95 -25.91
N THR A 522 -42.29 -34.32 -25.15
CA THR A 522 -42.68 -35.71 -24.96
C THR A 522 -44.08 -35.92 -25.52
N ARG A 523 -44.42 -37.16 -25.77
CA ARG A 523 -45.72 -37.49 -26.31
C ARG A 523 -46.42 -38.50 -25.40
N CYS A 524 -47.69 -38.26 -25.13
CA CYS A 524 -48.49 -39.07 -24.23
C CYS A 524 -49.64 -39.70 -24.99
N TRP A 525 -50.16 -40.79 -24.44
CA TRP A 525 -51.31 -41.49 -24.99
C TRP A 525 -51.74 -42.52 -23.95
N ILE A 526 -52.82 -43.23 -24.25
CA ILE A 526 -53.38 -44.23 -23.35
C ILE A 526 -53.52 -45.54 -24.09
N ASN A 527 -52.85 -46.58 -23.59
CA ASN A 527 -53.05 -47.91 -24.13
C ASN A 527 -54.46 -48.38 -23.82
N ASN A 528 -55.06 -49.07 -24.79
CA ASN A 528 -56.42 -49.57 -24.61
C ASN A 528 -56.54 -50.52 -23.42
N SER A 529 -55.41 -50.98 -22.88
CA SER A 529 -55.39 -51.74 -21.64
C SER A 529 -55.66 -50.88 -20.42
N ASP A 530 -55.84 -49.57 -20.60
CA ASP A 530 -56.06 -48.52 -19.60
C ASP A 530 -54.75 -47.99 -19.04
N ARG A 531 -53.60 -48.51 -19.45
CA ARG A 531 -52.33 -47.92 -19.08
C ARG A 531 -52.04 -46.69 -19.93
N ALA A 532 -51.25 -45.78 -19.39
CA ALA A 532 -50.84 -44.56 -20.08
C ALA A 532 -49.37 -44.63 -20.42
N VAL A 533 -49.05 -44.41 -21.69
CA VAL A 533 -47.69 -44.57 -22.19
C VAL A 533 -47.06 -43.20 -22.36
N VAL A 534 -45.75 -43.14 -22.13
CA VAL A 534 -44.97 -41.92 -22.20
C VAL A 534 -43.76 -42.18 -23.06
N VAL A 535 -43.44 -41.25 -23.95
CA VAL A 535 -42.19 -41.28 -24.70
C VAL A 535 -41.41 -40.02 -24.37
N TYR A 536 -40.27 -40.19 -23.70
CA TYR A 536 -39.53 -39.08 -23.10
C TYR A 536 -38.61 -38.35 -24.06
N ALA A 537 -38.63 -38.71 -25.33
CA ALA A 537 -37.69 -38.22 -26.34
C ALA A 537 -36.27 -38.52 -25.85
N ASP A 538 -35.31 -37.64 -26.14
CA ASP A 538 -33.91 -38.01 -26.03
C ASP A 538 -33.10 -36.85 -25.49
N LEU A 539 -31.80 -37.11 -25.32
CA LEU A 539 -30.86 -36.11 -24.85
C LEU A 539 -29.45 -36.56 -25.19
N LYS A 540 -28.53 -35.60 -25.23
CA LYS A 540 -27.12 -35.91 -25.18
C LYS A 540 -26.69 -35.89 -23.72
N TYR A 541 -25.43 -36.21 -23.46
CA TYR A 541 -24.93 -36.26 -22.10
C TYR A 541 -24.27 -34.97 -21.65
N THR A 542 -24.38 -33.91 -22.44
CA THR A 542 -23.76 -32.64 -22.09
C THR A 542 -24.17 -32.20 -20.69
N LYS A 543 -23.16 -31.94 -19.84
CA LYS A 543 -23.43 -31.54 -18.46
C LYS A 543 -23.70 -30.04 -18.35
N VAL A 544 -22.98 -29.23 -19.11
CA VAL A 544 -22.99 -27.77 -18.94
C VAL A 544 -22.58 -27.44 -17.51
N ILE A 545 -21.28 -27.62 -17.23
CA ILE A 545 -20.77 -27.46 -15.87
C ILE A 545 -20.72 -25.98 -15.49
N GLU A 546 -21.23 -25.68 -14.30
CA GLU A 546 -21.03 -24.38 -13.65
C GLU A 546 -21.56 -23.24 -14.52
N ASN A 547 -22.88 -23.16 -14.60
CA ASN A 547 -23.54 -22.08 -15.32
C ASN A 547 -24.04 -21.08 -14.30
N ILE A 548 -23.33 -19.97 -14.18
CA ILE A 548 -23.69 -18.80 -13.37
C ILE A 548 -23.16 -17.58 -14.12
N PRO A 549 -23.87 -16.45 -14.11
CA PRO A 549 -23.28 -15.23 -14.66
C PRO A 549 -22.12 -14.74 -13.81
N GLU A 550 -21.32 -13.84 -14.41
CA GLU A 550 -20.14 -13.34 -13.72
C GLU A 550 -20.48 -12.73 -12.37
N THR A 551 -21.65 -12.12 -12.26
CA THR A 551 -22.10 -11.53 -11.01
C THR A 551 -22.31 -12.64 -9.97
N SER A 552 -22.25 -12.25 -8.69
CA SER A 552 -22.64 -13.05 -7.54
C SER A 552 -21.60 -14.10 -7.20
N PRO A 553 -21.54 -14.55 -5.94
CA PRO A 553 -20.65 -15.67 -5.59
C PRO A 553 -21.25 -17.00 -6.01
N ASP A 554 -20.66 -18.09 -5.54
CA ASP A 554 -21.03 -19.48 -5.76
C ASP A 554 -20.61 -19.96 -7.14
N ARG A 555 -20.02 -19.12 -7.98
CA ARG A 555 -19.47 -19.56 -9.25
C ARG A 555 -18.06 -20.08 -9.05
N LEU A 556 -17.86 -21.37 -9.35
CA LEU A 556 -16.58 -22.01 -9.08
C LEU A 556 -15.56 -21.72 -10.18
N VAL A 557 -15.97 -21.77 -11.44
CA VAL A 557 -15.05 -21.60 -12.56
C VAL A 557 -14.89 -20.11 -12.86
N HIS A 558 -13.65 -19.63 -12.85
CA HIS A 558 -13.35 -18.26 -13.23
C HIS A 558 -11.88 -18.14 -13.58
N GLU A 559 -11.56 -17.06 -14.30
CA GLU A 559 -10.24 -16.84 -14.87
C GLU A 559 -9.47 -15.79 -14.07
N TYR A 560 -8.22 -16.08 -13.75
CA TYR A 560 -7.36 -15.11 -13.08
C TYR A 560 -6.35 -14.51 -14.06
N TRP A 561 -5.60 -13.53 -13.57
CA TRP A 561 -4.46 -12.97 -14.27
C TRP A 561 -3.46 -12.49 -13.24
N ASP A 562 -2.17 -12.75 -13.46
CA ASP A 562 -1.11 -12.08 -12.72
C ASP A 562 -0.01 -11.72 -13.70
N ASP A 563 0.18 -10.42 -13.94
CA ASP A 563 1.17 -9.92 -14.89
C ASP A 563 1.13 -10.73 -16.19
N GLY A 564 -0.08 -10.95 -16.69
CA GLY A 564 -0.29 -11.97 -17.69
C GLY A 564 -0.51 -13.30 -17.01
N ASP A 565 -0.04 -14.38 -17.63
CA ASP A 565 0.00 -15.69 -16.99
C ASP A 565 -1.40 -16.13 -16.53
N CYS A 566 -2.22 -16.47 -17.52
CA CYS A 566 -3.58 -16.93 -17.24
C CYS A 566 -3.58 -18.14 -16.33
N THR A 567 -4.54 -18.16 -15.41
CA THR A 567 -4.82 -19.32 -14.58
C THR A 567 -6.32 -19.47 -14.51
N ILE A 568 -6.85 -20.61 -14.94
CA ILE A 568 -8.28 -20.85 -14.94
C ILE A 568 -8.57 -22.15 -14.20
N VAL A 569 -9.63 -22.14 -13.40
CA VAL A 569 -9.88 -23.14 -12.36
C VAL A 569 -11.23 -23.79 -12.61
N MET A 570 -11.34 -25.08 -12.34
CA MET A 570 -12.58 -25.80 -12.57
C MET A 570 -12.88 -26.77 -11.43
N PRO A 571 -14.15 -27.11 -11.23
CA PRO A 571 -14.57 -27.87 -10.04
C PRO A 571 -14.11 -29.32 -9.95
N ASN A 572 -13.45 -29.90 -10.97
CA ASN A 572 -13.39 -31.35 -11.20
C ASN A 572 -14.73 -31.91 -11.66
N VAL A 573 -15.07 -31.65 -12.92
CA VAL A 573 -16.27 -32.18 -13.53
C VAL A 573 -16.28 -33.70 -13.42
N LYS A 574 -17.41 -34.26 -12.98
CA LYS A 574 -17.61 -35.70 -13.00
C LYS A 574 -19.10 -35.98 -13.10
N PHE A 575 -19.43 -37.17 -13.59
CA PHE A 575 -20.82 -37.61 -13.67
C PHE A 575 -20.85 -39.12 -13.77
N THR A 576 -22.03 -39.68 -13.48
CA THR A 576 -22.24 -41.12 -13.48
C THR A 576 -23.48 -41.45 -14.28
N GLY A 577 -23.61 -42.73 -14.62
CA GLY A 577 -24.84 -43.28 -15.14
C GLY A 577 -24.88 -43.50 -16.63
N PHE A 578 -24.02 -42.84 -17.40
CA PHE A 578 -24.09 -42.99 -18.85
C PHE A 578 -23.81 -44.43 -19.25
N LYS A 579 -24.75 -45.01 -19.98
CA LYS A 579 -24.81 -46.45 -20.18
C LYS A 579 -24.19 -46.91 -21.48
N LYS A 580 -23.74 -45.99 -22.34
CA LYS A 580 -23.00 -46.38 -23.52
C LYS A 580 -21.53 -46.55 -23.18
N TYR A 581 -20.90 -47.58 -23.74
CA TYR A 581 -19.46 -47.69 -23.58
C TYR A 581 -18.89 -46.90 -24.73
N ALA A 582 -18.50 -45.67 -24.43
CA ALA A 582 -17.92 -44.77 -25.40
C ALA A 582 -17.10 -43.75 -24.63
N SER A 583 -16.02 -43.31 -25.25
CA SER A 583 -15.04 -42.52 -24.52
C SER A 583 -14.25 -41.68 -25.50
N GLY A 584 -13.55 -40.73 -24.94
CA GLY A 584 -13.11 -39.59 -25.69
C GLY A 584 -12.97 -38.43 -24.73
N MET A 585 -13.14 -37.23 -25.25
CA MET A 585 -13.05 -36.08 -24.38
C MET A 585 -14.20 -36.04 -23.39
N LEU A 586 -13.97 -35.30 -22.31
CA LEU A 586 -15.08 -34.66 -21.64
C LEU A 586 -15.50 -33.42 -22.42
N PHE A 587 -14.63 -32.94 -23.32
CA PHE A 587 -14.97 -32.07 -24.43
C PHE A 587 -15.63 -30.78 -24.03
N TYR A 588 -14.84 -29.85 -23.52
CA TYR A 588 -15.35 -28.59 -23.05
C TYR A 588 -15.72 -27.66 -24.21
N LYS A 589 -16.81 -26.93 -24.02
CA LYS A 589 -17.44 -26.12 -25.05
C LYS A 589 -18.26 -25.05 -24.36
N ALA A 590 -18.59 -23.99 -25.10
CA ALA A 590 -19.42 -22.95 -24.49
C ALA A 590 -20.77 -22.83 -25.20
N SER A 591 -20.79 -22.14 -26.33
CA SER A 591 -21.82 -22.32 -27.33
C SER A 591 -21.11 -22.32 -28.68
N GLY A 592 -21.06 -23.47 -29.34
CA GLY A 592 -20.24 -23.60 -30.53
C GLY A 592 -18.78 -23.23 -30.34
N GLU A 593 -18.30 -23.21 -29.09
CA GLU A 593 -16.94 -22.72 -28.83
C GLU A 593 -15.87 -23.79 -29.05
N ILE A 594 -16.11 -25.02 -28.59
CA ILE A 594 -15.15 -26.12 -28.54
C ILE A 594 -13.79 -25.61 -28.06
N ILE A 595 -13.68 -25.29 -26.77
CA ILE A 595 -12.42 -24.77 -26.27
C ILE A 595 -11.36 -25.86 -26.20
N SER A 596 -11.70 -27.01 -25.62
CA SER A 596 -10.67 -28.00 -25.32
C SER A 596 -11.19 -29.42 -25.51
N TYR A 597 -10.35 -30.25 -26.13
CA TYR A 597 -10.61 -31.68 -26.25
C TYR A 597 -9.74 -32.43 -25.25
N TYR A 598 -10.28 -33.52 -24.72
CA TYR A 598 -9.61 -34.35 -23.74
C TYR A 598 -9.62 -35.78 -24.27
N ASP A 599 -8.83 -36.67 -23.67
CA ASP A 599 -8.81 -38.06 -24.10
C ASP A 599 -8.74 -38.95 -22.88
N PHE A 600 -9.69 -39.86 -22.72
CA PHE A 600 -9.51 -40.86 -21.69
C PHE A 600 -8.49 -41.88 -22.14
N ASN A 601 -7.92 -42.60 -21.18
CA ASN A 601 -6.98 -43.65 -21.53
C ASN A 601 -7.65 -44.68 -22.41
N TYR A 602 -8.52 -45.50 -21.84
CA TYR A 602 -9.21 -46.54 -22.59
C TYR A 602 -10.67 -46.60 -22.17
N ARG A 603 -11.58 -46.21 -23.07
CA ARG A 603 -12.99 -46.57 -23.01
C ARG A 603 -13.58 -46.55 -21.60
N VAL A 604 -13.82 -45.37 -21.03
CA VAL A 604 -14.20 -45.29 -19.62
C VAL A 604 -15.52 -45.97 -19.29
N ARG A 605 -16.27 -46.41 -20.30
CA ARG A 605 -17.40 -47.29 -20.04
C ARG A 605 -18.44 -46.68 -19.12
N ASP A 606 -18.59 -47.23 -17.91
CA ASP A 606 -19.75 -46.97 -17.07
C ASP A 606 -19.77 -45.56 -16.49
N THR A 607 -18.86 -45.25 -15.56
CA THR A 607 -18.83 -43.94 -14.91
C THR A 607 -17.40 -43.42 -14.84
N VAL A 608 -17.24 -42.13 -15.05
CA VAL A 608 -15.92 -41.52 -15.18
C VAL A 608 -15.81 -40.35 -14.23
N GLU A 609 -14.58 -40.08 -13.78
CA GLU A 609 -14.25 -38.88 -13.04
C GLU A 609 -12.90 -38.38 -13.50
N ILE A 610 -12.81 -37.09 -13.80
CA ILE A 610 -11.56 -36.45 -14.17
C ILE A 610 -11.16 -35.52 -13.04
N ILE A 611 -9.96 -35.70 -12.52
CA ILE A 611 -9.44 -34.93 -11.40
C ILE A 611 -8.22 -34.17 -11.88
N TRP A 612 -8.28 -32.84 -11.81
CA TRP A 612 -7.22 -32.03 -12.40
C TRP A 612 -5.94 -32.17 -11.57
N LYS A 613 -4.85 -32.55 -12.21
CA LYS A 613 -3.60 -32.97 -11.57
C LYS A 613 -2.94 -31.84 -10.77
N PRO A 614 -2.84 -30.62 -11.30
CA PRO A 614 -2.34 -29.51 -10.48
C PRO A 614 -3.18 -29.22 -9.25
N THR A 615 -4.24 -30.01 -9.02
CA THR A 615 -5.24 -29.80 -7.98
C THR A 615 -6.18 -28.64 -8.29
N GLU A 616 -7.18 -28.93 -9.12
CA GLU A 616 -8.34 -28.05 -9.32
C GLU A 616 -7.91 -26.76 -10.01
N VAL A 617 -7.19 -26.90 -11.11
CA VAL A 617 -6.94 -25.79 -12.02
C VAL A 617 -6.84 -26.35 -13.44
N PHE A 618 -7.43 -25.64 -14.38
CA PHE A 618 -7.46 -26.01 -15.78
C PHE A 618 -6.14 -25.54 -16.38
N LEU A 619 -6.04 -25.46 -17.69
CA LEU A 619 -4.79 -25.02 -18.30
C LEU A 619 -4.40 -23.65 -17.76
N LYS A 620 -3.09 -23.42 -17.63
CA LYS A 620 -2.57 -22.14 -17.24
C LYS A 620 -1.47 -21.75 -18.21
N ALA A 621 -1.33 -20.44 -18.43
CA ALA A 621 -0.52 -19.92 -19.52
C ALA A 621 0.58 -19.03 -18.97
N PHE A 622 1.56 -18.76 -19.82
CA PHE A 622 2.65 -17.86 -19.50
C PHE A 622 3.03 -17.10 -20.76
N LEU A 623 3.29 -15.81 -20.62
CA LEU A 623 3.68 -15.01 -21.77
C LEU A 623 5.13 -15.29 -22.15
N GLN A 624 5.46 -14.92 -23.39
CA GLN A 624 6.82 -14.99 -23.87
C GLN A 624 7.15 -13.68 -24.55
N ASN A 625 8.41 -13.25 -24.43
CA ASN A 625 8.90 -12.07 -25.13
C ASN A 625 9.84 -12.51 -26.22
N GLN A 626 9.43 -12.35 -27.47
CA GLN A 626 10.23 -12.76 -28.62
C GLN A 626 10.87 -11.52 -29.22
N GLU A 627 12.16 -11.37 -28.98
CA GLU A 627 12.82 -10.11 -29.31
C GLU A 627 13.00 -9.97 -30.81
N HIS A 628 13.16 -8.72 -31.24
CA HIS A 628 13.43 -8.45 -32.64
C HIS A 628 14.75 -9.07 -33.07
N GLU A 629 14.71 -9.87 -34.13
CA GLU A 629 15.94 -10.35 -34.73
C GLU A 629 16.65 -9.21 -35.42
N THR A 630 17.87 -8.92 -35.02
CA THR A 630 18.59 -7.79 -35.60
C THR A 630 19.46 -8.24 -36.73
N PRO A 631 18.91 -8.16 -37.93
CA PRO A 631 19.65 -8.62 -39.09
C PRO A 631 20.74 -7.69 -39.55
N TRP A 632 21.93 -7.79 -38.98
CA TRP A 632 23.04 -6.98 -39.47
C TRP A 632 24.35 -7.45 -38.88
N SER A 633 25.41 -7.43 -39.68
CA SER A 633 26.77 -7.45 -39.17
C SER A 633 27.69 -6.54 -39.99
N PRO A 634 27.36 -5.23 -40.09
CA PRO A 634 28.40 -4.26 -40.46
C PRO A 634 29.33 -3.99 -39.29
N GLU A 635 28.71 -3.79 -38.11
CA GLU A 635 29.41 -3.53 -36.86
C GLU A 635 30.45 -2.42 -37.01
N GLU A 636 30.01 -1.28 -37.52
CA GLU A 636 30.90 -0.12 -37.62
C GLU A 636 31.27 0.39 -36.23
N GLU A 637 32.46 0.96 -36.12
CA GLU A 637 32.98 1.44 -34.85
C GLU A 637 33.58 2.83 -35.01
N ARG A 638 33.30 3.69 -34.04
CA ARG A 638 33.87 5.03 -34.02
C ARG A 638 35.38 4.95 -33.78
N GLY A 639 36.08 6.02 -34.15
CA GLY A 639 37.53 6.00 -34.11
C GLY A 639 38.11 5.46 -35.38
N LEU A 640 39.26 4.79 -35.30
CA LEU A 640 39.91 4.25 -36.48
C LEU A 640 39.33 2.88 -36.83
N ALA A 641 39.11 2.66 -38.12
CA ALA A 641 38.30 1.53 -38.57
C ALA A 641 39.06 0.21 -38.61
N ASP A 642 40.36 0.24 -38.88
CA ASP A 642 41.21 -0.92 -39.10
C ASP A 642 40.84 -1.61 -40.42
N PRO A 643 41.77 -2.30 -41.07
CA PRO A 643 41.48 -2.82 -42.41
C PRO A 643 40.41 -3.90 -42.38
N ASP A 644 39.64 -3.95 -43.47
CA ASP A 644 38.55 -4.89 -43.60
C ASP A 644 38.91 -6.15 -44.37
N LEU A 645 40.12 -6.24 -44.92
CA LEU A 645 40.60 -7.42 -45.64
C LEU A 645 39.82 -7.62 -46.94
N ARG A 646 38.75 -6.87 -47.13
CA ARG A 646 37.98 -7.00 -48.37
C ARG A 646 38.79 -6.60 -49.59
N PRO A 647 39.42 -5.41 -49.65
CA PRO A 647 40.19 -5.08 -50.86
C PRO A 647 41.45 -5.91 -51.01
N LEU A 648 42.04 -6.39 -49.92
CA LEU A 648 43.31 -7.09 -50.01
C LEU A 648 43.18 -8.36 -50.84
N ILE A 649 42.31 -9.28 -50.42
CA ILE A 649 42.16 -10.55 -51.13
C ILE A 649 41.26 -10.43 -52.34
N GLY A 650 40.56 -9.30 -52.48
CA GLY A 650 39.75 -9.09 -53.68
C GLY A 650 40.53 -9.23 -54.96
N THR A 651 41.82 -8.86 -54.94
CA THR A 651 42.68 -9.07 -56.09
C THR A 651 43.23 -10.49 -56.18
N MET A 652 43.22 -11.23 -55.07
CA MET A 652 43.71 -12.61 -55.10
C MET A 652 42.76 -13.55 -55.80
N MET A 653 41.56 -13.10 -56.16
CA MET A 653 40.68 -13.92 -56.95
C MET A 653 41.00 -13.76 -58.43
N PRO A 654 40.79 -14.80 -59.23
CA PRO A 654 41.19 -14.74 -60.65
C PRO A 654 40.27 -13.87 -61.49
N ASP A 655 40.05 -12.63 -61.05
CA ASP A 655 39.25 -11.66 -61.79
C ASP A 655 37.87 -12.20 -62.13
N SER A 656 37.42 -11.95 -63.36
CA SER A 656 36.13 -12.40 -63.84
C SER A 656 36.19 -13.73 -64.57
N TYR A 657 37.35 -14.38 -64.58
CA TYR A 657 37.51 -15.63 -65.31
C TYR A 657 36.91 -16.81 -64.53
N LEU A 658 36.49 -17.82 -65.28
CA LEU A 658 35.97 -19.09 -64.78
C LEU A 658 34.56 -18.95 -64.22
N LEU A 659 34.14 -17.72 -63.92
CA LEU A 659 32.73 -17.43 -63.63
C LEU A 659 32.38 -16.14 -64.37
N GLN A 660 31.49 -16.24 -65.36
CA GLN A 660 31.17 -15.09 -66.19
C GLN A 660 30.08 -14.20 -65.61
N ASP A 661 29.33 -14.69 -64.64
CA ASP A 661 28.23 -13.93 -64.05
C ASP A 661 28.75 -13.01 -62.96
N SER A 662 28.20 -11.79 -62.89
CA SER A 662 28.57 -10.86 -61.84
C SER A 662 28.15 -11.35 -60.47
N ASN A 663 27.22 -12.32 -60.41
CA ASN A 663 26.81 -12.88 -59.13
C ASN A 663 27.94 -13.64 -58.45
N PHE A 664 29.02 -13.95 -59.16
CA PHE A 664 30.18 -14.57 -58.52
C PHE A 664 31.03 -13.54 -57.80
N GLU A 665 31.22 -12.36 -58.40
CA GLU A 665 32.09 -11.35 -57.82
C GLU A 665 31.45 -10.66 -56.63
N ALA A 666 30.20 -10.22 -56.78
CA ALA A 666 29.53 -9.53 -55.68
C ALA A 666 29.27 -10.46 -54.51
N PHE A 667 29.06 -11.74 -54.77
CA PHE A 667 28.88 -12.69 -53.67
C PHE A 667 30.20 -12.95 -52.96
N CYS A 668 31.26 -13.24 -53.72
CA CYS A 668 32.57 -13.42 -53.13
C CYS A 668 32.99 -12.17 -52.36
N GLU A 669 32.55 -11.00 -52.80
CA GLU A 669 32.75 -9.78 -52.04
C GLU A 669 32.13 -9.91 -50.65
N ALA A 670 30.80 -10.06 -50.59
CA ALA A 670 30.07 -10.01 -49.34
C ALA A 670 30.36 -11.20 -48.43
N TYR A 671 30.98 -12.27 -48.93
CA TYR A 671 31.39 -13.33 -48.02
C TYR A 671 32.64 -12.96 -47.25
N ILE A 672 33.53 -12.19 -47.87
CA ILE A 672 34.72 -11.73 -47.16
C ILE A 672 34.35 -10.81 -46.02
N GLN A 673 33.27 -10.05 -46.18
CA GLN A 673 32.76 -9.23 -45.09
C GLN A 673 32.52 -10.07 -43.84
N TYR A 674 31.76 -11.14 -43.98
CA TYR A 674 31.36 -11.94 -42.83
C TYR A 674 32.55 -12.60 -42.15
N LEU A 675 33.66 -12.76 -42.86
CA LEU A 675 34.89 -13.22 -42.21
C LEU A 675 35.65 -12.07 -41.55
N SER A 676 35.69 -10.92 -42.19
CA SER A 676 36.71 -9.92 -41.90
C SER A 676 36.13 -8.58 -41.45
N ASP A 677 35.35 -7.91 -42.30
CA ASP A 677 34.90 -6.57 -41.96
C ASP A 677 33.81 -6.64 -40.89
N GLY A 678 34.08 -6.04 -39.74
CA GLY A 678 33.10 -5.97 -38.68
C GLY A 678 33.79 -5.98 -37.33
N TYR A 679 32.99 -5.83 -36.29
CA TYR A 679 33.47 -6.04 -34.93
C TYR A 679 33.50 -7.51 -34.55
N GLY A 680 32.39 -8.21 -34.77
CA GLY A 680 32.23 -9.53 -34.18
C GLY A 680 32.76 -10.67 -35.01
N THR A 681 33.12 -10.42 -36.25
CA THR A 681 33.54 -11.49 -37.13
C THR A 681 34.94 -11.98 -36.77
N GLN A 682 35.28 -13.16 -37.30
CA GLN A 682 36.45 -13.89 -36.83
C GLN A 682 37.74 -13.10 -37.06
N TYR A 683 38.02 -12.73 -38.30
CA TYR A 683 39.30 -12.10 -38.60
C TYR A 683 39.52 -10.86 -37.76
N ASN A 684 38.46 -10.12 -37.45
CA ASN A 684 38.60 -8.98 -36.56
C ASN A 684 38.78 -9.44 -35.12
N ASN A 685 37.81 -10.19 -34.60
CA ASN A 685 37.89 -10.71 -33.25
C ASN A 685 39.20 -11.42 -32.97
N LEU A 686 39.88 -11.91 -34.01
CA LEU A 686 41.19 -12.53 -33.84
C LEU A 686 42.30 -11.48 -33.89
N ARG A 687 42.43 -10.79 -35.02
CA ARG A 687 43.52 -9.83 -35.20
C ARG A 687 43.54 -8.78 -34.09
N ASN A 688 42.38 -8.39 -33.60
CA ASN A 688 42.33 -7.43 -32.52
C ASN A 688 42.51 -8.05 -31.16
N LEU A 689 42.67 -9.36 -31.07
CA LEU A 689 43.09 -9.94 -29.81
C LEU A 689 44.53 -9.54 -29.55
N ILE A 690 44.87 -9.46 -28.26
CA ILE A 690 46.10 -8.94 -27.65
C ILE A 690 46.05 -7.42 -27.68
N ARG A 691 45.16 -6.86 -28.51
CA ARG A 691 44.77 -5.47 -28.36
C ARG A 691 43.61 -5.32 -27.40
N ASN A 692 42.90 -6.41 -27.11
CA ASN A 692 41.82 -6.39 -26.14
C ASN A 692 42.27 -6.87 -24.77
N GLN A 693 43.55 -7.21 -24.62
CA GLN A 693 44.04 -7.62 -23.31
C GLN A 693 44.08 -6.45 -22.33
N TYR A 694 44.28 -5.25 -22.84
CA TYR A 694 44.35 -4.06 -22.01
C TYR A 694 42.94 -3.61 -21.70
N PRO A 695 42.48 -3.76 -20.46
CA PRO A 695 41.04 -3.71 -20.20
C PRO A 695 40.39 -2.39 -20.55
N ARG A 696 41.09 -1.27 -20.38
CA ARG A 696 40.48 0.01 -20.68
C ARG A 696 40.10 0.16 -22.13
N GLU A 697 40.66 -0.66 -23.02
CA GLU A 697 40.32 -0.56 -24.42
C GLU A 697 38.86 -0.94 -24.64
N GLU A 698 38.26 -0.36 -25.66
CA GLU A 698 36.88 -0.67 -25.99
C GLU A 698 36.77 -2.14 -26.36
N HIS A 699 35.58 -2.69 -26.15
CA HIS A 699 35.26 -4.07 -26.51
C HIS A 699 36.05 -5.07 -25.70
N ALA A 700 36.96 -4.60 -24.85
CA ALA A 700 37.75 -5.53 -24.07
C ALA A 700 36.89 -6.25 -23.05
N TRP A 701 37.38 -7.39 -22.60
CA TRP A 701 36.69 -8.21 -21.63
C TRP A 701 37.75 -8.86 -20.76
N GLU A 702 37.35 -9.86 -19.98
CA GLU A 702 38.20 -10.58 -19.05
C GLU A 702 38.44 -9.77 -17.79
N TYR A 703 38.16 -8.47 -17.82
CA TYR A 703 38.08 -7.75 -16.56
C TYR A 703 36.81 -8.13 -15.83
N LEU A 704 35.78 -8.54 -16.58
CA LEU A 704 34.56 -9.04 -15.99
C LEU A 704 34.85 -10.16 -15.01
N TRP A 705 35.78 -11.05 -15.37
CA TRP A 705 36.11 -12.17 -14.51
C TRP A 705 36.81 -11.75 -13.23
N SER A 706 37.26 -10.51 -13.13
CA SER A 706 38.08 -10.10 -12.01
C SER A 706 37.27 -10.04 -10.72
N GLU A 707 37.96 -10.26 -9.60
CA GLU A 707 37.27 -10.39 -8.33
C GLU A 707 36.62 -9.10 -7.89
N ILE A 708 37.17 -7.95 -8.28
CA ILE A 708 36.55 -6.70 -7.84
C ILE A 708 35.38 -6.28 -8.72
N TYR A 709 35.41 -6.58 -10.01
CA TYR A 709 34.21 -6.35 -10.82
C TYR A 709 33.03 -7.11 -10.24
N LYS A 710 33.29 -8.21 -9.54
CA LYS A 710 32.22 -9.01 -8.99
C LYS A 710 31.71 -8.45 -7.67
N ARG A 711 32.57 -7.85 -6.86
CA ARG A 711 32.23 -7.56 -5.47
C ARG A 711 31.81 -6.12 -5.18
N ASN A 712 31.82 -5.20 -6.13
CA ASN A 712 31.47 -3.83 -5.77
C ASN A 712 29.96 -3.64 -5.83
N ILE A 713 29.44 -2.93 -4.83
CA ILE A 713 28.02 -2.73 -4.69
C ILE A 713 27.56 -1.37 -5.19
N TYR A 714 28.40 -0.65 -5.95
CA TYR A 714 27.99 0.65 -6.48
C TYR A 714 26.60 0.56 -7.09
N LEU A 715 25.74 1.51 -6.72
CA LEU A 715 24.39 1.49 -7.26
C LEU A 715 24.38 1.91 -8.72
N ASN A 716 25.22 2.86 -9.10
CA ASN A 716 25.34 3.22 -10.50
C ASN A 716 25.92 2.04 -11.27
N ALA A 717 25.26 1.65 -12.36
CA ALA A 717 25.70 0.48 -13.11
C ALA A 717 26.90 0.78 -14.00
N ASP A 718 27.02 2.02 -14.48
CA ASP A 718 28.09 2.33 -15.41
C ASP A 718 29.42 2.54 -14.70
N LYS A 719 29.38 3.11 -13.49
CA LYS A 719 30.62 3.38 -12.78
C LYS A 719 31.38 2.09 -12.51
N ARG A 720 30.69 1.02 -12.12
CA ARG A 720 31.38 -0.23 -11.86
C ARG A 720 32.15 -0.67 -13.09
N ASP A 721 31.52 -0.57 -14.27
CA ASP A 721 32.22 -0.92 -15.49
C ASP A 721 33.26 0.11 -15.86
N ALA A 722 33.23 1.30 -15.25
CA ALA A 722 34.33 2.23 -15.43
C ALA A 722 35.49 1.93 -14.49
N VAL A 723 35.19 1.65 -13.21
CA VAL A 723 36.27 1.44 -12.26
C VAL A 723 36.83 0.03 -12.34
N ALA A 724 35.98 -0.95 -12.61
CA ALA A 724 36.49 -2.31 -12.73
C ALA A 724 37.20 -2.51 -14.05
N ARG A 725 36.82 -1.76 -15.09
CA ARG A 725 37.62 -1.73 -16.29
C ARG A 725 38.95 -1.03 -16.02
N PHE A 726 38.90 0.02 -15.21
CA PHE A 726 40.12 0.53 -14.60
C PHE A 726 40.55 -0.47 -13.53
N PHE A 727 41.69 -0.22 -12.91
CA PHE A 727 42.14 -1.03 -11.78
C PHE A 727 42.46 -2.47 -12.20
N GLU A 728 41.88 -2.94 -13.29
CA GLU A 728 42.41 -4.11 -13.96
C GLU A 728 43.38 -3.71 -15.04
N SER A 729 43.38 -2.44 -15.43
CA SER A 729 44.46 -1.89 -16.22
C SER A 729 45.74 -1.86 -15.42
N ARG A 730 45.70 -1.23 -14.26
CA ARG A 730 46.82 -1.27 -13.35
C ARG A 730 46.35 -2.02 -12.12
N SER A 731 46.61 -3.32 -12.08
CA SER A 731 46.40 -4.11 -10.88
C SER A 731 47.61 -4.08 -9.98
N TYR A 732 48.80 -4.02 -10.60
CA TYR A 732 50.04 -4.06 -9.85
C TYR A 732 50.08 -3.00 -8.75
N ASP A 733 49.38 -1.89 -8.95
CA ASP A 733 49.28 -0.89 -7.91
C ASP A 733 48.72 -1.48 -6.63
N PHE A 734 47.47 -1.96 -6.68
CA PHE A 734 46.82 -2.39 -5.45
C PHE A 734 47.48 -3.62 -4.85
N TYR A 735 47.72 -4.64 -5.67
CA TYR A 735 48.25 -5.89 -5.13
C TYR A 735 49.59 -5.68 -4.44
N SER A 736 50.44 -4.82 -4.99
CA SER A 736 51.71 -4.55 -4.32
C SER A 736 51.52 -3.85 -3.00
N THR A 737 50.46 -3.05 -2.87
CA THR A 737 50.28 -2.18 -1.72
C THR A 737 49.39 -2.79 -0.65
N LYS A 738 48.94 -4.03 -0.85
CA LYS A 738 48.01 -4.66 0.08
C LYS A 738 48.56 -4.64 1.50
N GLY A 739 47.69 -4.31 2.44
CA GLY A 739 47.97 -4.44 3.85
C GLY A 739 48.40 -3.16 4.53
N ILE A 740 48.92 -2.21 3.79
CA ILE A 740 49.41 -0.99 4.41
C ILE A 740 48.22 -0.07 4.63
N GLU A 741 48.28 0.74 5.69
CA GLU A 741 47.27 1.76 5.89
C GLU A 741 47.20 2.66 4.67
N ALA A 742 46.02 3.18 4.41
CA ALA A 742 45.62 3.92 3.22
C ALA A 742 45.34 2.98 2.07
N SER A 743 45.56 1.67 2.22
CA SER A 743 45.01 0.73 1.26
C SER A 743 43.54 0.45 1.55
N TYR A 744 43.19 0.34 2.83
CA TYR A 744 41.77 0.29 3.19
C TYR A 744 41.02 1.44 2.54
N LYS A 745 41.52 2.66 2.75
CA LYS A 745 40.90 3.84 2.16
C LYS A 745 40.76 3.69 0.66
N PHE A 746 41.67 2.97 0.02
CA PHE A 746 41.50 2.67 -1.39
C PHE A 746 40.54 1.51 -1.62
N LEU A 747 40.45 0.59 -0.68
CA LEU A 747 39.57 -0.56 -0.89
C LEU A 747 38.12 -0.13 -0.90
N PHE A 748 37.67 0.51 0.19
CA PHE A 748 36.25 0.81 0.32
C PHE A 748 35.76 1.75 -0.76
N LYS A 749 36.64 2.56 -1.34
CA LYS A 749 36.25 3.28 -2.53
C LYS A 749 35.87 2.31 -3.64
N VAL A 750 36.75 1.37 -3.94
CA VAL A 750 36.57 0.54 -5.12
C VAL A 750 35.40 -0.40 -4.94
N LEU A 751 35.42 -1.21 -3.88
CA LEU A 751 34.40 -2.24 -3.80
C LEU A 751 33.34 -1.93 -2.75
N TYR A 752 33.60 -2.11 -1.46
CA TYR A 752 32.52 -2.13 -0.50
C TYR A 752 32.00 -0.71 -0.34
N ASN A 753 30.77 -0.50 -0.74
CA ASN A 753 30.12 0.78 -0.96
C ASN A 753 31.05 1.68 -1.77
N GLU A 754 30.88 2.99 -1.62
CA GLU A 754 31.82 4.00 -2.08
C GLU A 754 32.53 4.65 -0.90
N GLU A 755 32.16 4.29 0.32
CA GLU A 755 32.34 5.12 1.50
C GLU A 755 33.78 5.18 1.97
N VAL A 756 34.07 6.24 2.74
CA VAL A 756 35.39 6.44 3.33
C VAL A 756 35.57 5.52 4.54
N GLU A 757 36.83 5.33 4.94
CA GLU A 757 37.15 4.52 6.10
C GLU A 757 38.21 5.21 6.95
N ILE A 758 38.17 4.92 8.26
CA ILE A 758 39.19 5.36 9.22
C ILE A 758 39.42 4.23 10.20
N GLU A 759 40.68 3.86 10.43
CA GLU A 759 40.97 2.77 11.36
C GLU A 759 42.16 3.10 12.24
N ILE A 760 42.10 2.67 13.50
CA ILE A 760 43.14 2.94 14.48
C ILE A 760 43.38 1.67 15.28
N GLU A 761 44.60 1.15 15.21
CA GLU A 761 45.17 0.12 16.08
C GLU A 761 46.30 0.78 16.84
N SER A 762 47.12 -0.01 17.52
CA SER A 762 48.34 0.65 17.99
C SER A 762 49.28 0.57 16.80
N GLY A 763 49.24 1.63 16.02
CA GLY A 763 49.82 1.67 14.70
C GLY A 763 50.90 2.70 14.49
N ALA A 764 51.08 3.08 13.24
CA ALA A 764 51.83 4.27 12.90
C ALA A 764 50.96 5.50 13.12
N GLY A 765 51.63 6.61 13.41
CA GLY A 765 50.92 7.85 13.66
C GLY A 765 51.89 8.90 14.14
N THR A 766 51.34 10.08 14.44
CA THR A 766 52.17 11.16 14.92
C THR A 766 52.72 10.82 16.31
N GLU A 767 53.84 11.46 16.65
CA GLU A 767 54.54 11.18 17.89
C GLU A 767 54.59 12.42 18.77
N TYR A 768 54.63 12.20 20.07
CA TYR A 768 54.68 13.27 21.04
C TYR A 768 55.86 13.05 21.98
N ASP A 769 56.28 14.10 22.66
CA ASP A 769 57.42 14.06 23.54
C ASP A 769 56.97 14.16 24.99
N ILE A 770 57.45 13.24 25.81
CA ILE A 770 57.10 13.15 27.22
C ILE A 770 58.34 12.73 27.98
N ILE A 771 58.61 13.39 29.10
CA ILE A 771 59.80 13.10 29.89
C ILE A 771 59.36 12.56 31.24
N VAL A 772 59.94 11.45 31.66
CA VAL A 772 59.50 10.74 32.85
C VAL A 772 60.71 10.42 33.71
N GLN A 773 60.56 10.50 35.03
CA GLN A 773 61.67 10.22 35.93
C GLN A 773 61.36 9.01 36.79
N SER A 774 62.20 7.99 36.68
CA SER A 774 62.16 6.85 37.58
C SER A 774 63.48 6.12 37.48
N ASP A 775 63.76 5.30 38.49
CA ASP A 775 64.68 4.19 38.29
C ASP A 775 63.91 3.11 37.54
N SER A 776 64.49 1.93 37.38
CA SER A 776 63.75 0.76 36.91
C SER A 776 63.26 0.91 35.48
N LEU A 777 63.53 2.03 34.82
CA LEU A 777 63.03 2.32 33.49
C LEU A 777 63.90 1.67 32.43
N THR A 778 64.77 0.76 32.85
CA THR A 778 65.67 0.06 31.95
C THR A 778 64.93 -0.37 30.69
N GLU A 779 65.62 -0.26 29.55
CA GLU A 779 64.99 -0.21 28.26
C GLU A 779 64.34 -1.56 27.95
N ASP A 780 63.75 -1.67 26.76
CA ASP A 780 62.88 -2.73 26.25
C ASP A 780 61.45 -2.45 26.65
N LEU A 781 61.21 -1.38 27.42
CA LEU A 781 59.84 -0.92 27.57
C LEU A 781 59.26 -0.42 26.26
N VAL A 782 60.11 -0.05 25.30
CA VAL A 782 59.61 0.35 23.99
C VAL A 782 58.77 -0.76 23.41
N GLY A 783 57.53 -0.43 23.02
CA GLY A 783 56.57 -1.40 22.56
C GLY A 783 55.51 -1.75 23.58
N GLN A 784 55.74 -1.46 24.85
CA GLN A 784 54.75 -1.77 25.87
C GLN A 784 53.65 -0.72 25.86
N THR A 785 52.66 -0.89 26.72
CA THR A 785 51.55 0.05 26.84
C THR A 785 51.66 0.72 28.20
N ILE A 786 52.00 1.99 28.20
CA ILE A 786 52.02 2.76 29.42
C ILE A 786 50.63 3.32 29.70
N TYR A 787 50.20 3.22 30.95
CA TYR A 787 48.97 3.87 31.37
C TYR A 787 49.21 4.61 32.67
N THR A 788 48.49 5.71 32.83
CA THR A 788 48.38 6.42 34.09
C THR A 788 46.94 6.33 34.55
N ALA A 789 46.62 7.01 35.65
CA ALA A 789 45.23 7.10 36.06
C ALA A 789 44.39 7.74 34.97
N THR A 790 44.91 8.80 34.34
CA THR A 790 44.11 9.52 33.35
C THR A 790 44.12 8.85 31.97
N GLY A 791 45.26 8.33 31.53
CA GLY A 791 45.39 7.99 30.13
C GLY A 791 46.26 6.78 29.87
N ARG A 792 46.26 6.38 28.59
CA ARG A 792 46.92 5.17 28.12
C ARG A 792 47.66 5.47 26.83
N CYS A 793 48.67 4.67 26.51
CA CYS A 793 49.58 5.00 25.41
C CYS A 793 50.64 3.94 25.12
N ASN A 794 51.46 4.17 24.09
CA ASN A 794 52.56 3.29 23.72
C ASN A 794 53.84 4.10 23.52
N VAL A 795 54.97 3.39 23.46
CA VAL A 795 56.30 3.98 23.58
C VAL A 795 57.12 3.63 22.34
N THR A 796 57.46 4.64 21.54
CA THR A 796 58.31 4.44 20.36
C THR A 796 59.81 4.46 20.65
N TYR A 797 60.28 5.44 21.42
CA TYR A 797 61.72 5.67 21.50
C TYR A 797 62.10 6.16 22.90
N ILE A 798 63.12 5.54 23.48
CA ILE A 798 63.38 5.63 24.92
C ILE A 798 64.48 6.64 25.28
N GLU A 799 64.96 7.42 24.32
CA GLU A 799 66.18 8.19 24.52
C GLU A 799 66.20 8.96 25.83
N ARG A 800 67.37 8.98 26.47
CA ARG A 800 67.57 9.60 27.77
C ARG A 800 67.76 11.11 27.63
N SER A 801 67.28 11.85 28.63
CA SER A 801 67.57 13.26 28.75
C SER A 801 68.61 13.48 29.85
N TYR A 802 69.05 14.72 30.02
CA TYR A 802 70.11 15.03 30.97
C TYR A 802 69.67 16.15 31.89
N SER A 803 69.46 15.82 33.17
CA SER A 803 69.30 16.81 34.21
C SER A 803 69.70 16.17 35.53
N ASN A 804 70.27 16.97 36.43
CA ASN A 804 70.78 16.42 37.67
C ASN A 804 69.64 16.03 38.61
N GLY A 805 69.84 14.92 39.31
CA GLY A 805 68.84 14.39 40.21
C GLY A 805 67.98 13.34 39.56
N LYS A 806 67.60 12.32 40.32
CA LYS A 806 66.83 11.19 39.83
C LYS A 806 67.43 10.65 38.54
N LEU A 807 66.58 10.24 37.61
CA LEU A 807 66.96 9.95 36.24
C LEU A 807 65.79 10.34 35.36
N GLN A 808 66.04 11.05 34.27
CA GLN A 808 64.96 11.57 33.44
C GLN A 808 65.17 11.16 31.99
N TRP A 809 64.25 10.32 31.50
CA TRP A 809 64.21 9.94 30.10
C TRP A 809 63.13 10.72 29.37
N THR A 810 63.40 11.05 28.11
CA THR A 810 62.39 11.61 27.23
C THR A 810 61.89 10.49 26.32
N VAL A 811 60.68 10.03 26.55
CA VAL A 811 60.11 8.91 25.82
C VAL A 811 59.30 9.46 24.65
N THR A 812 59.47 8.86 23.48
CA THR A 812 58.68 9.23 22.32
C THR A 812 57.42 8.37 22.34
N ILE A 813 56.28 9.02 22.34
CA ILE A 813 55.00 8.40 22.58
C ILE A 813 54.12 8.65 21.37
N HIS A 814 53.31 7.65 20.99
CA HIS A 814 52.42 7.84 19.86
C HIS A 814 51.08 7.23 20.19
N ASN A 815 50.09 7.59 19.36
CA ASN A 815 48.76 6.98 19.42
C ASN A 815 48.15 7.15 20.81
N LEU A 816 48.43 8.29 21.42
CA LEU A 816 47.99 8.54 22.80
C LEU A 816 46.49 8.78 22.85
N LEU A 817 45.86 8.25 23.89
CA LEU A 817 44.49 8.61 24.22
C LEU A 817 44.34 8.62 25.73
N GLY A 818 43.66 9.63 26.25
CA GLY A 818 43.37 9.72 27.67
C GLY A 818 44.12 10.77 28.46
N ARG A 819 44.97 11.58 27.82
CA ARG A 819 45.53 12.76 28.47
C ARG A 819 46.28 12.46 29.75
N LEU A 820 47.49 11.92 29.66
CA LEU A 820 48.32 11.78 30.84
C LEU A 820 48.84 13.15 31.28
N ILE A 821 48.90 13.36 32.60
CA ILE A 821 49.19 14.67 33.17
C ILE A 821 50.26 14.54 34.23
N ALA A 822 50.91 15.66 34.55
CA ALA A 822 52.02 15.67 35.49
C ALA A 822 51.60 15.13 36.84
N GLY A 823 52.55 14.51 37.54
CA GLY A 823 52.31 13.93 38.84
C GLY A 823 51.71 12.54 38.82
N GLN A 824 51.37 12.00 37.65
CA GLN A 824 50.80 10.67 37.60
C GLN A 824 51.88 9.63 37.87
N GLU A 825 51.43 8.43 38.26
CA GLU A 825 52.35 7.40 38.72
C GLU A 825 52.81 6.45 37.61
N VAL A 826 52.19 6.51 36.43
CA VAL A 826 52.70 5.93 35.18
C VAL A 826 53.30 4.54 35.36
N LYS A 827 52.45 3.54 35.54
CA LYS A 827 52.89 2.15 35.59
C LYS A 827 52.66 1.49 34.23
N ALA A 828 53.64 0.71 33.81
CA ALA A 828 53.54 -0.02 32.55
C ALA A 828 52.69 -1.28 32.74
N GLU A 829 52.12 -1.74 31.63
CA GLU A 829 51.21 -2.89 31.68
C GLU A 829 51.92 -4.15 32.12
N ARG A 830 53.13 -4.38 31.61
CA ARG A 830 53.86 -5.61 31.91
C ARG A 830 55.24 -5.29 32.45
N LEU A 831 56.07 -6.31 32.67
CA LEU A 831 57.38 -6.18 33.30
C LEU A 831 57.25 -5.27 34.51
N PRO A 832 56.28 -5.52 35.39
CA PRO A 832 55.51 -4.40 35.96
C PRO A 832 56.38 -3.31 36.58
N SER A 833 57.11 -3.59 37.66
CA SER A 833 58.45 -3.09 37.96
C SER A 833 58.82 -1.74 37.32
N PHE A 834 57.86 -0.90 36.96
CA PHE A 834 58.17 0.33 36.23
C PHE A 834 57.99 1.60 37.05
N GLU A 835 57.58 1.51 38.31
CA GLU A 835 56.95 2.63 39.00
C GLU A 835 57.75 3.92 38.82
N GLY A 836 57.05 4.96 38.39
CA GLY A 836 57.69 6.20 38.00
C GLY A 836 56.72 7.37 38.11
N GLU A 837 57.16 8.52 37.61
CA GLU A 837 56.34 9.72 37.63
C GLU A 837 56.52 10.49 36.34
N ILE A 838 55.44 11.08 35.85
CA ILE A 838 55.45 11.89 34.64
C ILE A 838 55.44 13.35 35.04
N ILE A 839 56.32 14.14 34.43
CA ILE A 839 56.16 15.59 34.42
C ILE A 839 56.34 16.03 32.98
N ARG A 840 55.72 17.17 32.63
CA ARG A 840 55.65 17.63 31.25
C ARG A 840 54.99 16.55 30.36
N GLY A 841 53.69 16.39 30.58
CA GLY A 841 52.90 15.45 29.83
C GLY A 841 52.39 16.04 28.54
N VAL A 842 51.32 15.45 28.02
CA VAL A 842 50.61 16.00 26.87
C VAL A 842 49.20 15.40 26.87
N LYS A 843 48.28 16.06 26.18
CA LYS A 843 46.89 15.64 26.10
C LYS A 843 46.63 15.11 24.69
N GLY A 844 46.51 13.78 24.57
CA GLY A 844 46.29 13.16 23.28
C GLY A 844 44.87 13.14 22.74
N LYS A 845 43.92 12.70 23.54
CA LYS A 845 42.60 12.37 23.04
C LYS A 845 41.61 12.42 24.19
N ASP A 846 40.33 12.57 23.86
CA ASP A 846 39.32 12.82 24.88
C ASP A 846 38.62 11.55 25.36
N LEU A 847 37.74 10.99 24.54
CA LEU A 847 36.92 9.83 24.91
C LEU A 847 36.10 10.11 26.17
N LEU A 848 35.54 11.32 26.25
CA LEU A 848 34.74 11.78 27.38
C LEU A 848 35.42 11.46 28.71
N GLN A 849 34.67 10.97 29.71
CA GLN A 849 35.22 10.85 31.06
C GLN A 849 36.52 10.05 31.05
N ASN A 850 37.52 10.58 31.75
CA ASN A 850 38.86 10.01 31.74
C ASN A 850 39.08 9.22 33.03
N ASN A 851 39.11 7.91 32.90
CA ASN A 851 39.45 7.01 33.99
C ASN A 851 40.21 5.85 33.37
N ILE A 852 41.27 5.41 34.06
CA ILE A 852 41.97 4.22 33.59
C ILE A 852 41.00 3.05 33.49
N ASP A 853 39.99 3.01 34.34
CA ASP A 853 38.99 1.96 34.23
C ASP A 853 38.14 2.15 32.98
N TYR A 854 37.54 3.33 32.83
CA TYR A 854 36.70 3.55 31.66
C TYR A 854 37.50 3.57 30.38
N ILE A 855 38.73 4.10 30.41
CA ILE A 855 39.49 4.21 29.17
C ILE A 855 39.73 2.83 28.59
N ASN A 856 39.81 1.82 29.44
CA ASN A 856 39.89 0.44 28.96
C ASN A 856 38.52 -0.11 28.59
N ARG A 857 37.52 0.08 29.46
CA ARG A 857 36.28 -0.69 29.37
C ARG A 857 36.66 -2.15 29.27
N SER A 858 36.30 -2.77 28.15
CA SER A 858 36.90 -4.03 27.73
C SER A 858 38.09 -3.68 26.84
N ARG A 859 39.29 -4.05 27.29
CA ARG A 859 40.49 -3.65 26.55
C ARG A 859 40.52 -4.25 25.16
N SER A 860 40.69 -3.38 24.17
CA SER A 860 40.78 -3.83 22.79
C SER A 860 42.05 -4.61 22.55
N TYR A 861 43.12 -4.25 23.25
CA TYR A 861 44.46 -4.82 23.08
C TYR A 861 44.85 -4.54 21.62
N TYR A 862 45.34 -5.51 20.87
CA TYR A 862 45.83 -5.25 19.52
C TYR A 862 44.76 -5.34 18.45
N VAL A 863 43.49 -5.48 18.81
CA VAL A 863 42.46 -5.50 17.77
C VAL A 863 42.46 -4.15 17.07
N MET A 864 41.98 -4.16 15.84
CA MET A 864 41.92 -2.97 15.02
C MET A 864 40.48 -2.59 14.77
N LYS A 865 40.18 -1.29 14.81
CA LYS A 865 38.81 -0.78 14.69
C LYS A 865 38.63 -0.24 13.28
N ILE A 866 37.80 -0.91 12.47
CA ILE A 866 37.62 -0.47 11.09
C ILE A 866 36.81 0.81 11.03
N LYS A 867 35.83 0.96 11.91
CA LYS A 867 35.27 2.27 12.28
C LYS A 867 34.88 3.12 11.08
N SER A 868 34.23 2.51 10.10
CA SER A 868 33.72 3.29 8.97
C SER A 868 32.30 2.86 8.64
N ASN A 869 31.33 3.72 8.95
CA ASN A 869 29.98 3.71 8.41
C ASN A 869 29.39 2.30 8.37
N LEU A 870 28.56 2.01 7.36
CA LEU A 870 28.25 0.69 6.79
C LEU A 870 27.62 -0.27 7.79
N PRO A 871 26.86 -1.26 7.30
CA PRO A 871 26.27 -2.24 8.24
C PRO A 871 27.28 -3.16 8.88
N SER A 872 28.50 -3.23 8.34
CA SER A 872 29.63 -4.05 8.77
C SER A 872 29.53 -5.48 8.28
N SER A 873 28.39 -5.93 7.77
CA SER A 873 28.31 -7.26 7.21
C SER A 873 28.57 -7.29 5.72
N ARG A 874 28.60 -6.13 5.06
CA ARG A 874 28.88 -6.10 3.63
C ARG A 874 30.37 -6.21 3.36
N TRP A 875 31.18 -5.41 4.06
CA TRP A 875 32.62 -5.45 3.81
C TRP A 875 33.34 -6.55 4.58
N LYS A 876 32.82 -6.98 5.72
CA LYS A 876 33.59 -7.88 6.59
C LYS A 876 34.16 -9.07 5.85
N SER A 877 33.44 -9.58 4.85
CA SER A 877 34.00 -10.66 4.05
C SER A 877 35.19 -10.18 3.23
N ASP A 878 35.13 -8.93 2.74
CA ASP A 878 36.11 -8.45 1.78
C ASP A 878 37.30 -7.74 2.39
N VAL A 879 37.27 -7.42 3.69
CA VAL A 879 38.47 -6.89 4.33
C VAL A 879 39.50 -7.98 4.47
N ILE A 880 39.14 -9.10 5.09
CA ILE A 880 39.88 -10.32 4.88
C ILE A 880 39.83 -10.59 3.38
N ARG A 881 40.89 -11.22 2.85
CA ARG A 881 40.92 -11.46 1.41
C ARG A 881 40.95 -10.16 0.59
N PHE A 882 42.17 -9.73 0.26
CA PHE A 882 42.59 -8.50 -0.42
C PHE A 882 43.14 -7.42 0.50
N VAL A 883 42.95 -7.55 1.81
CA VAL A 883 43.45 -6.54 2.74
C VAL A 883 43.69 -7.22 4.07
N HIS A 884 44.45 -6.54 4.93
CA HIS A 884 44.59 -6.79 6.35
C HIS A 884 45.51 -7.96 6.64
N PRO A 885 46.30 -7.87 7.70
CA PRO A 885 47.17 -8.97 8.09
C PRO A 885 46.41 -10.06 8.83
N VAL A 886 47.05 -11.22 8.94
CA VAL A 886 46.40 -12.38 9.53
C VAL A 886 46.58 -12.45 11.04
N GLY A 887 47.38 -11.56 11.63
CA GLY A 887 47.65 -11.65 13.05
C GLY A 887 46.99 -10.65 13.95
N PHE A 888 46.02 -9.87 13.47
CA PHE A 888 45.46 -8.79 14.26
C PHE A 888 43.96 -8.96 14.44
N GLY A 889 43.43 -8.26 15.45
CA GLY A 889 42.12 -8.62 16.00
C GLY A 889 40.95 -8.30 15.11
N PHE A 890 40.92 -7.09 14.53
CA PHE A 890 39.88 -6.73 13.58
C PHE A 890 38.45 -6.75 14.14
N ILE A 891 38.08 -5.70 14.87
CA ILE A 891 36.71 -5.51 15.32
C ILE A 891 36.08 -4.35 14.54
N ALA A 892 34.77 -4.43 14.34
CA ALA A 892 34.03 -3.46 13.56
C ALA A 892 33.17 -2.58 14.45
N ILE A 893 33.21 -1.27 14.22
CA ILE A 893 32.33 -0.32 14.91
C ILE A 893 31.84 0.70 13.90
N THR A 894 30.79 1.42 14.30
CA THR A 894 30.04 2.27 13.40
C THR A 894 30.18 3.74 13.76
N LEU A 895 30.15 4.59 12.75
CA LEU A 895 30.00 6.03 12.92
C LEU A 895 29.04 6.54 11.87
N LEU A 896 28.33 7.62 12.20
CA LEU A 896 27.30 8.16 11.33
C LEU A 896 27.53 9.65 11.14
N THR A 897 27.31 10.12 9.91
CA THR A 897 27.53 11.52 9.55
C THR A 897 26.27 12.04 8.89
N MET A 898 25.63 13.02 9.52
CA MET A 898 24.33 13.48 9.05
C MET A 898 24.47 14.32 7.79
N PHE A 899 25.33 15.33 7.81
CA PHE A 899 25.43 16.31 6.72
C PHE A 899 24.11 17.03 6.47
N ILE A 900 23.54 17.62 7.52
CA ILE A 900 22.35 18.44 7.35
C ILE A 900 22.70 19.66 6.50
N ASN A 901 21.89 19.91 5.48
CA ASN A 901 22.22 20.85 4.40
C ASN A 901 21.68 22.25 4.63
N VAL A 902 21.13 22.53 5.82
CA VAL A 902 20.40 23.77 6.04
C VAL A 902 21.26 24.98 5.69
N GLY A 903 20.61 26.07 5.31
CA GLY A 903 21.27 27.21 4.72
C GLY A 903 20.90 27.47 3.28
N LEU A 904 20.14 26.57 2.66
CA LEU A 904 19.45 26.93 1.43
C LEU A 904 18.38 27.98 1.73
N THR A 905 17.89 28.61 0.67
CA THR A 905 17.10 29.84 0.73
C THR A 905 17.94 30.99 1.26
N LEU A 906 17.45 31.70 2.27
CA LEU A 906 18.07 32.95 2.71
C LEU A 906 18.28 33.89 1.54
N LYS A 907 17.23 34.05 0.73
CA LYS A 907 17.33 34.79 -0.52
C LYS A 907 16.96 36.25 -0.40
N HIS A 908 16.65 36.72 0.82
CA HIS A 908 16.35 38.11 1.17
C HIS A 908 15.07 38.60 0.50
N THR A 909 14.46 37.78 -0.35
CA THR A 909 13.27 38.10 -1.14
C THR A 909 13.37 39.50 -1.73
N GLU A 910 12.31 40.29 -1.62
CA GLU A 910 12.30 41.65 -2.12
C GLU A 910 12.37 42.63 -0.96
N THR A 911 13.15 43.69 -1.15
CA THR A 911 13.21 44.81 -0.21
C THR A 911 12.42 45.97 -0.80
N ILE A 912 11.62 46.62 0.04
CA ILE A 912 10.62 47.56 -0.44
C ILE A 912 10.61 48.80 0.45
N ILE A 913 10.62 49.97 -0.17
CA ILE A 913 10.60 51.25 0.52
C ILE A 913 9.74 52.22 -0.28
N ASN A 914 9.03 53.08 0.45
CA ASN A 914 8.09 54.01 -0.15
C ASN A 914 8.16 55.36 0.57
N LYS A 915 8.25 56.43 -0.21
CA LYS A 915 8.56 57.76 0.30
C LYS A 915 7.33 58.43 0.89
N TYR A 916 7.58 59.39 1.80
CA TYR A 916 6.52 60.12 2.48
C TYR A 916 6.73 61.63 2.31
N LYS A 917 5.60 62.34 2.28
CA LYS A 917 5.50 63.77 2.04
C LYS A 917 5.40 64.61 3.32
N ASN A 918 5.82 64.07 4.46
CA ASN A 918 5.15 64.22 5.75
C ASN A 918 4.99 65.62 6.31
N TYR A 919 4.39 65.70 7.51
CA TYR A 919 3.86 66.93 8.08
C TYR A 919 4.61 67.26 9.35
N LYS A 920 5.24 68.43 9.38
CA LYS A 920 5.80 68.98 10.59
C LYS A 920 5.22 70.38 10.79
N TRP A 921 5.32 70.88 12.03
CA TRP A 921 4.74 72.18 12.33
C TRP A 921 5.43 73.32 11.61
N ASP A 922 6.52 73.06 10.90
CA ASP A 922 7.14 74.10 10.09
C ASP A 922 6.23 74.40 8.91
N SER A 923 6.07 73.41 8.02
CA SER A 923 5.10 73.45 6.93
C SER A 923 5.37 74.69 6.09
N GLY A 924 4.44 75.63 5.96
CA GLY A 924 4.61 76.77 5.10
C GLY A 924 3.74 76.69 3.85
N LEU A 925 4.03 77.58 2.91
CA LEU A 925 3.16 77.77 1.77
C LEU A 925 3.11 76.52 0.91
N PRO A 926 1.94 75.97 0.62
CA PRO A 926 1.80 74.98 -0.44
C PRO A 926 1.83 75.65 -1.81
N THR A 927 2.01 74.82 -2.83
CA THR A 927 1.77 75.21 -4.21
C THR A 927 0.47 74.55 -4.67
N GLU A 928 -0.58 75.35 -4.80
CA GLU A 928 -1.94 74.91 -5.11
C GLU A 928 -2.36 73.78 -4.17
N TYR A 929 -3.13 72.82 -4.68
CA TYR A 929 -3.56 71.65 -3.92
C TYR A 929 -4.07 70.61 -4.90
N ALA A 930 -4.17 69.37 -4.43
CA ALA A 930 -4.79 68.31 -5.21
C ALA A 930 -5.54 67.38 -4.28
N ASP A 931 -6.57 66.72 -4.83
CA ASP A 931 -7.40 65.76 -4.10
C ASP A 931 -7.99 66.46 -2.88
N ARG A 932 -7.67 66.05 -1.66
CA ARG A 932 -7.94 66.68 -0.36
C ARG A 932 -9.32 66.38 0.22
N ILE A 933 -10.28 65.85 -0.57
CA ILE A 933 -11.54 65.35 -0.02
C ILE A 933 -12.46 64.88 -1.15
N ALA A 934 -13.49 64.12 -0.81
CA ALA A 934 -14.64 63.88 -1.66
C ALA A 934 -15.86 63.63 -0.80
N LYS A 935 -17.04 63.95 -1.35
CA LYS A 935 -18.34 63.59 -0.79
C LYS A 935 -18.54 64.26 0.57
N LEU A 936 -18.92 63.52 1.62
CA LEU A 936 -19.55 64.07 2.80
C LEU A 936 -18.52 64.75 3.70
N THR A 937 -18.95 65.04 4.93
CA THR A 937 -18.10 65.63 5.95
C THR A 937 -16.98 64.67 6.38
N PRO A 938 -17.17 63.99 7.50
CA PRO A 938 -16.19 63.01 8.03
C PRO A 938 -15.44 62.23 6.95
N THR A 939 -14.39 62.82 6.40
CA THR A 939 -13.65 62.18 5.32
C THR A 939 -14.62 61.47 4.38
N GLY A 940 -15.37 62.30 3.66
CA GLY A 940 -16.67 61.95 3.13
C GLY A 940 -16.80 60.62 2.40
N GLU A 941 -17.89 59.91 2.69
CA GLU A 941 -18.19 58.63 2.08
C GLU A 941 -17.05 57.64 2.33
N ILE A 942 -16.99 57.16 3.58
CA ILE A 942 -15.91 56.27 3.96
C ILE A 942 -15.91 55.06 3.03
N GLU A 943 -14.79 54.86 2.37
CA GLU A 943 -14.56 53.91 1.29
C GLU A 943 -15.63 54.06 0.21
N HIS A 944 -15.92 52.98 -0.51
CA HIS A 944 -17.22 52.72 -1.11
C HIS A 944 -17.95 51.61 -0.38
N ASP A 945 -17.31 51.00 0.63
CA ASP A 945 -17.66 49.71 1.23
C ASP A 945 -17.42 48.56 0.26
N SER A 946 -17.18 48.86 -1.02
CA SER A 946 -16.80 47.81 -1.96
C SER A 946 -15.38 47.35 -1.72
N VAL A 947 -14.43 48.30 -1.68
CA VAL A 947 -13.05 48.02 -1.34
C VAL A 947 -12.74 48.27 0.12
N THR A 948 -13.72 48.76 0.88
CA THR A 948 -13.56 49.15 2.28
C THR A 948 -12.37 50.10 2.44
N GLY A 949 -11.66 49.98 3.56
CA GLY A 949 -10.53 50.87 3.80
C GLY A 949 -10.94 52.34 3.83
N GLU A 950 -10.02 53.18 3.36
CA GLU A 950 -10.16 54.63 3.41
C GLU A 950 -11.10 55.15 2.32
N ALA A 951 -11.59 56.36 2.54
CA ALA A 951 -12.56 56.99 1.65
C ALA A 951 -11.89 57.46 0.35
N ILE A 952 -12.73 57.67 -0.66
CA ILE A 952 -12.27 58.19 -1.95
C ILE A 952 -11.84 59.65 -1.80
N TYR A 953 -11.05 60.11 -2.77
CA TYR A 953 -10.62 61.49 -2.84
C TYR A 953 -10.93 62.05 -4.22
N GLU A 954 -11.70 63.14 -4.26
CA GLU A 954 -11.93 63.90 -5.48
C GLU A 954 -10.89 64.99 -5.64
N PRO A 955 -10.51 65.30 -6.88
CA PRO A 955 -9.39 66.26 -7.08
C PRO A 955 -9.67 67.64 -6.51
N GLY A 956 -10.85 68.20 -6.73
CA GLY A 956 -11.17 69.53 -6.26
C GLY A 956 -10.50 70.59 -7.11
N PRO A 957 -10.14 71.72 -6.50
CA PRO A 957 -9.36 72.72 -7.23
C PRO A 957 -8.06 72.11 -7.73
N MET A 958 -7.81 72.28 -9.04
CA MET A 958 -6.81 71.44 -9.69
C MET A 958 -5.41 72.05 -9.69
N ALA A 959 -5.18 73.05 -10.52
CA ALA A 959 -3.83 73.54 -10.75
C ALA A 959 -3.87 75.05 -10.98
N GLY A 960 -2.70 75.64 -10.95
CA GLY A 960 -2.56 77.07 -11.17
C GLY A 960 -1.35 77.59 -10.41
N VAL A 961 -1.31 78.91 -10.27
CA VAL A 961 -0.24 79.53 -9.49
C VAL A 961 -0.35 79.10 -8.04
N LYS A 962 0.77 79.19 -7.33
CA LYS A 962 0.85 78.82 -5.93
C LYS A 962 0.34 79.90 -5.00
N TYR A 963 -0.20 80.99 -5.56
CA TYR A 963 -0.63 82.25 -4.97
C TYR A 963 0.58 82.97 -4.38
N PRO A 964 0.56 84.30 -4.31
CA PRO A 964 1.81 85.03 -4.02
C PRO A 964 2.35 84.82 -2.62
N LEU A 965 1.54 84.25 -1.70
CA LEU A 965 1.79 84.20 -0.26
C LEU A 965 1.54 85.60 0.29
N PRO A 966 1.36 85.77 1.59
CA PRO A 966 0.95 87.09 2.11
C PRO A 966 2.02 88.16 1.96
N ASP A 967 2.55 88.31 0.74
CA ASP A 967 3.42 89.38 0.25
C ASP A 967 4.75 89.43 1.00
N ASP A 968 4.86 88.70 2.11
CA ASP A 968 6.13 88.52 2.79
C ASP A 968 6.37 87.05 3.05
N TYR A 969 5.48 86.42 3.82
CA TYR A 969 5.52 84.99 4.14
C TYR A 969 6.70 84.66 5.04
N ASN A 970 7.62 85.60 5.19
CA ASN A 970 8.83 85.43 5.97
C ASN A 970 8.77 86.35 7.18
N ALA A 971 8.67 85.76 8.37
CA ALA A 971 8.59 86.54 9.60
C ALA A 971 9.85 87.38 9.79
N GLU A 972 11.01 86.72 9.86
CA GLU A 972 12.28 87.41 10.03
C GLU A 972 13.03 87.59 8.71
N ASN A 973 12.45 87.17 7.58
CA ASN A 973 13.14 87.17 6.30
C ASN A 973 14.43 86.35 6.36
N ASN A 974 14.41 85.29 7.16
CA ASN A 974 15.60 84.52 7.44
C ASN A 974 16.02 83.65 6.26
N ASN A 975 17.27 83.21 6.29
CA ASN A 975 17.75 82.17 5.39
C ASN A 975 17.57 80.84 6.11
N SER A 976 16.65 80.02 5.61
CA SER A 976 16.24 78.79 6.28
C SER A 976 16.77 77.59 5.50
N ILE A 977 17.73 76.89 6.09
CA ILE A 977 18.26 75.66 5.53
C ILE A 977 18.79 75.92 4.13
N PHE A 978 19.91 76.63 4.04
CA PHE A 978 20.68 76.90 2.83
C PHE A 978 20.02 77.92 1.90
N GLN A 979 18.84 78.44 2.22
CA GLN A 979 18.19 79.39 1.32
C GLN A 979 17.25 80.26 2.13
N GLY A 980 16.92 81.42 1.56
CA GLY A 980 16.01 82.35 2.19
C GLY A 980 14.62 81.77 2.38
N GLN A 981 13.83 82.47 3.19
CA GLN A 981 12.50 81.99 3.54
C GLN A 981 11.48 82.28 2.45
N LEU A 982 11.61 83.40 1.74
CA LEU A 982 10.58 83.79 0.79
C LEU A 982 10.42 82.78 -0.34
N PRO A 983 11.47 82.34 -1.04
CA PRO A 983 11.36 81.13 -1.84
C PRO A 983 11.74 79.93 -0.97
N SER A 984 11.52 78.74 -1.52
CA SER A 984 11.87 77.50 -0.85
C SER A 984 11.39 77.51 0.60
N GLU A 985 12.24 77.02 1.49
CA GLU A 985 11.96 76.96 2.92
C GLU A 985 10.65 76.24 3.18
N ARG A 986 10.04 75.81 2.08
CA ARG A 986 8.79 75.08 2.08
C ARG A 986 8.43 74.93 0.61
N ARG A 987 9.31 74.26 -0.13
CA ARG A 987 9.07 74.06 -1.55
C ARG A 987 8.07 72.96 -1.81
N LYS A 988 7.59 72.31 -0.75
CA LYS A 988 6.80 71.10 -0.88
C LYS A 988 5.44 71.40 -1.49
N LEU A 989 5.10 70.66 -2.55
CA LEU A 989 3.83 70.85 -3.22
C LEU A 989 2.64 70.46 -2.34
N MET A 990 2.87 69.62 -1.33
CA MET A 990 1.82 69.16 -0.43
C MET A 990 2.09 69.70 0.96
N SER A 991 1.24 70.63 1.40
CA SER A 991 1.34 71.19 2.74
C SER A 991 -0.06 71.44 3.28
N PRO A 992 -0.26 71.26 4.58
CA PRO A 992 -1.59 71.51 5.14
C PRO A 992 -1.94 72.99 5.13
N LEU A 993 -3.13 73.31 4.62
CA LEU A 993 -3.59 74.69 4.57
C LEU A 993 -4.45 75.08 5.77
N PHE A 994 -4.90 74.10 6.57
CA PHE A 994 -6.03 74.24 7.48
C PHE A 994 -7.35 74.43 6.72
N ASP A 995 -7.27 74.69 5.43
CA ASP A 995 -8.45 74.98 4.62
C ASP A 995 -9.12 73.73 4.07
N ALA A 996 -8.59 72.55 4.37
CA ALA A 996 -9.17 71.30 3.89
C ALA A 996 -8.97 70.23 4.95
N SER A 997 -9.74 69.15 4.82
CA SER A 997 -9.63 67.99 5.69
C SER A 997 -8.74 66.91 5.10
N GLY A 998 -8.10 67.16 3.96
CA GLY A 998 -7.24 66.18 3.32
C GLY A 998 -6.17 65.66 4.25
N THR A 999 -5.35 66.55 4.79
CA THR A 999 -4.48 66.17 5.89
C THR A 999 -5.33 65.80 7.10
N THR A 1000 -4.88 64.80 7.84
CA THR A 1000 -5.68 64.35 8.97
C THR A 1000 -5.02 64.73 10.29
N PHE A 1001 -3.97 64.00 10.68
CA PHE A 1001 -3.23 64.34 11.89
C PHE A 1001 -2.06 63.37 12.05
N ALA A 1002 -1.06 63.81 12.78
CA ALA A 1002 0.15 63.08 13.16
C ALA A 1002 0.74 62.40 11.92
N GLN A 1003 1.30 61.20 12.12
CA GLN A 1003 1.72 60.29 11.07
C GLN A 1003 2.44 60.99 9.91
N PHE A 1004 2.04 60.63 8.70
CA PHE A 1004 2.53 61.23 7.47
C PHE A 1004 1.53 60.91 6.37
N ARG A 1005 1.60 61.66 5.28
CA ARG A 1005 0.86 61.26 4.08
C ARG A 1005 1.81 60.49 3.20
N ASP A 1006 1.34 59.35 2.70
CA ASP A 1006 2.15 58.52 1.82
C ASP A 1006 1.88 58.90 0.38
N LEU A 1007 2.94 58.96 -0.41
CA LEU A 1007 2.81 59.28 -1.83
C LEU A 1007 2.72 57.96 -2.58
N VAL A 1008 1.53 57.66 -3.10
CA VAL A 1008 1.28 56.36 -3.73
C VAL A 1008 1.54 56.39 -5.23
N ASN A 1009 1.71 57.57 -5.82
CA ASN A 1009 2.06 57.63 -7.23
C ASN A 1009 3.40 56.96 -7.50
N LYS A 1010 4.37 57.19 -6.63
CA LYS A 1010 5.68 56.58 -6.71
C LYS A 1010 5.86 55.67 -5.51
N ARG A 1011 5.82 54.36 -5.75
CA ARG A 1011 6.13 53.37 -4.72
C ARG A 1011 6.89 52.24 -5.39
N LEU A 1012 8.01 51.84 -4.79
CA LEU A 1012 8.85 50.81 -5.38
C LEU A 1012 8.20 49.47 -5.11
N LYS A 1013 7.81 48.77 -6.16
CA LYS A 1013 6.86 47.66 -6.05
C LYS A 1013 7.57 46.34 -6.20
N ASP A 1014 7.53 45.53 -5.15
CA ASP A 1014 8.00 44.16 -5.23
C ASP A 1014 7.23 43.38 -6.29
N ASN A 1015 7.96 42.80 -7.24
CA ASN A 1015 7.31 42.14 -8.37
C ASN A 1015 6.77 40.76 -7.97
N ILE A 1016 7.61 39.94 -7.35
CA ILE A 1016 7.27 38.55 -7.03
C ILE A 1016 7.12 38.43 -5.53
N GLY A 1017 6.00 37.87 -5.09
CA GLY A 1017 5.66 37.89 -3.68
C GLY A 1017 4.40 37.13 -3.41
N ASN A 1018 3.75 37.49 -2.31
CA ASN A 1018 2.56 36.83 -1.79
C ASN A 1018 1.41 36.94 -2.79
N PRO A 1019 0.25 36.34 -2.53
CA PRO A 1019 -0.86 36.44 -3.49
C PRO A 1019 -1.25 37.86 -3.84
N ARG A 1020 -1.26 38.77 -2.87
CA ARG A 1020 -1.77 40.12 -3.12
C ARG A 1020 -1.07 40.79 -4.29
N ASP A 1021 0.18 41.20 -4.10
CA ASP A 1021 1.08 41.70 -5.13
C ASP A 1021 0.58 43.03 -5.72
N PRO A 1022 1.47 43.88 -6.19
CA PRO A 1022 1.04 45.12 -6.86
C PRO A 1022 0.97 44.99 -8.38
N GLU A 1023 0.25 43.98 -8.86
CA GLU A 1023 -0.09 43.86 -10.28
C GLU A 1023 1.13 44.07 -11.18
N ASN A 1024 1.06 45.09 -12.03
CA ASN A 1024 2.21 45.50 -12.83
C ASN A 1024 3.27 46.11 -11.92
N PRO A 1025 4.46 45.52 -11.83
CA PRO A 1025 5.44 45.97 -10.84
C PRO A 1025 6.18 47.24 -11.25
N THR A 1026 6.57 48.01 -10.24
CA THR A 1026 7.38 49.20 -10.46
C THR A 1026 8.87 48.85 -10.57
N GLN A 1027 9.37 47.96 -9.72
CA GLN A 1027 10.77 47.57 -9.76
C GLN A 1027 10.89 46.06 -9.91
N VAL A 1028 12.07 45.64 -10.36
CA VAL A 1028 12.38 44.23 -10.55
C VAL A 1028 13.80 43.98 -10.07
N LYS A 1029 14.02 42.84 -9.43
CA LYS A 1029 15.33 42.42 -8.97
C LYS A 1029 15.87 41.38 -9.93
N ILE A 1030 16.91 41.72 -10.68
CA ILE A 1030 17.54 40.81 -11.62
C ILE A 1030 18.97 40.56 -11.15
N ASP A 1031 19.24 39.32 -10.75
CA ASP A 1031 20.54 38.95 -10.25
C ASP A 1031 21.56 38.90 -11.39
N GLU A 1032 22.83 38.97 -11.01
CA GLU A 1032 23.95 38.96 -11.95
C GLU A 1032 23.86 37.79 -12.93
N MET B 1 28.71 9.57 -0.07
CA MET B 1 28.84 10.15 -1.41
C MET B 1 27.73 9.71 -2.34
N ASN B 2 28.00 9.80 -3.65
CA ASN B 2 27.05 9.34 -4.64
C ASN B 2 26.76 7.86 -4.46
N ASP B 3 25.53 7.47 -4.79
CA ASP B 3 25.14 6.08 -5.05
C ASP B 3 25.76 5.11 -4.05
N SER B 4 25.82 5.52 -2.79
CA SER B 4 26.40 4.67 -1.77
C SER B 4 25.54 3.44 -1.54
N SER B 5 26.14 2.43 -0.94
CA SER B 5 25.38 1.24 -0.60
C SER B 5 24.20 1.58 0.29
N VAL B 6 24.41 2.46 1.26
CA VAL B 6 23.34 2.88 2.16
C VAL B 6 22.75 4.16 1.62
N ILE B 7 21.44 4.30 1.70
CA ILE B 7 20.75 5.50 1.25
C ILE B 7 19.80 5.93 2.35
N TYR B 8 19.92 7.17 2.77
CA TYR B 8 19.23 7.72 3.92
C TYR B 8 18.34 8.87 3.45
N ARG B 9 17.36 9.22 4.28
CA ARG B 9 16.40 10.25 3.90
C ARG B 9 16.24 11.25 5.03
N ALA B 10 16.38 12.54 4.72
CA ALA B 10 16.38 13.59 5.73
C ALA B 10 15.55 14.76 5.27
N ILE B 11 14.56 15.13 6.07
CA ILE B 11 13.61 16.16 5.67
C ILE B 11 14.12 17.58 5.86
N VAL B 12 14.71 17.90 7.01
CA VAL B 12 15.10 19.21 7.55
C VAL B 12 13.86 20.01 7.94
N THR B 13 12.69 19.45 7.65
CA THR B 13 11.34 19.95 7.90
C THR B 13 11.15 21.41 7.54
N SER B 14 10.13 22.05 8.12
CA SER B 14 9.98 23.49 8.00
C SER B 14 10.59 24.21 9.19
N LYS B 15 10.33 23.72 10.40
CA LYS B 15 10.50 24.52 11.61
C LYS B 15 11.92 25.03 11.73
N PHE B 16 12.89 24.22 11.32
CA PHE B 16 14.28 24.65 11.35
C PHE B 16 14.47 25.95 10.59
N ARG B 17 13.76 26.13 9.49
CA ARG B 17 13.84 27.40 8.78
C ARG B 17 13.32 28.53 9.67
N THR B 18 12.25 28.27 10.41
CA THR B 18 11.72 29.29 11.31
C THR B 18 12.55 29.40 12.58
N GLU B 19 12.81 28.26 13.24
CA GLU B 19 13.51 28.33 14.51
C GLU B 19 14.86 29.01 14.37
N LYS B 20 15.53 28.78 13.25
CA LYS B 20 16.78 29.48 13.00
C LYS B 20 16.55 30.98 12.94
N MET B 21 15.45 31.41 12.33
CA MET B 21 15.10 32.83 12.32
C MET B 21 14.90 33.36 13.71
N LEU B 22 14.21 32.62 14.56
CA LEU B 22 13.94 33.11 15.91
C LEU B 22 15.24 33.42 16.65
N ASN B 23 16.24 32.56 16.51
CA ASN B 23 17.50 32.82 17.20
C ASN B 23 18.13 34.12 16.73
N PHE B 24 17.90 34.49 15.47
CA PHE B 24 18.40 35.77 14.98
C PHE B 24 17.82 36.91 15.80
N TYR B 25 16.50 36.99 15.87
CA TYR B 25 15.86 38.09 16.59
C TYR B 25 15.98 37.92 18.10
N ASN B 26 16.22 36.70 18.56
CA ASN B 26 16.19 36.50 20.00
C ASN B 26 17.33 37.18 20.71
N SER B 27 18.44 37.46 20.03
CA SER B 27 19.39 38.47 20.48
C SER B 27 19.51 39.56 19.41
N ILE B 28 18.74 40.63 19.56
CA ILE B 28 19.02 41.93 18.95
C ILE B 28 19.32 42.97 20.04
N GLY B 29 19.33 42.53 21.28
CA GLY B 29 19.03 43.43 22.39
C GLY B 29 20.12 44.44 22.68
N SER B 30 20.09 44.95 23.91
CA SER B 30 21.06 45.95 24.32
C SER B 30 22.15 45.33 25.17
N GLY B 31 23.40 45.55 24.77
CA GLY B 31 24.53 45.10 25.53
C GLY B 31 25.71 44.72 24.67
N PRO B 32 26.74 44.13 25.29
CA PRO B 32 27.89 43.63 24.52
C PRO B 32 27.61 42.40 23.67
N ASP B 33 26.66 41.57 24.08
CA ASP B 33 26.43 40.28 23.42
C ASP B 33 25.35 40.33 22.34
N LYS B 34 24.62 41.45 22.23
CA LYS B 34 23.34 41.40 21.55
C LYS B 34 23.39 41.94 20.12
N ASN B 35 24.56 42.33 19.63
CA ASN B 35 24.84 42.60 18.20
C ASN B 35 23.69 43.30 17.47
N THR B 36 23.50 44.59 17.77
CA THR B 36 22.45 45.38 17.14
C THR B 36 22.72 45.59 15.66
N ILE B 37 21.67 45.99 14.93
CA ILE B 37 21.71 46.13 13.48
C ILE B 37 21.62 47.60 13.11
N PHE B 38 22.19 47.96 11.96
CA PHE B 38 22.12 49.31 11.43
C PHE B 38 21.95 49.25 9.92
N ILE B 39 20.98 49.98 9.41
CA ILE B 39 20.83 50.11 7.96
C ILE B 39 21.70 51.30 7.58
N THR B 40 21.81 51.62 6.30
CA THR B 40 22.72 52.68 5.89
C THR B 40 22.30 53.21 4.52
N PHE B 41 22.77 54.40 4.18
CA PHE B 41 22.30 55.04 2.97
C PHE B 41 23.48 55.26 2.01
N GLY B 42 23.23 55.97 0.92
CA GLY B 42 23.95 55.78 -0.32
C GLY B 42 24.98 56.73 -0.92
N ARG B 43 25.08 56.64 -2.25
CA ARG B 43 26.16 57.21 -3.04
C ARG B 43 25.73 58.57 -3.62
N SER B 44 26.69 59.48 -3.74
CA SER B 44 26.41 60.76 -4.38
C SER B 44 26.82 60.84 -5.83
N GLU B 45 27.48 59.82 -6.36
CA GLU B 45 28.09 59.94 -7.67
C GLU B 45 27.09 59.54 -8.75
N PRO B 46 27.06 60.28 -9.86
CA PRO B 46 26.03 60.01 -10.89
C PRO B 46 26.05 58.60 -11.43
N TRP B 47 27.09 57.82 -11.14
CA TRP B 47 27.05 56.37 -11.26
C TRP B 47 27.11 55.91 -12.71
N SER B 48 26.85 56.83 -13.64
CA SER B 48 26.96 56.58 -15.06
C SER B 48 26.51 57.79 -15.86
N SER B 49 26.61 57.70 -17.18
CA SER B 49 26.10 58.71 -18.10
C SER B 49 24.60 58.56 -18.36
N ASN B 50 24.05 57.35 -18.29
CA ASN B 50 22.67 57.06 -18.64
C ASN B 50 21.75 57.06 -17.42
N GLU B 51 22.25 57.52 -16.28
CA GLU B 51 21.74 57.20 -14.95
C GLU B 51 20.24 57.12 -14.79
N ASN B 52 19.51 58.21 -15.01
CA ASN B 52 18.08 58.17 -14.75
C ASN B 52 17.32 57.66 -15.97
N GLU B 53 16.68 56.51 -15.80
CA GLU B 53 15.93 55.84 -16.86
C GLU B 53 15.38 54.52 -16.33
N VAL B 54 14.67 53.79 -17.18
CA VAL B 54 14.10 52.51 -16.78
C VAL B 54 15.02 51.35 -17.11
N GLY B 55 15.47 51.27 -18.36
CA GLY B 55 16.37 50.21 -18.74
C GLY B 55 17.64 50.34 -17.92
N PHE B 56 18.64 49.51 -18.22
CA PHE B 56 19.92 49.52 -17.50
C PHE B 56 19.76 49.39 -15.97
N ALA B 57 20.81 48.93 -15.31
CA ALA B 57 20.75 48.82 -13.87
C ALA B 57 22.11 48.96 -13.28
N PRO B 58 22.16 49.36 -12.02
CA PRO B 58 23.43 49.53 -11.32
C PRO B 58 24.28 48.31 -11.53
N PRO B 59 25.58 48.36 -11.36
CA PRO B 59 26.30 47.10 -11.56
C PRO B 59 26.07 46.25 -10.35
N TYR B 60 26.10 44.94 -10.54
CA TYR B 60 25.88 43.97 -9.49
C TYR B 60 26.93 44.12 -8.43
N PRO B 61 26.60 44.36 -7.18
CA PRO B 61 27.69 44.52 -6.19
C PRO B 61 28.57 43.33 -6.06
N THR B 62 29.67 43.40 -5.30
CA THR B 62 30.59 42.29 -5.11
C THR B 62 30.82 42.12 -3.61
N ASP B 63 30.87 40.86 -3.19
CA ASP B 63 31.02 40.57 -1.76
C ASP B 63 32.46 40.84 -1.31
N SER B 64 33.39 40.96 -2.25
CA SER B 64 34.78 41.14 -1.88
C SER B 64 34.99 42.47 -1.16
N VAL B 65 36.06 42.53 -0.38
CA VAL B 65 36.37 43.75 0.35
C VAL B 65 36.54 44.94 -0.59
N LEU B 66 36.99 44.68 -1.82
CA LEU B 66 37.08 45.76 -2.78
C LEU B 66 35.74 46.42 -3.00
N GLY B 67 34.65 45.67 -2.81
CA GLY B 67 33.34 46.29 -2.84
C GLY B 67 32.86 46.72 -1.47
N VAL B 68 33.35 46.06 -0.41
CA VAL B 68 33.00 46.49 0.94
C VAL B 68 33.57 47.86 1.20
N THR B 69 34.72 48.17 0.61
CA THR B 69 35.42 49.39 1.00
C THR B 69 34.78 50.61 0.37
N ASP B 70 34.12 50.46 -0.78
CA ASP B 70 33.66 51.64 -1.49
C ASP B 70 32.41 52.22 -0.84
N MET B 71 31.65 51.38 -0.15
CA MET B 71 30.49 51.89 0.54
C MET B 71 30.88 52.93 1.59
N TRP B 72 31.71 52.55 2.53
CA TRP B 72 32.12 53.48 3.56
C TRP B 72 32.76 54.72 2.96
N THR B 73 33.28 54.60 1.74
CA THR B 73 33.66 55.80 1.01
C THR B 73 32.44 56.56 0.56
N HIS B 74 31.50 55.89 -0.10
CA HIS B 74 30.37 56.56 -0.73
C HIS B 74 29.15 56.67 0.15
N MET B 75 29.20 56.27 1.41
CA MET B 75 28.00 56.20 2.25
C MET B 75 27.81 57.46 3.07
N MET B 76 26.55 57.83 3.29
CA MET B 76 26.18 58.94 4.18
C MET B 76 25.12 58.47 5.18
N GLY B 77 25.51 58.37 6.43
CA GLY B 77 24.57 58.17 7.52
C GLY B 77 24.06 56.74 7.60
N THR B 78 23.68 56.34 8.82
CA THR B 78 23.10 55.03 9.08
C THR B 78 21.94 55.18 10.04
N VAL B 79 20.72 54.88 9.58
CA VAL B 79 19.60 54.79 10.50
C VAL B 79 19.76 53.49 11.27
N LYS B 80 19.21 53.40 12.47
CA LYS B 80 19.29 52.17 13.24
C LYS B 80 17.96 51.44 13.16
N VAL B 81 18.03 50.12 13.18
CA VAL B 81 16.86 49.27 13.26
C VAL B 81 16.73 48.79 14.69
N LEU B 82 15.71 49.28 15.39
CA LEU B 82 15.42 48.83 16.74
C LEU B 82 15.01 47.37 16.72
N PRO B 83 14.99 46.70 17.89
CA PRO B 83 14.36 45.39 17.94
C PRO B 83 12.88 45.43 17.63
N SER B 84 12.23 46.55 17.90
CA SER B 84 10.77 46.61 17.75
C SER B 84 10.34 46.75 16.30
N MET B 85 11.23 47.26 15.44
CA MET B 85 10.79 47.56 14.08
C MET B 85 10.79 46.34 13.18
N LEU B 86 11.69 45.39 13.42
CA LEU B 86 11.72 44.19 12.58
C LEU B 86 10.50 43.34 12.86
N ASP B 87 10.01 42.66 11.82
CA ASP B 87 8.75 41.95 11.95
C ASP B 87 8.73 40.75 11.00
N ALA B 88 7.98 39.72 11.41
CA ALA B 88 7.86 38.48 10.65
C ALA B 88 6.52 38.45 9.92
N VAL B 89 6.54 37.99 8.66
CA VAL B 89 5.39 38.24 7.81
C VAL B 89 4.84 36.99 7.10
N ILE B 90 3.70 37.15 6.43
CA ILE B 90 2.95 36.10 5.71
C ILE B 90 2.24 36.72 4.52
N PRO B 91 2.08 36.02 3.40
CA PRO B 91 1.63 36.69 2.17
C PRO B 91 0.27 37.41 2.25
N ARG B 92 -0.53 37.21 3.30
CA ARG B 92 -1.85 37.82 3.48
C ARG B 92 -2.77 37.56 2.28
N ARG B 93 -3.30 36.36 2.23
CA ARG B 93 -4.44 36.11 1.36
C ARG B 93 -5.70 36.45 2.14
N ASP B 94 -6.68 37.02 1.45
CA ASP B 94 -7.94 37.44 2.04
C ASP B 94 -9.07 37.05 1.12
N TRP B 95 -10.18 36.61 1.71
CA TRP B 95 -11.33 36.28 0.89
C TRP B 95 -12.23 37.48 0.72
N GLY B 96 -12.79 37.59 -0.48
CA GLY B 96 -13.75 38.62 -0.77
C GLY B 96 -13.23 39.77 -1.58
N ASP B 97 -11.93 40.01 -1.61
CA ASP B 97 -11.46 41.10 -2.44
C ASP B 97 -11.59 40.73 -3.91
N THR B 98 -12.15 41.64 -4.68
CA THR B 98 -12.19 41.50 -6.12
C THR B 98 -10.89 41.90 -6.79
N ARG B 99 -10.09 42.77 -6.15
CA ARG B 99 -8.87 43.27 -6.78
C ARG B 99 -7.85 42.15 -7.00
N TYR B 100 -7.71 41.27 -6.05
CA TYR B 100 -6.77 40.18 -6.18
C TYR B 100 -7.44 38.99 -6.87
N PRO B 101 -6.70 38.24 -7.71
CA PRO B 101 -7.34 37.47 -8.79
C PRO B 101 -8.48 36.55 -8.37
N ASP B 102 -8.33 35.78 -7.29
CA ASP B 102 -9.31 34.74 -7.02
C ASP B 102 -10.07 35.07 -5.74
N PRO B 103 -11.36 35.36 -5.82
CA PRO B 103 -12.06 35.95 -4.66
C PRO B 103 -12.13 35.07 -3.43
N TYR B 104 -12.55 33.80 -3.55
CA TYR B 104 -12.63 32.95 -2.37
C TYR B 104 -11.77 31.71 -2.51
N THR B 105 -12.30 30.59 -3.02
CA THR B 105 -11.45 29.43 -3.25
C THR B 105 -10.60 29.15 -2.02
N PHE B 106 -9.31 29.53 -2.09
CA PHE B 106 -8.29 29.31 -1.04
C PHE B 106 -8.15 27.82 -0.73
N ARG B 107 -7.38 27.17 -1.61
CA ARG B 107 -7.20 25.74 -1.58
C ARG B 107 -6.41 25.25 -0.37
N ILE B 108 -6.91 24.19 0.25
CA ILE B 108 -6.26 23.43 1.32
C ILE B 108 -5.63 24.37 2.34
N ASN B 109 -4.32 24.28 2.55
CA ASN B 109 -3.67 25.05 3.61
C ASN B 109 -3.28 26.41 3.04
N ASP B 110 -3.96 27.44 3.51
CA ASP B 110 -3.77 28.82 3.09
C ASP B 110 -4.18 29.70 4.27
N ILE B 111 -3.60 30.90 4.32
CA ILE B 111 -3.90 31.86 5.35
C ILE B 111 -4.85 32.92 4.79
N VAL B 112 -5.90 33.22 5.53
CA VAL B 112 -6.88 34.20 5.11
C VAL B 112 -6.90 35.35 6.12
N VAL B 113 -7.31 36.52 5.67
CA VAL B 113 -7.72 37.59 6.56
C VAL B 113 -9.09 38.06 6.11
N CYS B 114 -9.93 38.47 7.07
CA CYS B 114 -11.17 39.17 6.79
C CYS B 114 -11.38 40.21 7.88
N ASN B 115 -12.57 40.82 7.88
CA ASN B 115 -12.93 41.84 8.86
C ASN B 115 -11.93 42.98 8.84
N SER B 116 -11.20 43.05 7.74
CA SER B 116 -10.21 44.08 7.47
C SER B 116 -10.74 45.14 6.52
N ALA B 117 -11.95 45.00 6.07
CA ALA B 117 -12.31 45.73 4.86
C ALA B 117 -13.81 45.93 4.75
N PRO B 118 -14.29 46.64 3.71
CA PRO B 118 -15.74 46.68 3.50
C PRO B 118 -16.35 45.32 3.24
N TYR B 119 -15.72 44.51 2.39
CA TYR B 119 -16.38 43.32 1.86
C TYR B 119 -16.42 42.19 2.88
N ASN B 120 -15.35 42.02 3.64
CA ASN B 120 -15.23 40.89 4.54
C ASN B 120 -15.62 41.21 5.97
N ALA B 121 -16.01 42.45 6.25
CA ALA B 121 -16.22 42.85 7.63
C ALA B 121 -17.32 42.03 8.30
N THR B 122 -17.00 41.46 9.46
CA THR B 122 -17.99 40.84 10.32
C THR B 122 -17.58 41.03 11.78
N GLU B 123 -18.59 41.00 12.66
CA GLU B 123 -18.44 40.84 14.11
C GLU B 123 -17.33 41.72 14.70
N SER B 124 -17.21 42.95 14.19
CA SER B 124 -16.00 43.70 14.50
C SER B 124 -16.19 44.52 15.77
N GLY B 125 -15.68 43.97 16.87
CA GLY B 125 -15.08 44.74 17.94
C GLY B 125 -13.61 44.41 18.05
N ALA B 126 -13.21 43.32 17.38
CA ALA B 126 -11.86 42.77 17.51
C ALA B 126 -10.95 43.13 16.36
N GLY B 127 -11.45 43.84 15.35
CA GLY B 127 -10.60 44.16 14.21
C GLY B 127 -10.30 42.92 13.40
N TRP B 128 -9.00 42.70 13.11
CA TRP B 128 -8.60 41.54 12.31
C TRP B 128 -8.51 40.37 13.29
N LEU B 129 -9.31 39.34 13.06
CA LEU B 129 -9.34 38.13 13.88
C LEU B 129 -8.68 36.94 13.17
N VAL B 130 -8.31 37.14 11.90
CA VAL B 130 -8.64 36.14 10.89
C VAL B 130 -7.51 35.22 10.44
N TYR B 131 -6.35 35.28 11.08
CA TYR B 131 -5.19 34.57 10.56
C TYR B 131 -5.45 33.05 10.45
N ARG B 132 -6.63 32.60 10.88
CA ARG B 132 -7.04 31.21 10.76
C ARG B 132 -6.86 30.65 9.34
N CYS B 133 -6.48 29.38 9.25
CA CYS B 133 -6.18 28.71 7.99
C CYS B 133 -7.13 27.53 7.77
N LEU B 134 -7.28 27.15 6.51
CA LEU B 134 -8.29 26.16 6.14
C LEU B 134 -7.78 24.74 6.38
N ASP B 135 -8.54 23.99 7.20
CA ASP B 135 -8.19 22.62 7.55
C ASP B 135 -8.48 21.63 6.44
N VAL B 136 -9.66 21.70 5.83
CA VAL B 136 -9.97 20.77 4.73
C VAL B 136 -10.78 21.46 3.65
N PRO B 137 -10.53 21.16 2.38
CA PRO B 137 -11.39 21.67 1.30
C PRO B 137 -12.78 21.07 1.40
N ASP B 138 -13.70 21.63 0.62
CA ASP B 138 -15.11 21.27 0.75
C ASP B 138 -15.44 20.13 -0.20
N THR B 139 -15.70 18.96 0.40
CA THR B 139 -16.34 17.80 -0.24
C THR B 139 -15.72 17.57 -1.61
N GLY B 140 -16.48 17.57 -2.69
CA GLY B 140 -15.96 17.26 -4.00
C GLY B 140 -15.76 18.50 -4.86
N MET B 141 -15.88 18.28 -6.17
CA MET B 141 -15.78 19.29 -7.23
C MET B 141 -14.34 19.68 -7.48
N CYS B 142 -13.37 19.11 -6.75
CA CYS B 142 -11.96 19.44 -6.94
C CYS B 142 -11.48 18.73 -8.20
N SER B 143 -11.04 19.52 -9.17
CA SER B 143 -10.36 18.92 -10.31
C SER B 143 -8.89 19.29 -10.26
N ILE B 144 -8.05 18.32 -9.92
CA ILE B 144 -6.71 18.70 -9.45
C ILE B 144 -5.61 18.27 -10.41
N ALA B 145 -5.11 19.25 -11.16
CA ALA B 145 -3.75 19.29 -11.67
C ALA B 145 -3.34 18.15 -12.60
N SER B 146 -3.96 17.00 -12.43
CA SER B 146 -3.63 15.88 -13.26
C SER B 146 -4.89 15.29 -13.87
N LEU B 147 -4.90 13.99 -14.08
CA LEU B 147 -6.07 13.34 -14.67
C LEU B 147 -6.99 12.94 -13.58
N THR B 148 -6.52 12.08 -12.72
CA THR B 148 -7.30 11.56 -11.62
C THR B 148 -8.13 12.62 -10.96
N ASP B 149 -9.21 12.22 -10.29
CA ASP B 149 -10.07 13.17 -9.58
C ASP B 149 -11.05 12.53 -8.63
N LYS B 150 -11.09 13.04 -7.41
CA LYS B 150 -11.96 12.56 -6.36
C LYS B 150 -11.34 12.89 -5.04
N ASP B 151 -12.07 12.72 -3.95
CA ASP B 151 -11.34 12.94 -2.73
C ASP B 151 -10.50 11.70 -2.53
N GLU B 152 -9.33 11.71 -3.13
CA GLU B 152 -8.30 10.71 -2.99
C GLU B 152 -6.98 11.39 -3.27
N CYS B 153 -6.90 11.92 -4.47
CA CYS B 153 -5.70 12.35 -5.18
C CYS B 153 -4.96 13.51 -4.53
N LEU B 154 -5.49 14.10 -3.45
CA LEU B 154 -4.57 14.95 -2.70
C LEU B 154 -3.39 14.17 -2.17
N LYS B 155 -3.57 12.87 -1.92
CA LYS B 155 -2.53 12.09 -1.28
C LYS B 155 -1.41 11.75 -2.26
N LEU B 156 -1.77 11.30 -3.46
CA LEU B 156 -0.72 10.88 -4.37
C LEU B 156 -0.25 12.06 -5.21
N GLY B 157 -0.73 13.25 -4.89
CA GLY B 157 -0.70 14.33 -5.87
C GLY B 157 -0.87 15.74 -5.31
N GLY B 158 -1.25 16.65 -6.18
CA GLY B 158 -1.23 18.06 -5.90
C GLY B 158 -2.43 18.58 -5.13
N LYS B 159 -2.82 19.82 -5.42
CA LYS B 159 -3.75 20.56 -4.58
C LYS B 159 -5.08 20.72 -5.28
N TRP B 160 -6.12 20.93 -4.48
CA TRP B 160 -7.50 20.94 -4.95
C TRP B 160 -7.97 22.37 -5.19
N THR B 161 -8.39 22.65 -6.40
CA THR B 161 -9.23 23.82 -6.61
C THR B 161 -10.68 23.39 -6.44
N PRO B 162 -11.35 23.78 -5.35
CA PRO B 162 -12.64 23.14 -5.05
C PRO B 162 -13.76 23.50 -6.01
N SER B 163 -13.60 24.54 -6.83
CA SER B 163 -14.54 24.96 -7.86
C SER B 163 -15.83 25.52 -7.29
N ALA B 164 -16.12 25.34 -6.00
CA ALA B 164 -17.31 25.89 -5.38
C ALA B 164 -16.92 27.09 -4.53
N ARG B 165 -17.77 28.10 -4.52
CA ARG B 165 -17.54 29.28 -3.71
C ARG B 165 -17.74 28.95 -2.24
N SER B 166 -17.21 29.83 -1.39
CA SER B 166 -17.47 29.78 0.04
C SER B 166 -18.37 30.95 0.41
N MET B 167 -19.18 30.74 1.43
CA MET B 167 -20.01 31.79 1.98
C MET B 167 -20.01 31.70 3.50
N THR B 168 -20.37 32.80 4.13
CA THR B 168 -20.17 33.02 5.56
C THR B 168 -18.77 32.59 5.99
N PRO B 169 -17.70 33.03 5.33
CA PRO B 169 -16.35 32.69 5.78
C PRO B 169 -15.94 33.36 7.09
N PRO B 170 -16.67 34.34 7.63
CA PRO B 170 -16.41 34.69 9.03
C PRO B 170 -16.67 33.53 9.96
N GLU B 171 -16.15 33.67 11.17
CA GLU B 171 -16.19 32.58 12.12
C GLU B 171 -16.10 33.15 13.52
N GLY B 172 -16.51 32.36 14.49
CA GLY B 172 -16.28 32.71 15.88
C GLY B 172 -14.80 32.67 16.20
N ARG B 173 -14.50 33.01 17.46
CA ARG B 173 -13.13 32.79 17.94
C ARG B 173 -12.72 31.36 17.72
N GLY B 174 -13.60 30.42 17.96
CA GLY B 174 -13.41 29.06 17.49
C GLY B 174 -14.13 28.07 18.38
N ASP B 175 -14.14 26.84 17.91
CA ASP B 175 -14.65 25.74 18.72
C ASP B 175 -13.65 25.39 19.81
N ALA B 176 -14.14 24.74 20.86
CA ALA B 176 -13.27 24.23 21.90
C ALA B 176 -12.28 23.24 21.30
N GLU B 177 -11.01 23.35 21.69
CA GLU B 177 -9.94 22.56 21.10
C GLU B 177 -9.91 22.78 19.59
N GLY B 178 -10.22 21.73 18.83
CA GLY B 178 -10.36 21.89 17.40
C GLY B 178 -11.39 22.96 17.07
N THR B 179 -11.32 23.47 15.85
CA THR B 179 -12.00 24.71 15.53
C THR B 179 -13.21 24.50 14.63
N ILE B 180 -13.79 25.62 14.22
CA ILE B 180 -15.13 25.67 13.63
C ILE B 180 -15.14 25.15 12.18
N GLU B 181 -16.33 24.80 11.72
CA GLU B 181 -16.57 24.44 10.32
C GLU B 181 -17.95 24.96 9.92
N PRO B 182 -18.11 26.26 9.69
CA PRO B 182 -19.45 26.82 9.54
C PRO B 182 -20.24 26.34 8.33
N GLY B 183 -19.64 26.36 7.16
CA GLY B 183 -20.40 26.14 5.95
C GLY B 183 -20.29 24.71 5.46
N ASP B 184 -20.37 24.57 4.13
CA ASP B 184 -20.10 23.29 3.51
C ASP B 184 -18.59 23.09 3.37
N GLY B 185 -18.06 22.06 4.01
CA GLY B 185 -16.63 21.87 4.00
C GLY B 185 -15.93 23.09 4.54
N TYR B 186 -14.79 23.43 3.92
CA TYR B 186 -14.01 24.61 4.28
C TYR B 186 -13.88 24.75 5.79
N VAL B 187 -13.54 23.65 6.46
CA VAL B 187 -13.25 23.71 7.88
C VAL B 187 -12.18 24.76 8.11
N TRP B 188 -12.30 25.52 9.20
CA TRP B 188 -11.38 26.59 9.51
C TRP B 188 -10.71 26.36 10.85
N GLU B 189 -9.41 26.58 10.88
CA GLU B 189 -8.59 26.41 12.08
C GLU B 189 -8.10 27.78 12.53
N TYR B 190 -8.55 28.21 13.69
CA TYR B 190 -8.35 29.57 14.14
C TYR B 190 -6.91 29.81 14.57
N LEU B 191 -6.27 30.81 13.97
CA LEU B 191 -4.87 31.12 14.28
C LEU B 191 -4.76 32.56 14.79
N PHE B 192 -4.54 32.66 16.08
CA PHE B 192 -4.38 33.85 16.91
C PHE B 192 -5.36 34.99 16.61
N GLU B 193 -4.93 36.22 16.88
CA GLU B 193 -5.87 37.30 17.19
C GLU B 193 -5.64 38.61 16.44
N ILE B 194 -4.42 39.16 16.47
CA ILE B 194 -4.02 40.39 15.77
C ILE B 194 -4.91 41.59 16.07
N PRO B 195 -4.68 42.25 17.21
CA PRO B 195 -5.44 43.45 17.59
C PRO B 195 -5.32 44.55 16.55
N PRO B 196 -6.23 45.54 16.58
CA PRO B 196 -6.25 46.54 15.49
C PRO B 196 -5.07 47.49 15.50
N ASP B 197 -4.57 47.86 16.69
CA ASP B 197 -3.51 48.85 16.76
C ASP B 197 -2.28 48.41 15.97
N VAL B 198 -1.83 47.18 16.19
CA VAL B 198 -0.66 46.67 15.48
C VAL B 198 -0.95 46.54 14.00
N SER B 199 -2.22 46.29 13.66
CA SER B 199 -2.57 46.16 12.25
C SER B 199 -2.21 47.42 11.48
N ILE B 200 -2.94 48.49 11.70
CA ILE B 200 -2.81 49.70 10.87
C ILE B 200 -1.36 50.19 10.88
N ASN B 201 -0.59 49.80 11.88
CA ASN B 201 0.78 50.26 11.98
C ASN B 201 1.74 49.33 11.24
N ARG B 202 1.85 48.09 11.70
CA ARG B 202 2.92 47.19 11.26
C ARG B 202 2.49 46.20 10.18
N CYS B 203 1.27 46.27 9.67
CA CYS B 203 0.93 45.49 8.50
C CYS B 203 1.22 46.33 7.26
N THR B 204 0.76 45.86 6.11
CA THR B 204 0.90 46.63 4.88
C THR B 204 -0.08 46.07 3.86
N ASN B 205 -0.13 46.71 2.69
CA ASN B 205 -0.88 46.16 1.56
C ASN B 205 -0.48 44.73 1.28
N GLU B 206 0.79 44.41 1.42
CA GLU B 206 1.25 43.04 1.35
C GLU B 206 1.74 42.61 2.73
N TYR B 207 1.67 41.33 2.98
CA TYR B 207 2.02 40.67 4.24
C TYR B 207 1.22 41.07 5.47
N ILE B 208 1.83 40.98 6.65
CA ILE B 208 1.11 40.97 7.92
C ILE B 208 2.10 40.55 8.99
N VAL B 209 1.77 40.84 10.24
CA VAL B 209 2.71 40.57 11.32
C VAL B 209 2.20 39.39 12.15
N VAL B 210 3.13 38.63 12.70
CA VAL B 210 2.83 37.62 13.70
C VAL B 210 3.67 37.95 14.93
N PRO B 211 3.12 37.82 16.13
CA PRO B 211 3.91 38.07 17.33
C PRO B 211 5.01 37.04 17.47
N TRP B 212 6.03 37.44 18.14
CA TRP B 212 7.05 36.48 18.52
C TRP B 212 6.69 35.85 19.86
N PRO B 213 7.16 34.65 20.15
CA PRO B 213 7.12 34.19 21.54
C PRO B 213 7.94 35.12 22.40
N GLU B 214 7.70 35.04 23.71
CA GLU B 214 8.18 35.96 24.74
C GLU B 214 7.27 37.19 24.82
N GLU B 215 6.42 37.38 23.81
CA GLU B 215 5.30 38.31 23.91
C GLU B 215 4.04 37.58 24.36
N LEU B 216 3.59 36.60 23.58
CA LEU B 216 2.34 35.92 23.88
C LEU B 216 2.46 35.15 25.19
N LYS B 217 3.53 34.38 25.34
CA LYS B 217 3.81 33.74 26.62
C LYS B 217 3.79 34.75 27.75
N GLU B 218 4.22 35.99 27.45
CA GLU B 218 4.15 37.04 28.45
C GLU B 218 2.72 37.51 28.66
N ASP B 219 2.01 37.80 27.58
CA ASP B 219 0.67 38.38 27.65
C ASP B 219 -0.33 37.70 26.73
N PRO B 220 -1.09 36.73 27.20
CA PRO B 220 -2.34 36.38 26.52
C PRO B 220 -3.33 37.52 26.60
N THR B 221 -4.40 37.40 25.81
CA THR B 221 -5.62 38.21 25.88
C THR B 221 -5.48 39.59 25.24
N ARG B 222 -4.25 40.06 25.01
CA ARG B 222 -4.08 41.16 24.06
C ARG B 222 -4.07 40.60 22.65
N TRP B 223 -3.10 39.75 22.37
CA TRP B 223 -3.18 38.87 21.22
C TRP B 223 -4.07 37.66 21.50
N GLY B 224 -4.78 37.67 22.63
CA GLY B 224 -6.06 36.96 22.74
C GLY B 224 -6.14 35.47 22.99
N TYR B 225 -5.24 34.90 23.77
CA TYR B 225 -5.23 33.47 24.01
C TYR B 225 -6.05 33.11 25.24
N GLU B 226 -5.83 31.88 25.70
CA GLU B 226 -6.51 31.21 26.82
C GLU B 226 -7.78 30.55 26.30
N ASP B 227 -8.12 30.84 25.05
CA ASP B 227 -9.09 30.00 24.36
C ASP B 227 -8.47 28.69 23.92
N ASN B 228 -7.14 28.66 23.77
CA ASN B 228 -6.45 27.55 23.14
C ASN B 228 -5.94 26.59 24.20
N LEU B 229 -6.52 25.39 24.23
CA LEU B 229 -6.01 24.33 25.09
C LEU B 229 -4.73 23.73 24.53
N THR B 230 -4.54 23.84 23.22
CA THR B 230 -3.32 23.33 22.61
C THR B 230 -2.13 24.23 22.91
N TRP B 231 -2.40 25.39 23.51
CA TRP B 231 -1.31 26.25 23.96
C TRP B 231 -0.46 25.54 25.01
N GLN B 232 -1.09 25.11 26.11
CA GLN B 232 -0.35 24.44 27.17
C GLN B 232 0.33 23.17 26.68
N GLN B 233 -0.08 22.66 25.51
CA GLN B 233 0.62 21.54 24.89
C GLN B 233 2.09 21.87 24.68
N ASP B 234 2.38 22.92 23.91
CA ASP B 234 3.77 23.30 23.67
C ASP B 234 4.08 24.75 24.02
N ASP B 235 3.93 25.08 25.30
CA ASP B 235 4.21 26.43 25.76
C ASP B 235 3.46 27.39 24.86
N PHE B 236 3.61 28.67 25.11
CA PHE B 236 2.97 29.65 24.28
C PHE B 236 3.82 29.63 23.03
N GLY B 237 3.98 30.79 22.40
CA GLY B 237 4.78 30.85 21.22
C GLY B 237 4.03 30.11 20.16
N LEU B 238 4.23 30.52 18.92
CA LEU B 238 3.53 29.89 17.85
C LEU B 238 4.03 30.32 16.52
N ILE B 239 5.08 31.14 16.49
CA ILE B 239 5.60 31.61 15.22
C ILE B 239 5.82 30.42 14.31
N TYR B 240 6.06 29.28 14.94
CA TYR B 240 6.24 28.02 14.22
C TYR B 240 4.93 27.56 13.58
N ARG B 241 3.85 27.46 14.36
CA ARG B 241 2.61 26.92 13.83
C ARG B 241 2.13 27.71 12.62
N VAL B 242 2.37 29.02 12.61
CA VAL B 242 2.07 29.80 11.43
C VAL B 242 3.03 29.47 10.30
N LYS B 243 4.18 28.87 10.62
CA LYS B 243 5.22 28.58 9.63
C LYS B 243 5.71 29.89 9.00
N ALA B 244 6.12 30.80 9.89
CA ALA B 244 6.44 32.17 9.48
C ALA B 244 7.60 32.20 8.50
N ASN B 245 8.75 31.69 8.93
CA ASN B 245 9.89 31.36 8.08
C ASN B 245 10.39 32.54 7.25
N THR B 246 10.04 33.76 7.62
CA THR B 246 10.55 34.92 6.89
C THR B 246 10.57 36.11 7.83
N ILE B 247 11.54 36.98 7.61
CA ILE B 247 11.74 38.13 8.47
C ILE B 247 12.06 39.34 7.61
N ARG B 248 11.41 40.45 7.91
CA ARG B 248 11.77 41.71 7.29
C ARG B 248 11.95 42.73 8.39
N PHE B 249 12.88 43.66 8.17
CA PHE B 249 12.95 44.84 9.01
C PHE B 249 12.96 46.07 8.13
N LYS B 250 12.52 47.18 8.72
CA LYS B 250 12.33 48.43 8.01
C LYS B 250 13.00 49.54 8.80
N ALA B 251 13.16 50.68 8.17
CA ALA B 251 13.84 51.80 8.78
C ALA B 251 13.27 53.10 8.23
N TYR B 252 13.16 54.09 9.11
CA TYR B 252 12.67 55.41 8.73
C TYR B 252 13.86 56.30 8.48
N LEU B 253 14.02 56.75 7.24
CA LEU B 253 15.04 57.72 6.91
C LEU B 253 14.38 59.09 6.82
N ASP B 254 14.64 59.93 7.79
CA ASP B 254 14.08 61.27 7.83
C ASP B 254 15.17 62.29 7.51
N SER B 255 14.93 63.10 6.48
CA SER B 255 15.95 64.06 6.06
C SER B 255 16.31 65.02 7.17
N VAL B 256 15.53 65.05 8.26
CA VAL B 256 15.88 65.90 9.39
C VAL B 256 17.13 65.38 10.08
N TYR B 257 17.24 64.05 10.22
CA TYR B 257 18.40 63.52 10.90
C TYR B 257 19.66 63.71 10.11
N PHE B 258 19.55 63.85 8.79
CA PHE B 258 20.67 64.09 7.90
C PHE B 258 20.41 65.41 7.17
N PRO B 259 20.48 66.53 7.89
CA PRO B 259 20.22 67.82 7.23
C PRO B 259 21.25 68.14 6.17
N GLU B 260 22.52 67.89 6.45
CA GLU B 260 23.49 67.83 5.36
C GLU B 260 23.08 66.71 4.44
N ALA B 261 23.43 66.81 3.16
CA ALA B 261 23.07 65.75 2.24
C ALA B 261 21.74 66.08 1.63
N ALA B 262 20.83 66.47 2.49
CA ALA B 262 19.51 66.84 2.04
C ALA B 262 19.50 68.32 1.69
N LEU B 263 19.92 68.67 0.48
CA LEU B 263 19.94 70.05 0.06
C LEU B 263 19.16 70.09 -1.20
N PRO B 264 19.07 71.23 -1.87
CA PRO B 264 18.26 71.16 -3.09
C PRO B 264 18.49 69.94 -3.96
N GLY B 265 19.74 69.57 -4.24
CA GLY B 265 19.99 68.66 -5.36
C GLY B 265 20.48 67.25 -5.11
N ASN B 266 20.38 66.74 -3.88
CA ASN B 266 20.97 65.45 -3.56
C ASN B 266 20.34 64.33 -4.36
N LYS B 267 21.19 63.55 -5.02
CA LYS B 267 20.71 62.49 -5.88
C LYS B 267 20.74 61.08 -5.29
N GLY B 268 21.17 60.91 -4.05
CA GLY B 268 21.14 59.61 -3.37
C GLY B 268 21.37 58.28 -4.07
N PHE B 269 22.09 58.36 -5.18
CA PHE B 269 22.51 57.24 -6.03
C PHE B 269 22.77 55.95 -5.26
N ARG B 270 22.10 54.92 -5.73
CA ARG B 270 22.22 53.58 -5.26
C ARG B 270 22.79 53.47 -3.88
N GLN B 271 23.29 52.27 -3.64
CA GLN B 271 23.93 51.87 -2.41
C GLN B 271 23.06 52.19 -1.26
N ILE B 272 22.64 51.14 -0.57
CA ILE B 272 21.81 51.20 0.60
C ILE B 272 22.17 49.88 1.16
N SER B 273 22.93 49.82 2.24
CA SER B 273 23.33 48.54 2.79
C SER B 273 22.57 48.15 4.03
N ILE B 274 23.26 47.46 4.94
CA ILE B 274 22.75 47.00 6.20
C ILE B 274 24.08 46.78 6.84
N ILE B 275 24.16 46.43 8.11
CA ILE B 275 25.46 46.15 8.69
C ILE B 275 25.16 45.65 10.05
N THR B 276 26.20 45.36 10.79
CA THR B 276 26.04 44.89 12.17
C THR B 276 27.06 45.57 13.07
N ASN B 277 26.72 45.69 14.36
CA ASN B 277 27.63 46.04 15.43
C ASN B 277 28.79 46.98 15.07
N PRO B 278 28.49 48.24 14.75
CA PRO B 278 29.57 49.20 14.50
C PRO B 278 30.21 49.76 15.75
N LEU B 279 31.10 50.74 15.60
CA LEU B 279 31.81 51.33 16.73
C LEU B 279 31.97 52.84 16.54
N GLU B 280 32.24 53.52 17.66
CA GLU B 280 32.38 54.97 17.71
C GLU B 280 33.73 55.43 17.18
N ALA B 281 33.81 56.74 16.88
CA ALA B 281 35.02 57.33 16.33
C ALA B 281 36.28 56.95 17.11
N LYS B 282 36.15 56.75 18.42
CA LYS B 282 37.23 56.46 19.36
C LYS B 282 38.04 57.67 19.77
N ALA B 283 37.79 58.85 19.20
CA ALA B 283 38.60 60.05 19.46
C ALA B 283 40.00 59.72 18.94
N HIS B 284 41.04 59.81 19.76
CA HIS B 284 42.35 59.37 19.31
C HIS B 284 42.44 57.85 19.39
N PRO B 285 43.13 57.23 18.42
CA PRO B 285 42.94 55.80 18.18
C PRO B 285 43.16 54.93 19.40
N ASN B 286 44.24 55.14 20.14
CA ASN B 286 44.40 54.39 21.37
C ASN B 286 43.29 54.75 22.35
N ASP B 287 42.56 53.73 22.79
CA ASP B 287 41.49 53.89 23.77
C ASP B 287 40.78 52.57 23.96
N PRO B 288 39.80 52.46 24.87
CA PRO B 288 38.87 51.34 24.79
C PRO B 288 37.88 51.58 23.67
N ASN B 289 36.98 50.64 23.42
CA ASN B 289 35.98 50.79 22.36
C ASN B 289 34.60 50.42 22.88
N VAL B 290 33.59 50.99 22.24
CA VAL B 290 32.21 50.92 22.74
C VAL B 290 31.33 50.40 21.61
N LYS B 291 30.28 49.67 21.98
CA LYS B 291 29.26 49.31 21.01
C LYS B 291 28.39 50.52 20.71
N ALA B 292 27.97 50.64 19.46
CA ALA B 292 27.34 51.88 19.01
C ALA B 292 25.82 51.82 19.16
N GLU B 293 25.29 52.57 20.13
CA GLU B 293 23.87 52.52 20.45
C GLU B 293 23.02 53.72 20.00
N LYS B 294 23.61 54.76 19.39
CA LYS B 294 22.87 56.00 19.16
C LYS B 294 22.42 56.07 17.70
N ASP B 295 21.17 56.48 17.49
CA ASP B 295 20.58 56.40 16.16
C ASP B 295 21.25 57.37 15.19
N TYR B 296 21.07 57.08 13.90
CA TYR B 296 21.49 57.95 12.79
C TYR B 296 22.90 58.50 12.97
N TYR B 297 23.84 57.61 13.27
CA TYR B 297 25.24 58.00 13.19
C TYR B 297 25.58 58.52 11.81
N ASP B 298 26.39 59.57 11.79
CA ASP B 298 26.97 60.08 10.55
C ASP B 298 27.99 59.08 10.04
N PRO B 299 28.36 59.15 8.75
CA PRO B 299 29.37 58.21 8.26
C PRO B 299 30.68 58.34 9.03
N GLU B 300 31.17 59.56 9.22
CA GLU B 300 32.26 59.76 10.14
C GLU B 300 31.77 59.54 11.57
N ASP B 301 32.71 59.09 12.41
CA ASP B 301 32.59 58.59 13.79
C ASP B 301 32.38 57.09 13.84
N LEU B 302 32.26 56.42 12.70
CA LEU B 302 31.99 55.00 12.68
C LEU B 302 33.21 54.10 12.60
N MET B 303 34.43 54.63 12.65
CA MET B 303 35.59 53.76 12.47
C MET B 303 35.53 53.03 11.14
N ARG B 304 35.92 53.68 10.04
CA ARG B 304 35.57 53.17 8.72
C ARG B 304 35.77 51.67 8.66
N HIS B 305 34.74 50.97 8.19
CA HIS B 305 34.70 49.53 8.10
C HIS B 305 34.62 48.87 9.47
N SER B 306 34.01 49.51 10.46
CA SER B 306 33.70 48.79 11.68
C SER B 306 32.49 47.90 11.46
N GLY B 307 32.44 46.80 12.19
CA GLY B 307 31.39 45.82 12.01
C GLY B 307 31.53 45.15 10.65
N GLU B 308 30.63 44.21 10.38
CA GLU B 308 30.65 43.48 9.12
C GLU B 308 29.38 43.73 8.34
N MET B 309 29.54 43.91 7.04
CA MET B 309 28.43 44.25 6.17
C MET B 309 27.62 43.01 5.83
N ILE B 310 26.35 43.02 6.20
CA ILE B 310 25.51 41.83 6.12
C ILE B 310 24.62 41.82 4.89
N TYR B 311 24.57 42.90 4.13
CA TYR B 311 23.64 42.99 3.01
C TYR B 311 24.14 44.06 2.04
N MET B 312 23.67 44.02 0.81
CA MET B 312 24.04 45.03 -0.17
C MET B 312 22.88 45.21 -1.14
N GLU B 313 22.77 46.41 -1.70
CA GLU B 313 21.76 46.68 -2.72
C GLU B 313 22.18 47.90 -3.51
N ASN B 314 21.63 48.03 -4.74
CA ASN B 314 21.84 49.22 -5.56
C ASN B 314 20.51 49.66 -6.20
N ARG B 315 19.98 50.82 -5.78
CA ARG B 315 18.81 51.40 -6.42
C ARG B 315 19.16 52.74 -7.06
N PRO B 316 19.07 52.85 -8.38
CA PRO B 316 19.93 53.79 -9.09
C PRO B 316 19.71 55.26 -8.70
N PRO B 317 18.50 55.88 -8.82
CA PRO B 317 18.39 57.24 -8.27
C PRO B 317 18.05 57.39 -6.79
N ILE B 318 16.93 56.79 -6.42
CA ILE B 318 16.00 57.21 -5.37
C ILE B 318 15.77 58.73 -5.50
N ILE B 319 15.47 59.45 -4.41
CA ILE B 319 15.32 60.90 -4.46
C ILE B 319 15.93 61.57 -3.23
N MET B 320 15.29 61.34 -2.08
CA MET B 320 15.75 61.85 -0.78
C MET B 320 15.77 63.38 -0.76
N ALA B 321 14.64 63.99 -1.11
CA ALA B 321 14.48 65.42 -0.90
C ALA B 321 14.11 65.71 0.57
N MET B 322 14.40 66.93 1.00
CA MET B 322 14.10 67.32 2.38
C MET B 322 12.61 67.27 2.66
N ASP B 323 12.26 66.94 3.90
CA ASP B 323 10.91 66.86 4.47
C ASP B 323 10.17 65.60 4.03
N GLN B 324 10.70 64.82 3.08
CA GLN B 324 10.10 63.58 2.66
C GLN B 324 10.83 62.44 3.36
N THR B 325 10.17 61.80 4.30
CA THR B 325 10.78 60.65 4.97
C THR B 325 10.92 59.50 3.98
N GLU B 326 11.80 58.56 4.32
CA GLU B 326 12.05 57.40 3.46
C GLU B 326 11.90 56.13 4.27
N GLU B 327 11.11 55.21 3.75
CA GLU B 327 10.78 53.96 4.39
C GLU B 327 11.34 52.81 3.55
N ILE B 328 12.27 52.06 4.12
CA ILE B 328 12.94 50.98 3.42
C ILE B 328 12.40 49.67 3.98
N ASN B 329 11.87 48.82 3.10
CA ASN B 329 11.45 47.47 3.44
C ASN B 329 12.40 46.48 2.76
N ILE B 330 12.97 45.59 3.55
CA ILE B 330 13.85 44.53 3.05
C ILE B 330 13.41 43.23 3.68
N LEU B 331 13.35 42.15 2.90
CA LEU B 331 12.71 40.92 3.31
C LEU B 331 13.63 39.73 3.15
N PHE B 332 13.92 39.04 4.26
CA PHE B 332 14.76 37.86 4.24
C PHE B 332 13.95 36.64 4.66
N THR B 333 14.40 35.48 4.19
CA THR B 333 13.75 34.22 4.53
C THR B 333 14.45 33.51 5.67
N PHE B 334 15.49 34.13 6.22
CA PHE B 334 16.24 33.53 7.31
C PHE B 334 15.53 33.74 8.64
N ASP C 3 10.61 45.14 -20.38
CA ASP C 3 10.27 45.69 -19.07
C ASP C 3 11.00 47.00 -18.77
N SER C 4 10.26 48.07 -18.57
CA SER C 4 10.82 49.36 -18.18
C SER C 4 10.31 49.69 -16.78
N SER C 5 11.20 49.58 -15.80
CA SER C 5 10.93 49.96 -14.43
C SER C 5 12.27 50.15 -13.73
N VAL C 6 12.24 50.81 -12.57
CA VAL C 6 13.41 50.79 -11.71
C VAL C 6 13.74 49.34 -11.39
N ILE C 7 15.02 49.00 -11.50
CA ILE C 7 15.51 47.66 -11.18
C ILE C 7 16.70 47.80 -10.26
N TYR C 8 16.75 46.97 -9.24
CA TYR C 8 17.80 47.01 -8.24
C TYR C 8 18.38 45.62 -8.09
N ARG C 9 19.69 45.53 -8.03
CA ARG C 9 20.39 44.26 -8.05
C ARG C 9 21.12 44.06 -6.74
N ALA C 10 20.65 43.10 -5.95
CA ALA C 10 21.08 43.00 -4.57
C ALA C 10 21.37 41.57 -4.21
N ILE C 11 22.39 41.38 -3.38
CA ILE C 11 22.82 40.05 -2.98
C ILE C 11 23.22 40.10 -1.51
N VAL C 12 22.72 39.13 -0.74
CA VAL C 12 23.16 38.99 0.64
C VAL C 12 24.61 38.57 0.68
N THR C 13 25.39 39.15 1.58
CA THR C 13 26.80 38.82 1.67
C THR C 13 27.03 37.53 2.42
N SER C 14 28.12 36.84 2.06
CA SER C 14 28.46 35.59 2.75
C SER C 14 28.62 35.81 4.24
N LYS C 15 29.07 36.99 4.65
CA LYS C 15 29.23 37.26 6.07
C LYS C 15 27.92 37.10 6.83
N PHE C 16 26.78 37.25 6.13
CA PHE C 16 25.50 37.02 6.78
C PHE C 16 25.42 35.61 7.34
N ARG C 17 25.93 34.64 6.58
CA ARG C 17 25.83 33.27 7.00
C ARG C 17 26.59 33.03 8.30
N THR C 18 27.86 33.44 8.34
CA THR C 18 28.67 33.15 9.51
C THR C 18 28.07 33.75 10.76
N GLU C 19 27.43 34.92 10.64
CA GLU C 19 26.71 35.44 11.79
C GLU C 19 25.56 34.53 12.17
N LYS C 20 24.76 34.13 11.19
CA LYS C 20 23.68 33.19 11.45
C LYS C 20 24.22 31.95 12.14
N MET C 21 25.36 31.44 11.66
CA MET C 21 26.04 30.37 12.35
C MET C 21 26.37 30.77 13.79
N LEU C 22 26.93 31.96 13.95
CA LEU C 22 27.25 32.42 15.30
C LEU C 22 25.99 32.63 16.12
N ASN C 23 24.84 32.73 15.45
CA ASN C 23 23.60 32.86 16.19
C ASN C 23 23.12 31.52 16.72
N PHE C 24 23.32 30.44 15.95
CA PHE C 24 22.91 29.13 16.45
C PHE C 24 23.73 28.74 17.67
N TYR C 25 25.03 28.87 17.58
CA TYR C 25 25.84 28.91 18.78
C TYR C 25 25.46 30.14 19.57
N ASN C 26 25.67 30.08 20.88
CA ASN C 26 25.18 31.02 21.89
C ASN C 26 23.71 30.81 22.15
N SER C 27 22.99 30.12 21.28
CA SER C 27 21.59 29.84 21.49
C SER C 27 21.39 28.64 22.39
N ILE C 28 22.48 28.03 22.84
CA ILE C 28 22.43 26.86 23.71
C ILE C 28 22.76 27.34 25.12
N GLY C 29 21.81 27.17 26.03
CA GLY C 29 22.00 27.63 27.39
C GLY C 29 20.89 27.10 28.27
N SER C 30 21.06 27.31 29.58
CA SER C 30 20.10 26.76 30.54
C SER C 30 18.83 27.60 30.61
N GLY C 31 18.98 28.92 30.74
CA GLY C 31 17.84 29.78 30.97
C GLY C 31 16.97 29.96 29.74
N PRO C 32 15.78 30.51 29.94
CA PRO C 32 14.86 30.73 28.81
C PRO C 32 15.49 31.68 27.79
N ASP C 33 14.93 31.68 26.59
CA ASP C 33 15.41 32.36 25.39
C ASP C 33 16.68 31.70 24.88
N LYS C 34 17.18 30.67 25.56
CA LYS C 34 18.31 29.86 25.07
C LYS C 34 17.80 28.48 24.75
N ASN C 35 17.80 28.12 23.47
CA ASN C 35 17.27 26.84 23.03
C ASN C 35 18.12 25.70 23.55
N THR C 36 17.51 24.53 23.67
CA THR C 36 18.23 23.32 24.06
C THR C 36 17.92 22.23 23.06
N ILE C 37 18.96 21.67 22.45
CA ILE C 37 18.77 20.70 21.38
C ILE C 37 18.99 19.30 21.93
N PHE C 38 18.18 18.36 21.47
CA PHE C 38 18.39 16.95 21.76
C PHE C 38 18.57 16.16 20.49
N ILE C 39 19.29 15.05 20.61
CA ILE C 39 19.40 14.05 19.55
C ILE C 39 18.57 12.86 19.97
N THR C 40 17.78 12.32 19.05
CA THR C 40 16.88 11.21 19.38
C THR C 40 17.15 10.06 18.44
N PHE C 41 17.06 8.84 18.95
CA PHE C 41 17.27 7.74 18.01
C PHE C 41 16.04 6.87 17.85
N GLY C 42 15.80 5.95 18.77
CA GLY C 42 14.57 5.23 18.57
C GLY C 42 14.42 4.41 17.28
N ARG C 43 13.18 4.02 17.04
CA ARG C 43 12.82 3.08 15.97
C ARG C 43 13.55 1.76 16.15
N SER C 44 13.11 1.00 17.15
CA SER C 44 13.69 -0.31 17.39
C SER C 44 13.17 -1.34 16.39
N GLU C 45 11.86 -1.35 16.16
CA GLU C 45 11.26 -2.36 15.32
C GLU C 45 11.74 -2.20 13.88
N PRO C 46 12.11 -3.28 13.22
CA PRO C 46 12.55 -3.17 11.83
C PRO C 46 11.38 -2.87 10.91
N TRP C 47 11.61 -2.16 9.82
CA TRP C 47 10.60 -2.00 8.79
C TRP C 47 10.84 -2.99 7.66
N SER C 48 9.75 -3.46 7.08
CA SER C 48 9.68 -4.44 6.00
C SER C 48 10.50 -5.68 6.29
N SER C 49 10.88 -6.42 5.25
CA SER C 49 11.97 -7.37 5.32
C SER C 49 13.16 -7.03 4.44
N ASN C 50 13.03 -6.02 3.57
CA ASN C 50 14.11 -5.69 2.65
C ASN C 50 15.16 -4.84 3.34
N GLU C 51 14.88 -4.42 4.56
CA GLU C 51 15.90 -3.78 5.35
C GLU C 51 16.89 -4.83 5.79
N ASN C 52 18.17 -4.45 5.84
CA ASN C 52 19.36 -5.30 5.94
C ASN C 52 19.88 -5.73 4.58
N GLU C 53 19.15 -5.45 3.50
CA GLU C 53 19.66 -5.72 2.17
C GLU C 53 20.41 -4.51 1.65
N VAL C 54 20.76 -4.57 0.36
CA VAL C 54 21.51 -3.47 -0.24
C VAL C 54 20.55 -2.50 -0.90
N GLY C 55 20.82 -1.21 -0.72
CA GLY C 55 19.96 -0.19 -1.31
C GLY C 55 18.62 -0.10 -0.61
N PHE C 56 17.57 -0.31 -1.42
CA PHE C 56 16.18 -0.54 -1.06
C PHE C 56 15.48 0.65 -0.42
N ALA C 57 16.25 1.58 0.13
CA ALA C 57 15.77 2.84 0.68
C ALA C 57 14.88 2.61 1.89
N PRO C 58 14.83 3.56 2.80
CA PRO C 58 13.94 3.44 3.93
C PRO C 58 12.62 4.08 3.60
N PRO C 59 11.63 4.00 4.49
CA PRO C 59 10.47 4.86 4.32
C PRO C 59 10.91 6.31 4.43
N TYR C 60 10.56 7.09 3.43
CA TYR C 60 10.95 8.48 3.43
C TYR C 60 10.18 9.23 4.51
N PRO C 61 10.86 9.91 5.39
CA PRO C 61 10.18 10.50 6.55
C PRO C 61 9.41 11.74 6.15
N THR C 62 8.28 11.94 6.79
CA THR C 62 7.45 13.10 6.52
C THR C 62 7.35 13.96 7.77
N ASP C 63 7.07 15.23 7.58
CA ASP C 63 7.06 16.21 8.65
C ASP C 63 5.68 16.41 9.27
N SER C 64 4.69 15.63 8.87
CA SER C 64 3.34 15.84 9.36
C SER C 64 3.21 15.42 10.83
N VAL C 65 1.99 15.57 11.34
CA VAL C 65 1.73 15.24 12.73
C VAL C 65 1.74 13.74 12.95
N LEU C 66 1.29 12.98 11.95
CA LEU C 66 1.34 11.53 12.06
C LEU C 66 2.77 11.04 12.11
N GLY C 67 3.66 11.69 11.36
CA GLY C 67 5.05 11.26 11.34
C GLY C 67 5.77 11.57 12.63
N VAL C 68 5.28 12.56 13.37
CA VAL C 68 5.89 12.86 14.66
C VAL C 68 5.38 11.91 15.73
N THR C 69 4.09 11.59 15.69
CA THR C 69 3.48 10.85 16.79
C THR C 69 4.13 9.49 16.99
N ASP C 70 4.21 8.70 15.92
CA ASP C 70 4.84 7.39 16.03
C ASP C 70 6.29 7.51 16.50
N MET C 71 7.00 8.54 16.04
CA MET C 71 8.40 8.68 16.43
C MET C 71 8.55 8.65 17.93
N TRP C 72 7.76 9.46 18.63
CA TRP C 72 7.83 9.50 20.08
C TRP C 72 7.46 8.16 20.70
N THR C 73 6.76 7.30 19.96
CA THR C 73 6.43 5.99 20.50
C THR C 73 7.61 5.04 20.41
N HIS C 74 8.47 5.25 19.42
CA HIS C 74 9.60 4.35 19.18
C HIS C 74 10.91 4.84 19.77
N MET C 75 10.95 6.03 20.35
CA MET C 75 12.24 6.58 20.76
C MET C 75 12.89 5.71 21.82
N MET C 76 14.09 5.22 21.52
CA MET C 76 14.87 4.36 22.38
C MET C 76 15.67 5.16 23.39
N GLY C 77 16.26 6.27 22.96
CA GLY C 77 17.06 7.09 23.84
C GLY C 77 17.43 8.41 23.20
N THR C 78 17.97 9.29 24.03
CA THR C 78 18.30 10.66 23.64
C THR C 78 19.56 11.10 24.37
N VAL C 79 20.19 12.15 23.85
CA VAL C 79 21.31 12.79 24.51
C VAL C 79 21.17 14.29 24.37
N LYS C 80 21.56 15.01 25.41
CA LYS C 80 21.54 16.47 25.36
C LYS C 80 22.85 17.00 24.82
N VAL C 81 22.76 17.92 23.86
CA VAL C 81 23.95 18.51 23.25
C VAL C 81 24.38 19.67 24.14
N LEU C 82 25.57 19.56 24.69
CA LEU C 82 26.14 20.66 25.43
C LEU C 82 26.87 21.57 24.45
N PRO C 83 27.06 22.85 24.80
CA PRO C 83 27.73 23.73 23.85
C PRO C 83 29.18 23.38 23.64
N SER C 84 29.81 22.72 24.61
CA SER C 84 31.23 22.42 24.49
C SER C 84 31.51 21.48 23.33
N MET C 85 30.61 20.54 23.04
CA MET C 85 30.87 19.52 22.04
C MET C 85 30.46 19.97 20.65
N LEU C 86 30.08 21.22 20.49
CA LEU C 86 29.82 21.81 19.19
C LEU C 86 31.01 22.69 18.80
N ASP C 87 31.34 22.73 17.51
CA ASP C 87 32.55 23.40 17.05
C ASP C 87 32.41 23.95 15.64
N ALA C 88 33.10 25.07 15.38
CA ALA C 88 33.15 25.63 14.05
C ALA C 88 34.11 24.83 13.18
N VAL C 89 33.84 24.81 11.88
CA VAL C 89 34.68 24.04 10.97
C VAL C 89 34.72 24.72 9.61
N ILE C 90 35.78 24.46 8.85
CA ILE C 90 36.00 25.03 7.52
C ILE C 90 36.67 23.97 6.66
N PRO C 91 36.55 24.08 5.34
CA PRO C 91 37.20 23.08 4.48
C PRO C 91 38.71 23.20 4.59
N ARG C 92 39.38 22.07 4.78
CA ARG C 92 40.84 22.07 4.93
C ARG C 92 41.51 21.60 3.66
N ARG C 93 42.48 22.36 3.21
CA ARG C 93 43.31 21.99 2.08
C ARG C 93 44.73 21.91 2.61
N ASP C 94 45.25 20.70 2.74
CA ASP C 94 46.60 20.58 3.28
C ASP C 94 47.60 20.89 2.19
N TRP C 95 48.57 21.74 2.51
CA TRP C 95 49.47 22.19 1.47
C TRP C 95 50.29 21.03 0.96
N GLY C 96 50.34 20.88 -0.36
CA GLY C 96 51.24 19.91 -0.94
C GLY C 96 50.89 18.47 -0.61
N ASP C 97 49.64 18.21 -0.30
CA ASP C 97 49.16 16.85 -0.13
C ASP C 97 48.70 16.31 -1.46
N THR C 98 49.11 15.10 -1.79
CA THR C 98 48.77 14.55 -3.10
C THR C 98 47.44 13.85 -3.14
N ARG C 99 46.77 13.68 -2.00
CA ARG C 99 45.51 12.96 -1.95
C ARG C 99 44.33 13.87 -2.18
N TYR C 100 44.56 15.12 -2.53
CA TYR C 100 43.46 16.04 -2.77
C TYR C 100 43.84 16.94 -3.94
N PRO C 101 42.87 17.39 -4.71
CA PRO C 101 43.18 18.01 -5.99
C PRO C 101 44.07 19.23 -5.82
N ASP C 102 44.76 19.59 -6.89
CA ASP C 102 45.62 20.76 -6.94
C ASP C 102 46.48 20.85 -5.68
N PRO C 103 47.44 19.94 -5.51
CA PRO C 103 48.30 20.03 -4.33
C PRO C 103 49.23 21.22 -4.38
N TYR C 104 49.81 21.50 -5.53
CA TYR C 104 50.81 22.56 -5.64
C TYR C 104 50.28 23.86 -6.23
N THR C 105 49.00 23.93 -6.57
CA THR C 105 48.45 25.13 -7.20
C THR C 105 47.29 25.64 -6.36
N PHE C 106 47.04 26.94 -6.46
CA PHE C 106 46.04 27.54 -5.58
C PHE C 106 45.35 28.71 -6.26
N ARG C 107 44.05 28.84 -6.02
CA ARG C 107 43.29 29.95 -6.59
C ARG C 107 43.67 31.23 -5.87
N ILE C 108 43.01 32.33 -6.25
CA ILE C 108 43.43 33.64 -5.74
C ILE C 108 43.39 33.67 -4.23
N ASN C 109 42.24 33.44 -3.64
CA ASN C 109 42.17 33.35 -2.18
C ASN C 109 41.59 32.01 -1.76
N ASP C 110 42.44 31.13 -1.22
CA ASP C 110 42.06 29.84 -0.67
C ASP C 110 42.84 29.59 0.60
N ILE C 111 42.14 29.44 1.73
CA ILE C 111 42.83 29.10 2.96
C ILE C 111 43.41 27.71 2.86
N VAL C 112 44.67 27.58 3.26
CA VAL C 112 45.38 26.31 3.15
C VAL C 112 46.18 26.11 4.42
N VAL C 113 45.96 24.99 5.08
CA VAL C 113 46.73 24.69 6.27
C VAL C 113 48.06 24.12 5.81
N CYS C 114 49.15 24.46 6.50
CA CYS C 114 50.39 23.73 6.30
C CYS C 114 50.90 23.35 7.68
N ASN C 115 52.09 22.75 7.68
CA ASN C 115 52.88 22.37 8.84
C ASN C 115 52.52 21.03 9.46
N SER C 116 51.52 20.34 8.97
CA SER C 116 51.10 19.07 9.51
C SER C 116 51.46 17.99 8.51
N ALA C 117 52.07 16.91 9.00
CA ALA C 117 52.67 15.85 8.20
C ALA C 117 53.98 16.33 7.59
N PRO C 118 54.93 15.41 7.39
CA PRO C 118 56.30 15.80 7.01
C PRO C 118 56.43 16.53 5.69
N TYR C 119 55.63 16.19 4.67
CA TYR C 119 55.90 16.73 3.35
C TYR C 119 55.75 18.24 3.30
N ASN C 120 55.18 18.84 4.33
CA ASN C 120 55.30 20.28 4.55
C ASN C 120 55.93 20.50 5.91
N ALA C 121 56.93 21.36 5.98
CA ALA C 121 57.72 21.50 7.19
C ALA C 121 57.52 22.85 7.87
N THR C 122 57.94 23.94 7.21
CA THR C 122 57.89 25.32 7.71
C THR C 122 58.36 25.32 9.17
N GLU C 123 57.66 25.98 10.08
CA GLU C 123 58.10 26.07 11.46
C GLU C 123 57.98 24.71 12.14
N SER C 124 58.64 24.58 13.28
CA SER C 124 58.50 23.44 14.15
C SER C 124 57.78 23.88 15.41
N GLY C 125 57.71 23.03 16.42
CA GLY C 125 56.84 23.33 17.54
C GLY C 125 55.39 23.26 17.14
N ALA C 126 55.08 22.45 16.12
CA ALA C 126 53.73 22.20 15.63
C ALA C 126 53.01 23.50 15.27
N GLY C 127 51.73 23.53 15.55
CA GLY C 127 50.90 24.69 15.32
C GLY C 127 49.96 24.62 14.13
N TRP C 128 50.24 23.80 13.13
CA TRP C 128 49.29 23.64 12.03
C TRP C 128 48.92 25.00 11.43
N LEU C 129 49.93 25.65 10.86
CA LEU C 129 49.76 27.03 10.41
C LEU C 129 48.80 27.09 9.24
N VAL C 130 48.15 28.25 9.06
CA VAL C 130 47.12 28.43 8.05
C VAL C 130 47.34 29.76 7.33
N TYR C 131 47.05 29.81 6.05
CA TYR C 131 47.43 30.93 5.21
C TYR C 131 46.36 31.16 4.14
N ARG C 132 46.07 32.43 3.85
CA ARG C 132 45.00 32.75 2.92
C ARG C 132 45.44 32.80 1.45
N CYS C 133 46.71 33.01 1.16
CA CYS C 133 47.10 33.11 -0.25
C CYS C 133 46.48 34.32 -0.95
N LEU C 134 47.16 35.47 -0.97
CA LEU C 134 46.60 36.65 -1.60
C LEU C 134 46.85 36.83 -3.09
N ASP C 135 47.72 36.06 -3.72
CA ASP C 135 48.02 36.29 -5.13
C ASP C 135 48.58 35.00 -5.71
N VAL C 136 48.87 35.01 -7.01
CA VAL C 136 49.37 33.84 -7.71
C VAL C 136 50.32 34.28 -8.81
N PRO C 137 51.21 33.38 -9.23
CA PRO C 137 52.03 33.68 -10.40
C PRO C 137 51.11 33.84 -11.57
N ASP C 138 51.54 34.63 -12.55
CA ASP C 138 50.68 34.84 -13.70
C ASP C 138 51.23 34.05 -14.87
N THR C 139 50.60 32.91 -15.13
CA THR C 139 50.74 32.24 -16.41
C THR C 139 49.60 31.23 -16.50
N GLY C 140 49.24 30.87 -17.72
CA GLY C 140 48.25 29.84 -17.96
C GLY C 140 46.85 30.40 -18.14
N MET C 141 46.08 29.79 -19.03
CA MET C 141 44.77 30.31 -19.37
C MET C 141 43.77 29.97 -18.28
N CYS C 142 42.86 30.89 -18.00
CA CYS C 142 42.02 30.73 -16.84
C CYS C 142 40.64 31.32 -17.07
N SER C 143 39.66 30.66 -16.48
CA SER C 143 38.28 31.14 -16.29
C SER C 143 37.66 31.52 -17.63
N ILE C 144 36.97 32.66 -17.62
CA ILE C 144 35.94 32.93 -18.62
C ILE C 144 36.56 33.12 -19.98
N ALA C 145 35.94 32.51 -20.99
CA ALA C 145 36.36 32.60 -22.37
C ALA C 145 37.84 32.28 -22.52
N SER C 146 38.59 33.25 -23.01
CA SER C 146 40.02 33.08 -23.21
C SER C 146 40.78 34.13 -22.42
N LEU C 147 40.63 35.38 -22.84
CA LEU C 147 41.46 36.51 -22.45
C LEU C 147 42.92 36.13 -22.67
N THR C 148 43.83 36.72 -21.90
CA THR C 148 45.17 36.17 -21.73
C THR C 148 45.71 36.38 -20.33
N ASP C 149 46.02 37.64 -20.02
CA ASP C 149 46.85 37.99 -18.87
C ASP C 149 46.06 38.00 -17.58
N LYS C 150 46.78 37.84 -16.48
CA LYS C 150 46.17 37.76 -15.16
C LYS C 150 45.32 38.97 -14.85
N ASP C 151 45.93 40.16 -14.84
CA ASP C 151 45.24 41.34 -14.36
C ASP C 151 43.93 41.58 -15.11
N GLU C 152 43.96 41.50 -16.43
CA GLU C 152 42.74 41.66 -17.19
C GLU C 152 41.76 40.53 -16.89
N CYS C 153 42.29 39.36 -16.52
CA CYS C 153 41.39 38.28 -16.11
C CYS C 153 40.88 38.51 -14.70
N LEU C 154 41.56 39.35 -13.92
CA LEU C 154 41.06 39.68 -12.59
C LEU C 154 39.99 40.76 -12.65
N LYS C 155 40.14 41.73 -13.55
CA LYS C 155 38.99 42.56 -13.87
C LYS C 155 38.02 41.74 -14.72
N LEU C 156 36.77 42.20 -14.77
CA LEU C 156 35.69 41.42 -15.39
C LEU C 156 35.51 40.10 -14.67
N GLY C 157 35.46 40.14 -13.33
CA GLY C 157 35.38 38.92 -12.57
C GLY C 157 36.57 38.03 -12.85
N GLY C 158 36.32 36.73 -12.96
CA GLY C 158 37.35 35.78 -13.35
C GLY C 158 38.01 35.12 -12.16
N LYS C 159 38.46 33.88 -12.38
CA LYS C 159 39.21 33.13 -11.39
C LYS C 159 40.46 32.61 -12.08
N TRP C 160 41.62 33.09 -11.67
CA TRP C 160 42.87 32.79 -12.34
C TRP C 160 43.55 31.62 -11.65
N THR C 161 43.88 30.59 -12.43
CA THR C 161 44.62 29.48 -11.86
C THR C 161 46.07 29.54 -12.29
N PRO C 162 47.01 29.57 -11.36
CA PRO C 162 48.40 29.64 -11.75
C PRO C 162 48.85 28.36 -12.43
N SER C 163 49.57 28.51 -13.53
CA SER C 163 50.11 27.36 -14.24
C SER C 163 51.49 26.97 -13.74
N ALA C 164 51.98 27.60 -12.68
CA ALA C 164 53.29 27.28 -12.13
C ALA C 164 53.13 26.75 -10.72
N ARG C 165 53.63 25.55 -10.48
CA ARG C 165 53.60 24.98 -9.14
C ARG C 165 54.31 25.91 -8.17
N SER C 166 53.76 26.02 -6.98
CA SER C 166 54.33 26.89 -5.96
C SER C 166 55.28 26.07 -5.12
N MET C 167 56.57 26.34 -5.24
CA MET C 167 57.55 25.63 -4.46
C MET C 167 57.53 26.16 -3.04
N THR C 168 57.64 25.26 -2.07
CA THR C 168 57.79 25.42 -0.63
C THR C 168 56.53 25.98 0.02
N PRO C 169 56.25 25.64 1.28
CA PRO C 169 55.10 26.18 1.97
C PRO C 169 55.36 27.60 2.47
N PRO C 170 54.32 28.31 2.86
CA PRO C 170 54.50 29.63 3.47
C PRO C 170 55.24 29.53 4.80
N GLU C 171 56.32 30.30 4.93
CA GLU C 171 57.22 30.14 6.07
C GLU C 171 57.03 31.10 7.22
N GLY C 172 56.29 32.20 7.04
CA GLY C 172 56.39 33.30 7.98
C GLY C 172 55.21 33.39 8.94
N ARG C 173 55.29 34.40 9.82
CA ARG C 173 54.25 34.68 10.80
C ARG C 173 53.36 35.87 10.47
N GLY C 174 53.56 36.54 9.35
CA GLY C 174 52.87 37.81 9.14
C GLY C 174 52.52 38.02 7.68
N ASP C 175 51.63 38.98 7.45
CA ASP C 175 50.90 39.03 6.19
C ASP C 175 51.84 39.18 5.01
N ALA C 176 51.43 38.65 3.87
CA ALA C 176 52.13 38.82 2.61
C ALA C 176 53.56 38.31 2.67
N GLU C 177 53.72 37.02 3.00
CA GLU C 177 55.06 36.50 3.19
C GLU C 177 55.81 36.28 1.91
N GLY C 178 55.16 36.47 0.77
CA GLY C 178 55.82 36.32 -0.50
C GLY C 178 56.67 37.53 -0.83
N THR C 179 56.92 37.67 -2.12
CA THR C 179 57.75 38.75 -2.67
C THR C 179 59.13 38.79 -2.04
N ILE C 180 59.66 40.00 -1.85
CA ILE C 180 60.86 40.34 -1.10
C ILE C 180 62.05 39.44 -1.41
N GLU C 181 62.11 38.89 -2.62
CA GLU C 181 63.20 38.01 -3.00
C GLU C 181 62.95 37.57 -4.44
N PRO C 182 64.02 37.43 -5.24
CA PRO C 182 63.82 37.07 -6.65
C PRO C 182 63.06 35.78 -6.84
N GLY C 183 62.96 34.95 -5.81
CA GLY C 183 62.31 33.66 -5.98
C GLY C 183 60.80 33.79 -6.06
N ASP C 184 60.17 32.74 -6.53
CA ASP C 184 58.75 32.72 -6.80
C ASP C 184 58.01 32.31 -5.53
N GLY C 185 56.74 31.96 -5.68
CA GLY C 185 55.87 31.85 -4.55
C GLY C 185 54.93 33.03 -4.52
N TYR C 186 53.85 32.86 -3.77
CA TYR C 186 52.99 33.99 -3.73
C TYR C 186 52.38 34.23 -2.34
N VAL C 187 52.93 35.23 -1.67
CA VAL C 187 52.21 36.18 -0.82
C VAL C 187 51.10 35.56 0.02
N TRP C 188 51.36 34.41 0.62
CA TRP C 188 50.38 33.89 1.57
C TRP C 188 50.26 34.84 2.77
N GLU C 189 49.13 34.75 3.46
CA GLU C 189 48.85 35.58 4.62
C GLU C 189 48.54 34.71 5.81
N TYR C 190 49.44 34.71 6.79
CA TYR C 190 49.18 34.00 8.03
C TYR C 190 47.82 34.36 8.58
N LEU C 191 47.06 33.34 8.96
CA LEU C 191 45.94 33.58 9.85
C LEU C 191 45.79 32.46 10.86
N PHE C 192 45.98 32.84 12.11
CA PHE C 192 46.03 32.06 13.34
C PHE C 192 46.85 30.77 13.26
N GLU C 193 46.51 29.82 14.12
CA GLU C 193 47.31 28.63 14.36
C GLU C 193 46.41 27.63 15.07
N ILE C 194 46.73 26.35 14.96
CA ILE C 194 45.92 25.30 15.60
C ILE C 194 46.81 24.54 16.58
N PRO C 195 46.54 24.58 17.87
CA PRO C 195 47.39 23.88 18.81
C PRO C 195 47.35 22.40 18.56
N PRO C 196 48.44 21.68 18.84
CA PRO C 196 48.44 20.25 18.50
C PRO C 196 47.42 19.47 19.29
N ASP C 197 47.16 19.87 20.54
CA ASP C 197 46.25 19.11 21.38
C ASP C 197 44.85 19.07 20.79
N VAL C 198 44.38 20.18 20.25
CA VAL C 198 43.01 20.20 19.76
C VAL C 198 42.91 19.43 18.45
N SER C 199 43.99 19.40 17.67
CA SER C 199 43.89 18.84 16.33
C SER C 199 43.72 17.33 16.38
N ILE C 200 44.20 16.67 17.42
CA ILE C 200 44.05 15.23 17.48
C ILE C 200 42.61 14.88 17.85
N ASN C 201 41.90 15.79 18.51
CA ASN C 201 40.51 15.58 18.88
C ASN C 201 39.54 16.28 17.95
N ARG C 202 39.62 17.60 17.91
CA ARG C 202 38.51 18.39 17.38
C ARG C 202 38.51 18.43 15.86
N CYS C 203 39.66 18.24 15.22
CA CYS C 203 39.76 18.31 13.78
C CYS C 203 39.82 16.92 13.17
N THR C 204 38.88 16.63 12.29
CA THR C 204 39.00 15.47 11.42
C THR C 204 39.81 15.84 10.19
N ASN C 205 39.99 14.88 9.29
CA ASN C 205 40.82 15.16 8.13
C ASN C 205 40.03 15.86 7.04
N GLU C 206 38.71 15.94 7.19
CA GLU C 206 37.94 16.70 6.21
C GLU C 206 37.88 18.18 6.57
N TYR C 207 37.90 18.50 7.86
CA TYR C 207 37.71 19.88 8.30
C TYR C 207 38.66 20.23 9.43
N ILE C 208 39.08 21.50 9.47
CA ILE C 208 39.91 22.04 10.54
C ILE C 208 39.09 23.02 11.34
N VAL C 209 39.22 22.96 12.66
CA VAL C 209 38.44 23.85 13.50
C VAL C 209 38.98 25.27 13.41
N VAL C 210 38.09 26.24 13.56
CA VAL C 210 38.45 27.65 13.70
C VAL C 210 37.79 28.10 15.00
N PRO C 211 38.45 28.89 15.84
CA PRO C 211 37.94 29.06 17.20
C PRO C 211 36.73 29.97 17.25
N TRP C 212 35.78 29.61 18.09
CA TRP C 212 34.73 30.54 18.49
C TRP C 212 35.33 31.80 19.10
N PRO C 213 34.69 32.96 18.93
CA PRO C 213 35.21 34.19 19.53
C PRO C 213 34.95 34.21 21.02
N GLU C 214 35.26 33.09 21.67
CA GLU C 214 35.17 32.97 23.12
C GLU C 214 36.45 32.32 23.59
N GLU C 215 36.69 31.10 23.10
CA GLU C 215 37.92 30.40 23.44
C GLU C 215 39.14 31.19 23.04
N LEU C 216 39.04 32.06 22.04
CA LEU C 216 40.12 33.01 21.78
C LEU C 216 40.35 33.91 22.98
N LYS C 217 39.34 34.04 23.83
CA LYS C 217 39.54 34.71 25.09
C LYS C 217 39.72 33.62 26.14
N GLU C 218 40.02 34.00 27.37
CA GLU C 218 40.70 33.07 28.26
C GLU C 218 41.88 32.46 27.50
N ASP C 219 42.83 33.34 27.17
CA ASP C 219 44.03 33.27 26.33
C ASP C 219 43.73 33.36 24.84
N PRO C 220 44.47 34.18 24.10
CA PRO C 220 44.63 34.00 22.66
C PRO C 220 45.76 33.07 22.26
N THR C 221 46.81 33.03 23.08
CA THR C 221 48.11 32.52 22.64
C THR C 221 48.02 31.09 22.16
N ARG C 222 47.25 30.26 22.85
CA ARG C 222 47.11 28.86 22.47
C ARG C 222 46.78 28.72 20.99
N TRP C 223 46.10 29.70 20.43
CA TRP C 223 45.69 29.68 19.04
C TRP C 223 46.64 30.42 18.12
N GLY C 224 47.79 30.85 18.63
CA GLY C 224 48.75 31.53 17.78
C GLY C 224 48.26 32.85 17.25
N TYR C 225 47.19 33.37 17.80
CA TYR C 225 46.65 34.67 17.45
C TYR C 225 47.19 35.77 18.35
N GLU C 226 48.09 35.42 19.26
CA GLU C 226 48.56 36.36 20.27
C GLU C 226 49.18 37.60 19.65
N ASP C 227 49.58 37.54 18.39
CA ASP C 227 50.23 38.65 17.72
C ASP C 227 49.44 38.99 16.47
N ASN C 228 49.03 40.25 16.33
CA ASN C 228 48.27 40.58 15.14
C ASN C 228 48.34 42.09 14.89
N LEU C 229 48.05 42.48 13.65
CA LEU C 229 48.05 43.90 13.29
C LEU C 229 47.00 44.65 14.10
N THR C 230 45.73 44.26 13.95
CA THR C 230 44.63 44.75 14.77
C THR C 230 44.57 46.26 14.91
N TRP C 231 44.18 46.97 13.85
CA TRP C 231 43.89 48.38 14.02
C TRP C 231 42.84 48.60 15.10
N GLN C 232 41.87 47.70 15.20
CA GLN C 232 40.91 47.71 16.28
C GLN C 232 41.53 47.11 17.52
N GLN C 233 40.99 47.49 18.68
CA GLN C 233 41.50 46.98 19.94
C GLN C 233 41.58 45.47 19.95
N ASP C 234 40.66 44.82 19.24
CA ASP C 234 40.59 43.37 19.25
C ASP C 234 40.53 42.78 17.84
N ASP C 235 39.50 43.10 17.04
CA ASP C 235 39.14 42.26 15.89
C ASP C 235 39.09 40.82 16.37
N PHE C 236 38.58 40.66 17.58
CA PHE C 236 38.90 39.49 18.38
C PHE C 236 38.44 38.21 17.72
N GLY C 237 37.14 38.11 17.43
CA GLY C 237 36.62 36.99 16.68
C GLY C 237 37.14 37.04 15.26
N LEU C 238 37.84 35.98 14.87
CA LEU C 238 38.27 35.82 13.48
C LEU C 238 37.36 34.88 12.71
N ILE C 239 36.33 34.36 13.36
CA ILE C 239 35.36 33.49 12.70
C ILE C 239 34.82 34.14 11.45
N TYR C 240 34.85 35.47 11.40
CA TYR C 240 34.48 36.18 10.18
C TYR C 240 35.61 36.23 9.17
N ARG C 241 36.87 36.28 9.64
CA ARG C 241 37.99 36.43 8.72
C ARG C 241 38.05 35.28 7.74
N VAL C 242 37.90 34.05 8.22
CA VAL C 242 37.96 32.86 7.37
C VAL C 242 36.76 32.73 6.47
N LYS C 243 35.68 33.46 6.76
CA LYS C 243 34.37 33.21 6.16
C LYS C 243 33.90 31.80 6.51
N ALA C 244 33.98 31.47 7.79
CA ALA C 244 33.56 30.15 8.21
C ALA C 244 32.06 30.02 8.04
N ASN C 245 31.67 29.09 7.18
CA ASN C 245 30.30 28.95 6.73
C ASN C 245 29.56 27.83 7.43
N THR C 246 30.21 27.10 8.34
CA THR C 246 29.64 25.84 8.79
C THR C 246 30.16 25.44 10.16
N ILE C 247 29.44 24.53 10.78
CA ILE C 247 29.66 24.12 12.16
C ILE C 247 29.64 22.60 12.19
N ARG C 248 30.21 22.00 13.23
CA ARG C 248 30.30 20.55 13.29
C ARG C 248 30.07 20.03 14.70
N PHE C 249 29.28 18.98 14.80
CA PHE C 249 28.91 18.38 16.08
C PHE C 249 29.63 17.07 16.26
N LYS C 250 29.96 16.73 17.51
CA LYS C 250 30.60 15.46 17.80
C LYS C 250 30.15 14.97 19.17
N ALA C 251 29.81 13.69 19.26
CA ALA C 251 29.48 13.10 20.54
C ALA C 251 29.73 11.61 20.49
N TYR C 252 30.13 11.04 21.62
CA TYR C 252 30.33 9.60 21.68
C TYR C 252 29.03 8.90 22.04
N LEU C 253 28.76 7.79 21.36
CA LEU C 253 27.51 7.08 21.61
C LEU C 253 27.44 6.51 23.01
N ASP C 254 28.56 6.49 23.73
CA ASP C 254 28.46 6.11 25.13
C ASP C 254 27.75 7.20 25.93
N SER C 255 27.71 8.42 25.40
CA SER C 255 27.08 9.51 26.11
C SER C 255 25.57 9.48 25.99
N VAL C 256 25.06 9.03 24.84
CA VAL C 256 23.61 8.95 24.69
C VAL C 256 23.07 7.93 25.68
N TYR C 257 21.84 8.15 26.13
CA TYR C 257 21.29 7.39 27.23
C TYR C 257 20.23 6.43 26.71
N PHE C 258 20.48 5.14 26.88
CA PHE C 258 19.53 4.09 26.54
C PHE C 258 19.15 3.39 27.84
N PRO C 259 17.90 3.50 28.30
CA PRO C 259 17.55 2.88 29.59
C PRO C 259 17.60 1.36 29.53
N GLU C 260 17.10 0.81 28.42
CA GLU C 260 17.01 -0.63 28.22
C GLU C 260 18.38 -1.29 28.15
N ALA C 261 19.30 -0.68 27.41
CA ALA C 261 20.73 -0.97 27.35
C ALA C 261 21.07 -2.30 26.67
N ALA C 262 20.13 -3.24 26.60
CA ALA C 262 20.33 -4.38 25.73
C ALA C 262 19.63 -4.25 24.38
N LEU C 263 18.62 -3.39 24.26
CA LEU C 263 17.89 -3.28 23.00
C LEU C 263 18.67 -2.58 21.91
N PRO C 264 19.24 -1.38 22.12
CA PRO C 264 19.90 -0.67 21.02
C PRO C 264 21.01 -1.51 20.43
N GLY C 265 21.64 -2.32 21.27
CA GLY C 265 22.70 -3.18 20.78
C GLY C 265 22.17 -4.33 19.94
N ASN C 266 21.12 -4.98 20.42
CA ASN C 266 20.59 -6.13 19.69
C ASN C 266 19.89 -5.68 18.41
N LYS C 267 19.05 -4.66 18.50
CA LYS C 267 18.35 -4.12 17.35
C LYS C 267 18.69 -2.64 17.23
N GLY C 268 19.07 -2.25 16.03
CA GLY C 268 19.62 -0.92 15.86
C GLY C 268 18.58 0.16 15.86
N PHE C 269 19.04 1.37 16.07
CA PHE C 269 18.20 2.56 15.99
C PHE C 269 18.13 2.95 14.53
N ARG C 270 16.95 2.92 13.95
CA ARG C 270 16.91 3.02 12.50
C ARG C 270 16.71 4.45 12.02
N GLN C 271 16.30 5.36 12.90
CA GLN C 271 16.05 6.71 12.44
C GLN C 271 16.42 7.72 13.52
N ILE C 272 17.09 8.80 13.13
CA ILE C 272 17.58 9.77 14.07
C ILE C 272 16.93 11.11 13.79
N SER C 273 16.52 11.80 14.85
CA SER C 273 15.86 13.09 14.73
C SER C 273 16.28 13.95 15.90
N ILE C 274 16.32 15.25 15.67
CA ILE C 274 16.75 16.20 16.70
C ILE C 274 15.64 17.20 16.96
N ILE C 275 15.22 17.27 18.21
CA ILE C 275 14.07 18.05 18.64
C ILE C 275 14.56 19.17 19.53
N THR C 276 13.78 20.23 19.61
CA THR C 276 14.15 21.39 20.41
C THR C 276 13.14 21.66 21.51
N ASN C 277 13.64 22.06 22.66
CA ASN C 277 12.83 22.59 23.75
C ASN C 277 11.72 21.63 24.21
N PRO C 278 12.08 20.44 24.66
CA PRO C 278 11.05 19.55 25.22
C PRO C 278 10.69 19.94 26.65
N LEU C 279 9.43 19.75 27.02
CA LEU C 279 9.00 19.92 28.39
C LEU C 279 9.25 18.64 29.19
N GLU C 280 9.42 18.80 30.50
CA GLU C 280 9.56 17.63 31.36
C GLU C 280 8.23 16.86 31.42
N ALA C 281 8.34 15.61 31.86
CA ALA C 281 7.16 14.80 32.10
C ALA C 281 6.19 15.51 33.02
N LYS C 282 4.94 15.60 32.60
CA LYS C 282 3.85 16.10 33.43
C LYS C 282 2.92 14.94 33.74
N ALA C 283 2.63 14.73 35.02
CA ALA C 283 1.73 13.66 35.39
C ALA C 283 0.36 13.84 34.75
N HIS C 284 -0.23 15.01 34.93
CA HIS C 284 -1.53 15.36 34.36
C HIS C 284 -1.43 16.78 33.84
N PRO C 285 -2.38 17.22 33.04
CA PRO C 285 -2.37 18.66 32.71
C PRO C 285 -2.82 19.49 33.90
N ASN C 286 -2.28 19.14 35.07
CA ASN C 286 -2.43 19.91 36.30
C ASN C 286 -1.19 20.73 36.62
N ASP C 287 -0.15 20.66 35.81
CA ASP C 287 1.16 21.16 36.17
C ASP C 287 1.53 22.34 35.29
N PRO C 288 2.40 23.22 35.77
CA PRO C 288 2.94 24.28 34.93
C PRO C 288 3.96 23.75 33.95
N ASN C 289 4.13 24.46 32.85
CA ASN C 289 5.10 24.07 31.84
C ASN C 289 6.50 24.43 32.27
N VAL C 290 7.38 23.44 32.32
CA VAL C 290 8.78 23.64 32.67
C VAL C 290 9.61 23.26 31.45
N LYS C 291 10.81 23.83 31.35
CA LYS C 291 11.66 23.59 30.21
C LYS C 291 12.82 22.66 30.58
N ALA C 292 13.14 21.73 29.70
CA ALA C 292 13.96 20.58 30.07
C ALA C 292 15.38 20.99 30.41
N GLU C 293 15.87 20.42 31.52
CA GLU C 293 17.24 20.63 31.97
C GLU C 293 17.71 19.35 32.63
N LYS C 294 18.90 19.42 33.21
CA LYS C 294 19.81 18.32 33.54
C LYS C 294 20.35 17.58 32.31
N ASP C 295 20.78 16.34 32.50
CA ASP C 295 21.73 15.79 31.53
C ASP C 295 21.27 14.60 30.70
N TYR C 296 20.17 13.91 31.00
CA TYR C 296 19.97 12.65 30.31
C TYR C 296 18.58 12.49 29.71
N TYR C 297 17.53 12.50 30.52
CA TYR C 297 16.18 12.36 29.99
C TYR C 297 15.88 11.07 29.25
N ASP C 298 15.64 10.00 29.99
CA ASP C 298 14.87 8.90 29.45
C ASP C 298 13.62 9.45 28.77
N PRO C 299 13.41 9.13 27.49
CA PRO C 299 12.32 9.78 26.75
C PRO C 299 10.95 9.56 27.36
N GLU C 300 10.80 8.63 28.29
CA GLU C 300 9.58 8.57 29.08
C GLU C 300 9.31 9.90 29.78
N ASP C 301 10.37 10.58 30.21
CA ASP C 301 10.17 11.82 30.96
C ASP C 301 9.92 13.00 30.03
N LEU C 302 9.94 12.78 28.73
CA LEU C 302 9.63 13.86 27.82
C LEU C 302 8.16 13.82 27.44
N MET C 303 7.52 14.98 27.45
CA MET C 303 6.14 15.08 27.01
C MET C 303 6.04 14.75 25.53
N ARG C 304 4.96 14.10 25.13
CA ARG C 304 4.78 13.79 23.72
C ARG C 304 4.49 15.06 22.94
N HIS C 305 5.16 15.20 21.79
CA HIS C 305 5.08 16.40 20.96
C HIS C 305 5.52 17.63 21.73
N SER C 306 6.34 17.41 22.77
CA SER C 306 6.63 18.48 23.72
C SER C 306 7.31 19.66 23.06
N GLY C 307 8.18 19.38 22.09
CA GLY C 307 8.95 20.42 21.47
C GLY C 307 9.14 20.11 20.01
N GLU C 308 9.54 21.15 19.28
CA GLU C 308 9.60 21.05 17.84
C GLU C 308 10.90 20.47 17.37
N MET C 309 10.85 19.78 16.23
CA MET C 309 11.93 18.96 15.75
C MET C 309 12.38 19.47 14.39
N ILE C 310 13.66 19.85 14.31
CA ILE C 310 14.14 20.51 13.10
C ILE C 310 14.56 19.50 12.04
N TYR C 311 14.90 18.27 12.43
CA TYR C 311 15.54 17.35 11.51
C TYR C 311 15.08 15.93 11.77
N MET C 312 14.74 15.19 10.71
CA MET C 312 14.50 13.76 10.75
C MET C 312 15.43 13.05 9.79
N GLU C 313 15.96 11.91 10.21
CA GLU C 313 16.67 11.02 9.30
C GLU C 313 16.10 9.62 9.41
N ASN C 314 16.04 8.92 8.28
CA ASN C 314 15.69 7.50 8.25
C ASN C 314 16.81 6.74 7.57
N ARG C 315 17.35 5.74 8.25
CA ARG C 315 18.53 5.04 7.78
C ARG C 315 18.40 3.54 8.04
N PRO C 316 19.04 2.68 7.27
CA PRO C 316 19.04 1.26 7.59
C PRO C 316 19.68 1.01 8.95
N PRO C 317 19.69 -0.23 9.45
CA PRO C 317 19.63 -0.42 10.91
C PRO C 317 20.73 0.24 11.72
N ILE C 318 21.94 0.38 11.17
CA ILE C 318 23.08 0.98 11.87
C ILE C 318 23.17 0.45 13.30
N ILE C 319 23.19 -0.88 13.43
CA ILE C 319 23.46 -1.52 14.70
C ILE C 319 24.77 -1.00 15.26
N MET C 320 24.83 -0.82 16.58
CA MET C 320 25.98 -0.20 17.22
C MET C 320 26.62 -1.15 18.21
N ALA C 321 27.95 -1.27 18.13
CA ALA C 321 28.71 -1.94 19.17
C ALA C 321 28.85 -1.03 20.38
N MET C 322 29.20 -1.63 21.52
CA MET C 322 29.29 -0.90 22.78
C MET C 322 30.67 -0.31 23.03
N ASP C 323 31.57 -0.40 22.05
CA ASP C 323 32.88 0.21 22.18
C ASP C 323 32.74 1.68 22.57
N GLN C 324 33.63 2.11 23.47
CA GLN C 324 33.58 3.47 23.99
C GLN C 324 33.94 4.50 22.91
N THR C 325 34.29 4.10 21.69
CA THR C 325 34.38 5.12 20.66
C THR C 325 33.55 4.73 19.43
N GLU C 326 32.48 5.47 19.19
CA GLU C 326 31.91 5.68 17.87
C GLU C 326 31.19 7.02 17.91
N GLU C 327 31.08 7.67 16.76
CA GLU C 327 30.93 9.12 16.76
C GLU C 327 29.73 9.55 15.91
N ILE C 328 29.08 10.62 16.34
CA ILE C 328 27.83 11.06 15.71
C ILE C 328 27.99 11.87 14.45
N ASN C 329 28.98 12.77 14.37
CA ASN C 329 29.07 13.77 13.29
C ASN C 329 27.83 14.66 13.34
N ILE C 330 26.96 14.63 12.33
CA ILE C 330 25.88 15.59 12.12
C ILE C 330 26.49 17.00 12.02
N LEU C 331 27.05 17.29 10.85
CA LEU C 331 27.74 18.53 10.53
C LEU C 331 26.80 19.52 9.85
N PHE C 332 26.53 20.64 10.51
CA PHE C 332 25.58 21.62 9.98
C PHE C 332 26.26 22.62 9.07
N THR C 333 25.57 23.00 7.99
CA THR C 333 26.12 23.88 6.98
C THR C 333 25.68 25.34 7.10
N PHE C 334 24.89 25.66 8.13
CA PHE C 334 24.25 26.98 8.30
C PHE C 334 24.47 28.03 7.22
N PRO D 5 18.12 -9.09 -6.90
CA PRO D 5 18.39 -8.17 -5.80
C PRO D 5 17.29 -7.12 -5.62
N VAL D 6 17.64 -5.98 -5.04
CA VAL D 6 16.68 -4.90 -4.84
C VAL D 6 16.83 -3.88 -5.95
N ASN D 7 17.93 -3.13 -5.92
CA ASN D 7 18.23 -2.18 -6.99
C ASN D 7 18.74 -2.95 -8.20
N TYR D 8 18.14 -2.70 -9.36
CA TYR D 8 18.49 -3.43 -10.57
C TYR D 8 19.91 -3.17 -11.04
N GLN D 9 20.56 -2.12 -10.53
CA GLN D 9 21.91 -1.79 -10.97
C GLN D 9 22.97 -2.78 -10.48
N LEU D 10 22.60 -3.71 -9.62
CA LEU D 10 23.55 -4.67 -9.05
C LEU D 10 23.63 -5.97 -9.81
N THR D 11 22.93 -6.09 -10.94
CA THR D 11 22.89 -7.36 -11.68
C THR D 11 24.27 -7.77 -12.16
N ARG D 12 24.93 -6.90 -12.92
CA ARG D 12 26.23 -7.15 -13.55
C ARG D 12 26.27 -8.56 -14.16
N THR D 13 27.35 -9.31 -13.91
CA THR D 13 27.49 -10.68 -14.40
C THR D 13 28.79 -11.25 -13.87
N ALA D 14 28.88 -12.57 -13.88
CA ALA D 14 30.12 -13.27 -13.57
C ALA D 14 30.99 -13.27 -14.82
N ASN D 15 32.08 -14.03 -14.80
CA ASN D 15 32.91 -14.13 -16.00
C ASN D 15 32.04 -14.63 -17.15
N ALA D 16 32.00 -13.85 -18.23
CA ALA D 16 31.05 -14.07 -19.31
C ALA D 16 31.76 -13.96 -20.64
N ILE D 17 31.78 -15.05 -21.40
CA ILE D 17 32.24 -15.00 -22.78
C ILE D 17 31.19 -14.24 -23.55
N PRO D 18 31.53 -13.11 -24.17
CA PRO D 18 30.51 -12.32 -24.86
C PRO D 18 29.94 -13.06 -26.07
N GLU D 19 28.78 -12.59 -26.53
CA GLU D 19 28.16 -13.19 -27.70
C GLU D 19 29.02 -13.08 -28.95
N ILE D 20 30.07 -12.25 -28.92
CA ILE D 20 30.92 -12.08 -30.09
C ILE D 20 31.65 -13.37 -30.42
N PHE D 21 32.01 -14.18 -29.42
CA PHE D 21 32.78 -15.36 -29.74
C PHE D 21 31.90 -16.60 -29.78
N VAL D 22 31.58 -17.19 -28.61
CA VAL D 22 30.56 -18.24 -28.56
C VAL D 22 30.88 -19.25 -29.66
N GLY D 23 30.15 -19.17 -30.76
CA GLY D 23 30.40 -19.95 -31.95
C GLY D 23 29.30 -20.89 -32.38
N GLY D 24 29.33 -21.22 -33.67
CA GLY D 24 28.17 -21.71 -34.39
C GLY D 24 27.64 -23.08 -34.05
N THR D 25 26.33 -23.21 -34.21
CA THR D 25 25.60 -24.48 -34.13
C THR D 25 25.45 -25.11 -35.51
N PHE D 26 26.21 -24.62 -36.49
CA PHE D 26 25.88 -24.73 -37.92
C PHE D 26 24.62 -23.92 -38.20
N ALA D 27 23.48 -24.56 -38.44
CA ALA D 27 22.41 -24.00 -39.25
C ALA D 27 22.09 -22.53 -38.96
N GLU D 28 22.29 -22.07 -37.72
CA GLU D 28 22.19 -20.64 -37.45
C GLU D 28 23.18 -19.85 -38.29
N ILE D 29 24.36 -20.41 -38.53
CA ILE D 29 25.31 -19.78 -39.45
C ILE D 29 24.72 -19.71 -40.85
N LYS D 30 24.08 -20.81 -41.28
CA LYS D 30 23.39 -20.84 -42.56
C LYS D 30 22.35 -19.72 -42.64
N GLN D 31 21.67 -19.46 -41.52
CA GLN D 31 20.65 -18.41 -41.48
C GLN D 31 21.26 -17.03 -41.64
N ASN D 32 22.29 -16.73 -40.86
CA ASN D 32 22.87 -15.39 -40.87
C ASN D 32 23.56 -15.10 -42.20
N LEU D 33 24.22 -16.10 -42.78
CA LEU D 33 24.88 -15.90 -44.05
C LEU D 33 23.87 -15.62 -45.17
N ILE D 34 22.80 -16.42 -45.23
CA ILE D 34 21.77 -16.22 -46.24
C ILE D 34 21.22 -14.81 -46.15
N GLU D 35 20.94 -14.34 -44.93
CA GLU D 35 20.41 -12.99 -44.77
C GLU D 35 21.45 -11.95 -45.19
N TRP D 36 22.73 -12.24 -44.95
CA TRP D 36 23.78 -11.33 -45.41
C TRP D 36 24.07 -11.53 -46.88
N LEU D 37 24.06 -12.79 -47.35
CA LEU D 37 24.26 -13.04 -48.77
C LEU D 37 23.01 -12.64 -49.53
N ASN D 38 21.89 -13.33 -49.31
CA ASN D 38 20.68 -12.87 -49.99
C ASN D 38 19.95 -11.89 -49.08
N GLY D 39 20.15 -10.61 -49.38
CA GLY D 39 19.43 -9.48 -48.81
C GLY D 39 20.45 -8.37 -48.73
N GLN D 40 20.02 -7.13 -48.51
CA GLN D 40 20.83 -5.99 -48.09
C GLN D 40 21.99 -5.69 -49.04
N ASN D 41 22.34 -6.61 -49.94
CA ASN D 41 23.51 -6.49 -50.80
C ASN D 41 23.24 -6.81 -52.26
N GLU D 42 22.96 -8.07 -52.58
CA GLU D 42 22.91 -8.54 -53.96
C GLU D 42 21.52 -8.54 -54.57
N PHE D 43 20.55 -9.26 -53.99
CA PHE D 43 19.27 -9.51 -54.66
C PHE D 43 19.58 -10.26 -55.95
N LEU D 44 19.83 -11.56 -55.81
CA LEU D 44 20.84 -12.28 -56.58
C LEU D 44 20.77 -12.01 -58.08
N ASP D 45 21.92 -11.64 -58.63
CA ASP D 45 22.22 -11.72 -60.04
C ASP D 45 22.99 -12.99 -60.39
N TYR D 46 23.18 -13.89 -59.43
CA TYR D 46 24.07 -15.04 -59.53
C TYR D 46 23.83 -15.87 -60.77
N ASP D 47 24.92 -16.32 -61.41
CA ASP D 47 24.85 -17.08 -62.64
C ASP D 47 24.87 -18.59 -62.45
N PHE D 48 24.83 -19.09 -61.21
CA PHE D 48 24.94 -20.54 -61.01
C PHE D 48 23.65 -21.24 -61.41
N GLU D 49 22.59 -21.07 -60.64
CA GLU D 49 21.29 -21.67 -60.89
C GLU D 49 20.29 -21.26 -59.81
N GLY D 50 19.02 -21.68 -59.96
CA GLY D 50 18.08 -21.49 -58.88
C GLY D 50 18.48 -22.26 -57.63
N SER D 51 18.84 -23.53 -57.81
CA SER D 51 19.33 -24.35 -56.71
C SER D 51 20.80 -24.13 -56.39
N ARG D 52 21.65 -24.00 -57.41
CA ARG D 52 23.09 -23.89 -57.19
C ARG D 52 23.45 -22.63 -56.40
N LEU D 53 22.89 -21.49 -56.80
CA LEU D 53 23.15 -20.24 -56.10
C LEU D 53 22.64 -20.32 -54.66
N ASN D 54 21.72 -21.25 -54.41
CA ASN D 54 21.29 -21.58 -53.06
C ASN D 54 22.27 -22.55 -52.42
N VAL D 55 22.43 -23.73 -53.04
CA VAL D 55 23.29 -24.78 -52.52
C VAL D 55 24.69 -24.26 -52.17
N LEU D 56 25.27 -23.43 -53.03
CA LEU D 56 26.65 -23.01 -52.82
C LEU D 56 26.80 -22.15 -51.58
N CYS D 57 25.68 -21.74 -50.97
CA CYS D 57 25.75 -20.89 -49.79
C CYS D 57 26.32 -21.66 -48.59
N ASP D 58 25.86 -22.89 -48.38
CA ASP D 58 26.37 -23.64 -47.23
C ASP D 58 27.73 -24.26 -47.53
N LEU D 59 28.08 -24.42 -48.81
CA LEU D 59 29.43 -24.87 -49.16
C LEU D 59 30.49 -23.95 -48.59
N LEU D 60 30.20 -22.65 -48.51
CA LEU D 60 31.08 -21.73 -47.81
C LEU D 60 30.69 -21.53 -46.35
N ALA D 61 29.57 -22.11 -45.91
CA ALA D 61 29.23 -22.08 -44.50
C ALA D 61 30.02 -23.11 -43.71
N TYR D 62 30.27 -24.29 -44.29
CA TYR D 62 31.20 -25.23 -43.68
C TYR D 62 32.59 -24.60 -43.59
N ASN D 63 32.91 -23.70 -44.51
CA ASN D 63 34.17 -22.96 -44.42
C ASN D 63 34.14 -22.00 -43.24
N THR D 64 32.97 -21.46 -42.90
CA THR D 64 32.84 -20.58 -41.75
C THR D 64 32.88 -21.39 -40.46
N LEU D 65 31.93 -22.31 -40.28
CA LEU D 65 31.89 -23.13 -39.07
C LEU D 65 33.23 -23.78 -38.77
N TYR D 66 34.05 -24.01 -39.80
CA TYR D 66 35.41 -24.49 -39.58
C TYR D 66 36.29 -23.38 -39.03
N ILE D 67 36.46 -22.29 -39.80
CA ILE D 67 37.27 -21.16 -39.38
C ILE D 67 36.71 -20.49 -38.13
N GLN D 68 35.48 -20.80 -37.75
CA GLN D 68 34.88 -20.28 -36.52
C GLN D 68 35.21 -21.18 -35.33
N GLN D 69 36.06 -22.18 -35.53
CA GLN D 69 36.58 -22.99 -34.43
C GLN D 69 38.10 -22.97 -34.43
N PHE D 70 38.68 -23.45 -35.53
CA PHE D 70 40.13 -23.55 -35.71
C PHE D 70 40.83 -22.26 -35.34
N GLY D 71 40.29 -21.14 -35.78
CA GLY D 71 40.86 -19.85 -35.44
C GLY D 71 40.19 -19.18 -34.26
N ASN D 72 38.97 -19.59 -33.94
CA ASN D 72 38.25 -19.00 -32.81
C ASN D 72 38.60 -19.66 -31.49
N ALA D 73 39.22 -20.83 -31.50
CA ALA D 73 39.61 -21.45 -30.25
C ALA D 73 40.71 -20.66 -29.56
N ALA D 74 41.55 -19.96 -30.33
CA ALA D 74 42.71 -19.28 -29.77
C ALA D 74 42.32 -18.36 -28.62
N VAL D 75 41.25 -17.58 -28.81
CA VAL D 75 40.81 -16.67 -27.76
C VAL D 75 40.26 -17.38 -26.55
N TYR D 76 39.89 -18.66 -26.67
CA TYR D 76 39.48 -19.41 -25.50
C TYR D 76 40.67 -19.74 -24.61
N GLU D 77 41.75 -20.25 -25.18
CA GLU D 77 42.95 -20.53 -24.41
C GLU D 77 43.93 -19.36 -24.36
N SER D 78 43.56 -18.22 -24.94
CA SER D 78 44.36 -17.01 -24.74
C SER D 78 44.20 -16.50 -23.31
N PHE D 79 42.97 -16.41 -22.83
CA PHE D 79 42.72 -16.00 -21.46
C PHE D 79 42.96 -17.21 -20.55
N MET D 80 42.78 -17.02 -19.25
CA MET D 80 43.02 -18.09 -18.28
C MET D 80 41.74 -18.79 -17.83
N ARG D 81 40.83 -18.03 -17.20
CA ARG D 81 39.65 -18.64 -16.59
C ARG D 81 38.83 -19.43 -17.60
N THR D 82 38.77 -18.97 -18.84
CA THR D 82 38.03 -19.69 -19.87
C THR D 82 38.92 -20.68 -20.62
N ALA D 83 40.19 -20.82 -20.34
CA ALA D 83 40.91 -21.78 -21.17
C ALA D 83 40.83 -23.22 -20.76
N ASN D 84 41.08 -24.07 -21.75
CA ASN D 84 41.11 -25.50 -21.63
C ASN D 84 42.38 -25.80 -22.28
N LEU D 85 42.81 -27.05 -22.25
CA LEU D 85 44.07 -27.45 -22.85
C LEU D 85 45.15 -26.97 -21.92
N ARG D 86 45.55 -27.80 -20.96
CA ARG D 86 46.56 -27.48 -19.96
C ARG D 86 47.59 -26.51 -20.39
N SER D 87 48.36 -26.92 -21.39
CA SER D 87 49.43 -26.14 -21.96
C SER D 87 49.13 -24.71 -21.96
N SER D 88 48.05 -24.28 -22.55
CA SER D 88 47.88 -22.83 -22.42
C SER D 88 47.74 -22.40 -20.96
N VAL D 89 47.03 -23.19 -20.15
CA VAL D 89 46.79 -22.81 -18.75
C VAL D 89 48.10 -22.59 -18.03
N VAL D 90 48.90 -23.66 -17.91
CA VAL D 90 50.21 -23.62 -17.26
C VAL D 90 51.03 -22.45 -17.78
N GLN D 91 51.34 -22.46 -19.09
CA GLN D 91 52.21 -21.43 -19.66
C GLN D 91 51.77 -20.02 -19.32
N ALA D 92 50.47 -19.80 -19.14
CA ALA D 92 49.96 -18.49 -18.76
C ALA D 92 49.90 -18.30 -17.25
N ALA D 93 50.31 -19.29 -16.46
CA ALA D 93 50.34 -19.15 -15.02
C ALA D 93 51.71 -18.74 -14.46
N GLN D 94 52.77 -18.76 -15.26
CA GLN D 94 54.08 -18.40 -14.72
C GLN D 94 54.23 -16.89 -14.63
N ASP D 95 53.68 -16.14 -15.57
CA ASP D 95 53.69 -14.69 -15.45
C ASP D 95 52.90 -14.21 -14.23
N ASN D 96 52.10 -15.09 -13.64
CA ASN D 96 51.52 -14.89 -12.32
C ASN D 96 52.39 -15.44 -11.21
N GLY D 97 53.57 -15.95 -11.54
CA GLY D 97 54.52 -16.41 -10.53
C GLY D 97 54.09 -17.64 -9.77
N TYR D 98 53.79 -18.73 -10.48
CA TYR D 98 53.23 -19.90 -9.82
C TYR D 98 54.05 -21.17 -10.06
N LEU D 99 53.99 -21.69 -11.28
CA LEU D 99 54.49 -22.98 -11.78
C LEU D 99 53.68 -24.11 -11.14
N PRO D 100 53.36 -25.16 -11.90
CA PRO D 100 52.51 -26.22 -11.33
C PRO D 100 53.19 -27.53 -10.96
N THR D 101 54.32 -27.52 -10.23
CA THR D 101 54.84 -28.72 -9.57
C THR D 101 54.65 -30.01 -10.36
N SER D 102 55.41 -30.18 -11.45
CA SER D 102 55.13 -31.24 -12.41
C SER D 102 55.04 -32.61 -11.74
N LYS D 103 55.75 -32.80 -10.64
CA LYS D 103 55.73 -34.05 -9.90
C LYS D 103 56.31 -33.77 -8.51
N SER D 104 56.33 -34.79 -7.65
CA SER D 104 56.85 -34.63 -6.30
C SER D 104 57.44 -35.95 -5.81
N ALA D 105 58.23 -35.85 -4.75
CA ALA D 105 58.95 -37.00 -4.21
C ALA D 105 58.67 -37.10 -2.72
N ALA D 106 58.75 -38.31 -2.18
CA ALA D 106 58.48 -38.52 -0.77
C ALA D 106 59.63 -37.99 0.08
N GLN D 107 59.29 -37.61 1.31
CA GLN D 107 60.29 -37.06 2.23
C GLN D 107 60.00 -37.51 3.65
N THR D 108 61.07 -37.85 4.38
CA THR D 108 61.00 -38.16 5.80
C THR D 108 62.21 -37.54 6.48
N GLU D 109 62.30 -37.74 7.79
CA GLU D 109 63.53 -37.51 8.55
C GLU D 109 63.80 -38.71 9.42
N ILE D 110 64.93 -39.36 9.19
CA ILE D 110 65.36 -40.52 9.97
C ILE D 110 66.64 -40.17 10.72
N MET D 111 66.80 -40.76 11.88
CA MET D 111 67.94 -40.51 12.75
C MET D 111 68.82 -41.76 12.75
N LEU D 112 69.99 -41.67 12.11
CA LEU D 112 70.89 -42.81 12.03
C LEU D 112 71.74 -42.90 13.28
N THR D 113 71.81 -44.11 13.84
CA THR D 113 72.50 -44.39 15.09
C THR D 113 73.97 -44.78 14.87
N CYS D 114 74.47 -44.63 13.66
CA CYS D 114 75.71 -45.28 13.24
C CYS D 114 76.92 -44.70 13.98
N THR D 115 78.08 -45.28 13.67
CA THR D 115 79.33 -44.94 14.34
C THR D 115 80.49 -45.28 13.41
N ASP D 116 81.66 -44.75 13.72
CA ASP D 116 82.85 -44.94 12.90
C ASP D 116 83.94 -45.67 13.67
N ALA D 117 84.83 -46.33 12.94
CA ALA D 117 85.94 -47.02 13.57
C ALA D 117 87.06 -46.05 13.95
N LEU D 118 87.22 -44.96 13.20
CA LEU D 118 88.27 -43.99 13.49
C LEU D 118 87.98 -43.16 14.73
N ASN D 119 86.74 -43.12 15.20
CA ASN D 119 86.29 -42.40 16.39
C ASN D 119 86.36 -40.89 16.16
N ARG D 120 86.78 -40.43 14.99
CA ARG D 120 86.95 -39.00 14.73
C ARG D 120 85.67 -38.23 15.02
N ASN D 121 85.83 -37.06 15.62
CA ASN D 121 84.69 -36.20 15.92
C ASN D 121 84.18 -35.53 14.65
N TYR D 122 82.93 -35.07 14.71
CA TYR D 122 82.30 -34.35 13.60
C TYR D 122 82.29 -35.18 12.32
N ILE D 123 81.76 -36.41 12.40
CA ILE D 123 81.62 -37.22 11.20
C ILE D 123 80.64 -36.53 10.26
N THR D 124 80.91 -36.64 8.96
CA THR D 124 79.98 -36.10 7.98
C THR D 124 79.14 -37.21 7.39
N ILE D 125 78.14 -36.81 6.61
CA ILE D 125 77.30 -37.76 5.88
C ILE D 125 76.87 -37.10 4.57
N PRO D 126 77.68 -37.21 3.51
CA PRO D 126 77.50 -36.37 2.32
C PRO D 126 76.16 -36.51 1.61
N ARG D 127 76.02 -35.79 0.49
CA ARG D 127 74.75 -35.54 -0.17
C ARG D 127 73.93 -36.79 -0.44
N GLY D 128 74.39 -37.64 -1.36
CA GLY D 128 73.55 -38.73 -1.82
C GLY D 128 73.21 -39.79 -0.78
N THR D 129 74.21 -40.48 -0.25
CA THR D 129 74.02 -41.56 0.70
C THR D 129 72.83 -42.45 0.33
N ARG D 130 72.96 -43.23 -0.73
CA ARG D 130 71.83 -43.99 -1.25
C ARG D 130 71.24 -44.90 -0.18
N PHE D 131 69.93 -44.77 0.03
CA PHE D 131 69.13 -45.69 0.80
C PHE D 131 68.17 -46.41 -0.14
N LEU D 132 67.38 -47.32 0.42
CA LEU D 132 66.31 -47.97 -0.32
C LEU D 132 65.21 -48.34 0.65
N ALA D 133 63.97 -48.23 0.18
CA ALA D 133 62.81 -48.42 1.03
C ALA D 133 61.73 -49.19 0.29
N TYR D 134 61.06 -50.08 1.02
CA TYR D 134 59.99 -50.88 0.41
C TYR D 134 58.75 -50.04 0.15
N ALA D 135 58.48 -49.04 0.99
CA ALA D 135 57.24 -48.28 0.93
C ALA D 135 56.05 -49.24 0.84
N LYS D 136 55.82 -49.90 1.97
CA LYS D 136 55.24 -51.23 1.96
C LYS D 136 53.88 -51.27 1.29
N ASP D 137 53.79 -52.06 0.23
CA ASP D 137 52.61 -52.83 -0.13
C ASP D 137 53.09 -54.28 -0.14
N THR D 138 52.68 -55.04 0.86
CA THR D 138 53.39 -56.26 1.25
C THR D 138 54.86 -55.93 1.46
N SER D 139 55.75 -56.57 0.69
CA SER D 139 57.19 -56.45 0.90
C SER D 139 57.93 -56.09 -0.38
N VAL D 140 57.80 -56.95 -1.39
CA VAL D 140 58.78 -57.07 -2.47
C VAL D 140 59.13 -55.72 -3.09
N ASN D 141 60.42 -55.57 -3.41
CA ASN D 141 61.10 -54.52 -4.17
C ASN D 141 61.29 -53.28 -3.30
N PRO D 142 62.42 -52.58 -3.45
CA PRO D 142 62.56 -51.24 -2.85
C PRO D 142 62.25 -50.14 -3.85
N TYR D 143 62.44 -48.87 -3.46
CA TYR D 143 62.41 -47.82 -4.47
C TYR D 143 63.77 -47.14 -4.59
N ASN D 144 64.06 -46.19 -3.69
CA ASN D 144 65.35 -45.53 -3.47
C ASN D 144 65.15 -44.37 -2.49
N PHE D 145 66.24 -43.88 -1.92
CA PHE D 145 66.24 -42.66 -1.12
C PHE D 145 67.63 -42.02 -1.19
N VAL D 146 67.65 -40.71 -1.13
CA VAL D 146 68.89 -39.94 -1.03
C VAL D 146 68.67 -38.80 -0.04
N SER D 147 69.66 -38.58 0.83
CA SER D 147 69.56 -37.53 1.83
C SER D 147 69.61 -36.14 1.19
N ARG D 148 70.55 -35.94 0.27
CA ARG D 148 70.67 -34.75 -0.56
C ARG D 148 71.26 -33.54 0.15
N GLU D 149 71.32 -33.53 1.49
CA GLU D 149 71.94 -32.41 2.19
C GLU D 149 72.78 -32.88 3.37
N ASP D 150 74.11 -32.70 3.27
CA ASP D 150 74.94 -32.26 4.38
C ASP D 150 74.73 -32.97 5.72
N VAL D 151 74.24 -32.19 6.69
CA VAL D 151 74.19 -32.42 8.13
C VAL D 151 75.62 -32.62 8.64
N ILE D 152 75.77 -33.36 9.75
CA ILE D 152 76.91 -33.40 10.66
C ILE D 152 76.47 -34.30 11.81
N ALA D 153 77.40 -34.84 12.59
CA ALA D 153 77.04 -35.52 13.82
C ALA D 153 78.05 -35.13 14.91
N ILE D 154 77.80 -35.62 16.12
CA ILE D 154 78.60 -35.29 17.30
C ILE D 154 78.79 -36.57 18.11
N ARG D 155 80.01 -36.79 18.58
CA ARG D 155 80.27 -37.93 19.46
C ARG D 155 80.11 -37.52 20.91
N ASP D 156 79.30 -38.29 21.65
CA ASP D 156 79.01 -37.98 23.04
C ASP D 156 78.96 -39.26 23.87
N LYS D 157 79.64 -39.25 25.01
CA LYS D 157 79.70 -40.39 25.92
C LYS D 157 80.20 -41.64 25.19
N ASN D 158 79.36 -42.66 25.09
CA ASN D 158 79.71 -43.82 24.29
C ASN D 158 79.90 -43.42 22.84
N ASN D 159 80.67 -44.20 22.09
CA ASN D 159 81.09 -43.72 20.78
C ASN D 159 80.02 -44.13 19.78
N GLN D 160 79.23 -43.15 19.37
CA GLN D 160 78.06 -43.31 18.52
C GLN D 160 77.75 -41.96 17.91
N TYR D 161 76.95 -41.97 16.85
CA TYR D 161 76.55 -40.76 16.16
C TYR D 161 75.04 -40.76 15.96
N PHE D 162 74.47 -39.57 15.91
CA PHE D 162 73.05 -39.38 15.63
C PHE D 162 72.90 -38.42 14.46
N PRO D 163 73.46 -38.76 13.30
CA PRO D 163 73.35 -37.87 12.15
C PRO D 163 71.97 -37.90 11.53
N ARG D 164 70.98 -37.37 12.24
CA ARG D 164 69.61 -37.35 11.73
C ARG D 164 69.53 -36.43 10.52
N LEU D 165 68.99 -36.95 9.42
CA LEU D 165 68.91 -36.22 8.17
C LEU D 165 67.52 -36.36 7.59
N LYS D 166 67.29 -35.66 6.48
CA LYS D 166 66.06 -35.78 5.71
C LYS D 166 66.42 -36.24 4.31
N LEU D 167 65.48 -36.87 3.63
CA LEU D 167 65.77 -37.57 2.40
C LEU D 167 64.62 -37.45 1.41
N ALA D 168 64.95 -37.39 0.13
CA ALA D 168 63.96 -37.36 -0.94
C ALA D 168 63.90 -38.72 -1.62
N GLN D 169 62.98 -38.85 -2.57
CA GLN D 169 62.65 -40.16 -3.12
C GLN D 169 63.67 -40.65 -4.14
N GLY D 170 63.81 -39.92 -5.24
CA GLY D 170 64.56 -40.43 -6.39
C GLY D 170 66.06 -40.48 -6.17
N ARG D 171 66.83 -40.54 -7.25
CA ARG D 171 68.25 -40.80 -7.07
C ARG D 171 69.08 -39.53 -7.15
N ILE D 172 69.39 -39.14 -8.39
CA ILE D 172 69.90 -37.85 -8.86
C ILE D 172 70.30 -38.07 -10.31
N VAL D 173 70.48 -36.99 -11.05
CA VAL D 173 71.13 -37.04 -12.36
C VAL D 173 71.77 -35.68 -12.60
N ARG D 174 72.95 -35.69 -13.21
CA ARG D 174 73.64 -34.44 -13.50
C ARG D 174 74.10 -34.44 -14.95
N THR D 175 73.64 -33.43 -15.70
CA THR D 175 74.02 -33.23 -17.09
C THR D 175 74.66 -31.86 -17.22
N GLU D 176 75.96 -31.84 -17.51
CA GLU D 176 76.67 -30.59 -17.74
C GLU D 176 76.56 -30.21 -19.21
N ILE D 177 76.44 -28.91 -19.48
CA ILE D 177 76.19 -28.40 -20.81
C ILE D 177 77.00 -27.12 -21.01
N ILE D 178 77.39 -26.88 -22.26
CA ILE D 178 78.04 -25.64 -22.67
C ILE D 178 76.98 -24.67 -23.13
N TYR D 179 77.01 -23.45 -22.61
CA TYR D 179 75.95 -22.47 -22.85
C TYR D 179 76.26 -21.74 -24.15
N ASP D 180 75.39 -21.91 -25.15
CA ASP D 180 75.57 -21.27 -26.44
C ASP D 180 74.84 -19.94 -26.56
N LYS D 181 73.96 -19.62 -25.61
CA LYS D 181 73.15 -18.40 -25.59
C LYS D 181 72.10 -18.41 -26.70
N LEU D 182 72.28 -19.28 -27.69
CA LEU D 182 71.30 -19.55 -28.72
C LEU D 182 70.52 -20.83 -28.44
N THR D 183 70.78 -21.48 -27.30
CA THR D 183 70.39 -22.88 -27.05
C THR D 183 69.52 -22.98 -25.80
N PRO D 184 68.20 -23.04 -25.95
CA PRO D 184 67.32 -23.06 -24.78
C PRO D 184 67.47 -24.32 -23.94
N ILE D 185 68.45 -24.28 -23.03
CA ILE D 185 68.76 -25.41 -22.17
C ILE D 185 67.50 -25.95 -21.50
N ILE D 186 67.32 -27.27 -21.58
CA ILE D 186 66.15 -27.97 -21.05
C ILE D 186 66.54 -29.38 -20.61
N ILE D 187 65.54 -30.21 -20.30
CA ILE D 187 65.76 -31.49 -19.64
C ILE D 187 65.14 -32.65 -20.43
N TYR D 188 63.82 -32.59 -20.67
CA TYR D 188 62.98 -33.49 -21.44
C TYR D 188 62.34 -34.62 -20.64
N ASP D 189 62.71 -34.85 -19.38
CA ASP D 189 62.22 -36.04 -18.69
C ASP D 189 61.28 -35.69 -17.53
N LYS D 190 59.97 -35.66 -17.83
CA LYS D 190 58.88 -36.30 -17.09
C LYS D 190 59.07 -36.44 -15.58
N ASN D 191 59.77 -35.50 -14.95
CA ASN D 191 60.32 -35.73 -13.62
C ASN D 191 60.78 -34.41 -13.00
N ILE D 192 61.71 -34.51 -12.06
CA ILE D 192 62.53 -33.42 -11.56
C ILE D 192 61.68 -32.38 -10.83
N ASP D 193 61.35 -32.68 -9.58
CA ASP D 193 60.62 -31.73 -8.76
C ASP D 193 61.32 -30.39 -8.77
N ARG D 194 60.59 -29.35 -9.17
CA ARG D 194 61.18 -28.02 -9.19
C ARG D 194 61.40 -27.48 -7.79
N ASN D 195 60.83 -28.12 -6.77
CA ASN D 195 61.08 -27.72 -5.41
C ASN D 195 62.54 -27.89 -5.05
N GLN D 196 63.16 -28.99 -5.45
CA GLN D 196 64.54 -29.29 -5.09
C GLN D 196 65.40 -29.41 -6.33
N VAL D 197 66.24 -28.39 -6.56
CA VAL D 197 67.15 -28.33 -7.70
C VAL D 197 68.35 -27.52 -7.24
N LYS D 198 69.50 -27.72 -7.90
CA LYS D 198 70.71 -26.98 -7.56
C LYS D 198 71.16 -26.07 -8.70
N LEU D 199 71.61 -26.62 -9.83
CA LEU D 199 72.06 -25.84 -10.97
C LEU D 199 73.20 -24.88 -10.61
N TYR D 200 74.40 -25.43 -10.42
CA TYR D 200 75.59 -24.61 -10.34
C TYR D 200 75.93 -24.07 -11.73
N VAL D 201 76.55 -22.90 -11.78
CA VAL D 201 77.28 -22.49 -12.97
C VAL D 201 78.75 -22.40 -12.57
N ASP D 202 79.48 -23.48 -12.85
CA ASP D 202 80.93 -23.64 -12.93
C ASP D 202 81.68 -23.23 -11.67
N GLY D 203 81.15 -22.26 -10.90
CA GLY D 203 81.68 -22.03 -9.58
C GLY D 203 81.00 -22.75 -8.44
N ALA D 204 79.71 -22.44 -8.27
CA ALA D 204 78.93 -22.80 -7.09
C ALA D 204 77.57 -22.09 -7.11
N GLU D 205 76.72 -22.39 -6.13
CA GLU D 205 75.60 -21.52 -5.73
C GLU D 205 74.61 -21.35 -6.87
N TRP D 206 74.29 -20.13 -7.31
CA TRP D 206 73.20 -19.85 -8.26
C TRP D 206 71.87 -20.31 -7.66
N ILE D 207 71.44 -19.53 -6.66
CA ILE D 207 70.28 -19.81 -5.80
C ILE D 207 68.96 -19.57 -6.52
N ASN D 208 69.03 -19.13 -7.76
CA ASN D 208 67.99 -18.75 -8.73
C ASN D 208 67.07 -17.67 -8.15
N TRP D 209 65.81 -17.71 -8.57
CA TRP D 209 64.88 -16.62 -8.29
C TRP D 209 63.51 -17.15 -7.87
N THR D 210 62.85 -17.88 -8.78
CA THR D 210 61.44 -18.22 -8.60
C THR D 210 61.14 -18.89 -7.26
N ARG D 211 62.10 -19.60 -6.68
CA ARG D 211 61.93 -20.26 -5.39
C ARG D 211 63.15 -20.02 -4.53
N LYS D 212 62.96 -19.36 -3.38
CA LYS D 212 64.05 -19.14 -2.45
C LYS D 212 63.94 -20.07 -1.26
N SER D 213 65.07 -20.63 -0.84
CA SER D 213 65.17 -21.27 0.46
C SER D 213 65.69 -20.33 1.54
N MET D 214 66.18 -19.16 1.15
CA MET D 214 66.82 -18.19 2.04
C MET D 214 66.24 -16.80 1.82
N VAL D 215 66.29 -16.36 0.57
CA VAL D 215 65.91 -15.05 0.02
C VAL D 215 67.09 -14.08 0.06
N HIS D 216 68.10 -14.35 0.90
CA HIS D 216 69.43 -13.72 0.82
C HIS D 216 69.33 -12.23 0.44
N ALA D 217 68.85 -11.44 1.41
CA ALA D 217 68.53 -10.04 1.16
C ALA D 217 69.67 -9.33 0.42
N GLY D 218 69.32 -8.58 -0.63
CA GLY D 218 70.29 -8.12 -1.59
C GLY D 218 70.77 -9.25 -2.50
N SER D 219 72.09 -9.43 -2.58
CA SER D 219 72.73 -10.52 -3.31
C SER D 219 72.66 -10.34 -4.82
N THR D 220 71.84 -9.41 -5.29
CA THR D 220 71.83 -8.97 -6.68
C THR D 220 71.70 -10.12 -7.67
N SER D 221 72.71 -10.29 -8.52
CA SER D 221 72.70 -11.24 -9.63
C SER D 221 72.94 -12.66 -9.12
N THR D 222 73.18 -13.59 -10.05
CA THR D 222 73.35 -15.04 -9.91
C THR D 222 72.02 -15.80 -9.94
N ILE D 223 70.91 -15.11 -10.12
CA ILE D 223 69.62 -15.79 -10.21
C ILE D 223 69.46 -16.44 -11.59
N TYR D 224 68.63 -17.47 -11.65
CA TYR D 224 68.15 -18.03 -12.91
C TYR D 224 66.65 -18.28 -12.80
N TYR D 225 66.09 -18.84 -13.86
CA TYR D 225 64.64 -18.93 -14.05
C TYR D 225 64.24 -20.30 -14.53
N MET D 226 63.06 -20.74 -14.10
CA MET D 226 62.50 -22.05 -14.42
C MET D 226 61.04 -21.88 -14.78
N ARG D 227 60.66 -22.21 -16.02
CA ARG D 227 59.23 -22.08 -16.28
C ARG D 227 58.48 -23.31 -16.80
N GLU D 228 58.29 -23.41 -18.12
CA GLU D 228 57.54 -24.53 -18.68
C GLU D 228 58.00 -24.94 -20.07
N THR D 229 57.87 -24.00 -21.02
CA THR D 229 57.88 -24.23 -22.48
C THR D 229 57.02 -25.43 -22.87
N ILE D 230 55.85 -25.52 -22.22
CA ILE D 230 54.81 -26.50 -22.46
C ILE D 230 55.46 -27.89 -22.39
N ASP D 231 54.97 -28.83 -23.20
CA ASP D 231 55.71 -30.04 -23.57
C ASP D 231 56.09 -30.92 -22.38
N GLY D 232 55.90 -30.41 -21.15
CA GLY D 232 56.31 -31.11 -19.96
C GLY D 232 57.78 -30.97 -19.61
N ASN D 233 58.60 -30.43 -20.50
CA ASN D 233 60.04 -30.34 -20.29
C ASN D 233 60.43 -28.93 -19.83
N THR D 234 61.06 -28.84 -18.67
CA THR D 234 61.28 -27.55 -18.03
C THR D 234 62.30 -26.72 -18.78
N GLU D 235 62.10 -25.40 -18.78
CA GLU D 235 63.00 -24.44 -19.38
C GLU D 235 63.85 -23.77 -18.30
N PHE D 236 65.16 -23.74 -18.53
CA PHE D 236 66.05 -22.87 -17.78
C PHE D 236 66.55 -21.77 -18.70
N TYR D 237 66.81 -20.60 -18.13
CA TYR D 237 67.39 -19.50 -18.90
C TYR D 237 67.90 -18.47 -17.90
N PHE D 238 68.50 -17.41 -18.43
CA PHE D 238 69.16 -16.40 -17.62
C PHE D 238 68.72 -15.02 -18.08
N GLY D 239 69.03 -14.02 -17.25
CA GLY D 239 68.53 -12.68 -17.48
C GLY D 239 69.26 -11.97 -18.61
N GLU D 240 69.04 -10.65 -18.64
CA GLU D 240 69.55 -9.77 -19.67
C GLU D 240 70.89 -9.15 -19.28
N GLY D 241 71.47 -9.56 -18.15
CA GLY D 241 72.60 -8.86 -17.58
C GLY D 241 73.84 -8.87 -18.45
N GLU D 242 74.83 -8.11 -17.99
CA GLU D 242 76.04 -7.82 -18.74
C GLU D 242 77.28 -8.16 -17.92
N ILE D 243 77.37 -7.56 -16.73
CA ILE D 243 78.49 -7.63 -15.79
C ILE D 243 79.80 -7.29 -16.50
N SER D 244 79.92 -6.03 -16.89
CA SER D 244 81.16 -5.50 -17.48
C SER D 244 81.96 -4.73 -16.44
N ALA D 254 76.81 -6.39 -11.10
CA ALA D 254 76.05 -6.40 -12.34
C ALA D 254 76.06 -5.02 -12.97
N ASN D 255 75.59 -4.95 -14.23
CA ASN D 255 75.47 -3.68 -14.92
C ASN D 255 74.56 -2.73 -14.15
N TYR D 256 73.26 -3.03 -14.12
CA TYR D 256 72.33 -2.28 -13.28
C TYR D 256 71.44 -3.23 -12.49
N ILE D 257 70.54 -3.93 -13.19
CA ILE D 257 69.66 -4.90 -12.56
C ILE D 257 69.36 -6.01 -13.57
N GLY D 258 69.31 -7.24 -13.08
CA GLY D 258 69.02 -8.38 -13.91
C GLY D 258 69.79 -9.59 -13.43
N GLY D 259 69.73 -10.65 -14.23
CA GLY D 259 70.49 -11.85 -13.97
C GLY D 259 71.92 -11.72 -14.46
N LEU D 260 72.85 -12.36 -13.74
CA LEU D 260 74.26 -12.24 -14.06
C LEU D 260 74.58 -12.73 -15.47
N LYS D 261 73.87 -13.74 -15.97
CA LYS D 261 74.08 -14.36 -17.27
C LYS D 261 75.38 -15.14 -17.25
N PRO D 262 75.51 -16.23 -18.01
CA PRO D 262 76.84 -16.84 -18.17
C PRO D 262 77.68 -15.99 -19.10
N THR D 263 78.93 -16.33 -19.34
CA THR D 263 79.68 -15.61 -20.38
C THR D 263 79.99 -16.60 -21.51
N GLN D 264 79.10 -16.63 -22.50
CA GLN D 264 79.29 -17.12 -23.86
C GLN D 264 79.80 -18.56 -23.93
N ASN D 265 80.51 -19.01 -22.90
CA ASN D 265 80.91 -20.40 -22.77
C ASN D 265 81.04 -20.68 -21.27
N SER D 266 80.40 -21.75 -20.80
CA SER D 266 80.56 -22.15 -19.42
C SER D 266 80.12 -23.59 -19.27
N THR D 267 80.54 -24.21 -18.17
CA THR D 267 80.01 -25.51 -17.77
C THR D 267 78.84 -25.27 -16.83
N ILE D 268 77.64 -25.59 -17.29
CA ILE D 268 76.42 -25.41 -16.52
C ILE D 268 75.99 -26.79 -16.03
N VAL D 269 76.10 -27.02 -14.73
CA VAL D 269 75.86 -28.32 -14.13
C VAL D 269 74.50 -28.30 -13.46
N ILE D 270 73.55 -29.02 -14.03
CA ILE D 270 72.23 -29.20 -13.44
C ILE D 270 72.24 -30.51 -12.68
N GLU D 271 71.68 -30.52 -11.48
CA GLU D 271 71.42 -31.78 -10.80
C GLU D 271 70.02 -31.75 -10.20
N TYR D 272 69.23 -32.77 -10.53
CA TYR D 272 67.88 -32.90 -10.06
C TYR D 272 67.67 -34.24 -9.37
N ILE D 273 66.44 -34.55 -8.99
CA ILE D 273 66.10 -35.81 -8.37
C ILE D 273 65.18 -36.58 -9.31
N SER D 274 65.45 -37.88 -9.47
CA SER D 274 64.73 -38.67 -10.46
C SER D 274 63.25 -38.78 -10.12
N THR D 275 62.91 -38.82 -8.83
CA THR D 275 61.52 -38.79 -8.37
C THR D 275 60.68 -39.90 -9.01
N ASN D 276 60.89 -41.14 -8.54
CA ASN D 276 60.19 -42.28 -9.12
C ASN D 276 58.69 -42.06 -9.23
N GLY D 277 58.07 -41.48 -8.21
CA GLY D 277 56.67 -41.13 -8.29
C GLY D 277 56.02 -41.19 -6.92
N ALA D 278 54.69 -41.03 -6.93
CA ALA D 278 53.87 -41.03 -5.72
C ALA D 278 53.66 -42.42 -5.16
N ASP D 279 54.14 -43.47 -5.84
CA ASP D 279 53.89 -44.83 -5.38
C ASP D 279 54.61 -45.14 -4.07
N ALA D 280 55.47 -44.26 -3.60
CA ALA D 280 56.40 -44.54 -2.52
C ALA D 280 55.90 -44.12 -1.15
N ASN D 281 54.63 -43.70 -1.03
CA ASN D 281 54.12 -43.15 0.22
C ASN D 281 54.28 -44.08 1.42
N GLY D 282 54.52 -45.37 1.19
CA GLY D 282 54.59 -46.34 2.28
C GLY D 282 55.67 -46.14 3.30
N ALA D 283 56.90 -45.80 2.87
CA ALA D 283 58.03 -45.64 3.77
C ALA D 283 58.29 -46.89 4.60
N VAL D 284 58.04 -46.79 5.91
CA VAL D 284 58.36 -47.77 6.96
C VAL D 284 59.83 -48.18 6.85
N GLY D 285 60.12 -49.47 6.99
CA GLY D 285 61.48 -49.95 7.13
C GLY D 285 62.46 -49.47 6.09
N PHE D 286 63.60 -48.93 6.54
CA PHE D 286 64.68 -48.48 5.67
C PHE D 286 65.92 -49.33 5.94
N SER D 287 66.80 -49.39 4.94
CA SER D 287 68.07 -50.08 5.08
C SER D 287 69.20 -49.12 4.74
N TYR D 288 70.37 -49.38 5.32
CA TYR D 288 71.53 -48.51 5.15
C TYR D 288 71.92 -48.35 3.68
N ALA D 289 72.41 -49.43 3.08
CA ALA D 289 73.01 -49.40 1.74
C ALA D 289 74.11 -48.36 1.64
N ASP D 290 74.91 -48.22 2.70
CA ASP D 290 75.88 -47.14 2.83
C ASP D 290 77.29 -47.67 2.64
N THR D 291 77.99 -47.16 1.63
CA THR D 291 79.42 -47.37 1.53
C THR D 291 80.10 -46.02 1.34
N LEU D 292 80.81 -45.57 2.38
CA LEU D 292 81.56 -44.33 2.33
C LEU D 292 82.95 -44.53 2.90
N THR D 293 83.00 -44.72 4.21
CA THR D 293 84.21 -44.83 5.00
C THR D 293 83.81 -45.53 6.30
N ASN D 294 84.63 -45.39 7.34
CA ASN D 294 84.53 -46.19 8.55
C ASN D 294 83.16 -46.17 9.24
N ILE D 295 82.24 -45.33 8.79
CA ILE D 295 80.88 -45.34 9.33
C ILE D 295 80.31 -46.75 9.26
N THR D 296 79.84 -47.27 10.39
CA THR D 296 79.40 -48.65 10.46
C THR D 296 77.98 -48.84 9.95
N VAL D 297 77.19 -47.78 9.90
CA VAL D 297 75.76 -47.86 9.61
C VAL D 297 75.13 -48.82 10.61
N ILE D 298 75.14 -48.43 11.89
CA ILE D 298 74.70 -49.30 12.97
C ILE D 298 73.23 -49.62 12.91
N ASN D 299 72.49 -48.99 11.99
CA ASN D 299 71.04 -49.13 11.88
C ASN D 299 70.36 -48.64 13.15
N ILE D 300 69.47 -49.46 13.73
CA ILE D 300 68.49 -49.00 14.71
C ILE D 300 67.87 -47.75 14.12
N ASN D 301 67.45 -47.85 12.87
CA ASN D 301 66.95 -46.66 12.17
C ASN D 301 65.52 -46.39 12.60
N GLU D 302 65.30 -45.19 13.14
CA GLU D 302 63.99 -44.78 13.60
C GLU D 302 63.40 -43.86 12.52
N ASN D 303 62.45 -44.39 11.76
CA ASN D 303 61.77 -43.58 10.75
C ASN D 303 61.05 -42.40 11.40
N PRO D 304 60.05 -42.63 12.24
CA PRO D 304 59.44 -41.51 12.98
C PRO D 304 59.96 -41.36 14.39
N ASN D 305 61.12 -40.75 14.62
CA ASN D 305 61.43 -40.33 15.98
C ASN D 305 61.08 -38.84 16.02
N ASP D 306 59.83 -38.57 16.38
CA ASP D 306 59.33 -37.23 16.61
C ASP D 306 58.27 -37.21 17.71
N ASP D 307 57.12 -37.83 17.41
CA ASP D 307 55.83 -37.50 17.98
C ASP D 307 54.77 -38.55 17.67
N PRO D 308 53.49 -38.23 17.91
CA PRO D 308 52.40 -39.19 17.70
C PRO D 308 52.24 -39.73 16.29
N ASP D 309 51.11 -40.38 16.05
CA ASP D 309 50.93 -41.40 15.01
C ASP D 309 51.48 -40.96 13.65
N PHE D 310 52.09 -41.93 12.96
CA PHE D 310 52.93 -41.69 11.80
C PHE D 310 52.49 -42.58 10.64
N VAL D 311 52.30 -41.97 9.47
CA VAL D 311 51.77 -42.68 8.30
C VAL D 311 52.87 -43.24 7.39
N GLY D 312 54.13 -42.94 7.67
CA GLY D 312 55.16 -43.13 6.67
C GLY D 312 55.50 -41.84 5.96
N ALA D 313 56.02 -41.92 4.74
CA ALA D 313 56.46 -40.73 4.05
C ALA D 313 55.25 -39.92 3.58
N ASP D 314 55.54 -38.77 2.98
CA ASP D 314 54.48 -37.88 2.52
C ASP D 314 54.88 -37.29 1.19
N GLY D 315 53.91 -36.70 0.51
CA GLY D 315 54.14 -36.17 -0.81
C GLY D 315 53.98 -37.24 -1.88
N GLY D 316 54.80 -37.10 -2.92
CA GLY D 316 54.76 -37.98 -4.07
C GLY D 316 54.10 -37.39 -5.29
N GLY D 317 53.24 -36.40 -5.12
CA GLY D 317 52.83 -35.60 -6.24
C GLY D 317 52.03 -36.36 -7.28
N ASP D 318 52.58 -36.37 -8.50
CA ASP D 318 51.94 -36.50 -9.81
C ASP D 318 51.44 -35.12 -10.19
N PRO D 319 51.33 -34.80 -11.48
CA PRO D 319 51.07 -33.40 -11.86
C PRO D 319 49.70 -32.93 -11.40
N GLU D 320 49.62 -31.64 -11.08
CA GLU D 320 48.39 -31.08 -10.55
C GLU D 320 47.31 -31.04 -11.62
N ASP D 321 46.07 -31.26 -11.20
CA ASP D 321 44.94 -31.25 -12.12
C ASP D 321 44.64 -29.83 -12.61
N ILE D 322 43.91 -29.76 -13.72
CA ILE D 322 43.61 -28.47 -14.33
C ILE D 322 42.76 -27.61 -13.40
N GLU D 323 41.77 -28.23 -12.76
CA GLU D 323 40.87 -27.49 -11.88
C GLU D 323 41.57 -26.99 -10.62
N ARG D 324 42.75 -27.50 -10.32
CA ARG D 324 43.53 -26.98 -9.19
C ARG D 324 44.25 -25.69 -9.58
N ILE D 325 45.09 -25.75 -10.61
CA ILE D 325 45.94 -24.64 -11.07
C ILE D 325 45.16 -23.33 -11.14
N ARG D 326 44.08 -23.31 -11.93
CA ARG D 326 43.28 -22.11 -12.14
C ARG D 326 43.03 -21.35 -10.84
N GLU D 327 42.33 -22.01 -9.91
CA GLU D 327 42.02 -21.38 -8.62
C GLU D 327 43.27 -20.83 -7.95
N LEU D 328 44.38 -21.56 -7.99
CA LEU D 328 45.62 -21.04 -7.44
C LEU D 328 46.34 -20.12 -8.42
N GLY D 329 45.98 -20.15 -9.70
CA GLY D 329 46.67 -19.32 -10.67
C GLY D 329 46.28 -17.86 -10.59
N THR D 330 44.98 -17.58 -10.44
CA THR D 330 44.52 -16.20 -10.39
C THR D 330 44.74 -15.58 -9.02
N ILE D 331 44.58 -16.36 -7.96
CA ILE D 331 44.70 -15.81 -6.60
C ILE D 331 46.11 -15.29 -6.36
N LYS D 332 47.11 -15.83 -7.04
CA LYS D 332 48.47 -15.33 -6.85
C LYS D 332 48.71 -13.99 -7.51
N ARG D 333 47.74 -13.45 -8.25
CA ARG D 333 47.81 -12.02 -8.57
C ARG D 333 47.37 -11.17 -7.38
N GLU D 334 46.46 -11.68 -6.55
CA GLU D 334 46.09 -10.95 -5.34
C GLU D 334 47.29 -10.75 -4.43
N THR D 335 48.09 -11.80 -4.24
CA THR D 335 49.40 -11.68 -3.64
C THR D 335 50.40 -11.20 -4.67
N GLN D 336 51.49 -10.58 -4.20
CA GLN D 336 52.74 -10.61 -4.95
C GLN D 336 53.82 -11.20 -4.04
N GLN D 337 54.12 -12.47 -4.25
CA GLN D 337 55.23 -13.19 -3.61
C GLN D 337 55.37 -12.87 -2.12
N ARG D 338 54.26 -12.52 -1.47
CA ARG D 338 54.27 -12.14 -0.06
C ARG D 338 52.91 -12.47 0.53
N CYS D 339 52.88 -12.85 1.80
CA CYS D 339 51.64 -13.19 2.47
C CYS D 339 51.37 -12.20 3.60
N VAL D 340 50.44 -11.27 3.36
CA VAL D 340 49.93 -10.39 4.40
C VAL D 340 48.54 -10.77 4.87
N THR D 341 47.91 -11.78 4.25
CA THR D 341 46.47 -11.97 4.40
C THR D 341 46.16 -13.43 4.68
N ALA D 342 45.04 -13.66 5.37
CA ALA D 342 44.60 -15.03 5.64
C ALA D 342 44.49 -15.85 4.36
N THR D 343 43.94 -15.25 3.30
CA THR D 343 43.87 -15.98 2.04
C THR D 343 45.24 -16.15 1.39
N ASP D 344 46.26 -15.44 1.86
CA ASP D 344 47.59 -15.59 1.28
C ASP D 344 48.26 -16.85 1.79
N TYR D 345 48.23 -17.07 3.11
CA TYR D 345 48.80 -18.30 3.67
C TYR D 345 48.19 -19.53 3.01
N ASP D 346 46.88 -19.49 2.74
CA ASP D 346 46.25 -20.58 2.03
C ASP D 346 46.85 -20.78 0.65
N THR D 347 47.30 -19.71 0.00
CA THR D 347 47.97 -19.84 -1.28
C THR D 347 49.47 -20.13 -1.12
N PHE D 348 50.05 -19.73 0.02
CA PHE D 348 51.44 -20.10 0.28
C PHE D 348 51.58 -21.49 0.87
N VAL D 349 50.57 -21.97 1.60
CA VAL D 349 50.49 -23.39 1.93
C VAL D 349 49.62 -23.99 0.83
N SER D 350 50.29 -24.60 -0.14
CA SER D 350 49.74 -24.81 -1.47
C SER D 350 50.89 -25.33 -2.32
N GLU D 351 50.67 -25.54 -3.61
CA GLU D 351 51.57 -26.33 -4.44
C GLU D 351 53.03 -25.94 -4.24
N ARG D 352 53.30 -24.73 -3.73
CA ARG D 352 54.66 -24.41 -3.30
C ARG D 352 55.15 -25.39 -2.22
N PHE D 353 54.48 -25.40 -1.07
CA PHE D 353 54.72 -26.40 -0.05
C PHE D 353 53.69 -27.52 -0.12
N GLY D 354 52.84 -27.51 -1.13
CA GLY D 354 51.69 -28.40 -1.18
C GLY D 354 52.06 -29.85 -1.50
N SER D 355 51.00 -30.61 -1.75
CA SER D 355 51.02 -32.07 -1.97
C SER D 355 51.26 -32.78 -0.65
N ILE D 356 51.74 -32.04 0.35
CA ILE D 356 51.80 -32.50 1.73
C ILE D 356 50.65 -31.97 2.56
N ILE D 357 49.79 -31.12 2.01
CA ILE D 357 48.68 -30.52 2.73
C ILE D 357 47.45 -30.51 1.81
N GLN D 358 46.35 -31.11 2.28
CA GLN D 358 45.14 -31.15 1.47
C GLN D 358 44.34 -29.85 1.55
N ALA D 359 44.18 -29.29 2.76
CA ALA D 359 43.38 -28.09 2.95
C ALA D 359 43.92 -27.31 4.14
N VAL D 360 43.63 -26.01 4.16
CA VAL D 360 44.27 -25.14 5.15
C VAL D 360 43.29 -24.33 6.00
N GLN D 361 42.65 -23.32 5.40
CA GLN D 361 41.86 -22.34 6.14
C GLN D 361 42.64 -21.75 7.31
N THR D 362 43.61 -20.88 7.03
CA THR D 362 44.30 -20.19 8.09
C THR D 362 43.41 -19.13 8.72
N PHE D 363 43.60 -18.90 10.00
CA PHE D 363 42.81 -17.91 10.73
C PHE D 363 43.66 -17.32 11.84
N THR D 364 43.20 -16.18 12.35
CA THR D 364 43.86 -15.49 13.46
C THR D 364 42.91 -15.41 14.63
N ASP D 365 43.39 -15.81 15.82
CA ASP D 365 42.58 -15.70 17.02
C ASP D 365 42.71 -14.31 17.62
N SER D 366 41.58 -13.72 17.99
CA SER D 366 41.60 -12.33 18.44
C SER D 366 42.19 -12.19 19.83
N THR D 367 41.94 -13.16 20.70
CA THR D 367 42.42 -13.06 22.08
C THR D 367 43.94 -13.13 22.13
N LYS D 368 44.53 -13.86 21.20
CA LYS D 368 45.98 -14.00 21.17
C LYS D 368 46.55 -13.26 19.96
N PRO D 369 47.20 -12.12 20.16
CA PRO D 369 47.74 -11.38 19.02
C PRO D 369 48.93 -12.12 18.41
N GLY D 370 49.44 -11.55 17.32
CA GLY D 370 50.40 -12.25 16.51
C GLY D 370 49.87 -13.63 16.15
N TYR D 371 50.81 -14.59 16.12
CA TYR D 371 50.47 -16.01 16.05
C TYR D 371 49.39 -16.34 15.03
N ALA D 372 49.70 -16.24 13.74
CA ALA D 372 48.77 -16.65 12.70
C ALA D 372 48.64 -18.16 12.82
N PHE D 373 47.41 -18.63 13.00
CA PHE D 373 47.17 -20.05 13.17
C PHE D 373 46.83 -20.68 11.82
N ILE D 374 47.37 -21.87 11.60
CA ILE D 374 47.20 -22.59 10.34
C ILE D 374 46.74 -24.00 10.66
N ALA D 375 45.53 -24.34 10.23
CA ALA D 375 45.08 -25.72 10.22
C ALA D 375 45.53 -26.37 8.93
N ALA D 376 45.98 -27.62 9.02
CA ALA D 376 46.40 -28.33 7.82
C ALA D 376 46.12 -29.81 7.99
N LYS D 377 45.65 -30.43 6.90
CA LYS D 377 45.50 -31.88 6.85
C LYS D 377 46.41 -32.43 5.76
N PRO D 378 47.39 -33.28 6.09
CA PRO D 378 48.19 -33.91 5.03
C PRO D 378 47.36 -34.91 4.24
N LYS D 379 47.79 -35.17 3.01
CA LYS D 379 47.16 -36.23 2.23
C LYS D 379 47.38 -37.59 2.89
N SER D 380 48.43 -37.71 3.70
CA SER D 380 48.65 -38.93 4.46
C SER D 380 47.60 -39.11 5.55
N GLY D 381 46.95 -38.05 5.97
CA GLY D 381 45.87 -38.12 6.94
C GLY D 381 46.31 -37.66 8.33
N LEU D 382 45.34 -37.16 9.09
CA LEU D 382 45.53 -36.75 10.47
C LEU D 382 46.62 -35.68 10.63
N TYR D 383 47.70 -36.02 11.33
CA TYR D 383 48.66 -35.05 11.82
C TYR D 383 49.89 -34.98 10.92
N LEU D 384 50.48 -33.79 10.85
CA LEU D 384 51.68 -33.53 10.05
C LEU D 384 52.96 -34.02 10.71
N THR D 385 52.87 -34.57 11.92
CA THR D 385 54.03 -34.97 12.74
C THR D 385 54.88 -33.71 12.94
N THR D 386 56.21 -33.82 12.88
CA THR D 386 57.07 -32.65 12.95
C THR D 386 58.03 -32.69 11.77
N VAL D 387 58.82 -31.62 11.65
CA VAL D 387 59.90 -31.40 10.69
C VAL D 387 59.34 -31.38 9.27
N GLN D 388 58.11 -31.88 9.12
CA GLN D 388 57.23 -31.52 8.01
C GLN D 388 56.34 -30.36 8.39
N ARG D 389 56.28 -30.04 9.68
CA ARG D 389 55.62 -28.86 10.23
C ARG D 389 56.60 -27.70 10.30
N GLU D 390 57.70 -27.89 11.04
CA GLU D 390 58.79 -26.92 11.04
C GLU D 390 59.20 -26.52 9.63
N ASP D 391 59.08 -27.42 8.66
CA ASP D 391 59.36 -27.07 7.27
C ASP D 391 58.35 -26.05 6.76
N ILE D 392 57.05 -26.28 7.02
CA ILE D 392 56.04 -25.32 6.61
C ILE D 392 56.22 -24.01 7.36
N LYS D 393 56.67 -24.08 8.62
CA LYS D 393 57.02 -22.90 9.39
C LYS D 393 57.96 -21.99 8.62
N ASN D 394 59.15 -22.50 8.29
CA ASN D 394 60.22 -21.66 7.78
C ASN D 394 59.86 -21.05 6.42
N TYR D 395 59.34 -21.86 5.50
CA TYR D 395 59.05 -21.36 4.16
C TYR D 395 58.08 -20.19 4.17
N LEU D 396 57.22 -20.11 5.19
CA LEU D 396 56.34 -18.96 5.34
C LEU D 396 57.08 -17.75 5.90
N LYS D 397 57.67 -17.92 7.10
CA LYS D 397 58.20 -16.78 7.85
C LYS D 397 59.16 -15.93 7.03
N ASP D 398 59.79 -16.48 5.98
CA ASP D 398 60.59 -15.67 5.08
C ASP D 398 59.75 -14.69 4.27
N TYR D 399 58.58 -15.12 3.77
CA TYR D 399 57.68 -14.25 3.05
C TYR D 399 56.61 -13.64 3.94
N ASN D 400 56.68 -13.88 5.25
CA ASN D 400 55.60 -13.56 6.15
C ASN D 400 55.64 -12.08 6.52
N LEU D 401 54.70 -11.66 7.35
CA LEU D 401 54.69 -10.32 7.93
C LEU D 401 55.51 -10.40 9.21
N ALA D 402 56.62 -9.66 9.25
CA ALA D 402 57.78 -9.95 10.09
C ALA D 402 57.47 -10.29 11.55
N PRO D 403 56.77 -9.43 12.31
CA PRO D 403 56.61 -9.71 13.74
C PRO D 403 55.81 -10.95 14.07
N ILE D 404 54.74 -11.23 13.33
CA ILE D 404 53.84 -12.33 13.68
C ILE D 404 54.46 -13.65 13.24
N THR D 405 54.34 -14.66 14.10
CA THR D 405 54.92 -15.98 13.83
C THR D 405 53.83 -16.95 13.42
N PRO D 406 54.00 -17.67 12.32
CA PRO D 406 53.02 -18.70 11.97
C PRO D 406 53.14 -19.91 12.89
N SER D 407 52.03 -20.61 13.06
CA SER D 407 51.97 -21.79 13.90
C SER D 407 50.99 -22.78 13.30
N ILE D 408 51.30 -24.06 13.42
CA ILE D 408 50.47 -25.12 12.87
C ILE D 408 49.75 -25.77 14.04
N ILE D 409 48.45 -25.47 14.18
CA ILE D 409 47.65 -26.11 15.21
C ILE D 409 47.09 -27.46 14.77
N SER D 410 46.84 -27.62 13.46
CA SER D 410 46.08 -28.71 12.83
C SER D 410 44.61 -28.53 13.21
N PRO D 411 43.67 -28.96 12.36
CA PRO D 411 42.26 -28.72 12.65
C PRO D 411 41.77 -29.64 13.76
N ASN D 412 40.51 -29.47 14.12
CA ASN D 412 39.86 -30.31 15.11
C ASN D 412 39.01 -31.33 14.36
N TYR D 413 39.46 -32.58 14.36
CA TYR D 413 38.89 -33.59 13.47
C TYR D 413 37.62 -34.17 14.06
N LEU D 414 36.58 -34.21 13.23
CA LEU D 414 35.36 -34.96 13.50
C LEU D 414 35.27 -36.06 12.47
N PHE D 415 35.51 -37.29 12.88
CA PHE D 415 35.30 -38.42 11.98
C PHE D 415 33.88 -38.94 12.18
N ILE D 416 33.50 -39.93 11.37
CA ILE D 416 32.17 -40.53 11.49
C ILE D 416 32.32 -42.04 11.42
N LYS D 417 31.52 -42.74 12.23
CA LYS D 417 31.55 -44.20 12.30
C LYS D 417 30.35 -44.72 11.52
N THR D 418 30.63 -45.52 10.49
CA THR D 418 29.59 -45.90 9.51
C THR D 418 28.81 -47.13 9.96
N ASN D 419 29.43 -48.31 9.89
CA ASN D 419 28.75 -49.58 10.06
C ASN D 419 27.62 -49.72 9.04
N LEU D 420 28.03 -49.90 7.78
CA LEU D 420 27.12 -49.96 6.64
C LEU D 420 27.16 -51.35 6.01
N LYS D 421 26.10 -51.71 5.30
CA LYS D 421 25.99 -53.00 4.64
C LYS D 421 25.54 -52.81 3.20
N VAL D 422 26.33 -53.32 2.25
CA VAL D 422 26.11 -53.05 0.83
C VAL D 422 25.18 -54.06 0.15
N THR D 423 24.92 -55.22 0.77
CA THR D 423 23.98 -56.23 0.28
C THR D 423 24.00 -56.43 -1.24
N TYR D 424 25.08 -56.99 -1.77
CA TYR D 424 25.17 -57.26 -3.19
C TYR D 424 24.39 -58.53 -3.55
N ALA D 425 24.55 -58.97 -4.81
CA ALA D 425 23.97 -60.21 -5.30
C ALA D 425 25.10 -61.12 -5.76
N LEU D 426 25.02 -62.41 -5.41
CA LEU D 426 26.10 -63.34 -5.74
C LEU D 426 26.19 -63.62 -7.22
N ASN D 427 25.12 -63.35 -7.98
CA ASN D 427 25.05 -63.81 -9.36
C ASN D 427 26.07 -63.10 -10.24
N LYS D 428 26.10 -61.77 -10.19
CA LYS D 428 26.77 -60.98 -11.21
C LYS D 428 28.22 -60.62 -10.86
N LEU D 429 28.75 -61.07 -9.73
CA LEU D 429 30.10 -60.68 -9.37
C LEU D 429 31.13 -61.39 -10.24
N GLN D 430 32.38 -61.00 -10.06
CA GLN D 430 33.52 -61.63 -10.73
C GLN D 430 34.62 -61.90 -9.72
N GLU D 431 35.18 -60.84 -9.14
CA GLU D 431 36.20 -60.97 -8.11
C GLU D 431 35.62 -61.24 -6.73
N SER D 432 34.29 -61.24 -6.61
CA SER D 432 33.56 -61.63 -5.39
C SER D 432 33.98 -60.69 -4.25
N GLU D 433 34.25 -61.23 -3.06
CA GLU D 433 34.53 -60.42 -1.87
C GLU D 433 35.98 -59.96 -1.94
N GLN D 434 36.53 -59.44 -0.85
CA GLN D 434 37.89 -58.87 -0.90
C GLN D 434 37.87 -57.73 -1.92
N TRP D 435 38.33 -57.99 -3.15
CA TRP D 435 38.41 -56.96 -4.17
C TRP D 435 37.21 -56.02 -4.17
N LEU D 436 36.00 -56.51 -3.91
CA LEU D 436 34.87 -55.60 -3.73
C LEU D 436 34.90 -54.93 -2.35
N GLU D 437 35.26 -55.69 -1.31
CA GLU D 437 35.48 -55.09 0.01
C GLU D 437 36.40 -53.89 -0.07
N GLY D 438 37.43 -53.94 -0.91
CA GLY D 438 38.32 -52.81 -1.09
C GLY D 438 37.85 -51.83 -2.13
N GLN D 439 37.09 -52.31 -3.12
CA GLN D 439 36.54 -51.41 -4.12
C GLN D 439 35.51 -50.47 -3.54
N ILE D 440 34.86 -50.84 -2.43
CA ILE D 440 33.91 -49.94 -1.80
C ILE D 440 34.63 -48.89 -0.96
N ILE D 441 35.84 -49.20 -0.50
CA ILE D 441 36.64 -48.29 0.31
C ILE D 441 36.89 -47.00 -0.45
N ASP D 442 37.63 -47.09 -1.56
CA ASP D 442 38.08 -45.88 -2.24
C ASP D 442 36.91 -45.07 -2.79
N LYS D 443 35.82 -45.72 -3.18
CA LYS D 443 34.64 -44.98 -3.61
C LYS D 443 34.10 -44.11 -2.48
N ILE D 444 33.98 -44.67 -1.28
CA ILE D 444 33.69 -43.84 -0.11
C ILE D 444 34.79 -42.80 0.06
N ASP D 445 36.04 -43.23 -0.03
CA ASP D 445 37.16 -42.31 0.12
C ASP D 445 37.13 -41.23 -0.95
N ARG D 446 36.70 -41.59 -2.16
CA ARG D 446 36.60 -40.60 -3.23
C ARG D 446 35.50 -39.58 -2.93
N TYR D 447 34.46 -40.00 -2.23
CA TYR D 447 33.40 -39.07 -1.85
C TYR D 447 33.94 -37.99 -0.91
N TYR D 448 34.70 -38.40 0.11
CA TYR D 448 35.30 -37.42 1.00
C TYR D 448 36.23 -36.48 0.25
N THR D 449 37.19 -37.05 -0.49
CA THR D 449 38.20 -36.23 -1.17
C THR D 449 37.57 -35.19 -2.09
N GLU D 450 36.42 -35.51 -2.68
CA GLU D 450 35.81 -34.61 -3.64
C GLU D 450 34.93 -33.56 -2.94
N ASP D 451 33.88 -34.01 -2.24
CA ASP D 451 32.98 -33.07 -1.57
C ASP D 451 33.50 -32.58 -0.23
N VAL D 452 33.49 -33.45 0.78
CA VAL D 452 33.58 -33.01 2.18
C VAL D 452 35.01 -32.99 2.70
N GLU D 453 36.00 -33.27 1.85
CA GLU D 453 37.40 -33.16 2.30
C GLU D 453 37.71 -31.75 2.78
N ILE D 454 37.12 -30.75 2.16
CA ILE D 454 37.48 -29.37 2.41
C ILE D 454 36.66 -28.81 3.56
N PHE D 455 36.94 -27.58 3.94
CA PHE D 455 36.29 -26.92 5.06
C PHE D 455 34.91 -26.41 4.69
N ASN D 456 34.09 -26.20 5.73
CA ASN D 456 32.79 -25.54 5.62
C ASN D 456 31.77 -26.39 4.87
N SER D 457 32.19 -27.53 4.34
CA SER D 457 31.31 -28.41 3.59
C SER D 457 30.82 -29.54 4.47
N SER D 458 29.53 -29.85 4.35
CA SER D 458 28.93 -30.96 5.07
C SER D 458 28.94 -32.21 4.18
N PHE D 459 28.44 -33.32 4.72
CA PHE D 459 28.24 -34.50 3.91
C PHE D 459 26.88 -35.10 4.27
N ALA D 460 26.29 -35.79 3.30
CA ALA D 460 25.02 -36.48 3.51
C ALA D 460 25.24 -37.96 3.26
N LYS D 461 24.80 -38.79 4.21
CA LYS D 461 24.99 -40.23 4.06
C LYS D 461 24.33 -40.75 2.79
N SER D 462 23.26 -40.10 2.34
CA SER D 462 22.69 -40.45 1.05
C SER D 462 23.68 -40.27 -0.08
N LYS D 463 24.50 -39.21 -0.01
CA LYS D 463 25.51 -39.02 -1.04
C LYS D 463 26.64 -40.02 -0.92
N MET D 464 26.92 -40.49 0.31
CA MET D 464 27.91 -41.56 0.46
C MET D 464 27.38 -42.87 -0.11
N LEU D 465 26.08 -43.12 0.07
CA LEU D 465 25.52 -44.38 -0.40
C LEU D 465 25.43 -44.43 -1.91
N THR D 466 25.24 -43.27 -2.56
CA THR D 466 25.19 -43.29 -4.02
C THR D 466 26.55 -43.53 -4.64
N TYR D 467 27.64 -43.21 -3.94
CA TYR D 467 28.94 -43.71 -4.37
C TYR D 467 29.15 -45.15 -3.92
N VAL D 468 28.51 -45.56 -2.83
CA VAL D 468 28.56 -46.96 -2.43
C VAL D 468 27.87 -47.84 -3.47
N ASP D 469 26.64 -47.47 -3.84
CA ASP D 469 25.91 -48.23 -4.85
C ASP D 469 26.56 -48.14 -6.23
N ASP D 470 27.54 -47.27 -6.40
CA ASP D 470 28.24 -47.13 -7.66
C ASP D 470 29.46 -48.05 -7.74
N ALA D 471 29.65 -48.93 -6.76
CA ALA D 471 30.85 -49.76 -6.66
C ALA D 471 31.16 -50.44 -7.99
N ASP D 472 30.40 -51.47 -8.36
CA ASP D 472 30.43 -51.89 -9.75
C ASP D 472 29.05 -52.03 -10.38
N HIS D 473 28.42 -53.19 -10.18
CA HIS D 473 27.05 -53.47 -10.60
C HIS D 473 26.32 -54.24 -9.52
N SER D 474 26.85 -55.44 -9.20
CA SER D 474 26.15 -56.42 -8.37
C SER D 474 25.63 -55.83 -7.08
N VAL D 475 26.29 -54.79 -6.55
CA VAL D 475 25.78 -54.15 -5.35
C VAL D 475 24.48 -53.44 -5.69
N ILE D 476 23.42 -53.79 -4.97
CA ILE D 476 22.11 -53.19 -5.15
C ILE D 476 21.59 -52.82 -3.77
N GLY D 477 21.32 -51.53 -3.57
CA GLY D 477 20.92 -51.07 -2.26
C GLY D 477 22.09 -50.98 -1.30
N SER D 478 21.86 -50.28 -0.18
CA SER D 478 22.84 -50.10 0.88
C SER D 478 22.15 -49.29 1.96
N SER D 479 22.80 -49.20 3.12
CA SER D 479 22.25 -48.48 4.26
C SER D 479 23.30 -48.49 5.36
N ALA D 480 23.14 -47.57 6.30
CA ALA D 480 24.11 -47.42 7.38
C ALA D 480 23.45 -46.80 8.59
N THR D 481 23.95 -47.16 9.77
CA THR D 481 23.82 -46.29 10.92
C THR D 481 24.95 -45.26 10.85
N ILE D 482 25.01 -44.35 11.81
CA ILE D 482 26.09 -43.36 11.78
C ILE D 482 26.33 -42.87 13.20
N GLN D 483 27.60 -42.56 13.50
CA GLN D 483 27.98 -41.91 14.73
C GLN D 483 29.10 -40.93 14.43
N MET D 484 28.98 -39.72 14.95
CA MET D 484 30.02 -38.70 14.82
C MET D 484 31.03 -38.93 15.91
N VAL D 485 32.27 -39.22 15.54
CA VAL D 485 33.33 -39.47 16.52
C VAL D 485 34.21 -38.24 16.60
N ARG D 486 34.41 -37.74 17.81
CA ARG D 486 35.29 -36.61 18.06
C ARG D 486 36.13 -36.95 19.28
N GLU D 487 37.45 -37.00 19.12
CA GLU D 487 38.33 -37.52 20.16
C GLU D 487 39.03 -36.37 20.87
N VAL D 488 38.98 -36.39 22.19
CA VAL D 488 39.62 -35.37 23.01
C VAL D 488 41.10 -35.66 23.10
N GLN D 489 41.90 -34.61 23.33
CA GLN D 489 43.36 -34.76 23.35
C GLN D 489 43.85 -34.94 24.79
N ASN D 490 43.72 -33.88 25.60
CA ASN D 490 44.23 -33.92 26.97
C ASN D 490 43.33 -34.78 27.85
N PHE D 491 42.04 -34.84 27.54
CA PHE D 491 41.03 -35.49 28.36
C PHE D 491 41.06 -34.91 29.78
N TYR D 492 40.59 -35.65 30.78
CA TYR D 492 40.65 -35.36 32.21
C TYR D 492 39.95 -34.05 32.57
N LYS D 493 39.77 -33.17 31.58
CA LYS D 493 39.24 -31.83 31.83
C LYS D 493 38.23 -31.42 30.77
N THR D 494 38.70 -31.31 29.53
CA THR D 494 38.15 -30.64 28.34
C THR D 494 38.44 -29.15 28.45
N PRO D 495 38.58 -28.42 27.34
CA PRO D 495 38.89 -27.00 27.43
C PRO D 495 37.71 -26.18 27.92
N GLU D 496 37.88 -24.87 28.05
CA GLU D 496 36.78 -24.02 28.51
C GLU D 496 35.81 -23.79 27.37
N ALA D 497 34.55 -24.20 27.58
CA ALA D 497 33.48 -24.06 26.59
C ALA D 497 33.89 -24.66 25.24
N GLY D 498 34.68 -25.71 25.27
CA GLY D 498 35.13 -26.40 24.07
C GLY D 498 34.33 -27.66 23.82
N ILE D 499 34.98 -28.63 23.16
CA ILE D 499 34.46 -29.97 22.89
C ILE D 499 32.99 -29.91 22.45
N LYS D 500 32.75 -29.41 21.24
CA LYS D 500 31.41 -29.27 20.71
C LYS D 500 31.30 -29.95 19.36
N TYR D 501 30.15 -30.58 19.11
CA TYR D 501 29.93 -31.28 17.85
C TYR D 501 29.56 -30.32 16.71
N ASN D 502 28.77 -29.30 17.02
CA ASN D 502 28.10 -28.37 16.11
C ASN D 502 26.77 -28.94 15.62
N ASN D 503 26.42 -30.17 16.01
CA ASN D 503 25.19 -30.80 15.57
C ASN D 503 24.34 -31.20 16.77
N GLN D 504 23.06 -31.45 16.51
CA GLN D 504 22.18 -31.94 17.56
C GLN D 504 22.56 -33.36 17.94
N ILE D 505 22.67 -33.61 19.25
CA ILE D 505 23.39 -34.77 19.76
C ILE D 505 22.51 -36.01 19.93
N LYS D 506 21.18 -35.88 19.86
CA LYS D 506 20.29 -37.02 20.08
C LYS D 506 20.52 -37.64 21.45
N ASP D 507 19.95 -37.04 22.49
CA ASP D 507 20.26 -37.39 23.87
C ASP D 507 20.03 -38.88 24.13
N ARG D 508 20.64 -39.36 25.22
CA ARG D 508 20.96 -40.77 25.42
C ARG D 508 22.00 -41.27 24.43
N SER D 509 23.10 -40.53 24.34
CA SER D 509 24.20 -40.79 23.42
C SER D 509 25.46 -40.26 24.08
N MET D 510 26.53 -40.06 23.30
CA MET D 510 27.82 -39.60 23.84
C MET D 510 28.38 -40.68 24.78
N GLU D 511 28.76 -41.80 24.16
CA GLU D 511 29.04 -43.01 24.90
C GLU D 511 30.56 -43.23 25.00
N SER D 512 31.10 -42.84 26.15
CA SER D 512 32.34 -43.30 26.78
C SER D 512 33.55 -43.47 25.86
N ASN D 513 34.48 -44.33 26.27
CA ASN D 513 35.25 -45.18 25.36
C ASN D 513 35.59 -46.54 25.98
N THR D 514 36.65 -46.57 26.79
CA THR D 514 37.17 -47.76 27.46
C THR D 514 37.60 -47.50 28.90
N PHE D 515 38.61 -46.65 29.04
CA PHE D 515 39.36 -46.24 30.23
C PHE D 515 39.98 -47.45 30.95
N SER D 516 40.10 -47.35 32.28
CA SER D 516 40.71 -48.34 33.16
C SER D 516 40.86 -47.73 34.56
N PHE D 517 41.35 -48.51 35.52
CA PHE D 517 41.83 -47.96 36.78
C PHE D 517 43.15 -48.59 37.21
N ASN D 518 43.77 -47.93 38.19
CA ASN D 518 44.95 -48.41 38.89
C ASN D 518 44.67 -48.28 40.38
N SER D 519 45.68 -48.52 41.23
CA SER D 519 45.56 -48.44 42.69
C SER D 519 44.49 -49.45 43.13
N GLY D 520 43.55 -49.06 43.98
CA GLY D 520 42.60 -50.02 44.53
C GLY D 520 43.31 -51.03 45.42
N ARG D 521 44.14 -50.53 46.32
CA ARG D 521 44.96 -51.34 47.24
C ARG D 521 45.88 -52.20 46.38
N LYS D 522 46.00 -53.50 46.65
CA LYS D 522 46.93 -54.38 45.94
C LYS D 522 46.20 -55.46 45.15
N VAL D 523 45.47 -56.34 45.82
CA VAL D 523 44.75 -57.43 45.20
C VAL D 523 45.73 -58.34 44.46
N VAL D 524 46.54 -59.07 45.23
CA VAL D 524 47.48 -60.01 44.63
C VAL D 524 46.72 -61.11 43.90
N ASN D 525 47.39 -61.68 42.89
CA ASN D 525 46.76 -62.72 42.06
C ASN D 525 47.56 -64.01 42.18
N PRO D 526 47.16 -65.07 41.47
CA PRO D 526 47.94 -66.31 41.49
C PRO D 526 49.25 -66.18 40.73
N ASP D 527 49.94 -67.30 40.52
CA ASP D 527 51.22 -67.32 39.83
C ASP D 527 52.21 -66.40 40.53
N THR D 528 52.63 -65.33 39.86
CA THR D 528 53.65 -64.44 40.39
C THR D 528 53.14 -63.66 41.59
N GLY D 529 53.98 -62.77 42.13
CA GLY D 529 53.73 -62.17 43.43
C GLY D 529 52.41 -61.45 43.62
N LEU D 530 52.12 -60.46 42.78
CA LEU D 530 50.93 -59.64 42.96
C LEU D 530 50.71 -58.83 41.68
N GLU D 531 49.69 -57.97 41.73
CA GLU D 531 49.41 -57.05 40.64
C GLU D 531 48.95 -55.72 41.25
N GLU D 532 48.70 -54.74 40.38
CA GLU D 532 48.28 -53.41 40.79
C GLU D 532 46.78 -53.21 40.75
N ASP D 533 46.01 -54.25 40.45
CA ASP D 533 44.56 -54.16 40.24
C ASP D 533 44.25 -53.22 39.07
N VAL D 534 44.94 -53.45 37.95
CA VAL D 534 44.79 -52.61 36.75
C VAL D 534 43.51 -52.92 35.98
N LEU D 535 42.76 -53.95 36.36
CA LEU D 535 41.48 -54.26 35.72
C LEU D 535 40.42 -53.32 36.28
N TYR D 536 39.14 -53.64 36.04
CA TYR D 536 38.05 -52.81 36.57
C TYR D 536 38.09 -51.41 35.97
N ASP D 537 37.70 -51.30 34.70
CA ASP D 537 37.71 -50.04 33.97
C ASP D 537 36.49 -49.19 34.33
N VAL D 538 36.35 -48.08 33.61
CA VAL D 538 35.28 -47.11 33.84
C VAL D 538 34.95 -46.49 32.49
N ARG D 539 33.92 -45.64 32.43
CA ARG D 539 33.55 -45.00 31.17
C ARG D 539 32.36 -44.07 31.41
N ILE D 540 32.18 -43.10 30.51
CA ILE D 540 31.30 -41.97 30.76
C ILE D 540 30.02 -42.08 29.95
N VAL D 541 28.93 -41.57 30.52
CA VAL D 541 27.61 -41.57 29.89
C VAL D 541 26.93 -40.24 30.19
N SER D 542 26.27 -39.67 29.18
CA SER D 542 25.72 -38.32 29.26
C SER D 542 24.25 -38.27 29.69
N THR D 543 23.66 -39.42 30.03
CA THR D 543 22.32 -39.50 30.61
C THR D 543 21.21 -38.90 29.73
N ASP D 544 20.28 -38.18 30.36
CA ASP D 544 19.05 -37.72 29.74
C ASP D 544 19.10 -36.24 29.42
N ARG D 545 17.98 -35.74 28.87
CA ARG D 545 17.67 -34.33 28.85
C ARG D 545 16.81 -34.03 30.08
N ASP D 546 16.46 -32.77 30.28
CA ASP D 546 15.68 -32.36 31.44
C ASP D 546 15.00 -31.04 31.09
N SER D 547 14.54 -30.31 32.11
CA SER D 547 13.64 -29.17 31.93
C SER D 547 14.06 -28.26 30.78
N LYS D 548 15.33 -27.86 30.72
CA LYS D 548 15.77 -27.27 29.46
C LYS D 548 16.98 -27.98 28.87
N GLY D 549 18.19 -27.59 29.24
CA GLY D 549 19.34 -28.38 28.85
C GLY D 549 19.78 -29.45 29.82
N ILE D 550 20.18 -29.03 31.03
CA ILE D 550 20.55 -29.89 32.14
C ILE D 550 21.38 -31.08 31.66
N GLY D 551 20.98 -32.28 32.08
CA GLY D 551 21.44 -33.54 31.55
C GLY D 551 22.66 -34.13 32.24
N LYS D 552 23.48 -33.29 32.85
CA LYS D 552 24.68 -33.69 33.58
C LYS D 552 25.54 -34.62 32.72
N VAL D 553 26.17 -35.60 33.37
CA VAL D 553 26.99 -36.66 32.77
C VAL D 553 27.64 -37.39 33.94
N ILE D 554 28.17 -38.59 33.71
CA ILE D 554 28.79 -39.36 34.79
C ILE D 554 30.14 -39.91 34.33
N ILE D 555 31.02 -40.14 35.30
CA ILE D 555 32.35 -40.65 34.98
C ILE D 555 32.32 -42.16 34.76
N GLY D 556 31.55 -42.91 35.55
CA GLY D 556 31.32 -44.30 35.24
C GLY D 556 31.19 -45.25 36.41
N PRO D 557 31.33 -46.55 36.13
CA PRO D 557 31.12 -47.57 37.17
C PRO D 557 32.20 -47.52 38.25
N PHE D 558 31.76 -47.69 39.49
CA PHE D 558 32.62 -47.76 40.66
C PHE D 558 32.12 -48.82 41.62
N ALA D 559 33.06 -49.53 42.24
CA ALA D 559 32.72 -50.56 43.22
C ALA D 559 32.53 -49.94 44.61
N SER D 560 33.61 -49.43 45.18
CA SER D 560 33.67 -48.92 46.54
C SER D 560 35.09 -48.43 46.79
N GLY D 561 35.37 -47.93 47.98
CA GLY D 561 36.71 -47.45 48.23
C GLY D 561 37.05 -46.17 47.50
N ASP D 562 38.08 -46.22 46.64
CA ASP D 562 38.78 -45.01 46.22
C ASP D 562 37.83 -43.98 45.63
N VAL D 563 37.81 -42.81 46.28
CA VAL D 563 37.17 -41.54 45.93
C VAL D 563 37.34 -40.63 47.14
N THR D 564 36.94 -39.37 47.01
CA THR D 564 36.68 -38.51 48.16
C THR D 564 35.19 -38.18 48.15
N GLU D 565 34.43 -38.79 49.06
CA GLU D 565 32.98 -38.62 49.05
C GLU D 565 32.59 -37.24 49.58
N ASN D 566 33.03 -36.92 50.80
CA ASN D 566 32.73 -35.68 51.51
C ASN D 566 31.23 -35.42 51.49
N GLU D 567 30.83 -34.14 51.40
CA GLU D 567 29.44 -33.77 51.22
C GLU D 567 29.07 -33.42 49.79
N ASN D 568 30.06 -33.28 48.89
CA ASN D 568 29.84 -32.69 47.58
C ASN D 568 29.65 -33.71 46.47
N ILE D 569 29.67 -35.00 46.77
CA ILE D 569 29.68 -36.01 45.72
C ILE D 569 28.47 -36.93 45.83
N GLN D 570 28.39 -37.73 46.91
CA GLN D 570 27.33 -38.69 47.15
C GLN D 570 26.93 -39.39 45.85
N PRO D 571 27.76 -40.28 45.33
CA PRO D 571 27.61 -40.72 43.94
C PRO D 571 26.26 -41.37 43.68
N TYR D 572 25.56 -40.84 42.67
CA TYR D 572 24.28 -41.38 42.22
C TYR D 572 23.76 -40.52 41.07
N THR D 573 23.15 -41.15 40.06
CA THR D 573 22.10 -40.53 39.26
C THR D 573 20.76 -41.22 39.42
N GLY D 574 20.72 -42.36 40.10
CA GLY D 574 19.55 -43.21 40.07
C GLY D 574 19.77 -44.45 39.21
N ASN D 575 18.79 -45.35 39.30
CA ASN D 575 18.67 -46.49 38.40
C ASN D 575 17.94 -46.10 37.11
N ASP D 576 17.68 -44.81 36.94
CA ASP D 576 17.06 -44.23 35.75
C ASP D 576 18.08 -44.28 34.62
N PHE D 577 17.87 -43.49 33.57
CA PHE D 577 18.83 -43.45 32.47
C PHE D 577 20.12 -42.87 33.07
N ASN D 578 21.15 -42.67 32.26
CA ASN D 578 22.52 -43.07 32.63
C ASN D 578 22.62 -44.59 32.56
N LYS D 579 22.70 -45.08 31.32
CA LYS D 579 22.82 -46.50 31.07
C LYS D 579 24.10 -47.05 31.70
N LEU D 580 24.09 -48.36 31.96
CA LEU D 580 25.09 -48.99 32.80
C LEU D 580 26.19 -49.62 31.96
N ALA D 581 27.43 -49.50 32.43
CA ALA D 581 28.51 -50.29 31.88
C ALA D 581 28.37 -51.73 32.35
N ASN D 582 28.84 -52.66 31.52
CA ASN D 582 28.63 -54.08 31.78
C ASN D 582 29.89 -54.67 32.39
N SER D 583 29.82 -54.93 33.69
CA SER D 583 30.86 -55.54 34.52
C SER D 583 30.20 -55.79 35.86
N ASP D 584 30.97 -56.25 36.84
CA ASP D 584 30.47 -56.18 38.21
C ASP D 584 30.15 -54.72 38.50
N GLY D 585 31.18 -53.90 38.71
CA GLY D 585 31.12 -52.46 38.50
C GLY D 585 30.34 -51.68 39.53
N ARG D 586 29.43 -52.36 40.23
CA ARG D 586 28.69 -51.85 41.39
C ARG D 586 28.13 -50.44 41.22
N ASP D 587 27.75 -50.06 39.99
CA ASP D 587 27.05 -48.81 39.72
C ASP D 587 27.67 -47.58 40.39
N LYS D 588 26.86 -46.88 41.18
CA LYS D 588 27.25 -45.66 41.93
C LYS D 588 28.00 -44.66 41.03
N TYR D 589 27.33 -44.28 39.95
CA TYR D 589 27.92 -43.37 38.98
C TYR D 589 28.06 -41.97 39.58
N TYR D 590 29.25 -41.38 39.39
CA TYR D 590 29.59 -40.08 39.94
C TYR D 590 29.25 -38.97 38.95
N VAL D 591 28.64 -37.90 39.44
CA VAL D 591 28.30 -36.76 38.58
C VAL D 591 29.55 -35.90 38.37
N ILE D 592 29.71 -35.42 37.15
CA ILE D 592 30.94 -34.75 36.74
C ILE D 592 30.68 -33.40 36.07
N GLY D 593 29.92 -33.39 34.97
CA GLY D 593 29.85 -32.17 34.17
C GLY D 593 28.52 -31.89 33.48
N GLU D 594 28.48 -30.83 32.67
CA GLU D 594 27.21 -30.18 32.29
C GLU D 594 26.55 -30.79 31.05
N ILE D 595 27.11 -30.53 29.87
CA ILE D 595 26.55 -30.98 28.60
C ILE D 595 25.15 -30.40 28.37
N ASN D 596 25.10 -29.12 28.01
CA ASN D 596 23.86 -28.48 27.56
C ASN D 596 23.53 -28.94 26.15
N TYR D 597 22.34 -29.52 25.97
CA TYR D 597 21.98 -30.10 24.67
C TYR D 597 21.71 -29.06 23.59
N PRO D 598 20.81 -28.08 23.77
CA PRO D 598 20.36 -27.29 22.60
C PRO D 598 21.49 -26.54 21.90
N ALA D 599 22.32 -25.84 22.64
CA ALA D 599 23.57 -25.32 22.11
C ALA D 599 24.65 -26.31 22.51
N ASP D 600 25.25 -26.98 21.52
CA ASP D 600 26.02 -28.18 21.82
C ASP D 600 27.28 -27.80 22.58
N VAL D 601 27.40 -28.34 23.79
CA VAL D 601 28.52 -28.07 24.69
C VAL D 601 28.74 -29.33 25.51
N ILE D 602 30.01 -29.63 25.77
CA ILE D 602 30.38 -30.71 26.68
C ILE D 602 31.32 -30.13 27.73
N TYR D 603 31.18 -30.58 28.96
CA TYR D 603 32.06 -30.11 30.03
C TYR D 603 32.29 -31.26 30.99
N TRP D 604 33.54 -31.48 31.39
CA TRP D 604 33.84 -32.60 32.27
C TRP D 604 34.49 -32.16 33.58
N ASN D 605 35.80 -31.88 33.53
CA ASN D 605 36.55 -31.51 34.73
C ASN D 605 36.40 -32.57 35.82
N ILE D 606 37.06 -33.72 35.66
CA ILE D 606 36.99 -34.81 36.64
C ILE D 606 37.35 -34.32 38.05
N ALA D 607 38.09 -33.22 38.16
CA ALA D 607 38.46 -32.69 39.47
C ALA D 607 37.24 -32.44 40.36
N LYS D 608 36.05 -32.36 39.76
CA LYS D 608 34.83 -32.23 40.56
C LYS D 608 34.71 -33.35 41.59
N ILE D 609 34.86 -34.61 41.15
CA ILE D 609 34.87 -35.73 42.09
C ILE D 609 36.24 -35.93 42.73
N ASN D 610 37.25 -35.20 42.27
CA ASN D 610 38.57 -35.15 42.91
C ASN D 610 39.21 -36.53 42.99
N LEU D 611 39.59 -37.06 41.83
CA LEU D 611 40.45 -38.22 41.77
C LEU D 611 41.84 -37.78 41.31
N THR D 612 42.77 -38.72 41.24
CA THR D 612 44.13 -38.45 40.78
C THR D 612 44.26 -38.86 39.32
N SER D 613 44.96 -38.03 38.54
CA SER D 613 45.17 -38.35 37.13
C SER D 613 46.05 -39.57 36.96
N GLU D 614 46.89 -39.89 37.96
CA GLU D 614 47.72 -41.07 37.89
C GLU D 614 46.90 -42.35 37.94
N LYS D 615 45.69 -42.30 38.50
CA LYS D 615 44.82 -43.47 38.54
C LYS D 615 44.21 -43.78 37.18
N PHE D 616 44.39 -42.92 36.18
CA PHE D 616 43.89 -43.14 34.83
C PHE D 616 45.02 -43.58 33.90
N GLU D 617 44.66 -44.41 32.93
CA GLU D 617 45.58 -44.84 31.89
C GLU D 617 45.72 -43.76 30.83
N VAL D 618 46.28 -44.13 29.67
CA VAL D 618 46.59 -43.16 28.63
C VAL D 618 45.38 -42.32 28.27
N GLN D 619 45.63 -41.05 27.98
CA GLN D 619 44.64 -40.09 27.54
C GLN D 619 44.36 -40.27 26.06
N THR D 620 43.71 -39.27 25.44
CA THR D 620 43.34 -39.29 24.02
C THR D 620 42.35 -40.42 23.75
N ILE D 621 41.15 -40.22 24.29
CA ILE D 621 40.07 -41.21 24.25
C ILE D 621 38.96 -40.69 23.36
N GLU D 622 38.37 -41.58 22.56
CA GLU D 622 37.21 -41.24 21.77
C GLU D 622 35.96 -41.17 22.65
N LEU D 623 34.95 -40.49 22.15
CA LEU D 623 33.64 -40.40 22.81
C LEU D 623 32.52 -40.77 21.86
N TYR D 624 32.37 -40.07 20.74
CA TYR D 624 31.53 -40.47 19.60
C TYR D 624 30.05 -40.65 19.91
N SER D 625 29.35 -39.54 20.09
CA SER D 625 27.88 -39.56 20.07
C SER D 625 27.37 -39.77 18.65
N ASP D 626 26.10 -40.32 18.55
CA ASP D 626 25.47 -40.42 17.24
C ASP D 626 24.66 -39.15 16.94
N PRO D 627 24.56 -38.77 15.68
CA PRO D 627 23.85 -37.52 15.34
C PRO D 627 22.34 -37.68 15.37
N THR D 628 21.67 -36.56 15.55
CA THR D 628 20.21 -36.52 15.45
C THR D 628 19.79 -36.54 13.98
N ASP D 629 20.07 -35.46 13.26
CA ASP D 629 19.74 -35.36 11.85
C ASP D 629 20.70 -36.23 11.04
N ASP D 630 20.29 -36.55 9.81
CA ASP D 630 21.12 -37.38 8.96
C ASP D 630 22.38 -36.66 8.51
N VAL D 631 22.24 -35.39 8.10
CA VAL D 631 23.36 -34.63 7.57
C VAL D 631 24.14 -34.03 8.72
N ILE D 632 25.47 -34.08 8.61
CA ILE D 632 26.39 -33.60 9.63
C ILE D 632 27.05 -32.32 9.12
N PHE D 633 26.90 -31.25 9.88
CA PHE D 633 27.42 -29.94 9.49
C PHE D 633 28.81 -29.74 10.06
N THR D 634 29.38 -28.57 9.76
CA THR D 634 30.72 -28.22 10.23
C THR D 634 30.83 -26.70 10.34
N ARG D 635 31.78 -26.27 11.16
CA ARG D 635 32.03 -24.85 11.37
C ARG D 635 33.40 -24.70 12.02
N ASP D 636 33.75 -23.46 12.38
CA ASP D 636 34.88 -23.07 13.22
C ASP D 636 36.15 -23.86 12.93
N GLY D 637 36.42 -24.11 11.65
CA GLY D 637 37.63 -24.78 11.24
C GLY D 637 37.78 -26.20 11.77
N SER D 638 36.69 -26.97 11.75
CA SER D 638 36.71 -28.36 12.17
C SER D 638 36.25 -29.22 10.99
N LEU D 639 37.16 -30.04 10.46
CA LEU D 639 36.85 -30.87 9.31
C LEU D 639 36.08 -32.12 9.71
N ILE D 640 35.28 -32.60 8.77
CA ILE D 640 34.83 -33.99 8.75
C ILE D 640 35.50 -34.66 7.56
N VAL D 641 36.48 -35.51 7.84
CA VAL D 641 37.18 -36.26 6.81
C VAL D 641 37.43 -37.67 7.31
N PHE D 642 37.06 -38.65 6.50
CA PHE D 642 37.29 -40.05 6.82
C PHE D 642 38.54 -40.54 6.11
N GLU D 643 39.50 -41.05 6.88
CA GLU D 643 40.69 -41.68 6.35
C GLU D 643 40.78 -43.08 6.93
N ASN D 644 40.69 -44.08 6.06
CA ASN D 644 40.64 -45.48 6.49
C ASN D 644 42.02 -46.02 6.81
N ASP D 645 42.91 -46.02 5.83
CA ASP D 645 44.19 -46.71 5.87
C ASP D 645 44.93 -46.46 7.18
N LEU D 646 44.87 -45.23 7.70
CA LEU D 646 45.56 -44.93 8.95
C LEU D 646 44.84 -45.57 10.14
N ARG D 647 43.61 -45.14 10.41
CA ARG D 647 42.84 -45.75 11.48
C ARG D 647 41.74 -46.64 10.94
N PRO D 648 41.92 -47.97 10.95
CA PRO D 648 40.79 -48.86 10.67
C PRO D 648 39.78 -48.92 11.79
N GLN D 649 40.14 -48.41 12.98
CA GLN D 649 39.44 -48.75 14.21
C GLN D 649 37.93 -48.70 14.05
N TYR D 650 37.41 -47.63 13.49
CA TYR D 650 36.01 -47.63 13.07
C TYR D 650 35.91 -47.51 11.56
N LEU D 651 35.80 -48.67 10.92
CA LEU D 651 35.04 -48.89 9.70
C LEU D 651 34.61 -50.35 9.75
N THR D 652 33.31 -50.60 9.60
CA THR D 652 32.80 -51.96 9.61
C THR D 652 31.73 -52.05 8.54
N ILE D 653 31.87 -53.00 7.62
CA ILE D 653 30.92 -53.14 6.53
C ILE D 653 30.56 -54.61 6.39
N ASP D 654 29.30 -54.87 6.02
CA ASP D 654 28.79 -56.22 5.86
C ASP D 654 28.34 -56.43 4.42
N LEU D 655 28.83 -57.51 3.83
CA LEU D 655 28.60 -57.82 2.43
C LEU D 655 27.41 -58.74 2.20
N GLU D 656 26.57 -58.92 3.24
CA GLU D 656 25.58 -60.00 3.28
C GLU D 656 24.86 -60.15 1.95
N PRO D 657 24.95 -61.32 1.32
CA PRO D 657 24.63 -61.46 -0.10
C PRO D 657 23.18 -61.88 -0.32
N ILE D 658 22.82 -62.00 -1.60
CA ILE D 658 21.49 -62.39 -2.04
C ILE D 658 21.64 -63.38 -3.18
N SER D 659 20.92 -64.49 -3.10
CA SER D 659 20.90 -65.50 -4.15
C SER D 659 19.55 -65.47 -4.85
N GLN D 660 19.56 -65.24 -6.16
CA GLN D 660 18.33 -65.16 -6.92
C GLN D 660 18.02 -66.48 -7.62
N ALA E 27 30.45 -81.90 -70.41
CA ALA E 27 29.90 -83.24 -70.58
C ALA E 27 29.03 -83.32 -71.82
N GLU E 28 29.14 -82.32 -72.69
CA GLU E 28 28.35 -82.30 -73.91
C GLU E 28 28.91 -83.27 -74.95
N ILE E 29 30.24 -83.30 -75.10
CA ILE E 29 30.86 -84.21 -76.05
C ILE E 29 30.88 -85.62 -75.49
N LYS E 30 31.03 -85.76 -74.18
CA LYS E 30 31.13 -87.07 -73.57
C LYS E 30 29.77 -87.79 -73.58
N GLN E 31 28.68 -87.02 -73.61
CA GLN E 31 27.36 -87.63 -73.66
C GLN E 31 27.07 -88.18 -75.05
N ASN E 32 27.49 -87.45 -76.09
CA ASN E 32 27.24 -87.91 -77.45
C ASN E 32 28.22 -89.00 -77.85
N LEU E 33 29.45 -88.94 -77.33
CA LEU E 33 30.45 -89.93 -77.67
C LEU E 33 30.08 -91.30 -77.10
N ILE E 34 29.51 -91.32 -75.90
CA ILE E 34 29.08 -92.59 -75.32
C ILE E 34 27.86 -93.12 -76.06
N GLU E 35 27.00 -92.20 -76.54
CA GLU E 35 25.83 -92.63 -77.31
C GLU E 35 26.22 -93.00 -78.73
N TRP E 36 27.34 -92.47 -79.22
CA TRP E 36 27.79 -92.82 -80.57
C TRP E 36 28.38 -94.22 -80.60
N LEU E 37 28.82 -94.72 -79.45
CA LEU E 37 29.36 -96.07 -79.39
C LEU E 37 28.23 -97.10 -79.42
N ASN E 38 27.08 -96.76 -78.82
CA ASN E 38 25.95 -97.67 -78.84
C ASN E 38 25.33 -97.73 -80.23
N GLY E 39 25.56 -96.70 -81.04
CA GLY E 39 25.10 -96.74 -82.42
C GLY E 39 25.89 -97.74 -83.26
N GLN E 40 27.12 -98.02 -82.84
CA GLN E 40 27.91 -99.02 -83.54
C GLN E 40 27.75 -100.38 -82.89
N ASN E 41 27.00 -100.45 -81.78
CA ASN E 41 26.69 -101.74 -81.16
C ASN E 41 25.76 -102.55 -82.07
N GLU E 42 24.84 -101.85 -82.74
CA GLU E 42 24.02 -102.48 -83.78
C GLU E 42 24.82 -102.73 -85.04
N PHE E 43 26.10 -102.36 -85.06
CA PHE E 43 26.95 -102.37 -86.25
C PHE E 43 26.43 -101.37 -87.27
N LEU E 44 26.12 -101.82 -88.48
CA LEU E 44 25.74 -100.92 -89.57
C LEU E 44 24.30 -100.47 -89.35
N ASP E 45 24.13 -99.18 -89.12
CA ASP E 45 22.82 -98.56 -88.93
C ASP E 45 22.34 -97.90 -90.21
N TYR E 46 23.05 -98.14 -91.32
CA TYR E 46 22.85 -97.41 -92.58
C TYR E 46 23.11 -95.92 -92.38
N ASP E 47 22.07 -95.10 -92.49
CA ASP E 47 22.15 -93.63 -92.54
C ASP E 47 22.87 -93.01 -91.34
N PHE E 48 23.19 -93.77 -90.29
CA PHE E 48 23.75 -93.22 -89.07
C PHE E 48 25.24 -92.94 -89.16
N GLU E 49 25.85 -93.12 -90.33
CA GLU E 49 27.28 -92.84 -90.45
C GLU E 49 27.51 -91.33 -90.41
N GLY E 50 27.16 -90.63 -91.50
CA GLY E 50 27.02 -89.18 -91.42
C GLY E 50 25.61 -88.79 -91.01
N SER E 51 25.53 -87.83 -90.09
CA SER E 51 24.29 -87.20 -89.66
C SER E 51 23.16 -88.20 -89.41
N ARG E 52 21.93 -87.79 -89.72
CA ARG E 52 20.76 -88.65 -89.92
C ARG E 52 20.38 -89.47 -88.70
N LEU E 53 21.29 -89.59 -87.73
CA LEU E 53 21.03 -90.27 -86.48
C LEU E 53 21.56 -89.41 -85.34
N ASN E 54 22.88 -89.19 -85.34
CA ASN E 54 23.48 -88.25 -84.40
C ASN E 54 22.79 -86.89 -84.44
N VAL E 55 22.25 -86.51 -85.59
CA VAL E 55 21.42 -85.30 -85.67
C VAL E 55 20.24 -85.43 -84.71
N LEU E 56 19.56 -86.57 -84.75
CA LEU E 56 18.51 -86.86 -83.78
C LEU E 56 19.08 -87.32 -82.43
N CYS E 57 20.32 -87.81 -82.41
CA CYS E 57 20.97 -88.19 -81.17
C CYS E 57 21.72 -87.04 -80.51
N ASP E 58 21.89 -85.91 -81.21
CA ASP E 58 22.40 -84.72 -80.55
C ASP E 58 21.35 -84.08 -79.66
N LEU E 59 20.07 -84.20 -80.03
CA LEU E 59 19.00 -83.75 -79.14
C LEU E 59 19.02 -84.53 -77.83
N LEU E 60 19.23 -85.85 -77.92
CA LEU E 60 19.32 -86.67 -76.71
C LEU E 60 20.51 -86.29 -75.86
N ALA E 61 21.60 -85.84 -76.48
CA ALA E 61 22.76 -85.39 -75.72
C ALA E 61 22.52 -84.01 -75.14
N TYR E 62 21.88 -83.12 -75.91
CA TYR E 62 21.58 -81.78 -75.40
C TYR E 62 20.47 -81.84 -74.37
N ASN E 63 19.64 -82.89 -74.38
CA ASN E 63 18.57 -83.03 -73.41
C ASN E 63 19.10 -83.47 -72.06
N THR E 64 19.73 -84.65 -72.01
CA THR E 64 20.10 -85.27 -70.74
C THR E 64 21.00 -84.41 -69.88
N LEU E 65 21.59 -83.35 -70.42
CA LEU E 65 22.35 -82.41 -69.60
C LEU E 65 21.43 -81.49 -68.82
N TYR E 66 20.62 -80.69 -69.53
CA TYR E 66 19.69 -79.78 -68.88
C TYR E 66 18.86 -80.49 -67.81
N ILE E 67 18.30 -81.65 -68.16
CA ILE E 67 17.49 -82.39 -67.19
C ILE E 67 18.34 -82.84 -66.01
N GLN E 68 19.60 -83.24 -66.27
CA GLN E 68 20.51 -83.55 -65.17
C GLN E 68 20.71 -82.34 -64.27
N GLN E 69 20.59 -81.14 -64.83
CA GLN E 69 20.65 -79.89 -64.07
C GLN E 69 19.29 -79.47 -63.57
N PHE E 70 18.35 -79.23 -64.50
CA PHE E 70 17.02 -78.71 -64.19
C PHE E 70 16.39 -79.44 -63.02
N GLY E 71 16.57 -80.75 -62.96
CA GLY E 71 16.12 -81.50 -61.80
C GLY E 71 16.77 -81.00 -60.52
N ASN E 72 18.10 -80.94 -60.50
CA ASN E 72 18.82 -80.44 -59.34
C ASN E 72 18.36 -79.03 -58.99
N ALA E 73 18.22 -78.16 -60.00
CA ALA E 73 17.67 -76.84 -59.74
C ALA E 73 16.27 -76.91 -59.16
N ALA E 74 15.50 -77.91 -59.60
CA ALA E 74 14.13 -78.09 -59.12
C ALA E 74 14.03 -79.01 -57.91
N VAL E 75 15.15 -79.59 -57.46
CA VAL E 75 15.09 -80.36 -56.22
C VAL E 75 14.89 -79.44 -55.03
N TYR E 76 15.61 -78.33 -54.99
CA TYR E 76 15.57 -77.46 -53.81
C TYR E 76 14.69 -76.26 -54.15
N GLU E 77 13.45 -76.31 -53.69
CA GLU E 77 12.53 -75.19 -53.56
C GLU E 77 11.84 -75.25 -52.21
N SER E 78 11.08 -76.32 -51.99
CA SER E 78 10.23 -76.49 -50.82
C SER E 78 11.02 -76.33 -49.52
N PHE E 79 12.34 -76.46 -49.60
CA PHE E 79 13.23 -76.16 -48.49
C PHE E 79 13.51 -74.66 -48.49
N MET E 80 13.19 -73.98 -47.40
CA MET E 80 13.18 -72.52 -47.41
C MET E 80 14.57 -71.91 -47.38
N ARG E 81 15.36 -72.20 -46.34
CA ARG E 81 16.65 -71.55 -46.17
C ARG E 81 17.61 -71.84 -47.32
N THR E 82 17.39 -72.92 -48.06
CA THR E 82 18.04 -73.21 -49.33
C THR E 82 17.22 -72.54 -50.45
N ALA E 83 17.42 -72.96 -51.70
CA ALA E 83 16.43 -72.66 -52.73
C ALA E 83 16.27 -71.17 -53.04
N ASN E 84 17.19 -70.62 -53.82
CA ASN E 84 17.19 -69.20 -54.18
C ASN E 84 16.05 -68.87 -55.14
N LEU E 85 16.15 -67.72 -55.81
CA LEU E 85 15.11 -66.96 -56.52
C LEU E 85 14.05 -66.50 -55.50
N ARG E 86 12.79 -66.42 -55.89
CA ARG E 86 11.80 -65.75 -55.04
C ARG E 86 10.49 -66.53 -54.92
N SER E 87 9.78 -66.66 -56.05
CA SER E 87 8.46 -67.28 -56.04
C SER E 87 8.49 -68.67 -55.41
N SER E 88 9.65 -69.33 -55.42
CA SER E 88 9.77 -70.60 -54.73
C SER E 88 9.68 -70.42 -53.22
N VAL E 89 10.17 -69.28 -52.72
CA VAL E 89 10.11 -69.03 -51.29
C VAL E 89 8.68 -68.74 -50.86
N VAL E 90 8.01 -67.81 -51.55
CA VAL E 90 6.67 -67.39 -51.14
C VAL E 90 5.70 -68.57 -51.19
N GLN E 91 5.90 -69.48 -52.16
CA GLN E 91 5.15 -70.72 -52.16
C GLN E 91 5.33 -71.45 -50.84
N ALA E 92 6.57 -71.85 -50.53
CA ALA E 92 6.88 -72.46 -49.25
C ALA E 92 6.70 -71.50 -48.07
N ALA E 93 6.59 -70.19 -48.32
CA ALA E 93 6.36 -69.25 -47.22
C ALA E 93 4.91 -69.29 -46.75
N GLN E 94 3.99 -68.84 -47.59
CA GLN E 94 2.60 -68.71 -47.14
C GLN E 94 2.03 -70.05 -46.69
N ASP E 95 2.44 -71.14 -47.32
CA ASP E 95 2.14 -72.45 -46.76
C ASP E 95 2.96 -72.64 -45.50
N ASN E 96 2.28 -72.92 -44.39
CA ASN E 96 2.85 -73.06 -43.05
C ASN E 96 3.21 -71.68 -42.50
N GLY E 97 3.27 -70.67 -43.36
CA GLY E 97 3.55 -69.30 -42.98
C GLY E 97 2.35 -68.38 -43.16
N TYR E 98 2.66 -67.10 -43.37
CA TYR E 98 1.66 -66.07 -43.62
C TYR E 98 1.83 -65.59 -45.04
N LEU E 99 0.77 -65.05 -45.62
CA LEU E 99 0.89 -64.45 -46.94
C LEU E 99 1.65 -63.13 -46.84
N PRO E 100 2.75 -62.97 -47.57
CA PRO E 100 3.56 -61.76 -47.42
C PRO E 100 2.86 -60.54 -47.98
N THR E 101 3.26 -59.35 -47.52
CA THR E 101 2.65 -58.12 -47.98
C THR E 101 2.88 -57.91 -49.47
N SER E 102 1.84 -57.54 -50.19
CA SER E 102 1.98 -57.19 -51.60
C SER E 102 2.42 -55.74 -51.72
N LYS E 103 2.38 -55.21 -52.93
CA LYS E 103 2.59 -53.78 -53.10
C LYS E 103 1.52 -53.03 -52.33
N SER E 104 1.97 -52.17 -51.42
CA SER E 104 1.09 -51.50 -50.48
C SER E 104 0.89 -50.06 -50.91
N ALA E 105 -0.36 -49.64 -51.00
CA ALA E 105 -0.66 -48.28 -51.44
C ALA E 105 -0.31 -47.29 -50.34
N ALA E 106 -0.49 -46.01 -50.64
CA ALA E 106 -0.17 -44.93 -49.72
C ALA E 106 -1.46 -44.44 -49.09
N GLN E 107 -1.59 -44.63 -47.78
CA GLN E 107 -2.76 -44.11 -47.09
C GLN E 107 -2.49 -42.70 -46.59
N THR E 108 -3.53 -42.06 -46.05
CA THR E 108 -3.47 -40.75 -45.44
C THR E 108 -4.81 -40.55 -44.75
N GLU E 109 -4.95 -39.44 -44.03
CA GLU E 109 -6.24 -39.03 -43.50
C GLU E 109 -6.37 -37.53 -43.66
N ILE E 110 -7.44 -37.09 -44.29
CA ILE E 110 -7.70 -35.68 -44.51
C ILE E 110 -9.13 -35.36 -44.10
N MET E 111 -9.31 -34.26 -43.39
CA MET E 111 -10.64 -33.73 -43.13
C MET E 111 -10.89 -32.59 -44.11
N LEU E 112 -12.10 -32.54 -44.64
CA LEU E 112 -12.41 -31.69 -45.77
C LEU E 112 -13.54 -30.74 -45.37
N THR E 113 -13.62 -29.62 -46.09
CA THR E 113 -14.66 -28.63 -45.87
C THR E 113 -15.43 -28.46 -47.17
N CYS E 114 -16.71 -28.87 -47.16
CA CYS E 114 -17.51 -28.83 -48.36
C CYS E 114 -18.89 -28.24 -48.06
N THR E 115 -19.46 -27.60 -49.08
CA THR E 115 -20.81 -27.05 -49.02
C THR E 115 -21.53 -27.40 -50.31
N ASP E 116 -22.83 -27.22 -50.34
CA ASP E 116 -23.65 -27.54 -51.50
C ASP E 116 -24.94 -26.73 -51.49
N ALA E 117 -25.59 -26.69 -52.65
CA ALA E 117 -26.84 -25.94 -52.77
C ALA E 117 -27.90 -26.47 -51.82
N LEU E 118 -28.05 -27.79 -51.72
CA LEU E 118 -29.03 -28.36 -50.83
C LEU E 118 -28.53 -28.37 -49.40
N ASN E 119 -29.43 -28.07 -48.47
CA ASN E 119 -29.12 -27.93 -47.06
C ASN E 119 -29.27 -29.24 -46.29
N ARG E 120 -29.40 -30.36 -46.99
CA ARG E 120 -29.86 -31.62 -46.40
C ARG E 120 -29.13 -31.93 -45.10
N ASN E 121 -29.89 -32.44 -44.12
CA ASN E 121 -29.43 -32.49 -42.74
C ASN E 121 -28.14 -33.27 -42.59
N TYR E 122 -27.90 -34.28 -43.43
CA TYR E 122 -26.67 -35.05 -43.38
C TYR E 122 -26.10 -35.21 -44.79
N ILE E 123 -24.90 -34.68 -45.00
CA ILE E 123 -24.20 -34.90 -46.26
C ILE E 123 -23.54 -36.28 -46.22
N THR E 124 -23.38 -36.87 -47.40
CA THR E 124 -22.71 -38.16 -47.50
C THR E 124 -21.83 -38.17 -48.75
N ILE E 125 -20.64 -38.73 -48.60
CA ILE E 125 -19.67 -38.85 -49.70
C ILE E 125 -19.54 -40.31 -50.06
N PRO E 126 -19.78 -40.70 -51.31
CA PRO E 126 -19.65 -42.12 -51.68
C PRO E 126 -18.23 -42.60 -51.52
N ARG E 127 -18.08 -43.92 -51.45
CA ARG E 127 -16.77 -44.54 -51.25
C ARG E 127 -15.79 -44.13 -52.32
N GLY E 128 -15.99 -44.61 -53.54
CA GLY E 128 -15.10 -44.26 -54.63
C GLY E 128 -15.21 -42.79 -54.95
N THR E 129 -14.10 -42.07 -54.84
CA THR E 129 -14.01 -40.68 -55.26
C THR E 129 -12.65 -40.48 -55.91
N ARG E 130 -12.37 -39.28 -56.38
CA ARG E 130 -11.12 -39.01 -57.08
C ARG E 130 -10.48 -37.77 -56.49
N PHE E 131 -9.34 -37.93 -55.84
CA PHE E 131 -8.54 -36.83 -55.33
C PHE E 131 -7.21 -36.80 -56.09
N LEU E 132 -6.95 -35.68 -56.75
CA LEU E 132 -5.71 -35.51 -57.50
C LEU E 132 -4.64 -34.92 -56.59
N ALA E 133 -3.47 -35.55 -56.56
CA ALA E 133 -2.44 -35.18 -55.60
C ALA E 133 -1.08 -35.18 -56.28
N TYR E 134 -0.33 -34.11 -56.09
CA TYR E 134 1.05 -34.06 -56.55
C TYR E 134 1.99 -34.63 -55.49
N ALA E 135 3.02 -35.31 -55.95
CA ALA E 135 4.09 -35.82 -55.09
C ALA E 135 5.38 -35.14 -55.49
N LYS E 136 6.10 -34.60 -54.51
CA LYS E 136 7.35 -33.93 -54.79
C LYS E 136 8.41 -34.98 -55.16
N ASP E 137 9.63 -34.53 -55.41
CA ASP E 137 10.73 -35.42 -55.79
C ASP E 137 10.40 -36.19 -57.05
N THR E 138 10.21 -37.51 -56.92
CA THR E 138 10.33 -38.45 -58.04
C THR E 138 9.59 -38.02 -59.31
N SER E 139 8.45 -37.36 -59.19
CA SER E 139 7.61 -37.15 -60.35
C SER E 139 7.11 -35.71 -60.42
N VAL E 140 6.34 -35.44 -61.47
CA VAL E 140 5.72 -34.15 -61.74
C VAL E 140 4.23 -34.37 -61.88
N ASN E 141 3.84 -35.21 -62.85
CA ASN E 141 2.45 -35.54 -63.14
C ASN E 141 1.72 -36.04 -61.89
N PRO E 142 0.39 -35.90 -61.84
CA PRO E 142 -0.32 -36.18 -60.58
C PRO E 142 -0.29 -37.63 -60.14
N TYR E 143 -0.90 -37.89 -58.99
CA TYR E 143 -1.21 -39.23 -58.51
C TYR E 143 -2.65 -39.27 -58.05
N ASN E 144 -3.35 -40.34 -58.40
CA ASN E 144 -4.78 -40.41 -58.15
C ASN E 144 -5.05 -41.03 -56.78
N PHE E 145 -5.62 -40.26 -55.88
CA PHE E 145 -6.06 -40.77 -54.60
C PHE E 145 -7.55 -41.05 -54.61
N VAL E 146 -7.93 -42.21 -54.09
CA VAL E 146 -9.33 -42.61 -53.99
C VAL E 146 -9.66 -42.87 -52.53
N SER E 147 -10.89 -42.55 -52.14
CA SER E 147 -11.29 -42.64 -50.74
C SER E 147 -11.47 -44.10 -50.34
N ARG E 148 -11.84 -44.28 -49.08
CA ARG E 148 -12.13 -45.62 -48.55
C ARG E 148 -13.23 -45.47 -47.51
N GLU E 149 -14.06 -46.51 -47.41
CA GLU E 149 -15.29 -46.45 -46.63
C GLU E 149 -16.10 -45.23 -47.04
N ASP E 150 -16.69 -44.54 -46.07
CA ASP E 150 -17.50 -43.36 -46.35
C ASP E 150 -17.66 -42.58 -45.05
N VAL E 151 -18.35 -41.44 -45.15
CA VAL E 151 -18.46 -40.49 -44.06
C VAL E 151 -19.87 -39.90 -44.03
N ILE E 152 -20.17 -39.23 -42.92
CA ILE E 152 -21.47 -38.61 -42.69
C ILE E 152 -21.27 -37.15 -42.29
N ALA E 153 -20.66 -36.96 -41.13
CA ALA E 153 -20.50 -35.66 -40.46
C ALA E 153 -21.90 -35.03 -40.28
N ILE E 154 -22.00 -33.71 -40.42
CA ILE E 154 -23.19 -32.95 -40.07
C ILE E 154 -23.15 -31.56 -40.70
N ARG E 155 -24.14 -30.74 -40.36
CA ARG E 155 -24.20 -29.34 -40.72
C ARG E 155 -24.31 -28.51 -39.45
N ASP E 156 -23.46 -27.50 -39.31
CA ASP E 156 -23.40 -26.72 -38.06
C ASP E 156 -23.15 -25.25 -38.34
N LYS E 157 -23.88 -24.40 -37.63
CA LYS E 157 -23.72 -22.93 -37.66
C LYS E 157 -23.81 -22.47 -39.11
N ASN E 158 -22.94 -21.57 -39.56
CA ASN E 158 -22.85 -21.26 -40.99
C ASN E 158 -22.59 -22.54 -41.76
N ASN E 159 -23.40 -22.78 -42.80
CA ASN E 159 -23.47 -24.12 -43.38
C ASN E 159 -22.11 -24.56 -43.87
N GLN E 160 -21.64 -25.67 -43.30
CA GLN E 160 -20.35 -26.26 -43.61
C GLN E 160 -20.43 -27.75 -43.32
N TYR E 161 -19.61 -28.53 -44.00
CA TYR E 161 -19.51 -29.96 -43.75
C TYR E 161 -18.06 -30.32 -43.51
N PHE E 162 -17.81 -31.25 -42.59
CA PHE E 162 -16.46 -31.65 -42.22
C PHE E 162 -16.30 -33.17 -42.31
N PRO E 163 -16.25 -33.71 -43.52
CA PRO E 163 -15.92 -35.13 -43.66
C PRO E 163 -14.46 -35.38 -43.34
N ARG E 164 -14.22 -36.42 -42.54
CA ARG E 164 -12.88 -36.80 -42.10
C ARG E 164 -12.26 -37.88 -42.99
N LEU E 165 -12.88 -38.16 -44.14
CA LEU E 165 -12.68 -39.40 -44.88
C LEU E 165 -11.21 -39.77 -45.04
N LYS E 166 -10.95 -41.08 -44.91
CA LYS E 166 -9.63 -41.66 -45.14
C LYS E 166 -9.39 -41.72 -46.65
N LEU E 167 -8.33 -42.40 -47.08
CA LEU E 167 -7.93 -42.22 -48.47
C LEU E 167 -6.80 -43.19 -48.79
N ALA E 168 -6.59 -43.41 -50.09
CA ALA E 168 -5.56 -44.29 -50.60
C ALA E 168 -5.28 -43.89 -52.05
N GLN E 169 -4.13 -44.32 -52.55
CA GLN E 169 -3.71 -43.95 -53.90
C GLN E 169 -4.20 -44.96 -54.91
N GLY E 170 -3.90 -44.69 -56.18
CA GLY E 170 -4.19 -45.61 -57.26
C GLY E 170 -5.63 -45.59 -57.71
N ARG E 171 -5.94 -46.50 -58.63
CA ARG E 171 -7.27 -46.58 -59.23
C ARG E 171 -8.15 -47.56 -58.49
N ILE E 172 -9.29 -47.88 -59.10
CA ILE E 172 -10.21 -48.90 -58.62
C ILE E 172 -10.79 -49.63 -59.83
N VAL E 173 -10.98 -50.95 -59.68
CA VAL E 173 -11.37 -51.81 -60.79
C VAL E 173 -12.26 -52.92 -60.23
N ARG E 174 -13.10 -53.50 -61.10
CA ARG E 174 -14.10 -54.47 -60.67
C ARG E 174 -13.81 -55.86 -61.22
N THR E 175 -13.95 -56.09 -62.52
CA THR E 175 -13.72 -57.39 -63.16
C THR E 175 -14.58 -58.47 -62.51
N GLU E 176 -15.88 -58.37 -62.79
CA GLU E 176 -16.90 -59.22 -62.19
C GLU E 176 -16.73 -60.71 -62.48
N ILE E 177 -16.90 -61.09 -63.75
CA ILE E 177 -16.98 -62.46 -64.27
C ILE E 177 -17.98 -63.27 -63.44
N ILE E 178 -17.72 -64.57 -63.24
CA ILE E 178 -18.70 -65.52 -62.70
C ILE E 178 -17.91 -66.64 -62.00
N TYR E 179 -18.49 -67.20 -60.95
CA TYR E 179 -17.83 -68.26 -60.21
C TYR E 179 -18.24 -69.64 -60.73
N ASP E 180 -17.29 -70.56 -60.71
CA ASP E 180 -17.57 -71.97 -60.91
C ASP E 180 -16.71 -72.77 -59.95
N LYS E 181 -17.01 -74.06 -59.84
CA LYS E 181 -16.31 -74.92 -58.89
C LYS E 181 -14.96 -75.40 -59.40
N LEU E 182 -14.57 -75.00 -60.62
CA LEU E 182 -13.30 -75.46 -61.20
C LEU E 182 -12.33 -74.31 -61.38
N THR E 183 -12.63 -73.34 -62.26
CA THR E 183 -11.69 -72.29 -62.58
C THR E 183 -11.52 -71.32 -61.41
N PRO E 184 -10.33 -71.20 -60.86
CA PRO E 184 -10.10 -70.21 -59.78
C PRO E 184 -10.12 -68.80 -60.36
N ILE E 185 -10.45 -67.82 -59.52
CA ILE E 185 -10.62 -66.44 -59.95
C ILE E 185 -9.34 -65.92 -60.58
N ILE E 186 -8.30 -65.70 -59.76
CA ILE E 186 -6.97 -65.34 -60.25
C ILE E 186 -7.02 -64.06 -61.09
N ILE E 187 -7.11 -62.91 -60.44
CA ILE E 187 -6.87 -61.66 -61.17
C ILE E 187 -5.38 -61.61 -61.50
N TYR E 188 -4.96 -60.58 -62.23
CA TYR E 188 -3.66 -60.62 -62.89
C TYR E 188 -2.76 -59.45 -62.50
N ASP E 189 -3.17 -58.21 -62.75
CA ASP E 189 -2.30 -57.06 -62.56
C ASP E 189 -1.65 -57.08 -61.19
N LYS E 190 -0.32 -56.92 -61.16
CA LYS E 190 0.48 -57.09 -59.95
C LYS E 190 0.50 -55.85 -59.08
N ASN E 191 -0.20 -54.79 -59.47
CA ASN E 191 -0.27 -53.57 -58.68
C ASN E 191 -1.35 -53.64 -57.60
N ILE E 192 -2.03 -54.78 -57.47
CA ILE E 192 -3.06 -54.93 -56.45
C ILE E 192 -2.48 -54.68 -55.07
N ASP E 193 -3.26 -54.03 -54.21
CA ASP E 193 -2.93 -53.87 -52.80
C ASP E 193 -3.78 -54.88 -52.02
N ARG E 194 -3.12 -55.91 -51.49
CA ARG E 194 -3.83 -57.01 -50.88
C ARG E 194 -4.44 -56.63 -49.53
N ASN E 195 -4.12 -55.44 -49.01
CA ASN E 195 -4.74 -54.98 -47.78
C ASN E 195 -6.18 -54.57 -48.02
N GLN E 196 -6.40 -53.57 -48.86
CA GLN E 196 -7.75 -53.03 -49.08
C GLN E 196 -8.40 -53.81 -50.20
N VAL E 197 -9.39 -54.62 -49.87
CA VAL E 197 -10.19 -55.33 -50.86
C VAL E 197 -11.56 -55.60 -50.26
N LYS E 198 -12.59 -55.52 -51.09
CA LYS E 198 -13.92 -55.99 -50.74
C LYS E 198 -14.47 -56.78 -51.91
N LEU E 199 -14.70 -58.07 -51.69
CA LEU E 199 -14.93 -59.03 -52.77
C LEU E 199 -16.40 -59.27 -53.05
N TYR E 200 -17.31 -58.51 -52.44
CA TYR E 200 -18.60 -59.03 -51.95
C TYR E 200 -19.26 -60.06 -52.87
N VAL E 201 -19.70 -59.64 -54.05
CA VAL E 201 -19.98 -60.55 -55.15
C VAL E 201 -21.24 -61.38 -54.96
N ASP E 202 -21.70 -61.50 -53.72
CA ASP E 202 -22.83 -62.36 -53.42
C ASP E 202 -24.15 -61.61 -53.40
N GLY E 203 -24.13 -60.31 -53.73
CA GLY E 203 -25.17 -59.41 -53.33
C GLY E 203 -25.02 -58.92 -51.90
N ALA E 204 -24.07 -59.48 -51.16
CA ALA E 204 -23.75 -59.07 -49.80
C ALA E 204 -22.25 -59.19 -49.60
N GLU E 205 -21.75 -58.50 -48.57
CA GLU E 205 -20.32 -58.42 -48.31
C GLU E 205 -19.85 -59.61 -47.49
N TRP E 206 -18.68 -60.14 -47.82
CA TRP E 206 -18.03 -61.17 -47.03
C TRP E 206 -16.75 -60.61 -46.42
N ILE E 207 -16.45 -61.05 -45.21
CA ILE E 207 -15.30 -60.50 -44.48
C ILE E 207 -14.03 -61.12 -45.03
N ASN E 208 -12.98 -60.29 -45.15
CA ASN E 208 -11.71 -60.81 -45.62
C ASN E 208 -11.05 -61.60 -44.51
N TRP E 209 -10.84 -62.88 -44.75
CA TRP E 209 -10.34 -63.78 -43.74
C TRP E 209 -8.85 -64.05 -43.88
N THR E 210 -8.17 -63.33 -44.80
CA THR E 210 -6.85 -63.72 -45.28
C THR E 210 -5.93 -64.15 -44.15
N ARG E 211 -5.84 -63.36 -43.08
CA ARG E 211 -5.24 -63.85 -41.84
C ARG E 211 -6.16 -63.55 -40.65
N LYS E 212 -7.04 -64.49 -40.31
CA LYS E 212 -7.54 -64.64 -38.95
C LYS E 212 -7.20 -66.02 -38.38
N SER E 213 -6.44 -66.82 -39.12
CA SER E 213 -6.40 -68.29 -39.13
C SER E 213 -7.76 -68.82 -39.61
N MET E 214 -8.28 -69.88 -39.01
CA MET E 214 -9.42 -70.59 -39.58
C MET E 214 -10.52 -70.91 -38.57
N VAL E 215 -10.16 -71.74 -37.59
CA VAL E 215 -11.07 -72.38 -36.65
C VAL E 215 -12.09 -71.40 -36.07
N HIS E 216 -11.64 -70.18 -35.80
CA HIS E 216 -12.54 -69.16 -35.26
C HIS E 216 -13.75 -68.94 -36.15
N ALA E 217 -13.63 -69.25 -37.44
CA ALA E 217 -14.78 -69.27 -38.35
C ALA E 217 -15.27 -70.70 -38.47
N GLY E 218 -16.52 -70.92 -38.09
CA GLY E 218 -17.09 -72.24 -38.19
C GLY E 218 -17.49 -72.56 -39.62
N SER E 219 -18.36 -73.56 -39.73
CA SER E 219 -18.87 -73.97 -41.03
C SER E 219 -19.81 -72.92 -41.60
N THR E 220 -19.87 -72.84 -42.93
CA THR E 220 -20.78 -71.99 -43.69
C THR E 220 -20.47 -70.50 -43.49
N SER E 221 -19.52 -70.15 -42.62
CA SER E 221 -19.17 -68.75 -42.44
C SER E 221 -18.80 -68.12 -43.77
N THR E 222 -19.22 -66.87 -43.95
CA THR E 222 -19.00 -66.16 -45.21
C THR E 222 -17.54 -65.89 -45.50
N ILE E 223 -16.64 -66.21 -44.57
CA ILE E 223 -15.22 -65.93 -44.74
C ILE E 223 -14.71 -66.52 -46.05
N TYR E 224 -13.88 -65.75 -46.74
CA TYR E 224 -13.21 -66.19 -47.96
C TYR E 224 -11.72 -65.98 -47.76
N TYR E 225 -10.91 -66.71 -48.52
CA TYR E 225 -9.47 -66.69 -48.33
C TYR E 225 -8.79 -66.06 -49.54
N MET E 226 -7.48 -65.90 -49.45
CA MET E 226 -6.66 -65.63 -50.62
C MET E 226 -5.23 -66.07 -50.35
N ARG E 227 -4.52 -66.39 -51.43
CA ARG E 227 -3.14 -66.87 -51.38
C ARG E 227 -2.33 -66.19 -52.47
N GLU E 228 -1.06 -66.56 -52.57
CA GLU E 228 -0.21 -66.13 -53.66
C GLU E 228 -0.22 -67.22 -54.74
N THR E 229 0.46 -66.95 -55.85
CA THR E 229 0.57 -67.92 -56.92
C THR E 229 2.03 -68.10 -57.31
N ILE E 230 2.30 -69.17 -58.06
CA ILE E 230 3.67 -69.46 -58.46
C ILE E 230 4.19 -68.42 -59.43
N ASP E 231 3.29 -67.80 -60.20
CA ASP E 231 3.68 -66.80 -61.18
C ASP E 231 3.54 -65.37 -60.67
N GLY E 232 3.07 -65.17 -59.44
CA GLY E 232 3.01 -63.86 -58.84
C GLY E 232 1.63 -63.23 -58.76
N ASN E 233 0.58 -63.90 -59.22
CA ASN E 233 -0.76 -63.36 -59.14
C ASN E 233 -1.39 -63.71 -57.80
N THR E 234 -2.66 -63.35 -57.63
CA THR E 234 -3.40 -63.60 -56.41
C THR E 234 -4.62 -64.46 -56.72
N GLU E 235 -4.96 -65.35 -55.79
CA GLU E 235 -6.08 -66.26 -55.94
C GLU E 235 -7.08 -65.99 -54.83
N PHE E 236 -8.35 -65.84 -55.20
CA PHE E 236 -9.42 -65.50 -54.28
C PHE E 236 -10.14 -66.72 -53.72
N TYR E 237 -9.56 -67.92 -53.88
CA TYR E 237 -10.26 -69.18 -53.62
C TYR E 237 -11.02 -69.16 -52.30
N PHE E 238 -12.22 -69.71 -52.32
CA PHE E 238 -13.10 -69.73 -51.16
C PHE E 238 -12.88 -71.02 -50.36
N GLY E 239 -13.64 -71.17 -49.29
CA GLY E 239 -13.61 -72.38 -48.51
C GLY E 239 -14.34 -73.51 -49.22
N GLU E 240 -14.58 -74.58 -48.47
CA GLU E 240 -15.35 -75.71 -48.98
C GLU E 240 -16.43 -76.05 -47.98
N GLY E 241 -17.68 -75.82 -48.35
CA GLY E 241 -18.79 -76.14 -47.47
C GLY E 241 -20.09 -75.70 -48.09
N GLU E 242 -21.17 -76.31 -47.60
CA GLU E 242 -22.49 -76.08 -48.16
C GLU E 242 -23.54 -76.05 -47.05
N ILE E 243 -24.61 -75.30 -47.31
CA ILE E 243 -25.69 -75.10 -46.37
C ILE E 243 -26.84 -76.08 -46.59
N SER E 244 -26.68 -77.04 -47.51
CA SER E 244 -27.77 -77.89 -47.95
C SER E 244 -28.47 -78.55 -46.77
N VAL E 245 -29.79 -78.66 -46.89
CA VAL E 245 -30.65 -79.21 -45.84
C VAL E 245 -31.42 -80.39 -46.42
N ASN E 246 -31.70 -81.37 -45.57
CA ASN E 246 -32.40 -82.57 -46.01
C ASN E 246 -33.88 -82.26 -46.22
N ALA E 247 -34.63 -83.31 -46.58
CA ALA E 247 -36.06 -83.15 -46.82
C ALA E 247 -36.87 -83.35 -45.54
N SER E 248 -36.83 -84.57 -44.99
CA SER E 248 -37.58 -84.88 -43.78
C SER E 248 -36.97 -84.27 -42.53
N GLU E 249 -35.76 -83.70 -42.62
CA GLU E 249 -35.12 -83.14 -41.44
C GLU E 249 -35.63 -81.73 -41.15
N GLY E 250 -35.29 -80.77 -42.02
CA GLY E 250 -35.66 -79.38 -41.82
C GLY E 250 -34.58 -78.52 -41.20
N ALA E 251 -33.61 -79.12 -40.53
CA ALA E 251 -32.54 -78.37 -39.90
C ALA E 251 -31.59 -77.77 -40.94
N LEU E 252 -30.81 -76.79 -40.49
CA LEU E 252 -29.82 -76.16 -41.35
C LEU E 252 -28.64 -77.09 -41.60
N THR E 253 -27.93 -77.46 -40.53
CA THR E 253 -26.87 -78.47 -40.59
C THR E 253 -25.74 -78.09 -41.53
N ALA E 254 -24.91 -77.12 -41.12
CA ALA E 254 -23.69 -76.81 -41.85
C ALA E 254 -22.78 -78.03 -41.91
N ASN E 255 -22.42 -78.44 -43.12
CA ASN E 255 -21.92 -79.79 -43.36
C ASN E 255 -20.40 -79.93 -43.47
N TYR E 256 -19.62 -78.86 -43.44
CA TYR E 256 -18.20 -79.03 -43.73
C TYR E 256 -17.38 -78.05 -42.91
N ILE E 257 -16.10 -77.90 -43.26
CA ILE E 257 -15.16 -77.04 -42.56
C ILE E 257 -14.76 -75.90 -43.47
N GLY E 258 -14.43 -74.77 -42.86
CA GLY E 258 -14.00 -73.61 -43.60
C GLY E 258 -15.15 -72.70 -43.98
N GLY E 259 -14.89 -71.86 -44.97
CA GLY E 259 -15.88 -70.91 -45.43
C GLY E 259 -16.94 -71.55 -46.29
N LEU E 260 -18.06 -70.84 -46.45
CA LEU E 260 -19.13 -71.31 -47.30
C LEU E 260 -18.72 -71.21 -48.76
N LYS E 261 -18.84 -72.31 -49.48
CA LYS E 261 -18.50 -72.29 -50.88
C LYS E 261 -19.62 -71.64 -51.69
N PRO E 262 -19.29 -70.65 -52.52
CA PRO E 262 -20.33 -69.99 -53.32
C PRO E 262 -21.00 -70.97 -54.28
N THR E 263 -22.32 -70.85 -54.38
CA THR E 263 -23.07 -71.73 -55.25
C THR E 263 -22.68 -71.51 -56.71
N GLN E 264 -22.77 -72.57 -57.51
CA GLN E 264 -22.36 -72.50 -58.89
C GLN E 264 -23.19 -71.48 -59.66
N ASN E 265 -22.55 -70.83 -60.63
CA ASN E 265 -23.13 -69.81 -61.51
C ASN E 265 -23.50 -68.53 -60.77
N SER E 266 -23.35 -68.48 -59.45
CA SER E 266 -23.65 -67.25 -58.72
C SER E 266 -22.75 -66.12 -59.20
N THR E 267 -23.30 -64.90 -59.17
CA THR E 267 -22.56 -63.74 -59.62
C THR E 267 -21.33 -63.51 -58.74
N ILE E 268 -20.28 -62.95 -59.32
CA ILE E 268 -19.17 -62.39 -58.56
C ILE E 268 -18.81 -61.03 -59.11
N VAL E 269 -18.56 -60.08 -58.21
CA VAL E 269 -17.84 -58.85 -58.51
C VAL E 269 -16.97 -58.51 -57.31
N ILE E 270 -15.71 -58.18 -57.57
CA ILE E 270 -14.76 -57.84 -56.53
C ILE E 270 -14.17 -56.47 -56.84
N GLU E 271 -13.57 -55.85 -55.84
CA GLU E 271 -12.89 -54.58 -56.06
C GLU E 271 -11.63 -54.54 -55.21
N TYR E 272 -10.53 -54.14 -55.82
CA TYR E 272 -9.26 -53.95 -55.13
C TYR E 272 -8.68 -52.60 -55.55
N ILE E 273 -7.65 -52.17 -54.83
CA ILE E 273 -7.01 -50.88 -55.08
C ILE E 273 -5.74 -51.14 -55.87
N SER E 274 -5.75 -50.76 -57.15
CA SER E 274 -4.56 -50.89 -57.99
C SER E 274 -3.74 -49.61 -57.85
N THR E 275 -2.51 -49.74 -57.38
CA THR E 275 -1.68 -48.61 -57.01
C THR E 275 -0.45 -48.51 -57.91
N ASN E 276 0.10 -47.30 -57.97
CA ASN E 276 1.33 -47.04 -58.70
C ASN E 276 2.57 -47.37 -57.89
N GLY E 277 2.41 -47.78 -56.64
CA GLY E 277 3.52 -48.20 -55.80
C GLY E 277 3.87 -47.15 -54.75
N ALA E 278 4.89 -47.50 -53.96
CA ALA E 278 5.36 -46.61 -52.90
C ALA E 278 6.12 -45.41 -53.45
N ASP E 279 6.36 -45.36 -54.76
CA ASP E 279 7.07 -44.24 -55.35
C ASP E 279 6.33 -42.93 -55.17
N ALA E 280 5.05 -42.97 -54.82
CA ALA E 280 4.24 -41.78 -54.58
C ALA E 280 4.32 -41.30 -53.14
N ASN E 281 5.20 -41.89 -52.33
CA ASN E 281 5.36 -41.45 -50.95
C ASN E 281 5.68 -39.97 -50.90
N GLY E 282 4.84 -39.23 -50.21
CA GLY E 282 4.96 -37.79 -50.13
C GLY E 282 3.57 -37.19 -50.12
N ALA E 283 3.52 -35.88 -50.39
CA ALA E 283 2.26 -35.20 -50.68
C ALA E 283 2.47 -33.74 -51.06
N VAL E 284 1.47 -33.19 -51.72
CA VAL E 284 1.35 -31.76 -51.98
C VAL E 284 -0.14 -31.43 -51.83
N GLY E 285 -0.50 -30.19 -52.13
CA GLY E 285 -1.89 -29.81 -52.00
C GLY E 285 -2.81 -30.70 -52.79
N PHE E 286 -3.74 -31.37 -52.11
CA PHE E 286 -4.65 -32.29 -52.78
C PHE E 286 -5.67 -31.51 -53.60
N SER E 287 -5.76 -31.85 -54.88
CA SER E 287 -6.65 -31.15 -55.80
C SER E 287 -7.92 -32.00 -55.94
N TYR E 288 -9.02 -31.50 -55.39
CA TYR E 288 -10.29 -32.21 -55.47
C TYR E 288 -10.81 -32.20 -56.90
N ALA E 289 -11.12 -33.39 -57.41
CA ALA E 289 -11.89 -33.44 -58.66
C ALA E 289 -13.24 -34.07 -58.39
N ASP E 290 -13.28 -35.41 -58.31
CA ASP E 290 -14.36 -36.18 -57.71
C ASP E 290 -15.74 -35.57 -57.97
N THR E 291 -16.20 -35.59 -59.22
CA THR E 291 -17.46 -34.92 -59.54
C THR E 291 -18.62 -35.66 -58.90
N LEU E 292 -19.41 -34.93 -58.11
CA LEU E 292 -20.49 -35.50 -57.32
C LEU E 292 -21.79 -34.77 -57.67
N THR E 293 -22.84 -35.06 -56.92
CA THR E 293 -24.14 -34.51 -57.25
C THR E 293 -24.18 -33.01 -56.92
N ASN E 294 -24.18 -32.67 -55.63
CA ASN E 294 -23.96 -31.28 -55.22
C ASN E 294 -22.89 -31.26 -54.14
N ILE E 295 -21.71 -30.75 -54.49
CA ILE E 295 -20.60 -30.55 -53.56
C ILE E 295 -19.79 -29.35 -54.04
N THR E 296 -19.35 -28.53 -53.10
CA THR E 296 -18.37 -27.49 -53.36
C THR E 296 -17.28 -27.61 -52.30
N VAL E 297 -16.07 -27.99 -52.71
CA VAL E 297 -14.97 -28.21 -51.78
C VAL E 297 -14.20 -26.90 -51.63
N ILE E 298 -14.25 -26.33 -50.43
CA ILE E 298 -13.61 -25.04 -50.17
C ILE E 298 -12.10 -25.24 -50.06
N ASN E 299 -11.66 -25.90 -49.00
CA ASN E 299 -10.24 -26.15 -48.80
C ASN E 299 -10.05 -27.58 -48.30
N ILE E 300 -8.78 -27.97 -48.16
CA ILE E 300 -8.39 -29.24 -47.57
C ILE E 300 -7.17 -29.00 -46.71
N ASN E 301 -7.20 -29.49 -45.47
CA ASN E 301 -6.05 -29.47 -44.58
C ASN E 301 -5.56 -30.90 -44.43
N GLU E 302 -4.40 -31.20 -45.00
CA GLU E 302 -3.93 -32.56 -45.11
C GLU E 302 -3.35 -33.09 -43.81
N ASN E 303 -3.23 -32.24 -42.79
CA ASN E 303 -2.69 -32.62 -41.49
C ASN E 303 -3.75 -32.36 -40.44
N PRO E 304 -4.75 -33.24 -40.32
CA PRO E 304 -5.70 -33.11 -39.23
C PRO E 304 -5.04 -33.49 -37.92
N ASN E 305 -5.77 -33.37 -36.80
CA ASN E 305 -5.27 -33.75 -35.48
C ASN E 305 -4.10 -32.88 -35.03
N ASP E 306 -3.63 -31.99 -35.91
CA ASP E 306 -2.47 -31.14 -35.65
C ASP E 306 -1.29 -31.99 -35.20
N ASP E 307 -0.83 -32.83 -36.12
CA ASP E 307 0.21 -33.81 -35.84
C ASP E 307 1.57 -33.14 -35.78
N PRO E 308 2.59 -33.84 -35.28
CA PRO E 308 3.97 -33.34 -35.37
C PRO E 308 4.47 -33.36 -36.81
N ASP E 309 5.77 -33.20 -37.00
CA ASP E 309 6.34 -33.07 -38.34
C ASP E 309 5.80 -34.16 -39.26
N PHE E 310 5.29 -33.74 -40.41
CA PHE E 310 4.32 -34.51 -41.18
C PHE E 310 4.62 -34.47 -42.67
N VAL E 311 4.54 -35.65 -43.28
CA VAL E 311 4.58 -35.80 -44.74
C VAL E 311 3.48 -36.80 -45.06
N GLY E 312 2.94 -36.75 -46.28
CA GLY E 312 1.93 -37.72 -46.66
C GLY E 312 2.45 -39.13 -46.52
N ALA E 313 1.78 -39.93 -45.69
CA ALA E 313 2.30 -41.25 -45.33
C ALA E 313 2.13 -42.23 -46.47
N ASP E 314 2.57 -43.47 -46.27
CA ASP E 314 2.44 -44.50 -47.29
C ASP E 314 2.63 -45.86 -46.64
N GLY E 315 2.51 -46.91 -47.46
CA GLY E 315 3.14 -48.17 -47.21
C GLY E 315 4.35 -48.33 -48.13
N GLY E 316 5.12 -49.39 -47.85
CA GLY E 316 6.27 -49.72 -48.66
C GLY E 316 5.87 -50.34 -49.99
N GLY E 317 6.89 -50.64 -50.79
CA GLY E 317 6.67 -51.38 -52.01
C GLY E 317 6.63 -52.87 -51.73
N ASP E 318 6.95 -53.63 -52.77
CA ASP E 318 7.09 -55.07 -52.60
C ASP E 318 8.25 -55.34 -51.64
N PRO E 319 8.09 -56.25 -50.69
CA PRO E 319 9.16 -56.51 -49.72
C PRO E 319 10.34 -57.20 -50.39
N GLU E 320 11.47 -57.15 -49.69
CA GLU E 320 12.70 -57.73 -50.23
C GLU E 320 12.61 -59.25 -50.24
N ASP E 321 13.68 -59.89 -50.71
CA ASP E 321 13.70 -61.34 -50.81
C ASP E 321 14.17 -61.97 -49.50
N ILE E 322 15.42 -61.69 -49.11
CA ILE E 322 16.01 -62.33 -47.94
C ILE E 322 15.17 -62.09 -46.69
N GLU E 323 14.49 -60.95 -46.62
CA GLU E 323 13.64 -60.69 -45.46
C GLU E 323 12.44 -61.63 -45.39
N ARG E 324 12.12 -62.31 -46.49
CA ARG E 324 11.02 -63.28 -46.47
C ARG E 324 11.38 -64.52 -45.68
N ILE E 325 12.64 -64.95 -45.80
CA ILE E 325 13.06 -66.24 -45.24
C ILE E 325 13.01 -66.21 -43.72
N ARG E 326 13.42 -65.09 -43.12
CA ARG E 326 13.47 -65.00 -41.66
C ARG E 326 12.08 -64.95 -41.03
N GLU E 327 11.02 -64.85 -41.83
CA GLU E 327 9.69 -64.76 -41.27
C GLU E 327 9.11 -66.13 -40.90
N LEU E 328 9.28 -67.13 -41.77
CA LEU E 328 8.73 -68.45 -41.45
C LEU E 328 9.40 -69.04 -40.22
N GLY E 329 10.69 -68.76 -40.04
CA GLY E 329 11.34 -69.13 -38.80
C GLY E 329 10.69 -68.46 -37.60
N THR E 330 10.12 -67.28 -37.78
CA THR E 330 9.38 -66.59 -36.74
C THR E 330 7.91 -66.97 -36.72
N ILE E 331 7.48 -67.88 -37.59
CA ILE E 331 6.11 -68.39 -37.58
C ILE E 331 6.05 -69.64 -36.71
N LYS E 332 6.80 -70.68 -37.10
CA LYS E 332 6.83 -71.92 -36.33
C LYS E 332 7.09 -71.65 -34.85
N ARG E 333 8.09 -70.82 -34.55
CA ARG E 333 8.40 -70.49 -33.17
C ARG E 333 7.32 -69.67 -32.49
N GLU E 334 6.32 -69.21 -33.26
CA GLU E 334 5.25 -68.38 -32.74
C GLU E 334 3.98 -69.20 -32.64
N THR E 335 3.35 -69.19 -31.47
CA THR E 335 2.06 -69.86 -31.28
C THR E 335 0.98 -68.85 -31.58
N GLN E 336 0.26 -69.07 -32.68
CA GLN E 336 -0.70 -68.11 -33.16
C GLN E 336 -2.12 -68.56 -32.84
N GLN E 337 -2.94 -67.61 -32.42
CA GLN E 337 -4.34 -67.84 -32.07
C GLN E 337 -4.47 -68.93 -30.99
N ARG E 338 -3.73 -68.73 -29.90
CA ARG E 338 -3.77 -69.60 -28.73
C ARG E 338 -2.79 -69.03 -27.70
N CYS E 339 -3.02 -69.40 -26.43
CA CYS E 339 -2.02 -69.21 -25.38
C CYS E 339 -1.88 -70.54 -24.66
N VAL E 340 -0.74 -71.22 -24.87
CA VAL E 340 -0.51 -72.52 -24.24
C VAL E 340 0.40 -72.44 -23.02
N THR E 341 0.95 -71.26 -22.71
CA THR E 341 1.99 -71.14 -21.71
C THR E 341 1.65 -70.02 -20.73
N ALA E 342 2.33 -70.01 -19.59
CA ALA E 342 2.11 -68.96 -18.62
C ALA E 342 2.61 -67.61 -19.13
N THR E 343 3.65 -67.62 -19.95
CA THR E 343 4.18 -66.39 -20.53
C THR E 343 3.50 -66.00 -21.84
N ASP E 344 2.57 -66.82 -22.33
CA ASP E 344 1.87 -66.46 -23.55
C ASP E 344 0.73 -65.48 -23.26
N TYR E 345 0.00 -65.68 -22.16
CA TYR E 345 -0.98 -64.69 -21.75
C TYR E 345 -0.36 -63.31 -21.58
N ASP E 346 0.79 -63.26 -20.89
CA ASP E 346 1.50 -62.00 -20.74
C ASP E 346 1.93 -61.42 -22.08
N THR E 347 2.06 -62.25 -23.10
CA THR E 347 2.47 -61.76 -24.42
C THR E 347 1.31 -61.10 -25.14
N PHE E 348 0.14 -61.75 -25.17
CA PHE E 348 -1.00 -61.19 -25.90
C PHE E 348 -1.62 -60.03 -25.14
N VAL E 349 -1.75 -60.14 -23.82
CA VAL E 349 -2.35 -59.07 -23.04
C VAL E 349 -1.54 -57.79 -23.17
N SER E 350 -0.21 -57.92 -23.10
CA SER E 350 0.66 -56.74 -23.17
C SER E 350 0.84 -56.22 -24.60
N GLU E 351 0.67 -57.07 -25.61
CA GLU E 351 0.86 -56.61 -26.98
C GLU E 351 -0.25 -55.66 -27.40
N ARG E 352 -1.50 -56.08 -27.21
CA ARG E 352 -2.65 -55.25 -27.59
C ARG E 352 -2.85 -54.12 -26.59
N PHE E 353 -3.08 -54.47 -25.34
CA PHE E 353 -3.51 -53.56 -24.29
C PHE E 353 -2.35 -52.85 -23.59
N GLY E 354 -1.12 -53.04 -24.08
CA GLY E 354 0.02 -52.39 -23.46
C GLY E 354 -0.09 -50.88 -23.40
N SER E 355 -0.93 -50.29 -24.25
CA SER E 355 -1.18 -48.86 -24.16
C SER E 355 -1.93 -48.46 -22.90
N ILE E 356 -2.55 -49.42 -22.20
CA ILE E 356 -3.25 -49.13 -20.95
C ILE E 356 -2.70 -50.03 -19.85
N ILE E 357 -2.73 -51.35 -20.05
CA ILE E 357 -2.10 -52.28 -19.11
C ILE E 357 -0.59 -52.15 -19.19
N GLN E 358 0.08 -52.30 -18.04
CA GLN E 358 1.52 -52.49 -17.98
C GLN E 358 1.83 -53.55 -16.93
N ALA E 359 2.97 -54.22 -17.10
CA ALA E 359 3.52 -55.13 -16.10
C ALA E 359 2.53 -56.25 -15.77
N VAL E 360 2.41 -57.18 -16.71
CA VAL E 360 1.61 -58.38 -16.51
C VAL E 360 2.51 -59.58 -16.27
N GLN E 361 2.03 -60.49 -15.42
CA GLN E 361 2.56 -61.84 -15.35
C GLN E 361 1.40 -62.79 -15.10
N THR E 362 1.54 -64.00 -15.61
CA THR E 362 0.54 -65.05 -15.40
C THR E 362 1.20 -66.24 -14.72
N PHE E 363 0.55 -66.76 -13.69
CA PHE E 363 1.10 -67.88 -12.93
C PHE E 363 0.02 -68.95 -12.76
N THR E 364 0.37 -70.19 -13.09
CA THR E 364 -0.54 -71.31 -12.90
C THR E 364 -0.34 -71.92 -11.53
N ASP E 365 -1.44 -72.20 -10.82
CA ASP E 365 -1.38 -72.71 -9.47
C ASP E 365 -1.90 -74.14 -9.44
N SER E 366 -1.05 -75.08 -9.06
CA SER E 366 -1.49 -76.44 -8.83
C SER E 366 -2.39 -76.50 -7.60
N THR E 367 -3.16 -77.58 -7.52
CA THR E 367 -4.27 -77.84 -6.60
C THR E 367 -5.50 -77.01 -6.99
N LYS E 368 -5.37 -76.03 -7.87
CA LYS E 368 -6.51 -75.36 -8.50
C LYS E 368 -6.34 -75.39 -10.02
N PRO E 369 -6.32 -76.58 -10.62
CA PRO E 369 -6.17 -76.63 -12.08
C PRO E 369 -7.39 -76.04 -12.75
N GLY E 370 -7.18 -75.44 -13.91
CA GLY E 370 -8.29 -74.89 -14.65
C GLY E 370 -8.52 -73.40 -14.53
N TYR E 371 -7.53 -72.64 -14.05
CA TYR E 371 -7.75 -71.20 -13.91
C TYR E 371 -6.65 -70.36 -14.54
N ALA E 372 -5.42 -70.49 -14.04
CA ALA E 372 -4.28 -69.72 -14.54
C ALA E 372 -4.54 -68.22 -14.38
N PHE E 373 -4.53 -67.80 -13.11
CA PHE E 373 -4.69 -66.39 -12.77
C PHE E 373 -3.65 -65.55 -13.49
N ILE E 374 -4.04 -64.37 -13.94
CA ILE E 374 -3.09 -63.41 -14.49
C ILE E 374 -3.19 -62.13 -13.67
N ALA E 375 -2.06 -61.44 -13.53
CA ALA E 375 -1.98 -60.23 -12.74
C ALA E 375 -1.60 -59.07 -13.64
N ALA E 376 -2.49 -58.08 -13.75
CA ALA E 376 -2.30 -56.94 -14.64
C ALA E 376 -2.37 -55.66 -13.83
N LYS E 377 -1.56 -54.68 -14.24
CA LYS E 377 -1.55 -53.39 -13.58
C LYS E 377 -1.83 -52.28 -14.59
N PRO E 378 -2.62 -51.28 -14.22
CA PRO E 378 -2.86 -50.17 -15.14
C PRO E 378 -1.64 -49.27 -15.25
N LYS E 379 -1.43 -48.74 -16.44
CA LYS E 379 -0.41 -47.71 -16.62
C LYS E 379 -0.84 -46.39 -16.03
N SER E 380 -2.12 -46.25 -15.67
CA SER E 380 -2.66 -45.02 -15.11
C SER E 380 -2.88 -45.15 -13.61
N GLY E 381 -3.90 -45.91 -13.22
CA GLY E 381 -4.27 -46.00 -11.82
C GLY E 381 -3.73 -47.21 -11.10
N LEU E 382 -4.48 -47.69 -10.11
CA LEU E 382 -4.07 -48.81 -9.27
C LEU E 382 -4.88 -50.07 -9.57
N TYR E 383 -6.14 -50.12 -9.19
CA TYR E 383 -7.01 -51.23 -9.52
C TYR E 383 -7.55 -51.09 -10.95
N LEU E 384 -7.91 -52.22 -11.54
CA LEU E 384 -8.54 -52.23 -12.85
C LEU E 384 -10.03 -51.94 -12.73
N THR E 385 -10.50 -51.01 -13.54
CA THR E 385 -11.90 -50.61 -13.53
C THR E 385 -12.77 -51.67 -14.20
N THR E 386 -14.05 -51.65 -13.88
CA THR E 386 -15.02 -52.45 -14.62
C THR E 386 -15.14 -51.91 -16.04
N VAL E 387 -15.66 -52.76 -16.93
CA VAL E 387 -15.71 -52.50 -18.38
C VAL E 387 -14.29 -52.31 -18.88
N GLN E 388 -13.33 -52.81 -18.11
CA GLN E 388 -11.93 -52.92 -18.50
C GLN E 388 -11.49 -54.33 -18.16
N ARG E 389 -11.51 -54.65 -16.87
CA ARG E 389 -11.39 -56.02 -16.37
C ARG E 389 -12.32 -56.94 -17.16
N GLU E 390 -13.53 -56.48 -17.46
CA GLU E 390 -14.41 -57.24 -18.35
C GLU E 390 -13.85 -57.30 -19.76
N ASP E 391 -13.36 -56.17 -20.28
CA ASP E 391 -12.83 -56.12 -21.63
C ASP E 391 -11.48 -56.82 -21.78
N ILE E 392 -10.66 -56.86 -20.72
CA ILE E 392 -9.48 -57.71 -20.77
C ILE E 392 -9.87 -59.18 -20.79
N LYS E 393 -10.95 -59.55 -20.10
CA LYS E 393 -11.38 -60.93 -20.06
C LYS E 393 -11.89 -61.38 -21.43
N ASN E 394 -12.47 -60.47 -22.21
CA ASN E 394 -12.72 -60.79 -23.60
C ASN E 394 -11.40 -60.73 -24.37
N TYR E 395 -11.47 -61.10 -25.64
CA TYR E 395 -10.31 -61.17 -26.53
C TYR E 395 -9.33 -62.25 -26.10
N LEU E 396 -9.45 -62.70 -24.85
CA LEU E 396 -8.84 -63.95 -24.42
C LEU E 396 -9.81 -65.11 -24.47
N LYS E 397 -11.10 -64.83 -24.64
CA LYS E 397 -12.07 -65.90 -24.85
C LYS E 397 -12.03 -66.38 -26.29
N ASP E 398 -11.71 -65.50 -27.23
CA ASP E 398 -11.52 -65.92 -28.61
C ASP E 398 -10.36 -66.90 -28.72
N TYR E 399 -9.33 -66.75 -27.90
CA TYR E 399 -8.23 -67.69 -27.96
C TYR E 399 -8.37 -68.72 -26.85
N ASN E 400 -7.98 -68.34 -25.65
CA ASN E 400 -7.97 -69.23 -24.50
C ASN E 400 -7.39 -70.59 -24.88
N LEU E 401 -8.05 -71.64 -24.42
CA LEU E 401 -7.93 -73.02 -24.85
C LEU E 401 -8.80 -73.82 -23.89
N ALA E 402 -9.26 -75.01 -24.31
CA ALA E 402 -9.35 -76.04 -23.27
C ALA E 402 -10.39 -75.70 -22.19
N PRO E 403 -10.47 -76.50 -21.14
CA PRO E 403 -10.67 -75.91 -19.81
C PRO E 403 -9.55 -74.91 -19.51
N ILE E 404 -9.36 -74.51 -18.26
CA ILE E 404 -8.38 -73.48 -17.87
C ILE E 404 -8.75 -72.16 -18.53
N THR E 405 -9.73 -71.47 -17.94
CA THR E 405 -10.18 -70.19 -18.47
C THR E 405 -9.69 -69.06 -17.56
N PRO E 406 -9.49 -67.86 -18.11
CA PRO E 406 -8.76 -66.82 -17.36
C PRO E 406 -9.46 -66.33 -16.11
N SER E 407 -8.78 -65.45 -15.38
CA SER E 407 -9.28 -64.91 -14.12
C SER E 407 -9.16 -63.39 -14.11
N ILE E 408 -7.93 -62.89 -14.26
CA ILE E 408 -7.58 -61.47 -14.19
C ILE E 408 -7.90 -60.94 -12.79
N ILE E 409 -7.11 -61.37 -11.83
CA ILE E 409 -7.15 -60.80 -10.48
C ILE E 409 -6.13 -59.67 -10.41
N SER E 410 -6.50 -58.59 -9.73
CA SER E 410 -5.54 -57.55 -9.44
C SER E 410 -4.34 -58.15 -8.72
N PRO E 411 -3.12 -57.71 -9.05
CA PRO E 411 -1.93 -58.33 -8.45
C PRO E 411 -1.89 -58.12 -6.95
N ASN E 412 -0.90 -58.69 -6.27
CA ASN E 412 -0.71 -58.30 -4.89
C ASN E 412 -0.11 -56.90 -4.87
N TYR E 413 0.01 -56.32 -3.68
CA TYR E 413 0.65 -55.02 -3.59
C TYR E 413 1.44 -54.93 -2.31
N LEU E 414 2.69 -54.51 -2.43
CA LEU E 414 3.51 -54.15 -1.28
C LEU E 414 3.76 -52.65 -1.37
N PHE E 415 3.09 -51.89 -0.51
CA PHE E 415 3.29 -50.46 -0.47
C PHE E 415 4.35 -50.12 0.56
N ILE E 416 5.16 -49.12 0.24
CA ILE E 416 6.23 -48.64 1.10
C ILE E 416 5.89 -47.23 1.53
N LYS E 417 5.64 -47.06 2.82
CA LYS E 417 5.27 -45.77 3.39
C LYS E 417 6.55 -45.06 3.81
N THR E 418 6.88 -44.00 3.10
CA THR E 418 8.15 -43.30 3.30
C THR E 418 7.92 -41.84 3.61
N ASN E 419 8.29 -41.45 4.82
CA ASN E 419 8.37 -40.05 5.20
C ASN E 419 9.84 -39.66 5.21
N LEU E 420 10.25 -38.87 4.23
CA LEU E 420 11.66 -38.55 4.02
C LEU E 420 11.90 -37.08 4.30
N LYS E 421 12.99 -36.79 4.99
CA LYS E 421 13.45 -35.42 5.21
C LYS E 421 14.28 -35.00 4.01
N VAL E 422 14.97 -33.87 4.14
CA VAL E 422 15.92 -33.39 3.14
C VAL E 422 16.58 -32.14 3.72
N THR E 423 17.75 -31.80 3.21
CA THR E 423 18.54 -30.73 3.80
C THR E 423 18.37 -29.38 3.10
N TYR E 424 17.51 -29.29 2.08
CA TYR E 424 17.06 -28.00 1.59
C TYR E 424 18.26 -27.17 1.14
N ALA E 425 18.74 -26.26 2.01
CA ALA E 425 19.75 -25.24 1.73
C ALA E 425 19.23 -24.09 0.87
N LEU E 426 18.47 -23.21 1.54
CA LEU E 426 17.76 -22.06 1.00
C LEU E 426 18.54 -21.21 0.00
N ASN E 427 19.63 -20.59 0.45
CA ASN E 427 20.25 -19.50 -0.30
C ASN E 427 20.61 -19.87 -1.74
N LYS E 428 20.74 -21.15 -2.05
CA LYS E 428 21.03 -21.58 -3.40
C LYS E 428 19.77 -21.96 -4.18
N LEU E 429 18.61 -21.88 -3.53
CA LEU E 429 17.34 -22.32 -4.11
C LEU E 429 16.56 -21.14 -4.69
N GLN E 430 15.85 -21.41 -5.77
CA GLN E 430 14.97 -20.45 -6.43
C GLN E 430 13.54 -20.97 -6.41
N GLU E 431 12.60 -20.06 -6.67
CA GLU E 431 11.16 -20.30 -6.62
C GLU E 431 10.80 -20.64 -5.16
N SER E 432 10.06 -21.72 -4.89
CA SER E 432 9.45 -21.91 -3.59
C SER E 432 9.68 -23.32 -3.08
N GLU E 433 9.39 -23.51 -1.79
CA GLU E 433 9.47 -24.83 -1.18
C GLU E 433 8.61 -25.84 -1.91
N GLN E 434 7.36 -25.47 -2.20
CA GLN E 434 6.43 -26.40 -2.82
C GLN E 434 6.88 -26.77 -4.23
N TRP E 435 7.61 -25.87 -4.90
CA TRP E 435 7.98 -26.11 -6.29
C TRP E 435 8.88 -27.33 -6.41
N LEU E 436 9.99 -27.36 -5.67
CA LEU E 436 10.79 -28.57 -5.65
C LEU E 436 10.01 -29.72 -5.01
N GLU E 437 9.25 -29.42 -3.96
CA GLU E 437 8.41 -30.44 -3.34
C GLU E 437 7.44 -31.03 -4.35
N GLY E 438 7.07 -30.26 -5.38
CA GLY E 438 6.33 -30.80 -6.49
C GLY E 438 7.21 -31.58 -7.44
N GLN E 439 8.40 -31.05 -7.74
CA GLN E 439 9.32 -31.71 -8.66
C GLN E 439 10.15 -32.80 -7.98
N ILE E 440 10.26 -32.78 -6.65
CA ILE E 440 10.87 -33.90 -5.96
C ILE E 440 10.03 -35.15 -6.09
N ILE E 441 8.75 -35.00 -6.45
CA ILE E 441 7.89 -36.14 -6.72
C ILE E 441 8.21 -36.75 -8.08
N ASP E 442 8.48 -35.92 -9.08
CA ASP E 442 8.73 -36.43 -10.42
C ASP E 442 9.92 -37.39 -10.42
N LYS E 443 11.02 -37.01 -9.76
CA LYS E 443 12.17 -37.90 -9.65
C LYS E 443 11.79 -39.23 -9.01
N ILE E 444 11.34 -39.20 -7.76
CA ILE E 444 10.99 -40.44 -7.07
C ILE E 444 9.94 -41.22 -7.85
N ASP E 445 8.98 -40.52 -8.46
CA ASP E 445 7.99 -41.21 -9.28
C ASP E 445 8.65 -41.86 -10.49
N ARG E 446 9.70 -41.23 -11.02
CA ARG E 446 10.39 -41.83 -12.15
C ARG E 446 11.21 -43.04 -11.71
N TYR E 447 11.72 -43.03 -10.48
CA TYR E 447 12.56 -44.13 -10.01
C TYR E 447 11.84 -45.46 -10.06
N TYR E 448 10.52 -45.46 -9.86
CA TYR E 448 9.78 -46.72 -9.84
C TYR E 448 9.51 -47.23 -11.24
N THR E 449 9.14 -46.33 -12.17
CA THR E 449 8.44 -46.76 -13.37
C THR E 449 9.32 -47.61 -14.28
N GLU E 450 10.61 -47.28 -14.44
CA GLU E 450 11.48 -48.09 -15.27
C GLU E 450 12.32 -49.08 -14.49
N ASP E 451 12.24 -49.10 -13.17
CA ASP E 451 13.16 -49.93 -12.41
C ASP E 451 12.46 -50.86 -11.42
N VAL E 452 11.89 -50.28 -10.36
CA VAL E 452 11.36 -51.12 -9.29
C VAL E 452 9.97 -51.66 -9.62
N GLU E 453 9.19 -50.94 -10.41
CA GLU E 453 7.77 -51.26 -10.61
C GLU E 453 7.54 -52.58 -11.33
N ILE E 454 8.44 -52.98 -12.24
CA ILE E 454 8.32 -54.28 -12.88
C ILE E 454 8.51 -55.40 -11.85
N PHE E 455 8.06 -56.60 -12.20
CA PHE E 455 8.03 -57.70 -11.23
C PHE E 455 9.44 -58.18 -10.92
N ASN E 456 9.51 -59.12 -9.97
CA ASN E 456 10.77 -59.76 -9.56
C ASN E 456 11.86 -58.73 -9.28
N SER E 457 11.47 -57.59 -8.73
CA SER E 457 12.39 -56.50 -8.49
C SER E 457 12.47 -56.20 -7.01
N SER E 458 13.23 -55.16 -6.67
CA SER E 458 13.45 -54.78 -5.29
C SER E 458 13.56 -53.26 -5.19
N PHE E 459 13.09 -52.73 -4.07
CA PHE E 459 13.14 -51.30 -3.79
C PHE E 459 14.27 -51.03 -2.81
N ALA E 460 15.28 -50.30 -3.24
CA ALA E 460 16.42 -49.99 -2.39
C ALA E 460 16.31 -48.56 -1.87
N LYS E 461 16.47 -48.41 -0.55
CA LYS E 461 16.42 -47.08 0.06
C LYS E 461 17.48 -46.17 -0.53
N SER E 462 18.69 -46.71 -0.76
CA SER E 462 19.77 -45.87 -1.23
C SER E 462 19.65 -45.59 -2.72
N LYS E 463 18.95 -46.45 -3.45
CA LYS E 463 18.79 -46.23 -4.89
C LYS E 463 17.71 -45.22 -5.20
N MET E 464 16.73 -45.04 -4.29
CA MET E 464 15.83 -43.91 -4.47
C MET E 464 16.47 -42.61 -4.00
N LEU E 465 17.30 -42.69 -2.95
CA LEU E 465 17.89 -41.49 -2.38
C LEU E 465 18.90 -40.85 -3.33
N THR E 466 19.30 -41.53 -4.39
CA THR E 466 20.10 -40.85 -5.42
C THR E 466 19.24 -40.04 -6.37
N TYR E 467 17.97 -40.41 -6.57
CA TYR E 467 17.08 -39.62 -7.41
C TYR E 467 16.51 -38.42 -6.65
N VAL E 468 16.15 -38.63 -5.39
CA VAL E 468 15.68 -37.51 -4.59
C VAL E 468 16.82 -36.53 -4.33
N ASP E 469 18.06 -37.02 -4.39
CA ASP E 469 19.22 -36.15 -4.29
C ASP E 469 19.43 -35.35 -5.56
N ASP E 470 18.95 -35.85 -6.70
CA ASP E 470 19.14 -35.20 -7.99
C ASP E 470 17.99 -34.27 -8.36
N ALA E 471 17.04 -34.06 -7.46
CA ALA E 471 15.89 -33.20 -7.71
C ALA E 471 16.32 -31.83 -8.20
N ASP E 472 16.95 -31.05 -7.34
CA ASP E 472 17.41 -29.72 -7.69
C ASP E 472 18.86 -29.59 -7.23
N HIS E 473 19.53 -28.51 -7.66
CA HIS E 473 20.97 -28.38 -7.50
C HIS E 473 21.43 -28.69 -6.08
N SER E 474 20.88 -28.01 -5.08
CA SER E 474 21.20 -28.30 -3.70
C SER E 474 19.96 -28.82 -2.99
N VAL E 475 19.91 -30.14 -2.75
CA VAL E 475 19.12 -30.70 -1.66
C VAL E 475 19.99 -31.11 -0.49
N ILE E 476 21.32 -31.06 -0.63
CA ILE E 476 22.30 -31.46 0.38
C ILE E 476 21.90 -32.79 1.00
N GLY E 477 21.42 -33.72 0.17
CA GLY E 477 21.11 -35.06 0.63
C GLY E 477 19.81 -35.18 1.41
N SER E 478 19.42 -36.42 1.71
CA SER E 478 18.15 -36.69 2.37
C SER E 478 18.24 -38.04 3.07
N SER E 479 17.28 -38.29 3.97
CA SER E 479 17.14 -39.59 4.60
C SER E 479 15.66 -39.95 4.67
N ALA E 480 15.39 -41.22 4.97
CA ALA E 480 14.03 -41.70 5.07
C ALA E 480 13.99 -42.96 5.92
N THR E 481 12.79 -43.28 6.40
CA THR E 481 12.51 -44.54 7.06
C THR E 481 11.29 -45.17 6.40
N ILE E 482 11.37 -46.47 6.13
CA ILE E 482 10.40 -47.15 5.28
C ILE E 482 9.48 -48.00 6.14
N GLN E 483 8.18 -47.90 5.89
CA GLN E 483 7.19 -48.80 6.45
C GLN E 483 6.63 -49.69 5.34
N MET E 484 6.78 -50.99 5.51
CA MET E 484 6.19 -51.97 4.60
C MET E 484 4.73 -52.16 4.98
N VAL E 485 3.83 -51.97 4.01
CA VAL E 485 2.41 -52.11 4.24
C VAL E 485 1.77 -52.84 3.06
N ARG E 486 1.08 -53.94 3.35
CA ARG E 486 0.23 -54.62 2.39
C ARG E 486 -1.20 -54.51 2.86
N GLU E 487 -2.01 -53.72 2.17
CA GLU E 487 -3.43 -53.67 2.47
C GLU E 487 -4.08 -54.94 1.98
N VAL E 488 -4.96 -55.52 2.80
CA VAL E 488 -5.62 -56.77 2.48
C VAL E 488 -7.12 -56.60 2.71
N GLN E 489 -7.89 -56.77 1.64
CA GLN E 489 -9.33 -56.82 1.77
C GLN E 489 -9.73 -58.07 2.55
N ASN E 490 -10.96 -58.05 3.07
CA ASN E 490 -11.50 -59.15 3.85
C ASN E 490 -10.63 -59.43 5.08
N PHE E 491 -10.77 -58.53 6.05
CA PHE E 491 -10.14 -58.70 7.36
C PHE E 491 -10.90 -59.82 8.07
N TYR E 492 -10.62 -60.01 9.36
CA TYR E 492 -11.38 -60.92 10.22
C TYR E 492 -11.02 -62.39 9.98
N LYS E 493 -10.32 -62.69 8.89
CA LYS E 493 -10.03 -64.07 8.55
C LYS E 493 -8.57 -64.32 8.19
N THR E 494 -8.11 -63.72 7.09
CA THR E 494 -6.87 -63.96 6.35
C THR E 494 -7.01 -65.25 5.57
N PRO E 495 -6.34 -65.40 4.43
CA PRO E 495 -6.66 -66.54 3.54
C PRO E 495 -6.00 -67.85 3.97
N GLU E 496 -6.09 -68.18 5.26
CA GLU E 496 -5.70 -69.47 5.83
C GLU E 496 -4.21 -69.74 5.66
N ALA E 497 -3.61 -69.08 4.68
CA ALA E 497 -2.17 -68.86 4.59
C ALA E 497 -2.02 -67.56 3.80
N GLY E 498 -1.16 -66.66 4.23
CA GLY E 498 -1.03 -65.43 3.47
C GLY E 498 -0.71 -64.19 4.26
N ILE E 499 -0.91 -63.04 3.62
CA ILE E 499 -0.30 -61.79 4.04
C ILE E 499 1.16 -62.12 4.30
N LYS E 500 1.86 -62.50 3.24
CA LYS E 500 3.27 -62.84 3.31
C LYS E 500 4.04 -61.75 2.59
N TYR E 501 4.72 -60.91 3.34
CA TYR E 501 5.61 -59.90 2.79
C TYR E 501 7.01 -60.19 3.30
N ASN E 502 7.93 -60.35 2.37
CA ASN E 502 9.23 -60.95 2.66
C ASN E 502 10.07 -59.94 3.43
N ASN E 503 11.36 -60.24 3.58
CA ASN E 503 12.29 -59.31 4.20
C ASN E 503 11.89 -59.08 5.65
N GLN E 504 12.16 -60.09 6.49
CA GLN E 504 11.50 -60.23 7.79
C GLN E 504 11.53 -58.95 8.60
N ILE E 505 10.34 -58.54 9.04
CA ILE E 505 10.17 -57.31 9.80
C ILE E 505 10.63 -57.49 11.25
N LYS E 506 10.84 -56.35 11.91
CA LYS E 506 11.31 -56.31 13.28
C LYS E 506 10.23 -56.82 14.23
N ASP E 507 10.55 -56.81 15.52
CA ASP E 507 9.64 -57.34 16.53
C ASP E 507 8.56 -56.31 16.85
N ARG E 508 7.31 -56.78 16.88
CA ARG E 508 6.15 -55.97 17.30
C ARG E 508 5.92 -54.75 16.41
N SER E 509 6.33 -54.80 15.15
CA SER E 509 6.11 -53.72 14.21
C SER E 509 4.89 -53.92 13.33
N MET E 510 4.12 -54.99 13.56
CA MET E 510 3.09 -55.38 12.61
C MET E 510 1.84 -54.50 12.69
N GLU E 511 1.61 -53.85 13.82
CA GLU E 511 0.34 -53.17 14.08
C GLU E 511 0.11 -52.00 13.13
N SER E 512 -1.17 -51.66 12.94
CA SER E 512 -1.56 -50.50 12.13
C SER E 512 -3.08 -50.35 12.12
N ASN E 513 -3.52 -49.18 11.64
CA ASN E 513 -4.90 -48.90 11.24
C ASN E 513 -5.93 -49.09 12.35
N THR E 514 -6.00 -48.14 13.27
CA THR E 514 -7.13 -48.06 14.18
C THR E 514 -8.44 -48.11 13.40
N PHE E 515 -9.33 -49.03 13.79
CA PHE E 515 -10.65 -49.14 13.18
C PHE E 515 -11.71 -49.29 14.27
N SER E 516 -12.82 -48.57 14.08
CA SER E 516 -13.79 -48.38 15.14
C SER E 516 -14.51 -49.67 15.51
N PHE E 517 -14.84 -49.81 16.79
CA PHE E 517 -15.58 -50.94 17.33
C PHE E 517 -17.07 -50.64 17.47
N ASN E 518 -17.52 -49.46 17.04
CA ASN E 518 -18.90 -49.03 17.26
C ASN E 518 -19.88 -50.07 16.73
N SER E 519 -21.06 -50.11 17.37
CA SER E 519 -22.00 -51.23 17.47
C SER E 519 -21.70 -52.06 18.71
N GLY E 520 -20.69 -51.69 19.50
CA GLY E 520 -20.31 -52.43 20.68
C GLY E 520 -21.36 -52.50 21.78
N ARG E 521 -22.50 -51.84 21.57
CA ARG E 521 -23.73 -51.91 22.36
C ARG E 521 -23.72 -50.99 23.59
N LYS E 522 -22.61 -50.31 23.89
CA LYS E 522 -22.61 -49.36 24.99
C LYS E 522 -23.58 -48.22 24.69
N VAL E 523 -24.37 -47.85 25.70
CA VAL E 523 -25.45 -46.89 25.55
C VAL E 523 -25.06 -45.61 26.28
N VAL E 524 -24.77 -44.56 25.52
CA VAL E 524 -24.53 -43.22 26.06
C VAL E 524 -25.27 -42.23 25.17
N ASN E 525 -26.08 -41.37 25.77
CA ASN E 525 -27.00 -40.50 25.03
C ASN E 525 -26.79 -39.03 25.39
N PRO E 526 -25.64 -38.45 25.08
CA PRO E 526 -25.45 -37.02 25.34
C PRO E 526 -25.81 -36.15 24.15
N ASP E 527 -25.85 -34.86 24.43
CA ASP E 527 -25.86 -33.73 23.50
C ASP E 527 -27.15 -33.59 22.68
N THR E 528 -27.81 -34.68 22.32
CA THR E 528 -29.24 -34.62 22.07
C THR E 528 -29.99 -35.91 22.40
N GLY E 529 -29.96 -36.85 21.45
CA GLY E 529 -30.67 -38.11 21.48
C GLY E 529 -29.85 -39.39 21.41
N LEU E 530 -28.53 -39.30 21.62
CA LEU E 530 -27.59 -40.26 21.03
C LEU E 530 -28.00 -41.72 21.23
N GLU E 531 -28.62 -42.04 22.36
CA GLU E 531 -29.10 -43.40 22.67
C GLU E 531 -27.90 -44.36 22.69
N GLU E 532 -27.90 -45.41 21.90
CA GLU E 532 -26.82 -46.40 21.92
C GLU E 532 -26.01 -46.30 20.63
N ASP E 533 -24.79 -45.74 20.73
CA ASP E 533 -23.88 -45.69 19.60
C ASP E 533 -22.47 -46.08 20.03
N VAL E 534 -21.88 -45.23 20.87
CA VAL E 534 -20.49 -45.19 21.34
C VAL E 534 -19.55 -45.32 20.14
N LEU E 535 -18.36 -45.89 20.36
CA LEU E 535 -17.27 -46.06 19.40
C LEU E 535 -16.20 -46.88 20.11
N TYR E 536 -15.10 -47.15 19.42
CA TYR E 536 -13.83 -47.45 20.10
C TYR E 536 -12.71 -47.44 19.06
N ASP E 537 -11.52 -47.85 19.49
CA ASP E 537 -10.27 -47.75 18.73
C ASP E 537 -9.86 -49.07 18.09
N VAL E 538 -9.64 -50.12 18.89
CA VAL E 538 -9.07 -51.38 18.43
C VAL E 538 -7.64 -51.17 17.93
N ARG E 539 -7.40 -51.27 16.61
CA ARG E 539 -6.05 -51.27 16.04
C ARG E 539 -5.25 -52.50 16.44
N ILE E 540 -5.46 -53.62 15.75
CA ILE E 540 -4.79 -54.89 16.01
C ILE E 540 -3.28 -54.67 16.13
N VAL E 541 -2.64 -55.36 17.09
CA VAL E 541 -1.20 -55.28 17.31
C VAL E 541 -0.68 -56.71 17.43
N SER E 542 0.63 -56.87 17.24
CA SER E 542 1.28 -58.17 17.29
C SER E 542 2.25 -58.26 18.45
N THR E 543 2.15 -59.32 19.23
CA THR E 543 3.15 -59.63 20.24
C THR E 543 4.45 -60.01 19.55
N ASP E 544 5.55 -59.91 20.29
CA ASP E 544 6.89 -59.94 19.70
C ASP E 544 7.73 -61.08 20.24
N ARG E 545 8.24 -61.91 19.32
CA ARG E 545 9.47 -62.68 19.53
C ARG E 545 9.43 -63.63 20.72
N ASP E 546 8.78 -64.77 20.52
CA ASP E 546 8.77 -65.88 21.46
C ASP E 546 10.04 -66.71 21.39
N SER E 547 11.08 -66.19 20.72
CA SER E 547 12.33 -66.89 20.37
C SER E 547 12.07 -67.96 19.32
N LYS E 548 12.32 -69.22 19.67
CA LYS E 548 12.50 -70.29 18.70
C LYS E 548 11.29 -70.50 17.78
N GLY E 549 10.22 -69.76 18.00
CA GLY E 549 9.01 -69.99 17.25
C GLY E 549 8.05 -68.82 17.24
N ILE E 550 6.81 -69.14 16.86
CA ILE E 550 5.80 -68.14 16.56
C ILE E 550 5.43 -67.29 17.79
N GLY E 551 4.80 -66.14 17.51
CA GLY E 551 4.37 -65.25 18.55
C GLY E 551 3.06 -64.57 18.19
N LYS E 552 2.40 -64.06 19.22
CA LYS E 552 0.96 -63.79 19.19
C LYS E 552 0.63 -62.48 18.46
N VAL E 553 -0.63 -62.39 18.03
CA VAL E 553 -1.23 -61.16 17.53
C VAL E 553 -2.53 -60.93 18.30
N ILE E 554 -2.83 -59.67 18.60
CA ILE E 554 -3.89 -59.32 19.54
C ILE E 554 -4.87 -58.36 18.88
N ILE E 555 -6.13 -58.44 19.30
CA ILE E 555 -7.22 -57.63 18.75
C ILE E 555 -7.75 -56.69 19.83
N GLY E 556 -7.35 -55.42 19.76
CA GLY E 556 -8.06 -54.32 20.37
C GLY E 556 -7.97 -54.29 21.88
N PRO E 557 -7.92 -53.10 22.48
CA PRO E 557 -8.11 -53.01 23.93
C PRO E 557 -9.57 -53.19 24.36
N PHE E 558 -10.48 -52.83 23.47
CA PHE E 558 -11.94 -52.88 23.65
C PHE E 558 -12.35 -52.11 24.92
N ALA E 559 -13.41 -52.55 25.58
CA ALA E 559 -13.88 -51.91 26.81
C ALA E 559 -13.47 -52.66 28.07
N SER E 560 -12.84 -53.84 27.91
CA SER E 560 -12.53 -54.77 28.99
C SER E 560 -13.81 -55.34 29.59
N GLY E 561 -14.95 -54.75 29.27
CA GLY E 561 -16.25 -55.28 29.67
C GLY E 561 -16.99 -55.93 28.53
N ASP E 562 -16.51 -55.73 27.31
CA ASP E 562 -17.19 -56.19 26.11
C ASP E 562 -16.89 -57.67 25.88
N VAL E 563 -17.26 -58.15 24.69
CA VAL E 563 -17.12 -59.53 24.22
C VAL E 563 -17.63 -60.50 25.28
N THR E 564 -16.97 -61.64 25.44
CA THR E 564 -17.36 -62.64 26.42
C THR E 564 -16.12 -63.27 27.03
N GLU E 565 -16.08 -63.34 28.35
CA GLU E 565 -15.11 -64.21 29.02
C GLU E 565 -15.57 -65.65 28.90
N ASN E 566 -14.62 -66.57 29.03
CA ASN E 566 -14.90 -67.98 28.78
C ASN E 566 -13.65 -68.78 29.14
N GLU E 567 -13.84 -70.09 29.29
CA GLU E 567 -12.72 -70.99 29.57
C GLU E 567 -11.85 -71.24 28.34
N ASN E 568 -12.39 -71.06 27.14
CA ASN E 568 -11.60 -71.27 25.94
C ASN E 568 -10.68 -70.09 25.64
N ILE E 569 -11.15 -68.86 25.86
CA ILE E 569 -10.37 -67.67 25.54
C ILE E 569 -10.35 -66.75 26.75
N GLN E 570 -9.21 -66.13 27.00
CA GLN E 570 -9.02 -65.25 28.14
C GLN E 570 -8.15 -64.08 27.71
N PRO E 571 -8.20 -62.96 28.44
CA PRO E 571 -7.29 -61.85 28.13
C PRO E 571 -5.83 -62.30 28.08
N TYR E 572 -5.10 -61.74 27.12
CA TYR E 572 -3.73 -62.18 26.85
C TYR E 572 -2.74 -61.75 27.92
N THR E 573 -3.06 -60.72 28.71
CA THR E 573 -2.20 -60.10 29.71
C THR E 573 -0.78 -59.92 29.17
N GLY E 574 0.24 -60.22 29.97
CA GLY E 574 1.62 -60.09 29.54
C GLY E 574 1.98 -58.65 29.19
N ASN E 575 3.10 -58.52 28.49
CA ASN E 575 3.66 -57.23 28.08
C ASN E 575 4.26 -57.37 26.69
N ASP E 576 4.99 -56.34 26.26
CA ASP E 576 5.61 -56.21 24.95
C ASP E 576 4.57 -56.08 23.84
N PHE E 577 3.28 -56.15 24.18
CA PHE E 577 2.22 -56.05 23.18
C PHE E 577 2.13 -54.66 22.56
N ASN E 578 2.91 -53.68 23.05
CA ASN E 578 2.95 -52.33 22.49
C ASN E 578 1.54 -51.73 22.48
N LYS E 579 1.08 -51.42 23.70
CA LYS E 579 -0.29 -51.02 23.92
C LYS E 579 -0.64 -49.73 23.19
N LEU E 580 -1.90 -49.62 22.79
CA LEU E 580 -2.48 -48.39 22.25
C LEU E 580 -3.18 -47.63 23.35
N ALA E 581 -2.90 -46.34 23.46
CA ALA E 581 -3.49 -45.51 24.50
C ALA E 581 -4.84 -44.97 24.05
N ASN E 582 -5.50 -44.28 24.98
CA ASN E 582 -6.84 -43.71 24.79
C ASN E 582 -7.27 -43.05 26.07
N SER E 583 -8.28 -42.18 25.96
CA SER E 583 -8.88 -41.52 27.10
C SER E 583 -9.46 -42.53 28.09
N ASP E 584 -10.50 -43.24 27.65
CA ASP E 584 -11.16 -44.20 28.52
C ASP E 584 -10.24 -45.37 28.85
N GLY E 585 -10.59 -46.08 29.93
CA GLY E 585 -9.78 -47.19 30.37
C GLY E 585 -9.68 -48.30 29.33
N ARG E 586 -8.56 -49.01 29.38
CA ARG E 586 -8.29 -50.08 28.44
C ARG E 586 -7.56 -51.20 29.16
N ASP E 587 -7.76 -52.42 28.68
CA ASP E 587 -7.22 -53.62 29.33
C ASP E 587 -7.17 -54.73 28.28
N LYS E 588 -6.99 -55.97 28.74
CA LYS E 588 -7.20 -57.14 27.90
C LYS E 588 -6.26 -57.23 26.70
N TYR E 589 -6.82 -56.99 25.51
CA TYR E 589 -6.55 -57.62 24.23
C TYR E 589 -6.95 -59.09 24.31
N TYR E 590 -6.37 -59.95 23.47
CA TYR E 590 -6.81 -61.33 23.29
C TYR E 590 -5.91 -62.02 22.27
N VAL E 591 -6.12 -63.32 22.10
CA VAL E 591 -5.27 -64.14 21.23
C VAL E 591 -6.00 -64.37 19.91
N ILE E 592 -5.45 -63.83 18.84
CA ILE E 592 -5.93 -64.08 17.48
C ILE E 592 -5.11 -65.17 16.78
N GLY E 593 -4.13 -65.73 17.45
CA GLY E 593 -3.18 -66.59 16.80
C GLY E 593 -1.83 -65.91 16.64
N GLU E 594 -1.00 -66.51 15.80
CA GLU E 594 0.43 -66.26 15.85
C GLU E 594 0.95 -65.70 14.53
N ILE E 595 2.12 -65.05 14.64
CA ILE E 595 2.90 -64.60 13.50
C ILE E 595 4.27 -65.26 13.58
N ASN E 596 4.72 -65.82 12.47
CA ASN E 596 5.99 -66.53 12.41
C ASN E 596 7.00 -65.62 11.74
N TYR E 597 7.95 -65.10 12.53
CA TYR E 597 8.91 -64.14 11.98
C TYR E 597 9.89 -64.79 11.01
N PRO E 598 10.58 -65.88 11.37
CA PRO E 598 11.53 -66.44 10.38
C PRO E 598 10.86 -66.99 9.14
N ALA E 599 9.74 -67.70 9.30
CA ALA E 599 9.03 -68.21 8.12
C ALA E 599 8.25 -67.12 7.41
N ASP E 600 8.00 -65.99 8.09
CA ASP E 600 7.36 -64.82 7.50
C ASP E 600 5.97 -65.17 6.96
N VAL E 601 5.09 -65.52 7.90
CA VAL E 601 3.69 -65.78 7.61
C VAL E 601 2.85 -65.23 8.75
N ILE E 602 1.72 -64.63 8.41
CA ILE E 602 0.76 -64.15 9.39
C ILE E 602 -0.55 -64.91 9.16
N TYR E 603 -1.52 -64.68 10.05
CA TYR E 603 -2.82 -65.35 10.01
C TYR E 603 -3.65 -64.78 11.15
N TRP E 604 -4.97 -64.80 11.00
CA TRP E 604 -5.86 -64.22 12.01
C TRP E 604 -7.00 -65.15 12.37
N ASN E 605 -7.97 -65.26 11.46
CA ASN E 605 -9.27 -65.85 11.76
C ASN E 605 -9.74 -65.36 13.12
N ILE E 606 -10.02 -64.06 13.24
CA ILE E 606 -10.22 -63.43 14.55
C ILE E 606 -11.50 -63.96 15.19
N ALA E 607 -12.26 -64.78 14.45
CA ALA E 607 -13.48 -65.37 14.98
C ALA E 607 -13.24 -66.20 16.23
N LYS E 608 -11.98 -66.51 16.55
CA LYS E 608 -11.66 -67.18 17.80
C LYS E 608 -12.11 -66.36 19.01
N ILE E 609 -12.21 -65.03 18.86
CA ILE E 609 -12.74 -64.18 19.93
C ILE E 609 -14.25 -64.24 20.00
N ASN E 610 -14.91 -64.85 19.02
CA ASN E 610 -16.36 -64.94 18.94
C ASN E 610 -16.99 -63.55 18.85
N LEU E 611 -16.76 -62.92 17.71
CA LEU E 611 -17.39 -61.65 17.36
C LEU E 611 -17.83 -61.69 15.91
N THR E 612 -19.12 -61.48 15.66
CA THR E 612 -19.63 -61.40 14.31
C THR E 612 -19.18 -60.09 13.65
N SER E 613 -19.26 -60.07 12.33
CA SER E 613 -18.96 -58.86 11.58
C SER E 613 -20.12 -57.87 11.75
N GLU E 614 -20.03 -56.75 11.02
CA GLU E 614 -21.02 -55.68 11.07
C GLU E 614 -21.01 -54.97 12.42
N LYS E 615 -20.31 -55.53 13.39
CA LYS E 615 -20.02 -54.86 14.65
C LYS E 615 -18.79 -53.97 14.53
N PHE E 616 -18.06 -54.04 13.42
CA PHE E 616 -16.95 -53.18 13.09
C PHE E 616 -17.37 -52.20 11.99
N GLU E 617 -16.42 -51.39 11.52
CA GLU E 617 -16.65 -50.55 10.35
C GLU E 617 -15.59 -50.85 9.30
N VAL E 618 -14.34 -50.48 9.57
CA VAL E 618 -13.19 -51.05 8.90
C VAL E 618 -13.25 -50.82 7.39
N GLN E 619 -12.90 -49.60 6.95
CA GLN E 619 -12.89 -49.30 5.51
C GLN E 619 -12.21 -50.41 4.72
N THR E 620 -10.87 -50.51 4.78
CA THR E 620 -10.24 -51.74 4.32
C THR E 620 -9.30 -52.33 5.36
N ILE E 621 -8.05 -51.86 5.36
CA ILE E 621 -7.02 -52.17 6.37
C ILE E 621 -5.70 -51.61 5.82
N GLU E 622 -4.64 -51.64 6.63
CA GLU E 622 -3.30 -51.36 6.12
C GLU E 622 -2.26 -52.42 6.52
N LEU E 623 -2.03 -52.59 7.83
CA LEU E 623 -0.94 -53.41 8.35
C LEU E 623 0.44 -52.87 7.99
N TYR E 624 0.82 -51.75 8.59
CA TYR E 624 2.16 -51.22 8.47
C TYR E 624 3.16 -52.13 9.17
N SER E 625 4.40 -52.12 8.68
CA SER E 625 5.46 -52.92 9.29
C SER E 625 6.80 -52.28 8.99
N ASP E 626 7.78 -52.56 9.85
CA ASP E 626 9.13 -52.01 9.70
C ASP E 626 10.11 -53.12 9.40
N PRO E 627 10.71 -53.15 8.22
CA PRO E 627 11.63 -54.25 7.88
C PRO E 627 12.96 -54.11 8.59
N THR E 628 13.63 -55.25 8.76
CA THR E 628 14.99 -55.25 9.30
C THR E 628 16.01 -54.84 8.25
N ASP E 629 15.76 -55.17 6.99
CA ASP E 629 16.65 -54.82 5.89
C ASP E 629 16.00 -53.76 5.02
N ASP E 630 16.82 -52.93 4.41
CA ASP E 630 16.36 -51.83 3.59
C ASP E 630 16.30 -52.16 2.10
N VAL E 631 16.68 -53.38 1.71
CA VAL E 631 16.59 -53.77 0.31
C VAL E 631 15.17 -54.21 -0.06
N ILE E 632 14.46 -54.82 0.88
CA ILE E 632 13.03 -55.17 0.78
C ILE E 632 12.65 -55.74 -0.59
N PHE E 633 13.03 -56.99 -0.84
CA PHE E 633 12.73 -57.65 -2.10
C PHE E 633 11.24 -57.95 -2.24
N THR E 634 10.88 -58.54 -3.37
CA THR E 634 9.53 -58.98 -3.67
C THR E 634 9.62 -60.31 -4.40
N ARG E 635 8.68 -61.22 -4.11
CA ARG E 635 8.68 -62.52 -4.74
C ARG E 635 7.24 -62.95 -5.02
N ASP E 636 7.11 -64.09 -5.66
CA ASP E 636 5.83 -64.68 -6.08
C ASP E 636 5.05 -63.61 -6.84
N GLY E 637 3.73 -63.58 -6.66
CA GLY E 637 2.96 -62.42 -7.06
C GLY E 637 3.15 -61.28 -6.09
N SER E 638 3.61 -60.12 -6.58
CA SER E 638 3.73 -58.92 -5.76
C SER E 638 4.11 -57.77 -6.67
N LEU E 639 4.21 -56.58 -6.08
CA LEU E 639 4.64 -55.37 -6.77
C LEU E 639 5.18 -54.39 -5.73
N ILE E 640 5.41 -53.15 -6.15
CA ILE E 640 5.91 -52.09 -5.29
C ILE E 640 4.95 -50.92 -5.37
N VAL E 641 4.69 -50.41 -6.58
CA VAL E 641 3.57 -49.53 -6.91
C VAL E 641 3.51 -48.30 -6.01
N PHE E 642 4.38 -47.34 -6.27
CA PHE E 642 4.32 -46.10 -5.50
C PHE E 642 3.09 -45.29 -5.87
N GLU E 643 3.11 -44.64 -7.04
CA GLU E 643 1.94 -43.95 -7.60
C GLU E 643 1.12 -43.22 -6.53
N ASN E 644 1.67 -42.14 -6.00
CA ASN E 644 1.09 -41.49 -4.82
C ASN E 644 -0.28 -40.90 -5.10
N ASP E 645 -0.60 -40.63 -6.37
CA ASP E 645 -1.81 -39.88 -6.68
C ASP E 645 -3.07 -40.52 -6.10
N LEU E 646 -3.15 -41.85 -6.12
CA LEU E 646 -4.30 -42.52 -5.55
C LEU E 646 -4.19 -42.74 -4.05
N ARG E 647 -2.99 -42.69 -3.48
CA ARG E 647 -2.78 -42.95 -2.05
C ARG E 647 -1.75 -41.98 -1.48
N PRO E 648 -2.13 -40.71 -1.29
CA PRO E 648 -1.15 -39.78 -0.70
C PRO E 648 -1.15 -39.82 0.81
N GLN E 649 -1.16 -41.03 1.39
CA GLN E 649 -0.94 -41.23 2.81
C GLN E 649 0.47 -41.73 3.12
N TYR E 650 1.31 -41.87 2.10
CA TYR E 650 2.63 -42.50 2.19
C TYR E 650 3.75 -41.47 2.26
N LEU E 651 3.82 -40.55 1.30
CA LEU E 651 4.65 -39.37 1.48
C LEU E 651 3.92 -38.53 2.53
N THR E 652 4.27 -37.26 2.75
CA THR E 652 4.63 -36.77 4.10
C THR E 652 6.12 -36.49 4.07
N ILE E 653 6.69 -36.54 2.86
CA ILE E 653 8.01 -35.97 2.65
C ILE E 653 8.06 -34.58 3.30
N ASP E 654 9.16 -34.31 3.98
CA ASP E 654 9.26 -33.11 4.81
C ASP E 654 10.51 -32.33 4.41
N LEU E 655 10.37 -31.01 4.34
CA LEU E 655 11.50 -30.15 4.04
C LEU E 655 12.09 -29.60 5.32
N GLU E 656 13.43 -29.54 5.38
CA GLU E 656 14.15 -29.03 6.54
C GLU E 656 15.05 -27.88 6.08
N PRO E 657 14.53 -26.66 6.04
CA PRO E 657 15.32 -25.54 5.52
C PRO E 657 16.49 -25.19 6.43
N ILE E 658 17.63 -24.90 5.80
CA ILE E 658 18.84 -24.49 6.49
C ILE E 658 19.48 -23.36 5.67
N SER E 659 20.46 -22.70 6.29
CA SER E 659 21.25 -21.68 5.61
C SER E 659 22.65 -21.70 6.20
N GLN E 660 23.53 -20.87 5.64
CA GLN E 660 24.90 -20.76 6.13
C GLN E 660 25.52 -19.43 5.71
N MET F 1 52.54 -30.05 -45.26
CA MET F 1 52.42 -30.89 -44.08
C MET F 1 53.54 -30.54 -43.12
N LEU F 2 54.22 -29.43 -43.36
CA LEU F 2 55.25 -29.01 -42.43
C LEU F 2 54.66 -28.22 -41.27
N PHE F 3 53.39 -27.85 -41.38
CA PHE F 3 52.51 -27.57 -40.25
C PHE F 3 51.99 -28.95 -39.81
N THR F 4 50.91 -29.00 -39.03
CA THR F 4 50.29 -30.24 -38.58
C THR F 4 51.32 -31.18 -37.99
N PHE F 5 51.55 -32.33 -38.60
CA PHE F 5 52.69 -33.17 -38.26
C PHE F 5 52.48 -33.88 -36.92
N PHE F 6 51.42 -33.55 -36.19
CA PHE F 6 51.25 -34.30 -34.94
C PHE F 6 49.95 -35.09 -34.90
N ASP F 7 48.84 -34.43 -34.60
CA ASP F 7 47.61 -35.12 -34.23
C ASP F 7 46.49 -34.13 -34.01
N PRO F 8 45.24 -34.56 -34.02
CA PRO F 8 44.14 -33.63 -33.74
C PRO F 8 44.03 -33.19 -32.29
N ILE F 9 44.69 -33.88 -31.37
CA ILE F 9 44.38 -33.77 -29.95
C ILE F 9 42.87 -33.98 -29.82
N GLU F 10 42.25 -33.25 -28.91
CA GLU F 10 40.82 -33.04 -28.88
C GLU F 10 40.64 -31.70 -28.22
N TYR F 11 39.72 -30.89 -28.72
CA TYR F 11 39.51 -29.58 -28.14
C TYR F 11 38.24 -29.68 -27.31
N ALA F 12 38.39 -29.64 -26.00
CA ALA F 12 37.25 -29.92 -25.13
C ALA F 12 36.23 -28.79 -25.20
N ALA F 13 36.68 -27.55 -25.04
CA ALA F 13 35.79 -26.39 -24.93
C ALA F 13 34.84 -26.53 -23.76
N LYS F 14 35.26 -27.25 -22.72
CA LYS F 14 34.40 -27.48 -21.57
C LYS F 14 34.23 -26.24 -20.69
N THR F 15 35.14 -25.28 -20.76
CA THR F 15 34.97 -24.07 -19.96
C THR F 15 33.75 -23.26 -20.37
N VAL F 16 33.12 -23.62 -21.48
CA VAL F 16 31.95 -22.93 -21.98
C VAL F 16 30.93 -23.98 -22.38
N ASN F 17 29.72 -23.89 -21.85
CA ASN F 17 28.72 -24.91 -22.12
C ASN F 17 29.24 -26.27 -21.70
N LYS F 18 29.26 -26.53 -20.40
CA LYS F 18 29.75 -27.78 -19.87
C LYS F 18 29.07 -28.95 -20.56
N ASN F 19 29.79 -30.07 -20.63
CA ASN F 19 29.50 -31.22 -21.51
C ASN F 19 29.34 -30.78 -22.95
N ALA F 20 30.26 -29.96 -23.40
CA ALA F 20 30.37 -29.67 -24.81
C ALA F 20 31.05 -30.82 -25.54
N PRO F 21 30.70 -31.05 -26.80
CA PRO F 21 31.27 -32.19 -27.52
C PRO F 21 32.71 -31.93 -27.91
N THR F 22 33.51 -32.98 -27.81
CA THR F 22 34.92 -32.89 -28.21
C THR F 22 35.02 -32.96 -29.72
N ILE F 23 35.74 -32.00 -30.30
CA ILE F 23 35.88 -31.92 -31.75
C ILE F 23 37.34 -32.06 -32.13
N PRO F 24 37.75 -33.14 -32.80
CA PRO F 24 39.13 -33.24 -33.27
C PRO F 24 39.48 -32.06 -34.17
N MET F 25 40.65 -31.48 -33.92
CA MET F 25 41.05 -30.22 -34.52
C MET F 25 42.53 -30.28 -34.85
N THR F 26 42.91 -29.78 -36.03
CA THR F 26 44.33 -29.63 -36.32
C THR F 26 44.99 -28.89 -35.17
N ASP F 27 46.18 -29.33 -34.80
CA ASP F 27 46.78 -28.84 -33.58
C ASP F 27 47.60 -27.61 -33.91
N ILE F 28 47.09 -26.45 -33.52
CA ILE F 28 47.81 -25.21 -33.69
C ILE F 28 48.46 -24.74 -32.40
N PHE F 29 48.28 -25.45 -31.29
CA PHE F 29 48.90 -25.00 -30.05
C PHE F 29 50.10 -25.90 -29.79
N ARG F 30 51.24 -25.57 -30.39
CA ARG F 30 52.49 -26.13 -29.91
C ARG F 30 53.56 -25.13 -29.52
N ASN F 31 53.36 -23.84 -29.75
CA ASN F 31 54.48 -22.89 -29.77
C ASN F 31 55.47 -23.27 -30.87
N TYR F 32 54.95 -23.46 -32.09
CA TYR F 32 55.82 -23.75 -33.22
C TYR F 32 56.90 -22.71 -33.40
N LYS F 33 56.55 -21.44 -33.25
CA LYS F 33 57.45 -20.37 -33.63
C LYS F 33 58.77 -20.48 -32.90
N ASP F 34 58.78 -21.09 -31.72
CA ASP F 34 60.02 -21.31 -31.00
C ASP F 34 60.87 -22.37 -31.68
N TYR F 35 60.26 -23.51 -32.04
CA TYR F 35 61.01 -24.56 -32.71
C TYR F 35 61.78 -23.99 -33.88
N PHE F 36 61.07 -23.30 -34.77
CA PHE F 36 61.70 -22.60 -35.87
C PHE F 36 62.86 -21.75 -35.39
N LYS F 37 62.66 -21.00 -34.31
CA LYS F 37 63.69 -20.07 -33.87
C LYS F 37 64.93 -20.82 -33.42
N ARG F 38 64.76 -21.84 -32.57
CA ARG F 38 65.92 -22.55 -32.08
C ARG F 38 66.56 -23.39 -33.19
N ALA F 39 65.73 -24.01 -34.03
CA ALA F 39 66.27 -24.82 -35.11
C ALA F 39 67.09 -23.98 -36.07
N LEU F 40 66.69 -22.73 -36.26
CA LEU F 40 67.37 -21.88 -37.22
C LEU F 40 68.82 -21.61 -36.83
N ALA F 41 69.17 -21.82 -35.57
CA ALA F 41 70.52 -21.52 -35.11
C ALA F 41 71.54 -22.27 -35.95
N GLY F 42 72.48 -21.54 -36.53
CA GLY F 42 73.51 -22.10 -37.37
C GLY F 42 73.25 -21.97 -38.87
N TYR F 43 71.99 -21.82 -39.26
CA TYR F 43 71.64 -21.56 -40.64
C TYR F 43 71.50 -20.08 -40.94
N ARG F 44 71.90 -19.22 -40.02
CA ARG F 44 71.62 -17.80 -40.13
C ARG F 44 72.45 -17.20 -41.26
N LEU F 45 72.44 -15.88 -41.34
CA LEU F 45 72.87 -15.12 -42.50
C LEU F 45 71.95 -15.37 -43.68
N ARG F 46 70.69 -15.69 -43.42
CA ARG F 46 69.70 -15.71 -44.46
C ARG F 46 69.59 -14.31 -45.05
N THR F 47 69.80 -14.21 -46.36
CA THR F 47 69.98 -12.91 -46.97
C THR F 47 68.66 -12.17 -47.07
N TYR F 48 68.72 -10.96 -47.63
CA TYR F 48 67.61 -10.03 -47.66
C TYR F 48 67.06 -10.03 -49.07
N TYR F 49 65.88 -10.61 -49.26
CA TYR F 49 65.39 -10.81 -50.61
C TYR F 49 64.90 -9.53 -51.25
N ILE F 50 64.53 -8.53 -50.45
CA ILE F 50 64.14 -7.21 -50.93
C ILE F 50 62.78 -7.29 -51.59
N LYS F 51 62.24 -8.50 -51.74
CA LYS F 51 61.01 -8.71 -52.48
C LYS F 51 61.17 -8.07 -53.86
N GLY F 52 60.40 -7.03 -54.12
CA GLY F 52 60.43 -6.36 -55.40
C GLY F 52 59.20 -6.58 -56.25
N SER F 53 58.29 -7.45 -55.84
CA SER F 53 57.06 -7.68 -56.55
C SER F 53 55.93 -7.76 -55.54
N PRO F 54 54.77 -7.20 -55.85
CA PRO F 54 53.63 -7.36 -54.94
C PRO F 54 53.15 -8.81 -54.93
N ARG F 55 54.15 -9.66 -54.78
CA ARG F 55 53.94 -11.05 -54.85
C ARG F 55 52.79 -11.26 -53.97
N PRO F 56 51.86 -12.07 -54.43
CA PRO F 56 50.72 -12.38 -53.60
C PRO F 56 51.29 -13.06 -52.37
N GLU F 57 50.43 -13.34 -51.42
CA GLU F 57 50.89 -13.97 -50.22
C GLU F 57 51.81 -15.16 -50.43
N GLU F 58 51.71 -15.91 -51.54
CA GLU F 58 52.66 -17.03 -51.58
C GLU F 58 53.61 -16.83 -52.76
N LEU F 59 54.86 -16.48 -52.47
CA LEU F 59 55.94 -16.62 -53.42
C LEU F 59 56.75 -17.87 -53.16
N ALA F 60 56.35 -18.64 -52.15
CA ALA F 60 57.14 -19.81 -51.75
C ALA F 60 57.33 -20.76 -52.91
N ASN F 61 56.34 -20.87 -53.79
CA ASN F 61 56.44 -21.76 -54.94
C ASN F 61 57.23 -21.16 -56.08
N ALA F 62 57.76 -19.95 -55.92
CA ALA F 62 58.69 -19.37 -56.88
C ALA F 62 60.11 -19.37 -56.33
N ILE F 63 60.36 -18.57 -55.30
CA ILE F 63 61.69 -18.41 -54.70
C ILE F 63 61.86 -19.56 -53.72
N TYR F 64 62.82 -19.45 -52.80
CA TYR F 64 63.33 -20.57 -52.03
C TYR F 64 62.21 -21.38 -51.40
N GLY F 65 62.47 -22.66 -51.18
CA GLY F 65 61.39 -23.63 -51.04
C GLY F 65 60.84 -24.11 -52.36
N ASN F 66 59.58 -23.79 -52.64
CA ASN F 66 58.68 -24.23 -53.70
C ASN F 66 58.18 -25.66 -53.61
N PRO F 67 57.74 -26.14 -52.45
CA PRO F 67 56.58 -27.05 -52.46
C PRO F 67 55.32 -26.31 -52.05
N GLN F 68 55.09 -25.14 -52.62
CA GLN F 68 54.03 -24.24 -52.14
C GLN F 68 53.97 -24.28 -50.62
N LEU F 69 55.07 -23.84 -49.99
CA LEU F 69 55.18 -23.95 -48.53
C LEU F 69 54.41 -22.87 -47.80
N TYR F 70 54.26 -21.70 -48.41
CA TYR F 70 53.51 -20.54 -47.92
C TYR F 70 53.93 -20.12 -46.54
N TRP F 71 55.10 -20.53 -46.09
CA TRP F 71 55.66 -20.07 -44.83
C TRP F 71 57.11 -20.50 -44.80
N VAL F 72 57.74 -20.26 -43.66
CA VAL F 72 59.19 -20.10 -43.53
C VAL F 72 59.48 -18.72 -44.10
N LEU F 73 58.52 -18.18 -44.85
CA LEU F 73 58.47 -16.76 -45.12
C LEU F 73 57.81 -16.02 -43.96
N LEU F 74 56.75 -16.59 -43.40
CA LEU F 74 56.12 -16.02 -42.22
C LEU F 74 57.12 -15.98 -41.06
N MET F 75 57.55 -17.15 -40.61
CA MET F 75 58.42 -17.24 -39.44
C MET F 75 59.63 -16.33 -39.56
N CYS F 76 60.08 -16.05 -40.78
CA CYS F 76 61.05 -15.01 -41.03
C CYS F 76 60.75 -13.71 -40.29
N ASN F 77 59.66 -13.07 -40.67
CA ASN F 77 59.38 -11.72 -40.21
C ASN F 77 58.60 -11.69 -38.91
N ASP F 78 58.36 -12.84 -38.30
CA ASP F 78 57.57 -12.91 -37.08
C ASP F 78 56.22 -12.24 -37.32
N ASN F 79 55.60 -12.60 -38.43
CA ASN F 79 54.41 -11.90 -38.87
C ASN F 79 53.25 -12.19 -37.94
N TYR F 80 52.65 -11.14 -37.40
CA TYR F 80 51.48 -11.31 -36.57
C TYR F 80 50.21 -11.44 -37.40
N ASP F 81 50.12 -10.72 -38.50
CA ASP F 81 48.94 -10.75 -39.36
C ASP F 81 49.29 -11.33 -40.72
N PRO F 82 48.88 -12.57 -41.02
CA PRO F 82 49.19 -13.13 -42.34
C PRO F 82 48.57 -12.39 -43.50
N TYR F 83 47.61 -11.52 -43.27
CA TYR F 83 47.04 -10.73 -44.38
C TYR F 83 47.83 -9.45 -44.62
N TYR F 84 47.74 -8.50 -43.69
CA TYR F 84 48.42 -7.23 -43.90
C TYR F 84 49.87 -7.25 -43.50
N GLY F 85 50.40 -8.40 -43.10
CA GLY F 85 51.82 -8.48 -42.83
C GLY F 85 52.67 -8.27 -44.05
N TRP F 86 52.49 -9.10 -45.08
CA TRP F 86 53.25 -8.88 -46.30
C TRP F 86 52.82 -7.60 -46.99
N ILE F 87 53.71 -7.12 -47.85
CA ILE F 87 53.34 -5.98 -48.66
C ILE F 87 52.19 -6.38 -49.57
N THR F 88 51.51 -5.38 -50.09
CA THR F 88 50.31 -5.60 -50.86
C THR F 88 50.41 -4.87 -52.19
N SER F 89 49.50 -5.21 -53.09
CA SER F 89 49.37 -4.46 -54.32
C SER F 89 49.23 -2.99 -54.01
N GLN F 90 49.91 -2.15 -54.80
CA GLN F 90 49.94 -0.73 -54.52
C GLN F 90 48.54 -0.18 -54.28
N GLU F 91 47.56 -0.63 -55.06
CA GLU F 91 46.21 -0.12 -54.87
C GLU F 91 45.62 -0.59 -53.55
N ALA F 92 46.00 -1.78 -53.08
CA ALA F 92 45.41 -2.32 -51.86
C ALA F 92 45.57 -1.35 -50.70
N ALA F 93 46.79 -0.82 -50.52
CA ALA F 93 47.01 0.17 -49.46
C ALA F 93 46.06 1.35 -49.61
N TYR F 94 45.98 1.91 -50.82
CA TYR F 94 44.97 2.93 -51.08
C TYR F 94 43.60 2.44 -50.68
N GLN F 95 43.20 1.27 -51.17
CA GLN F 95 41.93 0.69 -50.75
C GLN F 95 41.89 0.56 -49.23
N ALA F 96 43.01 0.17 -48.62
CA ALA F 96 43.06 0.07 -47.17
C ALA F 96 42.96 1.43 -46.51
N SER F 97 43.40 2.48 -47.20
CA SER F 97 43.36 3.81 -46.61
C SER F 97 41.93 4.22 -46.29
N ILE F 98 41.02 4.08 -47.27
CA ILE F 98 39.65 4.56 -47.08
C ILE F 98 39.01 3.92 -45.87
N GLN F 99 38.93 2.59 -45.86
CA GLN F 99 38.26 1.92 -44.75
C GLN F 99 38.84 2.30 -43.41
N LYS F 100 40.08 2.75 -43.37
CA LYS F 100 40.64 3.18 -42.10
C LYS F 100 40.01 4.49 -41.65
N TYR F 101 40.00 5.50 -42.51
CA TYR F 101 39.50 6.80 -42.15
C TYR F 101 38.07 7.06 -42.59
N LYS F 102 37.41 6.08 -43.20
CA LYS F 102 36.09 6.31 -43.75
C LYS F 102 35.10 6.79 -42.69
N ASN F 103 35.23 6.31 -41.46
CA ASN F 103 34.28 6.69 -40.43
C ASN F 103 34.44 8.15 -40.05
N VAL F 104 35.66 8.59 -39.76
CA VAL F 104 35.86 9.92 -39.19
C VAL F 104 36.93 10.65 -39.97
N GLY F 105 36.73 11.96 -40.12
CA GLY F 105 37.74 12.84 -40.65
C GLY F 105 37.86 12.86 -42.15
N GLY F 106 37.36 11.83 -42.84
CA GLY F 106 37.65 11.79 -44.24
C GLY F 106 39.15 11.75 -44.47
N ASP F 107 39.54 12.15 -45.67
CA ASP F 107 40.96 12.24 -45.99
C ASP F 107 41.61 13.36 -45.20
N GLN F 108 42.85 13.16 -44.81
CA GLN F 108 43.49 14.07 -43.89
C GLN F 108 44.96 14.23 -44.23
N ILE F 109 45.69 14.86 -43.31
CA ILE F 109 47.12 15.06 -43.39
C ILE F 109 47.70 14.56 -42.08
N VAL F 110 48.46 13.48 -42.12
CA VAL F 110 48.89 12.89 -40.87
C VAL F 110 50.12 13.60 -40.30
N TYR F 111 51.11 13.92 -41.12
CA TYR F 111 52.26 14.69 -40.63
C TYR F 111 52.98 15.34 -41.79
N HIS F 112 53.77 16.36 -41.46
CA HIS F 112 54.32 17.30 -42.46
C HIS F 112 55.76 17.08 -42.87
N VAL F 113 56.47 16.10 -42.31
CA VAL F 113 57.75 15.63 -42.86
C VAL F 113 58.73 16.75 -43.18
N ASN F 114 59.41 17.29 -42.17
CA ASN F 114 60.58 18.09 -42.47
C ASN F 114 61.56 17.27 -43.29
N GLU F 115 62.30 17.95 -44.17
CA GLU F 115 63.49 17.33 -44.74
C GLU F 115 64.40 16.90 -43.59
N ASN F 116 65.13 15.81 -43.82
CA ASN F 116 65.81 15.02 -42.80
C ASN F 116 64.81 14.17 -42.00
N GLY F 117 63.52 14.26 -42.29
CA GLY F 117 62.54 13.33 -41.78
C GLY F 117 62.10 13.51 -40.34
N GLU F 118 61.76 14.74 -39.96
CA GLU F 118 61.26 15.02 -38.61
C GLU F 118 59.76 15.18 -38.68
N LYS F 119 59.04 14.19 -38.15
CA LYS F 119 57.58 14.20 -38.23
C LYS F 119 57.00 15.15 -37.19
N PHE F 120 55.77 15.59 -37.44
CA PHE F 120 55.19 16.71 -36.70
C PHE F 120 53.82 16.43 -36.08
N TYR F 121 52.86 15.91 -36.85
CA TYR F 121 51.66 15.38 -36.21
C TYR F 121 50.72 16.40 -35.58
N ASN F 122 49.76 16.89 -36.36
CA ASN F 122 48.78 17.90 -35.93
C ASN F 122 49.46 19.22 -35.75
N LEU F 123 50.28 19.57 -36.72
CA LEU F 123 50.90 20.87 -36.85
C LEU F 123 50.38 21.48 -38.15
N ILE F 124 49.99 22.75 -38.12
CA ILE F 124 49.21 23.35 -39.20
C ILE F 124 49.75 24.72 -39.56
N SER F 125 49.97 24.94 -40.85
CA SER F 125 50.33 26.23 -41.40
C SER F 125 49.15 27.16 -41.47
N TYR F 126 49.44 28.45 -41.57
CA TYR F 126 48.47 29.45 -42.02
C TYR F 126 49.02 30.14 -43.25
N ASP F 127 48.36 29.91 -44.38
CA ASP F 127 48.57 30.71 -45.57
C ASP F 127 48.04 32.12 -45.33
N ASP F 128 48.43 33.03 -46.21
CA ASP F 128 48.04 34.45 -46.19
C ASP F 128 48.28 35.07 -44.82
N ASN F 129 49.25 34.51 -44.13
CA ASN F 129 49.56 34.77 -42.73
C ASN F 129 51.06 34.57 -42.61
N PRO F 130 51.63 34.66 -41.41
CA PRO F 130 53.01 34.18 -41.24
C PRO F 130 53.16 32.77 -41.77
N TYR F 131 54.38 32.46 -42.18
CA TYR F 131 54.72 31.24 -42.87
C TYR F 131 55.07 30.11 -41.90
N VAL F 132 54.86 30.34 -40.62
CA VAL F 132 55.30 29.45 -39.55
C VAL F 132 54.14 28.58 -39.10
N TRP F 133 54.44 27.33 -38.80
CA TRP F 133 53.40 26.34 -38.54
C TRP F 133 52.92 26.39 -37.09
N TYR F 134 51.68 25.94 -36.89
CA TYR F 134 51.05 25.93 -35.58
C TYR F 134 50.33 24.61 -35.35
N ASP F 135 50.18 24.26 -34.08
CA ASP F 135 49.40 23.11 -33.67
C ASP F 135 47.93 23.32 -33.98
N LYS F 136 47.17 22.23 -33.94
CA LYS F 136 45.77 22.26 -34.33
C LYS F 136 44.90 22.79 -33.22
N GLY F 137 45.52 23.29 -32.16
CA GLY F 137 44.82 23.84 -31.02
C GLY F 137 45.62 25.02 -30.51
N ASP F 138 45.11 25.66 -29.47
CA ASP F 138 45.63 26.94 -29.04
C ASP F 138 45.57 27.94 -30.19
N LYS F 139 44.38 28.05 -30.76
CA LYS F 139 44.11 28.90 -31.91
C LYS F 139 44.43 30.36 -31.66
N ALA F 140 44.67 30.76 -30.42
CA ALA F 140 45.23 32.07 -30.14
C ALA F 140 46.65 32.21 -30.67
N ARG F 141 47.20 31.14 -31.23
CA ARG F 141 48.59 31.08 -31.68
C ARG F 141 49.46 31.26 -30.44
N LYS F 142 50.48 32.12 -30.46
CA LYS F 142 51.39 32.42 -29.37
C LYS F 142 52.40 31.31 -29.13
N TYR F 143 52.22 30.12 -29.69
CA TYR F 143 53.09 28.98 -29.41
C TYR F 143 53.48 28.30 -30.71
N PRO F 144 54.33 28.94 -31.50
CA PRO F 144 54.71 28.34 -32.78
C PRO F 144 55.66 27.18 -32.62
N GLN F 145 55.63 26.28 -33.60
CA GLN F 145 56.61 25.21 -33.73
C GLN F 145 57.24 25.26 -35.11
N TYR F 146 58.44 24.69 -35.19
CA TYR F 146 59.16 24.48 -36.44
C TYR F 146 59.08 25.68 -37.37
N GLU F 147 59.86 26.71 -37.05
CA GLU F 147 59.90 27.93 -37.84
C GLU F 147 60.17 27.68 -39.31
N GLY F 148 60.70 26.52 -39.67
CA GLY F 148 61.04 26.21 -41.04
C GLY F 148 59.83 25.87 -41.88
N ALA F 149 60.08 25.17 -42.97
CA ALA F 149 59.01 24.73 -43.85
C ALA F 149 59.24 23.28 -44.26
N LEU F 150 58.15 22.59 -44.58
CA LEU F 150 58.19 21.18 -44.98
C LEU F 150 56.94 20.91 -45.82
N ALA F 151 56.68 19.62 -46.09
CA ALA F 151 55.61 19.23 -46.99
C ALA F 151 54.82 18.06 -46.42
N ALA F 152 53.50 18.20 -46.39
CA ALA F 152 52.64 17.19 -45.80
C ALA F 152 52.53 15.95 -46.69
N VAL F 153 52.37 14.80 -46.04
CA VAL F 153 52.23 13.52 -46.74
C VAL F 153 50.78 13.09 -46.86
N ASP F 154 49.83 13.91 -46.43
CA ASP F 154 48.37 13.64 -46.43
C ASP F 154 48.14 12.25 -45.83
N THR F 155 47.32 11.40 -46.45
CA THR F 155 47.01 10.08 -45.93
C THR F 155 47.43 8.97 -46.87
N TYR F 156 46.92 8.95 -48.12
CA TYR F 156 47.26 7.90 -49.07
C TYR F 156 48.75 7.64 -49.10
N GLU F 157 49.55 8.71 -49.25
CA GLU F 157 50.99 8.54 -49.35
C GLU F 157 51.56 7.83 -48.13
N ALA F 158 51.03 8.13 -46.95
CA ALA F 158 51.52 7.50 -45.74
C ALA F 158 51.35 5.99 -45.80
N ALA F 159 50.13 5.53 -46.04
CA ALA F 159 49.87 4.10 -46.11
C ALA F 159 50.79 3.45 -47.13
N VAL F 160 50.98 4.09 -48.28
CA VAL F 160 51.98 3.61 -49.23
C VAL F 160 53.35 3.62 -48.58
N LEU F 161 53.74 4.75 -48.01
CA LEU F 161 55.03 4.84 -47.36
C LEU F 161 55.17 3.81 -46.25
N GLU F 162 54.06 3.48 -45.58
CA GLU F 162 54.14 2.54 -44.47
C GLU F 162 54.19 1.09 -44.92
N ASN F 163 53.40 0.71 -45.93
CA ASN F 163 53.47 -0.69 -46.30
C ASN F 163 54.65 -0.98 -47.21
N GLU F 164 55.11 0.03 -47.96
CA GLU F 164 56.21 -0.22 -48.88
C GLU F 164 57.51 -0.46 -48.15
N LYS F 165 57.66 0.09 -46.94
CA LYS F 165 58.84 -0.20 -46.15
C LYS F 165 58.84 -1.61 -45.60
N LEU F 166 57.77 -2.38 -45.81
CA LEU F 166 57.63 -3.72 -45.28
C LEU F 166 58.18 -4.78 -46.20
N ARG F 167 58.84 -4.42 -47.30
CA ARG F 167 59.41 -5.45 -48.15
C ARG F 167 60.91 -5.54 -47.85
N GLN F 168 61.24 -6.45 -46.95
CA GLN F 168 62.50 -7.18 -46.84
C GLN F 168 62.21 -8.40 -45.97
N ILE F 169 62.84 -9.53 -46.25
CA ILE F 169 62.46 -10.79 -45.62
C ILE F 169 63.70 -11.66 -45.57
N LYS F 170 63.72 -12.68 -44.72
CA LYS F 170 64.84 -13.62 -44.78
C LYS F 170 64.47 -14.76 -45.69
N ILE F 171 65.41 -15.65 -45.99
CA ILE F 171 65.20 -16.57 -47.09
C ILE F 171 65.48 -18.00 -46.68
N ILE F 172 66.73 -18.24 -46.25
CA ILE F 172 67.31 -19.55 -45.97
C ILE F 172 67.89 -20.11 -47.27
N ALA F 173 67.76 -19.34 -48.35
CA ALA F 173 68.67 -19.40 -49.49
C ALA F 173 68.37 -20.50 -50.49
N LYS F 174 67.32 -21.29 -50.27
CA LYS F 174 66.93 -22.36 -51.19
C LYS F 174 67.95 -23.49 -51.15
N SER F 175 69.09 -23.21 -50.53
CA SER F 175 70.10 -24.23 -50.29
C SER F 175 69.74 -24.89 -48.98
N ASP F 176 69.73 -24.18 -47.86
CA ASP F 176 69.58 -24.83 -46.57
C ASP F 176 68.22 -25.47 -46.38
N ILE F 177 67.20 -24.92 -47.04
CA ILE F 177 65.82 -25.22 -46.66
C ILE F 177 65.60 -26.72 -46.53
N ASN F 178 66.18 -27.50 -47.42
CA ASN F 178 66.07 -28.94 -47.27
C ASN F 178 66.85 -29.42 -46.04
N SER F 179 68.12 -29.03 -45.93
CA SER F 179 68.88 -29.39 -44.75
C SER F 179 68.27 -28.77 -43.50
N PHE F 180 67.77 -27.55 -43.62
CA PHE F 180 67.12 -26.88 -42.50
C PHE F 180 65.89 -27.65 -42.05
N MET F 181 64.92 -27.83 -42.95
CA MET F 181 63.70 -28.53 -42.61
C MET F 181 64.01 -29.93 -42.10
N ASN F 182 65.10 -30.53 -42.59
CA ASN F 182 65.57 -31.78 -42.04
C ASN F 182 65.99 -31.67 -40.58
N ASP F 183 66.45 -30.50 -40.14
CA ASP F 183 66.65 -30.30 -38.71
C ASP F 183 65.35 -30.00 -38.01
N LEU F 184 64.55 -29.10 -38.57
CA LEU F 184 63.37 -28.56 -37.90
C LEU F 184 62.44 -29.69 -37.49
N ILE F 185 62.51 -30.82 -38.17
CA ILE F 185 61.70 -31.96 -37.74
C ILE F 185 62.35 -32.53 -36.48
N ARG F 186 63.67 -32.66 -36.49
CA ARG F 186 64.36 -33.40 -35.44
C ARG F 186 64.08 -32.81 -34.08
N ILE F 187 64.09 -31.48 -33.97
CA ILE F 187 63.73 -30.84 -32.71
C ILE F 187 62.32 -31.23 -32.31
N MET F 188 61.41 -31.31 -33.30
CA MET F 188 60.03 -31.62 -32.98
C MET F 188 59.89 -33.04 -32.44
N GLU F 189 60.41 -34.03 -33.16
CA GLU F 189 60.29 -35.40 -32.65
C GLU F 189 61.01 -35.51 -31.31
N LYS F 190 61.96 -34.61 -31.05
CA LYS F 190 62.70 -34.65 -29.82
C LYS F 190 61.79 -34.53 -28.61
N SER F 191 60.86 -33.59 -28.64
CA SER F 191 60.14 -33.35 -27.40
C SER F 191 58.75 -33.97 -27.40
N TYR F 192 58.66 -35.15 -26.79
CA TYR F 192 57.44 -35.95 -26.62
C TYR F 192 57.74 -37.19 -25.79
N MET G 1 -14.21 72.96 32.57
CA MET G 1 -15.64 72.96 32.34
C MET G 1 -16.06 71.67 31.61
N LYS G 2 -15.08 70.86 31.21
CA LYS G 2 -15.25 69.48 30.72
C LYS G 2 -16.02 69.39 29.41
N GLN G 3 -15.99 70.43 28.58
CA GLN G 3 -16.78 70.47 27.35
C GLN G 3 -16.03 70.23 26.03
N ASN G 4 -14.70 70.13 26.01
CA ASN G 4 -13.98 70.26 24.75
C ASN G 4 -13.75 68.93 24.05
N ILE G 5 -13.97 68.91 22.73
CA ILE G 5 -13.80 67.73 21.90
C ILE G 5 -12.34 67.58 21.48
N ASN G 6 -11.83 66.35 21.49
CA ASN G 6 -10.39 66.07 21.53
C ASN G 6 -9.73 66.00 20.16
N ILE G 7 -10.45 66.31 19.10
CA ILE G 7 -9.89 66.44 17.76
C ILE G 7 -9.42 65.11 17.18
N GLY G 8 -9.98 64.00 17.64
CA GLY G 8 -9.62 62.73 17.01
C GLY G 8 -8.21 62.29 17.37
N ASN G 9 -7.47 61.81 16.37
CA ASN G 9 -6.16 61.21 16.58
C ASN G 9 -5.38 61.25 15.26
N VAL G 10 -4.32 60.44 15.15
CA VAL G 10 -3.39 60.48 14.01
C VAL G 10 -3.52 59.27 13.06
N VAL G 11 -3.00 58.11 13.46
CA VAL G 11 -2.92 56.90 12.63
C VAL G 11 -2.02 57.04 11.40
N ASP G 12 -0.70 57.16 11.63
CA ASP G 12 0.33 56.88 10.62
C ASP G 12 0.18 57.66 9.33
N ASP G 13 -0.07 56.96 8.23
CA ASP G 13 -0.25 57.67 6.97
C ASP G 13 -1.64 58.29 6.87
N GLY G 14 -2.62 57.66 7.47
CA GLY G 14 -3.88 58.31 7.79
C GLY G 14 -5.07 57.80 7.01
N THR G 15 -6.23 57.88 7.68
CA THR G 15 -7.53 57.37 7.29
C THR G 15 -8.59 58.43 7.48
N GLY G 16 -8.86 58.79 8.73
CA GLY G 16 -9.86 59.81 9.01
C GLY G 16 -9.52 60.63 10.23
N ASP G 17 -10.00 61.88 10.22
CA ASP G 17 -9.40 62.97 10.98
C ASP G 17 -10.24 64.24 10.93
N TYR G 18 -9.63 65.34 11.31
CA TYR G 18 -10.12 66.65 10.90
C TYR G 18 -10.51 66.69 9.43
N LEU G 19 -9.51 66.57 8.55
CA LEU G 19 -9.60 67.07 7.17
C LEU G 19 -9.67 68.60 7.15
N ARG G 20 -8.79 69.26 7.91
CA ARG G 20 -8.64 70.72 8.06
C ARG G 20 -9.74 71.31 8.95
N LYS G 21 -10.61 70.46 9.49
CA LYS G 21 -11.67 70.82 10.42
C LYS G 21 -11.21 70.75 11.86
N GLY G 22 -9.93 70.60 12.09
CA GLY G 22 -9.46 70.45 13.45
C GLY G 22 -9.56 71.72 14.26
N GLY G 23 -9.02 72.81 13.72
CA GLY G 23 -9.10 74.08 14.44
C GLY G 23 -10.52 74.51 14.65
N ILE G 24 -11.36 74.40 13.62
CA ILE G 24 -12.78 74.63 13.77
C ILE G 24 -13.35 73.79 14.89
N LYS G 25 -12.71 72.67 15.24
CA LYS G 25 -12.88 72.09 16.56
C LYS G 25 -11.93 72.72 17.58
N ILE G 26 -10.67 72.91 17.20
CA ILE G 26 -9.65 73.19 18.22
C ILE G 26 -9.84 74.57 18.81
N ASN G 27 -10.18 75.55 17.97
CA ASN G 27 -10.48 76.90 18.47
C ASN G 27 -11.49 76.85 19.59
N GLU G 28 -12.43 75.92 19.54
CA GLU G 28 -13.39 75.76 20.61
C GLU G 28 -12.77 75.28 21.90
N ASN G 29 -11.60 74.65 21.84
CA ASN G 29 -10.91 74.38 23.09
C ASN G 29 -10.55 75.67 23.81
N PHE G 30 -10.55 76.79 23.09
CA PHE G 30 -10.28 78.11 23.67
C PHE G 30 -11.52 78.77 24.29
N ASP G 31 -12.68 78.64 23.64
CA ASP G 31 -13.87 79.35 24.10
C ASP G 31 -14.15 79.03 25.56
N GLU G 32 -14.65 77.84 25.86
CA GLU G 32 -14.96 77.51 27.24
C GLU G 32 -13.71 77.52 28.08
N LEU G 33 -12.56 77.72 27.45
CA LEU G 33 -11.34 78.07 28.16
C LEU G 33 -11.15 79.58 28.25
N TYR G 34 -11.96 80.35 27.54
CA TYR G 34 -11.98 81.79 27.73
C TYR G 34 -13.34 82.22 28.28
N TYR G 35 -14.35 82.27 27.41
CA TYR G 35 -15.63 82.87 27.76
C TYR G 35 -16.31 82.19 28.94
N GLU G 36 -15.77 81.09 29.44
CA GLU G 36 -16.05 80.68 30.80
C GLU G 36 -15.15 81.35 31.83
N LEU G 37 -13.85 81.43 31.56
CA LEU G 37 -12.90 82.13 32.40
C LEU G 37 -12.55 83.52 31.87
N GLY G 38 -13.24 83.98 30.82
CA GLY G 38 -12.71 85.00 29.92
C GLY G 38 -12.06 86.25 30.46
N ASP G 39 -12.69 86.94 31.40
CA ASP G 39 -12.17 88.24 31.78
C ASP G 39 -11.45 88.18 33.12
N GLY G 40 -12.20 88.13 34.22
CA GLY G 40 -11.53 88.05 35.49
C GLY G 40 -10.82 86.74 35.71
N ASP G 41 -9.50 86.81 35.84
CA ASP G 41 -8.69 85.62 36.08
C ASP G 41 -8.41 85.55 37.58
N VAL G 42 -7.50 84.68 37.99
CA VAL G 42 -7.10 84.55 39.38
C VAL G 42 -5.84 85.40 39.58
N PRO G 43 -5.93 86.58 40.25
CA PRO G 43 -4.72 87.32 40.61
C PRO G 43 -3.87 86.66 41.68
N TYR G 44 -4.50 86.30 42.80
CA TYR G 44 -3.80 86.12 44.06
C TYR G 44 -2.75 85.02 44.02
N SER G 45 -2.70 84.29 42.90
CA SER G 45 -1.57 83.43 42.59
C SER G 45 -0.39 84.28 42.13
N ALA G 46 -0.56 84.96 41.00
CA ALA G 46 0.44 85.90 40.50
C ALA G 46 0.15 87.34 40.93
N GLY G 47 -0.86 87.56 41.79
CA GLY G 47 -1.36 88.89 42.11
C GLY G 47 -0.86 89.56 43.38
N ALA G 48 0.11 88.96 44.04
CA ALA G 48 0.96 89.64 44.99
C ALA G 48 2.32 90.02 44.40
N TRP G 49 2.61 89.60 43.16
CA TRP G 49 3.99 89.46 42.69
C TRP G 49 4.58 90.68 41.99
N LYS G 50 3.79 91.68 41.61
CA LYS G 50 4.26 92.70 40.68
C LYS G 50 4.70 94.00 41.32
N THR G 51 4.64 94.14 42.64
CA THR G 51 4.99 95.42 43.25
C THR G 51 6.43 95.48 43.74
N TYR G 52 7.28 94.50 43.40
CA TYR G 52 8.64 94.45 43.95
C TYR G 52 9.38 95.78 43.83
N ASN G 53 8.94 96.67 42.95
CA ASN G 53 9.44 98.04 42.91
C ASN G 53 8.75 98.90 43.98
N ALA G 54 8.86 100.20 43.84
CA ALA G 54 8.50 101.16 44.86
C ALA G 54 7.02 101.52 44.78
N SER G 55 6.66 102.68 45.36
CA SER G 55 5.33 103.27 45.45
C SER G 55 4.69 103.48 44.08
N SER G 56 5.39 103.08 43.02
CA SER G 56 4.95 103.33 41.66
C SER G 56 3.50 102.89 41.46
N GLY G 57 2.83 103.59 40.55
CA GLY G 57 1.39 103.51 40.39
C GLY G 57 0.94 102.38 39.50
N GLN G 58 1.72 101.31 39.43
CA GLN G 58 1.35 100.17 38.61
C GLN G 58 -0.07 99.73 38.90
N THR G 59 -0.88 99.64 37.84
CA THR G 59 -2.32 99.43 37.94
C THR G 59 -2.67 98.06 37.36
N LEU G 60 -3.02 97.11 38.23
CA LEU G 60 -3.14 95.71 37.84
C LEU G 60 -4.45 95.38 37.14
N THR G 61 -5.50 96.14 37.42
CA THR G 61 -6.87 95.72 37.12
C THR G 61 -7.23 95.93 35.65
N ALA G 62 -8.54 95.80 35.37
CA ALA G 62 -9.16 95.45 34.10
C ALA G 62 -9.04 93.95 33.85
N GLU G 63 -8.10 93.30 34.52
CA GLU G 63 -8.18 91.87 34.79
C GLU G 63 -7.32 91.57 36.01
N TRP G 64 -7.84 90.71 36.88
CA TRP G 64 -7.17 90.23 38.09
C TRP G 64 -6.49 91.34 38.88
N GLY G 65 -5.21 91.12 39.21
CA GLY G 65 -4.51 91.94 40.16
C GLY G 65 -3.07 91.52 40.33
N LYS G 66 -2.23 92.40 40.85
CA LYS G 66 -0.78 92.21 40.77
C LYS G 66 0.02 92.50 42.05
N SER G 67 -0.03 93.75 42.53
CA SER G 67 1.09 94.34 43.26
C SER G 67 0.97 94.17 44.77
N TYR G 68 1.71 93.20 45.35
CA TYR G 68 2.05 93.21 46.77
C TYR G 68 3.53 93.35 47.12
N ALA G 69 4.42 93.34 46.13
CA ALA G 69 5.85 93.60 46.30
C ALA G 69 6.60 92.52 47.06
N ILE G 70 5.88 91.66 47.78
CA ILE G 70 6.48 90.60 48.60
C ILE G 70 7.30 91.20 49.74
N ASN G 71 7.49 92.52 49.71
CA ASN G 71 8.51 93.17 50.51
C ASN G 71 8.02 94.51 51.03
N THR G 72 8.65 94.92 52.13
CA THR G 72 8.50 96.27 52.64
C THR G 72 9.33 97.21 51.77
N SER G 73 9.38 98.48 52.20
CA SER G 73 10.06 99.55 51.48
C SER G 73 9.36 99.89 50.18
N SER G 74 8.28 99.19 49.83
CA SER G 74 7.58 99.43 48.59
C SER G 74 6.85 100.76 48.55
N GLY G 75 6.53 101.34 49.71
CA GLY G 75 5.60 102.47 49.71
C GLY G 75 4.37 102.20 48.87
N ARG G 76 3.85 100.97 48.94
CA ARG G 76 3.05 100.40 47.87
C ARG G 76 1.89 101.29 47.46
N VAL G 77 1.54 101.23 46.17
CA VAL G 77 0.47 102.02 45.59
C VAL G 77 -0.66 101.10 45.16
N THR G 78 -1.73 101.65 44.61
CA THR G 78 -2.73 100.82 43.94
C THR G 78 -3.58 101.67 43.00
N ILE G 79 -4.23 100.99 42.06
CA ILE G 79 -5.39 101.53 41.35
C ILE G 79 -6.42 100.43 41.23
N ASN G 80 -7.68 100.84 41.17
CA ASN G 80 -8.74 99.92 40.82
C ASN G 80 -9.07 99.94 39.35
N LEU G 81 -8.54 100.91 38.59
CA LEU G 81 -8.80 100.95 37.16
C LEU G 81 -10.27 101.32 36.93
N PRO G 82 -10.70 101.52 35.68
CA PRO G 82 -11.93 102.28 35.43
C PRO G 82 -13.25 101.68 35.90
N LYS G 83 -14.31 102.36 35.47
CA LYS G 83 -15.71 102.18 35.83
C LYS G 83 -16.45 101.19 34.96
N GLY G 84 -17.75 101.40 34.87
CA GLY G 84 -18.48 101.00 33.69
C GLY G 84 -19.38 99.79 33.72
N THR G 85 -19.74 99.34 34.92
CA THR G 85 -20.72 98.27 35.09
C THR G 85 -20.21 96.94 34.53
N VAL G 86 -19.01 96.57 34.93
CA VAL G 86 -18.40 95.30 34.55
C VAL G 86 -18.82 94.25 35.56
N ASN G 87 -18.38 94.44 36.80
CA ASN G 87 -18.43 93.53 37.97
C ASN G 87 -17.21 92.63 38.12
N ASP G 88 -16.21 92.68 37.24
CA ASP G 88 -15.10 91.75 37.28
C ASP G 88 -13.83 92.39 37.83
N TYR G 89 -13.37 91.90 39.00
CA TYR G 89 -12.00 92.12 39.49
C TYR G 89 -11.75 91.51 40.86
N ASN G 90 -10.48 91.53 41.29
CA ASN G 90 -9.97 91.10 42.59
C ASN G 90 -8.50 91.50 42.66
N LYS G 91 -7.85 91.16 43.76
CA LYS G 91 -6.39 91.15 43.85
C LYS G 91 -5.97 90.44 45.13
N VAL G 92 -4.65 90.22 45.28
CA VAL G 92 -4.09 89.59 46.48
C VAL G 92 -3.82 90.60 47.59
N ILE G 93 -3.47 91.83 47.24
CA ILE G 93 -2.81 92.78 48.11
C ILE G 93 -1.62 92.11 48.79
N ARG G 94 -1.31 92.54 50.01
CA ARG G 94 -0.06 92.13 50.63
C ARG G 94 -0.04 90.63 50.93
N ALA G 95 -0.97 90.16 51.76
CA ALA G 95 -1.01 88.76 52.15
C ALA G 95 0.37 88.29 52.60
N ARG G 96 0.76 87.07 52.21
CA ARG G 96 2.07 86.57 52.56
C ARG G 96 3.18 87.47 52.07
N ASP G 97 2.90 88.34 51.11
CA ASP G 97 3.82 89.39 50.71
C ASP G 97 3.76 90.51 51.74
N VAL G 98 4.88 90.78 52.40
CA VAL G 98 4.88 91.52 53.65
C VAL G 98 5.43 92.92 53.41
N PHE G 99 4.60 93.94 53.63
CA PHE G 99 4.96 95.32 53.38
C PHE G 99 4.74 96.11 54.66
N ALA G 100 5.79 96.80 55.13
CA ALA G 100 5.71 97.56 56.37
C ALA G 100 5.50 99.03 56.02
N THR G 101 4.28 99.52 56.29
CA THR G 101 3.85 100.89 56.01
C THR G 101 3.84 101.18 54.52
N TRP G 102 4.43 100.29 53.72
CA TRP G 102 4.34 100.43 52.29
C TRP G 102 2.88 100.52 51.87
N ASN G 103 2.00 99.90 52.66
CA ASN G 103 0.57 99.97 52.43
C ASN G 103 0.17 99.47 51.05
N VAL G 104 -0.74 100.23 50.46
CA VAL G 104 -1.07 100.31 49.04
C VAL G 104 -2.23 101.28 49.11
N ASN G 105 -2.53 101.97 48.01
CA ASN G 105 -3.66 102.84 48.13
C ASN G 105 -4.55 102.82 46.91
N PRO G 106 -5.87 102.69 47.09
CA PRO G 106 -6.78 102.79 45.94
C PRO G 106 -6.70 104.14 45.30
N VAL G 107 -6.35 105.14 46.08
CA VAL G 107 -5.93 106.39 45.47
C VAL G 107 -4.65 106.16 44.69
N THR G 108 -3.66 105.54 45.32
CA THR G 108 -2.25 105.79 45.00
C THR G 108 -1.88 105.77 43.52
N LEU G 109 -2.54 104.95 42.71
CA LEU G 109 -2.38 105.03 41.26
C LEU G 109 -3.49 105.85 40.57
N VAL G 110 -4.29 106.60 41.35
CA VAL G 110 -5.45 107.37 40.90
C VAL G 110 -6.64 106.51 40.49
N ALA G 111 -7.37 106.01 41.49
CA ALA G 111 -8.63 105.30 41.27
C ALA G 111 -9.57 106.04 40.32
N ALA G 112 -9.62 107.36 40.43
CA ALA G 112 -10.45 108.26 39.62
C ALA G 112 -11.93 107.94 39.87
N SER G 113 -12.75 107.87 38.81
CA SER G 113 -14.16 108.24 38.86
C SER G 113 -14.92 107.72 40.08
N GLY G 114 -15.11 106.42 40.18
CA GLY G 114 -15.86 105.90 41.30
C GLY G 114 -15.02 105.85 42.57
N ASP G 115 -15.34 104.92 43.45
CA ASP G 115 -14.59 104.58 44.66
C ASP G 115 -14.88 105.54 45.80
N THR G 116 -15.54 106.67 45.54
CA THR G 116 -15.95 107.64 46.57
C THR G 116 -14.76 108.32 47.25
N ILE G 117 -13.63 108.40 46.55
CA ILE G 117 -12.46 109.17 46.99
C ILE G 117 -12.01 108.71 48.37
N LYS G 118 -12.39 107.49 48.74
CA LYS G 118 -12.01 106.96 50.04
C LYS G 118 -10.54 106.55 49.99
N GLY G 119 -9.79 106.98 51.00
CA GLY G 119 -8.36 106.80 50.98
C GLY G 119 -7.89 105.36 51.03
N SER G 120 -7.17 104.99 49.99
CA SER G 120 -6.18 103.93 50.10
C SER G 120 -6.69 102.56 50.49
N ALA G 121 -5.97 101.98 51.44
CA ALA G 121 -6.04 100.62 51.91
C ALA G 121 -5.04 100.64 53.05
N VAL G 122 -4.93 99.57 53.81
CA VAL G 122 -4.19 99.67 55.06
C VAL G 122 -2.72 99.95 54.78
N PRO G 123 -2.00 100.53 55.75
CA PRO G 123 -0.54 100.55 55.76
C PRO G 123 -0.04 99.13 55.88
N VAL G 124 1.12 98.89 56.49
CA VAL G 124 1.42 97.49 56.78
C VAL G 124 0.17 96.94 57.43
N GLU G 125 -0.57 96.16 56.67
CA GLU G 125 -1.57 95.25 57.18
C GLU G 125 -1.06 93.84 57.00
N ILE G 126 0.14 93.73 56.42
CA ILE G 126 0.44 92.73 55.39
C ILE G 126 -0.15 91.37 55.65
N ASN G 127 0.34 90.71 56.69
CA ASN G 127 -0.02 89.31 56.91
C ASN G 127 -1.52 89.18 57.12
N VAL G 128 -2.02 87.96 56.92
CA VAL G 128 -3.44 87.66 57.05
C VAL G 128 -4.23 88.43 56.00
N ARG G 129 -5.20 89.22 56.44
CA ARG G 129 -6.24 89.68 55.55
C ARG G 129 -5.71 90.66 54.50
N PHE G 130 -6.48 90.80 53.42
CA PHE G 130 -5.99 91.38 52.18
C PHE G 130 -7.01 92.34 51.60
N SER G 131 -6.50 93.26 50.78
CA SER G 131 -7.35 94.15 49.99
C SER G 131 -7.80 93.39 48.76
N ASP G 132 -9.11 93.26 48.58
CA ASP G 132 -9.62 92.24 47.69
C ASP G 132 -10.06 92.81 46.35
N LEU G 133 -11.22 93.45 46.31
CA LEU G 133 -11.93 93.68 45.06
C LEU G 133 -12.19 95.15 44.82
N GLU G 134 -12.44 95.49 43.55
CA GLU G 134 -13.26 96.64 43.22
C GLU G 134 -14.28 96.17 42.19
N LEU G 135 -15.52 96.02 42.61
CA LEU G 135 -16.54 95.58 41.67
C LEU G 135 -16.90 96.72 40.74
N VAL G 136 -16.81 96.46 39.44
CA VAL G 136 -16.76 97.50 38.44
C VAL G 136 -15.68 98.45 38.90
N TYR G 137 -15.92 99.74 38.79
CA TYR G 137 -15.05 100.68 39.46
C TYR G 137 -15.13 100.49 40.97
N CYS G 138 -16.36 100.47 41.46
CA CYS G 138 -16.68 101.04 42.76
C CYS G 138 -16.31 100.21 43.97
N ALA G 139 -15.40 100.74 44.77
CA ALA G 139 -15.19 100.26 46.12
C ALA G 139 -14.82 101.42 47.05
N PRO G 140 -15.37 101.44 48.27
CA PRO G 140 -14.69 102.15 49.36
C PRO G 140 -13.88 101.20 50.20
N GLY G 141 -12.96 100.46 49.58
CA GLY G 141 -12.36 99.32 50.24
C GLY G 141 -13.36 98.19 50.43
N ARG G 142 -13.91 97.69 49.32
CA ARG G 142 -15.06 96.79 49.34
C ARG G 142 -14.75 95.48 50.06
N TRP G 143 -13.51 95.27 50.46
CA TRP G 143 -13.13 94.15 51.31
C TRP G 143 -14.07 93.97 52.50
N LEU G 406 -55.96 56.83 58.76
CA LEU G 406 -55.51 56.64 57.38
C LEU G 406 -55.33 55.16 57.07
N TYR G 407 -56.18 54.64 56.20
CA TYR G 407 -56.13 53.24 55.82
C TYR G 407 -54.97 53.02 54.85
N VAL G 408 -54.88 51.82 54.28
CA VAL G 408 -54.06 51.68 53.09
C VAL G 408 -54.48 52.77 52.13
N SER G 409 -53.51 53.49 51.60
CA SER G 409 -53.79 54.76 50.95
C SER G 409 -54.82 54.59 49.85
N GLN G 410 -55.62 55.64 49.63
CA GLN G 410 -56.44 55.67 48.42
C GLN G 410 -55.58 55.49 47.19
N GLY G 411 -54.33 55.94 47.27
CA GLY G 411 -53.44 55.86 46.14
C GLY G 411 -53.95 56.73 45.01
N PRO G 412 -53.30 56.66 43.86
CA PRO G 412 -53.76 57.44 42.71
C PRO G 412 -55.00 56.81 42.11
N GLY G 413 -55.67 57.60 41.26
CA GLY G 413 -56.79 57.13 40.50
C GLY G 413 -56.38 56.57 39.16
N VAL G 414 -57.24 55.73 38.60
CA VAL G 414 -56.88 54.88 37.47
C VAL G 414 -57.22 55.57 36.16
N ASP G 415 -56.19 55.99 35.42
CA ASP G 415 -56.37 56.24 34.02
C ASP G 415 -56.40 54.90 33.28
N ILE G 416 -57.12 54.85 32.16
CA ILE G 416 -57.52 53.56 31.60
C ILE G 416 -57.52 53.62 30.09
N SER G 417 -57.03 52.54 29.48
CA SER G 417 -57.27 52.21 28.08
C SER G 417 -58.32 51.12 27.89
N GLY G 418 -58.86 50.56 28.97
CA GLY G 418 -59.57 49.29 28.89
C GLY G 418 -61.07 49.27 29.07
N ASP G 419 -61.74 50.39 28.87
CA ASP G 419 -63.15 50.46 29.24
C ASP G 419 -63.97 49.45 28.42
N VAL G 420 -65.12 49.07 28.99
CA VAL G 420 -66.01 48.05 28.45
C VAL G 420 -67.43 48.58 28.53
N ASN G 421 -68.16 48.54 27.41
CA ASN G 421 -69.53 49.04 27.36
C ASN G 421 -70.42 48.04 26.63
N LEU G 422 -71.39 47.49 27.35
CA LEU G 422 -72.28 46.50 26.76
C LEU G 422 -73.27 47.21 25.85
N THR G 423 -73.30 46.82 24.57
CA THR G 423 -74.19 47.50 23.63
C THR G 423 -75.62 47.12 23.95
N ASP G 424 -75.99 45.88 23.65
CA ASP G 424 -77.26 45.31 24.09
C ASP G 424 -76.97 44.57 25.39
N PHE G 425 -77.52 45.06 26.50
CA PHE G 425 -77.13 44.58 27.81
C PHE G 425 -77.42 43.11 28.02
N ASP G 426 -78.15 42.48 27.10
CA ASP G 426 -78.40 41.05 27.15
C ASP G 426 -77.41 40.27 26.29
N LYS G 427 -77.43 40.48 24.97
CA LYS G 427 -76.56 39.73 24.08
C LYS G 427 -75.11 39.91 24.47
N ILE G 428 -74.43 38.80 24.75
CA ILE G 428 -73.16 38.83 25.45
C ILE G 428 -72.05 38.58 24.45
N GLY G 429 -71.15 39.55 24.31
CA GLY G 429 -69.96 39.39 23.52
C GLY G 429 -70.16 39.70 22.06
N TRP G 430 -69.08 39.48 21.30
CA TRP G 430 -69.05 39.57 19.85
C TRP G 430 -69.18 41.04 19.47
N PRO G 431 -69.02 41.40 18.21
CA PRO G 431 -69.08 42.83 17.88
C PRO G 431 -70.48 43.35 18.03
N ASN G 432 -71.09 43.01 19.17
CA ASN G 432 -72.04 43.84 19.88
C ASN G 432 -71.37 44.17 21.21
N VAL G 433 -70.88 45.40 21.35
CA VAL G 433 -70.05 45.82 22.48
C VAL G 433 -69.58 47.25 22.23
N GLU G 434 -69.02 47.90 23.25
CA GLU G 434 -68.23 49.11 23.06
C GLU G 434 -67.09 49.17 24.08
N ALA G 435 -65.90 49.50 23.60
CA ALA G 435 -64.78 49.87 24.44
C ALA G 435 -64.49 51.34 24.17
N VAL G 436 -64.89 52.19 25.10
CA VAL G 436 -65.13 53.58 24.75
C VAL G 436 -63.84 54.37 24.64
N GLN G 437 -63.99 55.68 24.52
CA GLN G 437 -62.87 56.62 24.65
C GLN G 437 -62.36 56.61 26.09
N SER G 438 -61.17 57.14 26.27
CA SER G 438 -60.44 56.94 27.52
C SER G 438 -61.18 57.62 28.66
N TYR G 439 -61.55 56.86 29.68
CA TYR G 439 -62.10 57.40 30.92
C TYR G 439 -61.21 57.00 32.08
N GLN G 440 -60.97 57.92 33.00
CA GLN G 440 -60.02 57.73 34.07
C GLN G 440 -60.77 57.40 35.36
N ARG G 441 -60.65 56.15 35.81
CA ARG G 441 -61.15 55.80 37.13
C ARG G 441 -60.29 56.51 38.17
N ALA G 442 -60.82 56.59 39.39
CA ALA G 442 -60.29 57.52 40.37
C ALA G 442 -60.04 56.80 41.68
N PHE G 443 -59.63 57.57 42.68
CA PHE G 443 -59.59 57.13 44.07
C PHE G 443 -60.79 57.76 44.77
N ASN G 444 -61.79 56.92 45.07
CA ASN G 444 -62.99 57.42 45.72
C ASN G 444 -63.39 56.56 46.91
N ALA G 445 -63.85 55.33 46.65
CA ALA G 445 -64.66 54.60 47.61
C ALA G 445 -64.33 53.11 47.53
N VAL G 446 -65.13 52.30 48.23
CA VAL G 446 -64.99 50.85 48.12
C VAL G 446 -65.45 50.38 46.75
N SER G 447 -66.49 51.01 46.20
CA SER G 447 -67.06 50.65 44.91
C SER G 447 -66.00 50.72 43.81
N ASN G 448 -65.55 51.93 43.49
CA ASN G 448 -64.51 52.06 42.46
C ASN G 448 -63.24 51.32 42.82
N ILE G 449 -63.08 50.89 44.08
CA ILE G 449 -62.02 49.98 44.50
C ILE G 449 -62.51 48.53 44.61
N PHE G 450 -63.76 48.26 44.24
CA PHE G 450 -64.27 46.89 44.10
C PHE G 450 -64.59 46.55 42.66
N ASP G 451 -65.50 47.29 42.03
CA ASP G 451 -65.79 47.14 40.60
C ASP G 451 -64.57 47.50 39.76
N THR G 452 -63.47 47.92 40.42
CA THR G 452 -62.17 47.87 39.78
C THR G 452 -61.70 46.43 39.62
N ILE G 453 -61.81 45.62 40.68
CA ILE G 453 -61.25 44.27 40.69
C ILE G 453 -62.07 43.27 39.88
N TYR G 454 -63.37 43.46 39.74
CA TYR G 454 -64.21 42.60 38.92
C TYR G 454 -64.97 43.46 37.92
N PRO G 455 -64.27 44.11 37.01
CA PRO G 455 -64.92 45.07 36.12
C PRO G 455 -66.00 44.41 35.28
N ILE G 456 -66.87 45.25 34.72
CA ILE G 456 -68.03 44.77 33.96
C ILE G 456 -67.54 43.81 32.90
N GLY G 457 -68.09 42.60 32.89
CA GLY G 457 -67.54 41.50 32.14
C GLY G 457 -66.67 40.54 32.94
N THR G 458 -66.75 40.58 34.26
CA THR G 458 -65.93 39.75 35.12
C THR G 458 -66.28 38.27 34.98
N ILE G 459 -65.35 37.42 35.41
CA ILE G 459 -65.56 35.98 35.43
C ILE G 459 -65.57 35.51 36.87
N TYR G 460 -66.76 35.17 37.36
CA TYR G 460 -66.90 34.62 38.71
C TYR G 460 -67.95 33.52 38.66
N GLU G 461 -68.06 32.77 39.74
CA GLU G 461 -68.97 31.64 39.79
C GLU G 461 -69.98 31.81 40.93
N ASN G 462 -70.88 30.84 41.03
CA ASN G 462 -71.59 30.56 42.28
C ASN G 462 -71.44 29.08 42.53
N ALA G 463 -70.62 28.72 43.52
CA ALA G 463 -70.37 27.33 43.85
C ALA G 463 -71.24 26.80 44.99
N VAL G 464 -71.90 27.67 45.75
CA VAL G 464 -72.58 27.20 46.96
C VAL G 464 -74.04 27.58 47.00
N ASN G 465 -74.32 28.82 47.33
CA ASN G 465 -75.71 29.20 47.57
C ASN G 465 -76.38 29.68 46.29
N PRO G 466 -77.69 29.50 46.20
CA PRO G 466 -78.42 30.04 45.04
C PRO G 466 -78.30 31.55 44.91
N ASN G 467 -77.80 32.24 45.95
CA ASN G 467 -77.82 33.69 46.00
C ASN G 467 -77.15 34.29 44.78
N ASN G 468 -77.64 35.45 44.36
CA ASN G 468 -77.00 36.20 43.30
C ASN G 468 -75.67 36.73 43.79
N PRO G 469 -74.81 37.16 42.88
CA PRO G 469 -73.53 37.72 43.34
C PRO G 469 -73.72 38.98 44.15
N VAL G 470 -74.61 39.88 43.71
CA VAL G 470 -74.72 41.20 44.33
C VAL G 470 -74.98 41.07 45.82
N THR G 471 -75.95 40.24 46.19
CA THR G 471 -76.44 40.21 47.55
C THR G 471 -75.39 39.70 48.55
N TYR G 472 -74.24 39.23 48.09
CA TYR G 472 -73.20 38.77 49.01
C TYR G 472 -72.05 39.75 49.07
N MET G 473 -71.25 39.79 48.00
CA MET G 473 -70.01 40.55 47.96
C MET G 473 -70.21 42.04 48.20
N GLY G 474 -71.45 42.53 48.15
CA GLY G 474 -71.68 43.93 48.35
C GLY G 474 -71.17 44.73 47.18
N PHE G 475 -71.60 44.36 45.98
CA PHE G 475 -71.28 45.12 44.79
C PHE G 475 -72.24 44.77 43.67
N GLY G 476 -72.34 45.66 42.69
CA GLY G 476 -72.76 45.33 41.34
C GLY G 476 -74.14 44.73 41.15
N SER G 477 -74.39 44.24 39.93
CA SER G 477 -75.51 43.38 39.63
C SER G 477 -75.00 42.26 38.74
N TRP G 478 -75.51 41.05 38.99
CA TRP G 478 -74.97 39.89 38.30
C TRP G 478 -76.08 38.89 38.04
N LYS G 479 -76.09 38.36 36.80
CA LYS G 479 -76.95 37.25 36.42
C LYS G 479 -76.07 36.08 35.99
N LEU G 480 -76.46 34.87 36.39
CA LEU G 480 -75.57 33.72 36.34
C LEU G 480 -75.13 33.43 34.91
N PHE G 481 -73.82 33.38 34.72
CA PHE G 481 -73.20 33.01 33.45
C PHE G 481 -72.96 31.50 33.44
N GLY G 482 -72.18 31.05 32.46
CA GLY G 482 -71.78 29.66 32.40
C GLY G 482 -72.88 28.67 32.12
N GLN G 483 -74.06 29.13 31.74
CA GLN G 483 -75.15 28.21 31.44
C GLN G 483 -74.68 27.18 30.42
N GLY G 484 -74.86 25.91 30.76
CA GLY G 484 -74.73 24.85 29.78
C GLY G 484 -73.39 24.82 29.07
N LYS G 485 -72.32 24.69 29.83
CA LYS G 485 -70.97 24.62 29.26
C LYS G 485 -70.02 24.15 30.36
N VAL G 486 -68.72 24.19 30.05
CA VAL G 486 -67.66 24.08 31.05
C VAL G 486 -66.57 25.08 30.69
N LEU G 487 -65.51 25.11 31.50
CA LEU G 487 -64.55 26.21 31.46
C LEU G 487 -63.41 25.84 30.52
N VAL G 488 -63.36 26.53 29.38
CA VAL G 488 -62.37 26.26 28.34
C VAL G 488 -61.81 27.58 27.86
N GLY G 489 -60.49 27.65 27.74
CA GLY G 489 -59.85 28.81 27.18
C GLY G 489 -60.39 29.07 25.80
N TRP G 490 -60.50 30.34 25.42
CA TRP G 490 -60.74 30.75 24.05
C TRP G 490 -59.44 31.38 23.57
N ASN G 491 -58.70 30.64 22.75
CA ASN G 491 -57.31 30.97 22.50
C ASN G 491 -57.18 32.18 21.59
N GLU G 492 -56.00 32.79 21.64
CA GLU G 492 -55.66 33.79 20.65
C GLU G 492 -55.38 33.15 19.30
N ASP G 493 -55.37 31.81 19.26
CA ASP G 493 -54.96 31.08 18.07
C ASP G 493 -55.85 31.40 16.87
N ILE G 494 -55.20 31.80 15.77
CA ILE G 494 -55.90 32.03 14.52
C ILE G 494 -56.13 30.76 13.71
N SER G 495 -55.37 29.70 13.96
CA SER G 495 -55.38 28.51 13.11
C SER G 495 -56.49 27.51 13.46
N ASP G 496 -56.70 27.22 14.74
CA ASP G 496 -57.61 26.15 15.14
C ASP G 496 -59.05 26.55 14.79
N PRO G 497 -59.94 25.56 14.60
CA PRO G 497 -61.31 25.91 14.24
C PRO G 497 -62.06 26.69 15.31
N ASN G 498 -62.06 26.19 16.56
CA ASN G 498 -62.93 26.73 17.59
C ASN G 498 -62.34 27.97 18.26
N PHE G 499 -61.03 27.99 18.45
CA PHE G 499 -60.37 29.00 19.25
C PHE G 499 -60.08 30.29 18.49
N ALA G 500 -60.51 30.39 17.23
CA ALA G 500 -60.28 31.59 16.45
C ALA G 500 -61.54 32.41 16.26
N LEU G 501 -62.53 31.87 15.55
CA LEU G 501 -63.83 32.52 15.40
C LEU G 501 -64.85 31.82 16.30
N ASN G 502 -65.61 32.62 17.07
CA ASN G 502 -66.63 32.08 17.95
C ASN G 502 -67.77 31.46 17.14
N ASN G 503 -68.52 30.57 17.79
CA ASN G 503 -69.44 29.70 17.08
C ASN G 503 -70.38 30.47 16.17
N ASN G 504 -71.37 31.15 16.75
CA ASN G 504 -72.29 31.98 15.99
C ASN G 504 -71.94 33.45 16.01
N ASP G 505 -70.92 33.86 16.76
CA ASP G 505 -70.47 35.23 16.68
C ASP G 505 -69.95 35.46 15.26
N LEU G 506 -70.39 36.57 14.66
CA LEU G 506 -70.21 36.71 13.22
C LEU G 506 -69.83 38.13 12.83
N ASP G 507 -68.83 38.24 11.98
CA ASP G 507 -68.74 39.35 11.05
C ASP G 507 -69.86 39.19 10.03
N SER G 508 -70.11 40.27 9.27
CA SER G 508 -71.12 40.18 8.21
C SER G 508 -70.81 39.08 7.20
N GLY G 509 -69.60 38.51 7.23
CA GLY G 509 -69.26 37.30 6.49
C GLY G 509 -69.63 36.01 7.18
N GLY G 510 -70.30 36.07 8.31
CA GLY G 510 -70.79 34.92 9.04
C GLY G 510 -69.83 34.35 10.06
N ASN G 511 -68.53 34.54 9.87
CA ASN G 511 -67.57 34.13 10.88
C ASN G 511 -67.34 35.29 11.84
N PRO G 512 -66.89 34.99 13.05
CA PRO G 512 -66.33 36.07 13.88
C PRO G 512 -64.92 36.40 13.42
N SER G 513 -64.50 37.61 13.76
CA SER G 513 -63.08 37.93 13.70
C SER G 513 -62.40 37.18 14.84
N HIS G 514 -61.10 37.46 15.05
CA HIS G 514 -60.51 37.00 16.30
C HIS G 514 -61.41 37.52 17.41
N THR G 515 -61.89 36.60 18.24
CA THR G 515 -63.02 36.92 19.09
C THR G 515 -63.12 35.88 20.18
N ALA G 516 -64.24 35.90 20.87
CA ALA G 516 -64.51 35.04 22.02
C ALA G 516 -66.01 34.79 22.03
N GLY G 517 -66.51 34.27 23.16
CA GLY G 517 -67.89 33.84 23.23
C GLY G 517 -68.10 32.46 22.67
N GLY G 518 -67.27 31.54 23.15
CA GLY G 518 -67.32 30.18 22.67
C GLY G 518 -68.64 29.47 22.85
N THR G 519 -68.84 28.43 22.05
CA THR G 519 -69.97 27.52 22.10
C THR G 519 -69.51 26.22 21.45
N GLY G 520 -70.43 25.27 21.31
CA GLY G 520 -70.06 24.08 20.58
C GLY G 520 -70.73 22.88 21.18
N GLY G 521 -70.14 21.72 20.94
CA GLY G 521 -70.24 20.59 21.85
C GLY G 521 -71.52 19.80 21.80
N SER G 522 -71.42 18.52 22.12
CA SER G 522 -72.54 17.74 22.63
C SER G 522 -71.92 16.62 23.43
N THR G 523 -72.55 16.27 24.56
CA THR G 523 -72.07 15.11 25.31
C THR G 523 -71.93 13.90 24.41
N SER G 524 -72.84 13.74 23.46
CA SER G 524 -72.64 12.72 22.47
C SER G 524 -73.41 13.08 21.20
N VAL G 525 -72.84 12.68 20.07
CA VAL G 525 -73.63 12.27 18.91
C VAL G 525 -73.48 10.76 18.92
N THR G 526 -74.17 10.09 18.01
CA THR G 526 -74.05 8.64 17.87
C THR G 526 -73.44 8.34 16.50
N LEU G 527 -72.37 7.55 16.50
CA LEU G 527 -71.58 7.33 15.31
C LEU G 527 -72.46 6.87 14.16
N GLU G 528 -72.31 7.53 13.01
CA GLU G 528 -73.10 7.25 11.82
C GLU G 528 -72.27 6.47 10.81
N ASN G 529 -72.94 5.67 9.97
CA ASN G 529 -72.30 4.58 9.22
C ASN G 529 -71.09 5.03 8.42
N ALA G 530 -70.92 6.33 8.19
CA ALA G 530 -69.65 6.83 7.72
C ALA G 530 -68.56 6.41 8.71
N ASN G 531 -68.63 6.94 9.93
CA ASN G 531 -67.65 6.57 10.95
C ASN G 531 -67.65 5.08 11.17
N LEU G 532 -66.49 4.49 10.99
CA LEU G 532 -66.25 3.07 11.22
C LEU G 532 -64.83 2.77 10.75
N PRO G 533 -64.07 1.97 11.49
CA PRO G 533 -62.96 1.26 10.87
C PRO G 533 -63.51 0.37 9.76
N ALA G 534 -62.67 0.06 8.78
CA ALA G 534 -63.04 -1.06 7.94
C ALA G 534 -62.97 -2.33 8.77
N THR G 535 -63.79 -3.32 8.41
CA THR G 535 -63.79 -4.56 9.17
C THR G 535 -63.77 -5.75 8.23
N GLU G 536 -63.31 -6.87 8.75
CA GLU G 536 -63.27 -8.12 7.99
C GLU G 536 -63.65 -9.25 8.92
N THR G 537 -64.60 -10.09 8.50
CA THR G 537 -65.20 -11.04 9.43
C THR G 537 -64.16 -12.02 9.96
N ASP G 538 -64.33 -12.41 11.22
CA ASP G 538 -63.30 -13.13 11.96
C ASP G 538 -62.97 -14.51 11.40
N GLU G 539 -63.74 -15.01 10.43
CA GLU G 539 -63.34 -16.19 9.65
C GLU G 539 -63.88 -16.02 8.24
N GLU G 540 -63.53 -16.97 7.37
CA GLU G 540 -63.77 -16.81 5.95
C GLU G 540 -65.22 -17.12 5.56
N VAL G 541 -65.66 -16.52 4.46
CA VAL G 541 -66.93 -16.92 3.85
C VAL G 541 -66.93 -16.48 2.40
N LEU G 542 -67.98 -16.84 1.68
CA LEU G 542 -67.91 -16.84 0.22
C LEU G 542 -68.39 -15.51 -0.31
N ILE G 543 -67.47 -14.73 -0.85
CA ILE G 543 -67.80 -13.56 -1.63
C ILE G 543 -68.43 -14.07 -2.91
N VAL G 544 -68.84 -13.17 -3.79
CA VAL G 544 -69.21 -13.53 -5.15
C VAL G 544 -68.31 -12.75 -6.07
N ASP G 545 -67.37 -13.43 -6.70
CA ASP G 545 -66.56 -12.88 -7.76
C ASP G 545 -66.64 -13.81 -8.95
N GLU G 546 -66.51 -13.27 -10.14
CA GLU G 546 -66.68 -14.06 -11.35
C GLU G 546 -65.41 -14.82 -11.71
N ASN G 547 -64.37 -14.70 -10.90
CA ASN G 547 -63.20 -15.57 -10.95
C ASN G 547 -63.24 -16.70 -9.92
N GLY G 548 -64.35 -16.86 -9.21
CA GLY G 548 -64.33 -17.57 -7.94
C GLY G 548 -63.98 -19.05 -8.06
N SER G 549 -63.21 -19.51 -7.08
CA SER G 549 -62.84 -20.92 -6.99
C SER G 549 -64.07 -21.80 -6.85
N VAL G 550 -64.71 -21.77 -5.67
CA VAL G 550 -65.83 -22.67 -5.42
C VAL G 550 -66.95 -22.37 -6.39
N ILE G 551 -67.79 -23.36 -6.61
CA ILE G 551 -68.76 -23.28 -7.69
C ILE G 551 -70.06 -23.91 -7.22
N VAL G 552 -71.18 -23.26 -7.53
CA VAL G 552 -72.49 -23.77 -7.15
C VAL G 552 -73.01 -24.80 -8.13
N GLY G 553 -72.22 -25.12 -9.14
CA GLY G 553 -72.68 -26.01 -10.18
C GLY G 553 -73.64 -25.29 -11.11
N GLY G 554 -73.72 -25.80 -12.33
CA GLY G 554 -74.68 -25.27 -13.27
C GLY G 554 -76.11 -25.40 -12.82
N CYS G 555 -76.34 -26.27 -11.85
CA CYS G 555 -77.60 -26.56 -11.24
C CYS G 555 -77.33 -27.66 -10.24
N GLN G 556 -78.22 -27.82 -9.28
CA GLN G 556 -78.17 -29.05 -8.52
C GLN G 556 -78.55 -30.20 -9.44
N TYR G 557 -78.09 -31.39 -9.11
CA TYR G 557 -78.68 -32.60 -9.67
C TYR G 557 -79.76 -33.00 -8.69
N ASP G 558 -81.01 -32.79 -9.07
CA ASP G 558 -82.13 -32.79 -8.12
C ASP G 558 -83.19 -33.76 -8.60
N PRO G 559 -82.87 -35.05 -8.63
CA PRO G 559 -83.81 -36.01 -9.23
C PRO G 559 -85.16 -36.05 -8.55
N ASP G 560 -85.18 -36.15 -7.24
CA ASP G 560 -86.42 -36.15 -6.51
C ASP G 560 -86.55 -34.82 -5.78
N GLU G 561 -87.63 -34.68 -5.01
CA GLU G 561 -87.76 -33.61 -4.04
C GLU G 561 -87.06 -33.94 -2.73
N SER G 562 -86.66 -35.20 -2.55
CA SER G 562 -86.10 -35.63 -1.27
C SER G 562 -84.63 -35.26 -1.11
N GLY G 563 -83.91 -35.04 -2.22
CA GLY G 563 -82.58 -34.49 -2.11
C GLY G 563 -82.72 -33.10 -1.55
N PRO G 564 -82.10 -32.83 -0.40
CA PRO G 564 -82.43 -31.61 0.35
C PRO G 564 -82.26 -30.37 -0.51
N ILE G 565 -83.30 -29.55 -0.56
CA ILE G 565 -83.13 -28.31 -1.27
C ILE G 565 -82.55 -27.33 -0.27
N TYR G 566 -82.19 -26.16 -0.75
CA TYR G 566 -81.94 -24.99 0.07
C TYR G 566 -81.78 -23.84 -0.90
N THR G 567 -81.65 -22.64 -0.37
CA THR G 567 -80.80 -21.65 -0.99
C THR G 567 -80.04 -20.96 0.12
N LYS G 568 -78.74 -21.18 0.17
CA LYS G 568 -77.95 -20.05 0.61
C LYS G 568 -78.28 -19.04 -0.46
N TYR G 569 -78.86 -17.90 -0.10
CA TYR G 569 -79.58 -17.09 -1.07
C TYR G 569 -78.64 -16.18 -1.82
N ARG G 570 -79.22 -15.45 -2.76
CA ARG G 570 -78.42 -14.60 -3.64
C ARG G 570 -77.58 -13.65 -2.81
N GLU G 571 -76.43 -13.27 -3.36
CA GLU G 571 -75.58 -12.33 -2.67
C GLU G 571 -76.25 -10.97 -2.58
N ALA G 572 -75.84 -10.20 -1.57
CA ALA G 572 -76.42 -8.92 -1.22
C ALA G 572 -75.46 -8.20 -0.30
N LYS G 573 -75.90 -7.12 0.33
CA LYS G 573 -75.07 -6.57 1.39
C LYS G 573 -74.97 -7.54 2.55
N ALA G 574 -73.95 -7.37 3.36
CA ALA G 574 -74.04 -7.99 4.66
C ALA G 574 -74.97 -7.18 5.54
N SER G 575 -75.47 -7.85 6.58
CA SER G 575 -76.34 -7.20 7.55
C SER G 575 -75.67 -7.33 8.90
N THR G 576 -75.33 -6.19 9.48
CA THR G 576 -74.85 -6.12 10.87
C THR G 576 -75.57 -4.98 11.57
N ASN G 577 -76.36 -5.32 12.58
CA ASN G 577 -77.13 -4.35 13.35
C ASN G 577 -77.97 -3.46 12.44
N SER G 578 -79.00 -4.03 11.83
CA SER G 578 -80.16 -3.26 11.43
C SER G 578 -81.16 -3.13 12.57
N THR G 579 -80.92 -3.90 13.65
CA THR G 579 -81.38 -3.50 14.97
C THR G 579 -80.91 -2.11 15.30
N HIS G 580 -79.83 -1.67 14.66
CA HIS G 580 -79.44 -0.29 14.72
C HIS G 580 -80.03 0.49 13.57
N THR G 581 -80.99 1.33 13.92
CA THR G 581 -81.19 2.62 13.28
C THR G 581 -80.17 3.47 14.00
N PRO G 582 -80.27 4.79 13.88
CA PRO G 582 -79.34 5.67 14.61
C PRO G 582 -79.22 5.21 16.05
N PRO G 583 -78.02 5.16 16.57
CA PRO G 583 -77.76 4.41 17.81
C PRO G 583 -77.96 5.22 19.08
N THR G 584 -77.57 4.62 20.20
CA THR G 584 -77.25 5.33 21.43
C THR G 584 -75.85 5.92 21.33
N SER G 585 -75.62 6.97 22.12
CA SER G 585 -74.48 7.85 21.92
C SER G 585 -73.73 8.03 23.24
N ILE G 586 -72.48 7.55 23.30
CA ILE G 586 -71.72 7.54 24.54
C ILE G 586 -71.26 8.96 24.86
N THR G 587 -71.40 9.34 26.13
CA THR G 587 -71.26 10.72 26.57
C THR G 587 -69.82 11.22 26.43
N ASN G 588 -69.69 12.55 26.43
CA ASN G 588 -68.39 13.19 26.28
C ASN G 588 -67.95 13.91 27.54
N ILE G 589 -68.67 14.97 27.94
CA ILE G 589 -68.24 15.81 29.06
C ILE G 589 -67.96 14.92 30.25
N GLN G 590 -66.96 15.31 31.03
CA GLN G 590 -66.30 14.50 32.03
C GLN G 590 -66.68 14.99 33.41
N PRO G 591 -66.57 14.13 34.45
CA PRO G 591 -67.14 14.52 35.75
C PRO G 591 -66.60 15.86 36.22
N TYR G 592 -67.50 16.82 36.34
CA TYR G 592 -67.09 18.21 36.43
C TYR G 592 -68.16 18.98 37.16
N ILE G 593 -67.72 19.89 38.02
CA ILE G 593 -68.66 20.68 38.79
C ILE G 593 -69.55 21.44 37.82
N THR G 594 -70.85 21.23 37.93
CA THR G 594 -71.81 22.01 37.18
C THR G 594 -72.31 23.07 38.15
N VAL G 595 -71.88 24.31 37.95
CA VAL G 595 -72.14 25.40 38.87
C VAL G 595 -72.71 26.57 38.08
N TYR G 596 -73.01 27.65 38.79
CA TYR G 596 -73.44 28.87 38.12
C TYR G 596 -72.27 29.83 38.07
N ARG G 597 -71.69 29.98 36.89
CA ARG G 597 -70.71 31.04 36.66
C ARG G 597 -71.44 32.34 36.92
N TRP G 598 -70.91 33.16 37.81
CA TRP G 598 -71.53 34.44 38.10
C TRP G 598 -70.73 35.51 37.35
N ILE G 599 -71.31 36.02 36.29
CA ILE G 599 -70.79 37.18 35.60
C ILE G 599 -71.53 38.40 36.13
N ARG G 600 -70.79 39.41 36.54
CA ARG G 600 -71.43 40.64 37.03
C ARG G 600 -71.98 41.39 35.83
N ILE G 601 -73.30 41.59 35.82
CA ILE G 601 -74.00 42.04 34.61
C ILE G 601 -73.31 43.25 34.03
N ALA G 602 -72.96 44.20 34.88
CA ALA G 602 -72.15 45.33 34.51
C ALA G 602 -71.82 46.11 35.77
N MET H 1 -1.57 74.23 33.89
CA MET H 1 -0.89 74.25 35.18
C MET H 1 0.60 74.03 34.94
N LYS H 2 1.00 74.29 33.69
CA LYS H 2 2.36 74.49 33.20
C LYS H 2 3.09 73.25 32.71
N GLN H 3 2.54 72.04 32.87
CA GLN H 3 3.19 70.86 32.28
C GLN H 3 2.46 70.55 31.00
N ASN H 4 3.08 70.94 29.88
CA ASN H 4 2.51 70.78 28.55
C ASN H 4 3.63 70.94 27.54
N ILE H 5 3.37 70.46 26.34
CA ILE H 5 4.37 70.50 25.29
C ILE H 5 4.47 71.89 24.69
N ASN H 6 5.59 72.15 24.03
CA ASN H 6 5.74 73.36 23.25
C ASN H 6 5.15 73.19 21.85
N ILE H 7 5.17 71.97 21.33
CA ILE H 7 4.56 71.66 20.04
C ILE H 7 5.23 72.38 18.87
N GLY H 8 6.56 72.38 18.82
CA GLY H 8 7.27 72.64 17.57
C GLY H 8 7.20 74.07 17.07
N ASN H 9 7.86 74.39 15.97
CA ASN H 9 8.07 75.79 15.65
C ASN H 9 8.29 75.96 14.15
N VAL H 10 8.20 77.22 13.71
CA VAL H 10 8.06 77.58 12.31
C VAL H 10 9.38 77.98 11.65
N VAL H 11 10.53 77.80 12.30
CA VAL H 11 11.76 78.45 11.83
C VAL H 11 11.99 78.12 10.37
N ASP H 12 12.04 79.15 9.54
CA ASP H 12 12.11 79.06 8.08
C ASP H 12 11.12 78.02 7.57
N ASP H 13 11.55 77.21 6.60
CA ASP H 13 10.87 75.96 6.29
C ASP H 13 11.32 74.82 7.20
N GLY H 14 12.62 74.71 7.47
CA GLY H 14 13.15 73.97 8.60
C GLY H 14 12.79 72.52 8.64
N THR H 15 13.04 71.85 9.77
CA THR H 15 12.53 70.50 9.89
C THR H 15 11.84 70.21 11.22
N GLY H 16 12.58 70.20 12.32
CA GLY H 16 12.04 69.57 13.50
C GLY H 16 10.75 70.15 14.03
N ASP H 17 9.70 69.35 14.03
CA ASP H 17 8.36 69.72 14.49
C ASP H 17 7.74 68.63 15.36
N TYR H 18 7.52 67.48 14.73
CA TYR H 18 6.45 66.51 14.97
C TYR H 18 5.31 66.68 13.98
N LEU H 19 5.30 67.77 13.20
CA LEU H 19 4.57 67.86 11.94
C LEU H 19 3.29 67.03 11.96
N ARG H 20 2.34 67.43 12.80
CA ARG H 20 1.04 66.80 13.03
C ARG H 20 1.09 65.72 14.10
N LYS H 21 2.25 65.47 14.71
CA LYS H 21 2.21 64.59 15.86
C LYS H 21 1.53 65.26 17.03
N GLY H 22 1.63 66.58 17.09
CA GLY H 22 1.46 67.27 18.35
C GLY H 22 0.06 67.17 18.92
N GLY H 23 -0.86 66.58 18.18
CA GLY H 23 -2.20 66.44 18.70
C GLY H 23 -2.13 65.77 20.05
N ILE H 24 -1.48 64.62 20.08
CA ILE H 24 -1.29 63.89 21.33
C ILE H 24 -0.70 64.78 22.38
N LYS H 25 0.03 65.80 21.96
CA LYS H 25 0.38 66.89 22.86
C LYS H 25 -0.79 67.85 22.95
N ILE H 26 -1.17 68.44 21.83
CA ILE H 26 -2.18 69.48 21.76
C ILE H 26 -3.34 69.05 22.63
N ASN H 27 -3.67 67.77 22.55
CA ASN H 27 -4.72 67.26 23.40
C ASN H 27 -4.40 67.48 24.86
N GLU H 28 -3.21 67.07 25.28
CA GLU H 28 -2.86 67.19 26.70
C GLU H 28 -2.98 68.64 27.17
N ASN H 29 -2.58 69.60 26.34
CA ASN H 29 -2.71 71.01 26.67
C ASN H 29 -4.17 71.30 27.02
N PHE H 30 -5.06 71.17 26.04
CA PHE H 30 -6.48 71.21 26.35
C PHE H 30 -6.74 70.27 27.50
N ASP H 31 -6.27 69.03 27.38
CA ASP H 31 -6.53 68.05 28.43
C ASP H 31 -5.95 68.47 29.75
N GLU H 32 -4.98 69.38 29.77
CA GLU H 32 -4.59 69.96 31.04
C GLU H 32 -5.77 70.73 31.64
N LEU H 33 -6.25 71.73 30.91
CA LEU H 33 -7.19 72.71 31.47
C LEU H 33 -8.54 72.09 31.68
N TYR H 34 -9.21 71.69 30.61
CA TYR H 34 -10.61 71.29 30.72
C TYR H 34 -10.77 70.22 31.78
N TYR H 35 -9.66 69.55 32.17
CA TYR H 35 -9.65 68.74 33.38
C TYR H 35 -8.90 69.30 34.56
N GLU H 36 -8.19 70.42 34.44
CA GLU H 36 -7.43 70.91 35.59
C GLU H 36 -8.33 71.60 36.60
N LEU H 37 -9.24 72.42 36.10
CA LEU H 37 -10.37 72.95 36.83
C LEU H 37 -11.56 72.05 36.59
N GLY H 38 -11.28 70.92 35.95
CA GLY H 38 -12.24 70.16 35.15
C GLY H 38 -13.65 69.82 35.59
N ASP H 39 -13.81 69.39 36.84
CA ASP H 39 -15.13 69.08 37.37
C ASP H 39 -15.81 70.31 37.95
N GLY H 40 -15.19 71.48 37.80
CA GLY H 40 -15.59 72.70 38.46
C GLY H 40 -15.21 73.89 37.60
N ASP H 41 -15.34 75.09 38.18
CA ASP H 41 -14.99 76.32 37.47
C ASP H 41 -15.00 77.51 38.41
N VAL H 42 -14.99 78.70 37.83
CA VAL H 42 -15.20 79.95 38.52
C VAL H 42 -16.63 80.41 38.24
N PRO H 43 -17.53 80.39 39.24
CA PRO H 43 -18.89 80.93 39.04
C PRO H 43 -19.05 82.45 39.07
N TYR H 44 -18.21 83.20 39.78
CA TYR H 44 -18.57 84.57 40.17
C TYR H 44 -18.54 85.56 39.00
N SER H 45 -17.51 85.51 38.17
CA SER H 45 -17.36 86.55 37.15
C SER H 45 -18.28 86.31 35.96
N ALA H 46 -18.55 85.06 35.63
CA ALA H 46 -19.52 84.74 34.61
C ALA H 46 -20.91 84.48 35.19
N GLY H 47 -21.04 84.39 36.51
CA GLY H 47 -22.31 84.11 37.14
C GLY H 47 -23.07 85.38 37.45
N ALA H 48 -22.84 86.43 36.67
CA ALA H 48 -23.39 87.73 36.96
C ALA H 48 -24.48 88.15 35.99
N TRP H 49 -24.15 88.28 34.70
CA TRP H 49 -25.06 88.87 33.73
C TRP H 49 -26.47 88.30 33.83
N LYS H 50 -26.61 87.00 33.60
CA LYS H 50 -27.81 86.44 32.97
C LYS H 50 -29.10 86.95 33.59
N THR H 51 -29.24 86.79 34.91
CA THR H 51 -30.54 86.97 35.55
C THR H 51 -31.06 88.40 35.45
N TYR H 52 -30.28 89.31 34.85
CA TYR H 52 -30.88 90.53 34.33
C TYR H 52 -32.03 90.23 33.38
N ASN H 53 -32.09 89.00 32.87
CA ASN H 53 -33.23 88.45 32.15
C ASN H 53 -34.27 87.95 33.13
N ALA H 54 -35.19 87.10 32.65
CA ALA H 54 -36.40 86.82 33.39
C ALA H 54 -36.16 86.08 34.71
N SER H 55 -37.22 85.82 35.45
CA SER H 55 -37.13 85.20 36.76
C SER H 55 -37.03 83.69 36.68
N SER H 56 -36.98 83.16 35.47
CA SER H 56 -37.15 81.74 35.24
C SER H 56 -36.10 80.94 36.01
N GLY H 57 -36.44 79.68 36.31
CA GLY H 57 -35.68 78.90 37.28
C GLY H 57 -34.19 79.00 37.08
N GLN H 58 -33.74 79.04 35.82
CA GLN H 58 -32.36 79.36 35.54
C GLN H 58 -31.43 78.37 36.23
N THR H 59 -31.30 77.15 35.67
CA THR H 59 -30.53 76.11 36.33
C THR H 59 -29.05 76.48 36.34
N LEU H 60 -28.46 76.55 37.53
CA LEU H 60 -27.03 76.60 37.75
C LEU H 60 -26.45 75.23 38.13
N THR H 61 -27.24 74.18 38.05
CA THR H 61 -27.01 72.95 38.81
C THR H 61 -25.61 72.36 38.60
N ALA H 62 -25.11 71.76 39.68
CA ALA H 62 -24.04 70.76 39.75
C ALA H 62 -22.74 71.25 39.15
N GLU H 63 -22.58 72.57 39.04
CA GLU H 63 -21.29 73.20 38.83
C GLU H 63 -21.48 74.70 38.76
N TRP H 64 -20.42 75.42 39.12
CA TRP H 64 -20.39 76.87 39.07
C TRP H 64 -21.59 77.54 39.71
N GLY H 65 -22.02 78.64 39.10
CA GLY H 65 -23.12 79.44 39.57
C GLY H 65 -23.39 80.51 38.54
N LYS H 66 -24.62 81.00 38.53
CA LYS H 66 -25.12 81.60 37.31
C LYS H 66 -25.74 82.99 37.43
N SER H 67 -26.80 83.12 38.23
CA SER H 67 -27.77 84.21 38.08
C SER H 67 -27.66 85.24 39.21
N TYR H 68 -27.07 86.41 38.90
CA TYR H 68 -26.95 87.51 39.85
C TYR H 68 -27.96 88.63 39.68
N ALA H 69 -28.62 88.70 38.53
CA ALA H 69 -29.74 89.59 38.19
C ALA H 69 -29.39 91.07 38.02
N ILE H 70 -28.37 91.56 38.71
CA ILE H 70 -27.68 92.82 38.43
C ILE H 70 -28.62 93.92 37.94
N ASN H 71 -29.89 93.83 38.34
CA ASN H 71 -30.95 94.66 37.79
C ASN H 71 -32.32 94.22 38.30
N THR H 72 -33.35 94.96 37.96
CA THR H 72 -34.68 94.75 38.47
C THR H 72 -35.39 93.60 37.80
N SER H 73 -36.72 93.56 37.97
CA SER H 73 -37.61 92.50 37.50
C SER H 73 -37.39 91.18 38.20
N SER H 74 -37.78 91.14 39.48
CA SER H 74 -38.19 89.93 40.19
C SER H 74 -37.07 89.00 40.66
N GLY H 75 -35.85 89.16 40.13
CA GLY H 75 -34.67 88.59 40.74
C GLY H 75 -34.50 87.08 40.67
N ARG H 76 -35.51 86.34 40.21
CA ARG H 76 -35.37 84.93 39.85
C ARG H 76 -34.96 83.90 40.90
N VAL H 77 -34.03 83.04 40.49
CA VAL H 77 -34.01 81.65 40.93
C VAL H 77 -32.79 80.89 40.45
N THR H 78 -32.54 79.72 41.05
CA THR H 78 -31.39 78.90 40.69
C THR H 78 -31.61 77.47 41.18
N ILE H 79 -30.86 76.54 40.60
CA ILE H 79 -30.85 75.17 41.09
C ILE H 79 -29.92 75.07 42.30
N ASN H 80 -30.16 74.06 43.14
CA ASN H 80 -29.29 73.79 44.28
C ASN H 80 -28.19 72.82 43.93
N LEU H 81 -28.07 72.50 42.65
CA LEU H 81 -27.35 71.40 42.01
C LEU H 81 -28.21 70.15 42.09
N PRO H 82 -28.07 69.24 41.15
CA PRO H 82 -28.92 68.05 41.12
C PRO H 82 -28.47 66.97 42.10
N LYS H 83 -29.00 65.79 41.91
CA LYS H 83 -28.48 64.61 42.57
C LYS H 83 -27.19 64.16 41.88
N GLY H 84 -26.69 62.99 42.26
CA GLY H 84 -25.44 62.48 41.74
C GLY H 84 -24.26 62.49 42.71
N THR H 85 -24.50 62.77 43.99
CA THR H 85 -23.47 62.71 45.02
C THR H 85 -22.26 63.54 44.62
N VAL H 86 -22.53 64.80 44.29
CA VAL H 86 -21.56 65.68 43.63
C VAL H 86 -20.28 65.84 44.41
N ASN H 87 -20.35 66.63 45.49
CA ASN H 87 -19.21 67.36 46.05
C ASN H 87 -18.73 68.36 44.99
N ASP H 88 -19.33 68.31 43.83
CA ASP H 88 -18.81 68.94 42.65
C ASP H 88 -19.77 70.05 42.26
N TYR H 89 -19.35 71.28 42.53
CA TYR H 89 -20.03 72.47 42.07
C TYR H 89 -19.20 73.69 42.42
N ASN H 90 -19.75 74.87 42.18
CA ASN H 90 -19.23 76.09 42.75
C ASN H 90 -20.44 76.97 43.03
N LYS H 91 -20.23 78.25 43.29
CA LYS H 91 -21.34 79.17 43.42
C LYS H 91 -20.88 80.60 43.19
N VAL H 92 -21.83 81.45 42.82
CA VAL H 92 -21.59 82.74 42.19
C VAL H 92 -22.24 83.86 42.99
N ILE H 93 -23.55 83.77 43.19
CA ILE H 93 -24.43 84.77 43.78
C ILE H 93 -24.48 86.09 43.02
N ARG H 94 -24.72 87.18 43.75
CA ARG H 94 -25.16 88.41 43.12
C ARG H 94 -24.50 89.68 43.66
N ALA H 95 -24.92 90.09 44.85
CA ALA H 95 -24.36 91.24 45.53
C ALA H 95 -24.18 92.45 44.61
N ARG H 96 -22.93 92.91 44.51
CA ARG H 96 -22.59 94.30 44.18
C ARG H 96 -23.32 94.86 42.97
N ASP H 97 -23.59 94.03 41.97
CA ASP H 97 -24.47 94.48 40.89
C ASP H 97 -25.85 94.08 41.35
N VAL H 98 -26.64 95.09 41.70
CA VAL H 98 -27.59 94.96 42.80
C VAL H 98 -29.06 95.25 42.49
N PHE H 99 -29.88 94.22 42.67
CA PHE H 99 -31.33 94.34 42.58
C PHE H 99 -31.91 94.30 43.98
N ALA H 100 -32.41 95.44 44.44
CA ALA H 100 -33.31 95.54 45.59
C ALA H 100 -34.69 95.97 45.08
N THR H 101 -35.73 95.30 45.57
CA THR H 101 -37.07 95.15 45.04
C THR H 101 -37.20 93.96 44.09
N TRP H 102 -36.09 93.35 43.65
CA TRP H 102 -36.18 92.01 43.08
C TRP H 102 -35.90 90.92 44.11
N ASN H 103 -35.37 91.29 45.26
CA ASN H 103 -35.06 90.38 46.37
C ASN H 103 -34.17 89.26 45.88
N VAL H 104 -34.50 87.99 46.15
CA VAL H 104 -33.76 86.81 45.68
C VAL H 104 -34.42 85.55 46.22
N ASN H 105 -34.21 84.42 45.54
CA ASN H 105 -34.27 83.14 46.23
C ASN H 105 -33.32 82.19 45.54
N PRO H 106 -32.52 81.42 46.27
CA PRO H 106 -31.59 80.50 45.62
C PRO H 106 -32.24 79.24 45.08
N VAL H 107 -33.28 78.77 45.76
CA VAL H 107 -33.73 77.39 45.57
C VAL H 107 -34.81 77.25 44.53
N THR H 108 -35.18 78.34 43.85
CA THR H 108 -36.42 78.38 43.09
C THR H 108 -36.30 77.79 41.70
N LEU H 109 -35.15 77.23 41.31
CA LEU H 109 -35.18 76.24 40.24
C LEU H 109 -35.46 74.91 40.89
N VAL H 110 -34.48 74.37 41.61
CA VAL H 110 -34.74 73.22 42.46
C VAL H 110 -33.72 73.20 43.59
N ALA H 111 -34.15 72.72 44.74
CA ALA H 111 -33.26 72.20 45.77
C ALA H 111 -33.15 70.68 45.72
N ALA H 112 -33.88 70.03 44.81
CA ALA H 112 -33.77 68.59 44.57
C ALA H 112 -33.87 67.79 45.85
N SER H 113 -32.80 67.09 46.20
CA SER H 113 -32.62 66.45 47.49
C SER H 113 -31.79 67.28 48.45
N GLY H 114 -31.43 68.51 48.09
CA GLY H 114 -30.63 69.38 48.93
C GLY H 114 -31.40 70.55 49.55
N ASP H 115 -30.64 71.33 50.33
CA ASP H 115 -31.03 72.59 50.98
C ASP H 115 -31.84 72.41 52.26
N THR H 116 -32.36 71.21 52.52
CA THR H 116 -33.14 70.75 53.70
C THR H 116 -34.65 71.02 53.63
N ILE H 117 -35.17 71.59 52.53
CA ILE H 117 -36.59 71.94 52.34
C ILE H 117 -36.82 73.32 52.93
N LYS H 118 -35.75 73.91 53.44
CA LYS H 118 -35.74 75.31 53.80
C LYS H 118 -35.75 76.11 52.52
N GLY H 119 -35.49 77.40 52.58
CA GLY H 119 -35.36 78.14 51.34
C GLY H 119 -34.44 79.33 51.38
N SER H 120 -33.85 79.59 50.22
CA SER H 120 -33.21 80.82 49.76
C SER H 120 -32.26 81.53 50.71
N ALA H 121 -32.03 82.81 50.42
CA ALA H 121 -31.78 83.98 51.26
C ALA H 121 -31.96 85.18 50.35
N VAL H 122 -32.50 86.27 50.87
CA VAL H 122 -32.66 87.42 49.98
C VAL H 122 -32.39 88.77 50.64
N PRO H 123 -31.21 89.01 51.21
CA PRO H 123 -30.77 90.41 51.29
C PRO H 123 -30.56 90.89 49.87
N VAL H 124 -31.26 91.95 49.51
CA VAL H 124 -31.20 92.36 48.11
C VAL H 124 -30.03 93.32 48.02
N GLU H 125 -29.34 93.43 49.13
CA GLU H 125 -28.40 94.49 49.50
C GLU H 125 -27.36 94.83 48.44
N ILE H 126 -26.49 93.87 48.10
CA ILE H 126 -25.15 94.06 47.56
C ILE H 126 -24.17 94.18 48.71
N ASN H 127 -24.66 94.12 49.95
CA ASN H 127 -23.83 93.99 51.12
C ASN H 127 -23.42 92.53 51.26
N VAL H 128 -22.12 92.29 51.41
CA VAL H 128 -21.57 90.94 51.43
C VAL H 128 -21.98 90.18 50.18
N ARG H 129 -22.33 88.91 50.33
CA ARG H 129 -22.56 88.03 49.20
C ARG H 129 -23.38 86.84 49.67
N PHE H 130 -23.54 85.85 48.78
CA PHE H 130 -24.48 84.77 49.00
C PHE H 130 -23.91 83.37 48.83
N SER H 131 -23.38 83.05 47.66
CA SER H 131 -23.33 81.67 47.20
C SER H 131 -21.96 81.04 47.46
N ASP H 132 -21.89 80.21 48.49
CA ASP H 132 -20.74 79.38 48.83
C ASP H 132 -20.89 77.95 48.34
N LEU H 133 -21.95 77.66 47.59
CA LEU H 133 -22.35 76.32 47.21
C LEU H 133 -22.59 75.51 48.47
N GLU H 134 -22.15 74.25 48.49
CA GLU H 134 -22.49 73.35 49.58
C GLU H 134 -21.55 72.15 49.51
N LEU H 135 -21.87 71.12 50.30
CA LEU H 135 -21.28 69.81 50.12
C LEU H 135 -22.20 69.08 49.15
N VAL H 136 -21.73 68.92 47.93
CA VAL H 136 -22.57 68.59 46.78
C VAL H 136 -23.69 69.61 46.69
N TYR H 137 -24.86 69.13 46.29
CA TYR H 137 -26.08 69.92 46.39
C TYR H 137 -26.66 69.87 47.79
N CYS H 138 -26.52 68.72 48.46
CA CYS H 138 -27.29 68.42 49.66
C CYS H 138 -26.51 68.90 50.87
N ALA H 139 -27.02 69.96 51.50
CA ALA H 139 -26.46 70.65 52.66
C ALA H 139 -27.38 71.80 53.02
N PRO H 140 -27.70 72.00 54.31
CA PRO H 140 -28.59 73.10 54.70
C PRO H 140 -27.85 74.37 55.14
N GLY H 141 -27.33 75.16 54.21
CA GLY H 141 -26.73 76.46 54.52
C GLY H 141 -25.38 76.53 55.25
N ARG H 142 -24.33 75.97 54.66
CA ARG H 142 -22.98 76.03 55.21
C ARG H 142 -22.29 77.36 54.98
N TRP H 143 -22.71 78.12 53.98
CA TRP H 143 -22.10 79.40 53.64
C TRP H 143 -20.59 79.31 53.56
N LEU H 406 -61.79 59.55 56.50
CA LEU H 406 -61.49 58.44 57.39
C LEU H 406 -62.02 57.11 56.83
N TYR H 407 -61.47 56.69 55.70
CA TYR H 407 -61.93 55.49 55.01
C TYR H 407 -61.62 54.22 55.82
N VAL H 408 -62.29 53.13 55.44
CA VAL H 408 -62.18 51.87 56.17
C VAL H 408 -60.73 51.39 56.20
N SER H 409 -60.34 50.84 57.34
CA SER H 409 -58.98 50.91 57.85
C SER H 409 -58.00 50.03 57.09
N GLN H 410 -56.72 50.36 57.28
CA GLN H 410 -55.56 49.51 57.04
C GLN H 410 -55.45 48.38 58.05
N GLY H 411 -56.27 48.37 59.09
CA GLY H 411 -56.48 47.21 59.92
C GLY H 411 -55.22 46.76 60.62
N PRO H 412 -55.15 45.48 60.98
CA PRO H 412 -53.88 44.91 61.48
C PRO H 412 -52.90 44.74 60.34
N GLY H 413 -51.84 43.98 60.55
CA GLY H 413 -50.90 43.66 59.50
C GLY H 413 -51.25 42.42 58.69
N VAL H 414 -50.65 42.34 57.50
CA VAL H 414 -50.86 41.26 56.54
C VAL H 414 -49.55 40.52 56.38
N ASP H 415 -49.63 39.22 56.05
CA ASP H 415 -48.45 38.38 55.89
C ASP H 415 -48.57 37.56 54.61
N ILE H 416 -47.70 37.80 53.63
CA ILE H 416 -47.83 37.16 52.33
C ILE H 416 -47.01 35.88 52.41
N SER H 417 -47.70 34.77 52.62
CA SER H 417 -47.14 33.43 52.55
C SER H 417 -47.52 32.66 51.28
N GLY H 418 -48.37 33.24 50.44
CA GLY H 418 -49.05 32.50 49.39
C GLY H 418 -48.54 32.68 47.98
N ASP H 419 -47.26 33.03 47.83
CA ASP H 419 -46.70 33.32 46.53
C ASP H 419 -45.58 32.33 46.20
N VAL H 420 -45.27 32.26 44.90
CA VAL H 420 -44.11 31.56 44.38
C VAL H 420 -43.48 32.43 43.30
N ASN H 421 -42.28 32.05 42.88
CA ASN H 421 -41.58 32.75 41.82
C ASN H 421 -41.74 31.97 40.53
N LEU H 422 -42.33 32.61 39.52
CA LEU H 422 -42.32 32.08 38.16
C LEU H 422 -40.97 32.42 37.56
N THR H 423 -40.21 31.38 37.19
CA THR H 423 -38.82 31.65 36.83
C THR H 423 -38.78 32.30 35.45
N ASP H 424 -39.03 31.53 34.40
CA ASP H 424 -39.35 32.13 33.12
C ASP H 424 -40.83 32.51 33.11
N PHE H 425 -41.17 33.48 32.26
CA PHE H 425 -42.57 33.80 32.08
C PHE H 425 -43.29 32.69 31.30
N ASP H 426 -42.69 32.25 30.20
CA ASP H 426 -43.27 31.15 29.44
C ASP H 426 -43.15 29.83 30.16
N LYS H 427 -41.99 29.53 30.76
CA LYS H 427 -41.89 28.34 31.58
C LYS H 427 -42.71 28.57 32.84
N ILE H 428 -43.69 27.72 33.05
CA ILE H 428 -44.77 28.02 33.98
C ILE H 428 -45.20 26.73 34.64
N GLY H 429 -46.29 26.79 35.38
CA GLY H 429 -46.80 25.62 36.07
C GLY H 429 -45.70 25.04 36.93
N TRP H 430 -45.90 23.84 37.47
CA TRP H 430 -44.78 22.93 37.61
C TRP H 430 -43.74 23.31 38.64
N PRO H 431 -42.77 22.41 38.89
CA PRO H 431 -41.47 22.85 39.40
C PRO H 431 -40.78 23.84 38.48
N ASN H 432 -41.29 24.06 37.26
CA ASN H 432 -40.67 25.10 36.46
C ASN H 432 -41.32 26.37 36.99
N VAL H 433 -40.60 26.98 37.94
CA VAL H 433 -41.14 27.86 38.96
C VAL H 433 -40.07 28.01 40.02
N GLU H 434 -40.35 28.75 41.08
CA GLU H 434 -39.63 28.58 42.33
C GLU H 434 -40.47 29.13 43.46
N ALA H 435 -40.16 28.67 44.67
CA ALA H 435 -40.84 29.19 45.85
C ALA H 435 -40.36 30.60 46.17
N VAL H 436 -41.17 31.32 46.95
CA VAL H 436 -40.87 32.69 47.37
C VAL H 436 -40.75 32.72 48.87
N GLN H 437 -39.77 33.46 49.37
CA GLN H 437 -39.45 33.46 50.80
C GLN H 437 -40.57 34.07 51.63
N SER H 438 -40.57 33.75 52.92
CA SER H 438 -41.65 34.11 53.84
C SER H 438 -41.45 35.55 54.31
N TYR H 439 -42.55 36.29 54.38
CA TYR H 439 -42.52 37.68 54.78
C TYR H 439 -43.92 38.12 55.20
N GLN H 440 -44.00 39.24 55.89
CA GLN H 440 -45.27 39.85 56.22
C GLN H 440 -45.56 41.01 55.26
N ARG H 441 -46.83 41.14 54.89
CA ARG H 441 -47.30 42.25 54.08
C ARG H 441 -47.67 43.40 55.00
N ALA H 442 -48.36 44.40 54.46
CA ALA H 442 -48.90 45.50 55.25
C ALA H 442 -50.08 46.08 54.48
N PHE H 443 -50.52 47.26 54.86
CA PHE H 443 -51.51 48.00 54.11
C PHE H 443 -50.85 49.22 53.51
N ASN H 444 -51.05 49.42 52.22
CA ASN H 444 -50.37 50.50 51.55
C ASN H 444 -51.34 51.35 50.75
N ALA H 445 -51.99 50.75 49.77
CA ALA H 445 -52.82 51.49 48.82
C ALA H 445 -53.75 50.49 48.13
N VAL H 446 -54.46 50.97 47.11
CA VAL H 446 -55.29 50.08 46.30
C VAL H 446 -54.50 48.85 45.89
N SER H 447 -53.30 49.06 45.35
CA SER H 447 -52.47 47.95 44.89
C SER H 447 -52.20 46.94 45.98
N ASN H 448 -51.36 47.30 46.96
CA ASN H 448 -50.90 46.33 47.94
C ASN H 448 -52.06 45.71 48.70
N ILE H 449 -53.15 46.45 48.87
CA ILE H 449 -54.34 45.87 49.49
C ILE H 449 -55.02 44.92 48.53
N PHE H 450 -55.30 45.40 47.31
CA PHE H 450 -56.06 44.59 46.35
C PHE H 450 -55.19 43.53 45.70
N ASP H 451 -53.95 43.84 45.38
CA ASP H 451 -53.11 42.86 44.71
C ASP H 451 -52.79 41.68 45.59
N THR H 452 -53.12 41.73 46.87
CA THR H 452 -53.03 40.56 47.73
C THR H 452 -54.30 39.71 47.65
N ILE H 453 -55.28 40.13 46.85
CA ILE H 453 -56.48 39.33 46.67
C ILE H 453 -56.22 38.19 45.71
N TYR H 454 -55.43 38.44 44.67
CA TYR H 454 -55.27 37.57 43.52
C TYR H 454 -53.82 37.11 43.44
N PRO H 455 -53.47 35.93 43.99
CA PRO H 455 -52.07 35.62 44.33
C PRO H 455 -51.09 35.51 43.18
N ILE H 456 -49.87 35.07 43.48
CA ILE H 456 -48.79 34.96 42.52
C ILE H 456 -49.25 34.14 41.32
N GLY H 457 -49.11 34.70 40.13
CA GLY H 457 -49.48 33.94 38.95
C GLY H 457 -50.97 33.69 38.87
N THR H 458 -51.75 34.75 38.75
CA THR H 458 -53.19 34.70 38.98
C THR H 458 -53.89 33.60 38.18
N ILE H 459 -54.90 33.01 38.80
CA ILE H 459 -56.00 32.35 38.10
C ILE H 459 -57.07 33.41 37.90
N TYR H 460 -57.28 33.83 36.67
CA TYR H 460 -58.00 35.07 36.42
C TYR H 460 -58.57 35.02 35.02
N GLU H 461 -59.50 35.93 34.74
CA GLU H 461 -60.10 36.01 33.42
C GLU H 461 -60.76 37.38 33.22
N ASN H 462 -61.32 37.55 32.03
CA ASN H 462 -62.31 38.59 31.75
C ASN H 462 -63.13 38.09 30.58
N ALA H 463 -64.39 38.53 30.50
CA ALA H 463 -65.27 38.02 29.45
C ALA H 463 -65.45 38.96 28.26
N VAL H 464 -64.87 40.15 28.28
CA VAL H 464 -65.40 41.18 27.38
C VAL H 464 -64.35 41.89 26.53
N ASN H 465 -63.42 42.56 27.18
CA ASN H 465 -62.62 43.62 26.57
C ASN H 465 -61.64 43.14 25.49
N PRO H 466 -60.95 44.06 24.83
CA PRO H 466 -59.79 43.67 24.00
C PRO H 466 -58.54 43.30 24.78
N ASN H 467 -58.27 43.99 25.89
CA ASN H 467 -56.90 44.15 26.37
C ASN H 467 -56.61 43.39 27.66
N ASN H 468 -55.36 43.53 28.10
CA ASN H 468 -54.68 42.84 29.19
C ASN H 468 -55.27 43.19 30.55
N PRO H 469 -54.65 42.73 31.64
CA PRO H 469 -55.06 43.23 32.96
C PRO H 469 -54.72 44.70 33.19
N VAL H 470 -53.90 45.31 32.35
CA VAL H 470 -53.46 46.68 32.61
C VAL H 470 -54.53 47.71 32.24
N THR H 471 -55.18 47.54 31.09
CA THR H 471 -56.15 48.52 30.65
C THR H 471 -57.52 48.34 31.28
N TYR H 472 -57.99 47.10 31.42
CA TYR H 472 -59.34 46.82 31.92
C TYR H 472 -59.37 46.56 33.41
N MET H 473 -58.74 45.49 33.88
CA MET H 473 -58.62 45.27 35.32
C MET H 473 -57.73 46.34 35.95
N GLY H 474 -56.63 46.69 35.29
CA GLY H 474 -55.84 47.84 35.66
C GLY H 474 -54.72 47.59 36.64
N PHE H 475 -54.83 46.56 37.47
CA PHE H 475 -53.76 46.22 38.42
C PHE H 475 -53.01 45.02 37.86
N GLY H 476 -51.82 45.27 37.33
CA GLY H 476 -51.03 44.22 36.69
C GLY H 476 -51.20 44.20 35.19
N SER H 477 -50.78 43.07 34.60
CA SER H 477 -50.90 42.82 33.17
C SER H 477 -51.00 41.32 32.95
N TRP H 478 -51.64 40.93 31.85
CA TRP H 478 -52.19 39.60 31.73
C TRP H 478 -51.80 38.90 30.43
N LYS H 479 -52.10 37.61 30.39
CA LYS H 479 -52.01 36.76 29.22
C LYS H 479 -52.99 35.62 29.43
N LEU H 480 -53.31 34.91 28.35
CA LEU H 480 -54.29 33.83 28.43
C LEU H 480 -53.56 32.55 28.81
N PHE H 481 -53.89 32.00 29.96
CA PHE H 481 -53.31 30.74 30.41
C PHE H 481 -54.29 29.61 30.16
N GLY H 482 -53.82 28.56 29.50
CA GLY H 482 -54.67 27.45 29.10
C GLY H 482 -55.41 27.63 27.79
N GLN H 483 -54.84 28.35 26.82
CA GLN H 483 -55.56 28.64 25.59
C GLN H 483 -56.00 27.35 24.93
N GLY H 484 -57.29 27.22 24.70
CA GLY H 484 -57.85 25.99 24.18
C GLY H 484 -57.86 24.85 25.17
N LYS H 485 -57.14 24.98 26.27
CA LYS H 485 -57.27 24.04 27.37
C LYS H 485 -58.52 24.37 28.18
N VAL H 486 -59.01 23.37 28.91
CA VAL H 486 -60.22 23.54 29.72
C VAL H 486 -59.89 23.16 31.16
N LEU H 487 -60.04 24.12 32.07
CA LEU H 487 -59.41 23.99 33.38
C LEU H 487 -60.03 22.89 34.21
N VAL H 488 -59.21 22.23 35.02
CA VAL H 488 -59.63 21.13 35.87
C VAL H 488 -58.77 21.12 37.12
N GLY H 489 -59.35 20.68 38.23
CA GLY H 489 -58.65 20.70 39.49
C GLY H 489 -57.52 19.70 39.52
N TRP H 490 -56.32 20.16 39.87
CA TRP H 490 -55.22 19.22 40.03
C TRP H 490 -55.27 18.76 41.47
N ASN H 491 -55.73 17.53 41.67
CA ASN H 491 -55.84 17.00 43.01
C ASN H 491 -54.47 16.59 43.52
N GLU H 492 -54.36 16.45 44.84
CA GLU H 492 -53.18 15.80 45.39
C GLU H 492 -53.08 14.38 44.93
N ASP H 493 -54.20 13.78 44.54
CA ASP H 493 -54.17 12.48 43.89
C ASP H 493 -53.75 12.66 42.44
N ILE H 494 -52.82 11.81 42.00
CA ILE H 494 -52.15 11.93 40.70
C ILE H 494 -52.76 11.03 39.64
N SER H 495 -53.92 10.41 39.89
CA SER H 495 -54.38 9.24 39.12
C SER H 495 -55.27 9.57 37.93
N ASP H 496 -56.45 10.16 38.17
CA ASP H 496 -57.50 10.23 37.16
C ASP H 496 -57.02 10.92 35.88
N PRO H 497 -57.10 10.20 34.74
CA PRO H 497 -56.11 10.39 33.66
C PRO H 497 -55.88 11.80 33.17
N ASN H 498 -56.91 12.54 32.80
CA ASN H 498 -56.74 13.91 32.35
C ASN H 498 -56.88 14.90 33.48
N PHE H 499 -57.30 14.42 34.65
CA PHE H 499 -57.36 15.21 35.86
C PHE H 499 -56.14 15.00 36.75
N ALA H 500 -55.15 14.24 36.30
CA ALA H 500 -54.17 13.69 37.22
C ALA H 500 -52.82 14.39 37.28
N LEU H 501 -51.98 14.14 36.30
CA LEU H 501 -50.57 14.52 36.34
C LEU H 501 -50.22 15.28 35.07
N ASN H 502 -49.30 16.23 35.20
CA ASN H 502 -49.14 17.26 34.18
C ASN H 502 -48.66 16.67 32.85
N ASN H 503 -49.23 17.20 31.76
CA ASN H 503 -48.76 16.88 30.42
C ASN H 503 -47.71 17.87 29.93
N ASN H 504 -47.42 18.89 30.69
CA ASN H 504 -46.11 19.55 30.62
C ASN H 504 -45.22 18.93 31.68
N ASP H 505 -45.50 19.24 32.94
CA ASP H 505 -44.63 18.84 34.03
C ASP H 505 -44.60 17.33 34.18
N LEU H 506 -43.40 16.78 34.34
CA LEU H 506 -43.22 15.43 34.85
C LEU H 506 -41.80 15.31 35.34
N ASP H 507 -41.57 14.34 36.22
CA ASP H 507 -40.23 14.09 36.71
C ASP H 507 -39.35 13.56 35.61
N SER H 508 -38.03 13.63 35.85
CA SER H 508 -37.08 12.85 35.07
C SER H 508 -37.33 11.36 35.30
N GLY H 509 -38.12 11.04 36.32
CA GLY H 509 -38.62 9.68 36.49
C GLY H 509 -39.99 9.55 35.87
N GLY H 510 -40.56 10.68 35.49
CA GLY H 510 -41.90 10.75 34.95
C GLY H 510 -42.92 11.30 35.91
N ASN H 511 -42.63 11.28 37.20
CA ASN H 511 -43.63 11.72 38.15
C ASN H 511 -43.94 13.19 37.96
N PRO H 512 -45.11 13.52 37.43
CA PRO H 512 -45.59 14.89 37.56
C PRO H 512 -46.08 15.12 38.98
N SER H 513 -45.65 16.23 39.56
CA SER H 513 -46.15 16.60 40.88
C SER H 513 -47.65 16.80 40.79
N HIS H 514 -48.34 16.51 41.88
CA HIS H 514 -49.66 17.08 41.92
C HIS H 514 -49.47 18.57 41.71
N THR H 515 -50.02 19.09 40.62
CA THR H 515 -49.57 20.38 40.15
C THR H 515 -50.44 20.77 38.98
N ALA H 516 -50.37 22.05 38.63
CA ALA H 516 -51.36 22.62 37.73
C ALA H 516 -50.65 23.01 36.44
N GLY H 517 -51.45 23.49 35.48
CA GLY H 517 -51.02 23.68 34.13
C GLY H 517 -50.99 22.41 33.31
N GLY H 518 -50.94 21.25 33.95
CA GLY H 518 -50.88 19.98 33.27
C GLY H 518 -51.99 19.83 32.27
N THR H 519 -51.75 19.11 31.18
CA THR H 519 -52.68 19.11 30.07
C THR H 519 -53.36 17.75 29.93
N GLY H 520 -54.58 17.79 29.42
CA GLY H 520 -55.29 16.60 29.03
C GLY H 520 -56.18 16.98 27.86
N GLY H 521 -56.64 15.96 27.14
CA GLY H 521 -57.69 16.12 26.15
C GLY H 521 -57.30 16.76 24.84
N SER H 522 -58.09 16.50 23.79
CA SER H 522 -57.85 17.03 22.45
C SER H 522 -59.14 16.95 21.65
N THR H 523 -59.17 17.67 20.54
CA THR H 523 -60.38 17.87 19.75
C THR H 523 -61.11 16.60 19.31
N SER H 524 -60.53 15.84 18.38
CA SER H 524 -61.28 14.85 17.61
C SER H 524 -60.71 13.46 17.81
N VAL H 525 -61.53 12.55 18.34
CA VAL H 525 -61.15 11.16 18.54
C VAL H 525 -61.69 10.34 17.39
N THR H 526 -60.89 9.41 16.87
CA THR H 526 -61.22 8.62 15.70
C THR H 526 -61.46 7.15 16.05
N LEU H 527 -62.27 6.50 15.23
CA LEU H 527 -62.76 5.15 15.51
C LEU H 527 -61.96 4.15 14.70
N GLU H 528 -61.14 3.36 15.40
CA GLU H 528 -60.32 2.31 14.80
C GLU H 528 -60.76 0.97 15.36
N ASN H 529 -60.46 -0.10 14.62
CA ASN H 529 -61.01 -1.43 14.89
C ASN H 529 -60.55 -1.96 16.25
N ALA H 530 -59.68 -1.23 16.92
CA ALA H 530 -59.60 -1.44 18.35
C ALA H 530 -60.84 -0.92 19.07
N ASN H 531 -61.62 -0.04 18.44
CA ASN H 531 -62.85 0.47 19.04
C ASN H 531 -64.03 -0.02 18.21
N LEU H 532 -64.78 -0.98 18.77
CA LEU H 532 -65.93 -1.63 18.20
C LEU H 532 -66.33 -2.72 19.18
N PRO H 533 -67.59 -3.07 19.25
CA PRO H 533 -67.95 -4.21 20.09
C PRO H 533 -67.90 -5.49 19.29
N ALA H 534 -68.14 -6.62 19.93
CA ALA H 534 -68.42 -7.80 19.15
C ALA H 534 -69.76 -7.61 18.45
N THR H 535 -69.99 -8.39 17.40
CA THR H 535 -71.26 -8.32 16.71
C THR H 535 -71.51 -9.61 15.96
N GLU H 536 -72.75 -9.79 15.56
CA GLU H 536 -73.17 -10.87 14.70
C GLU H 536 -73.69 -10.29 13.40
N THR H 537 -73.69 -11.09 12.36
CA THR H 537 -74.47 -10.71 11.20
C THR H 537 -75.96 -10.74 11.58
N ASP H 538 -76.77 -10.09 10.76
CA ASP H 538 -78.19 -9.95 11.06
C ASP H 538 -79.06 -11.03 10.41
N GLU H 539 -78.48 -12.07 9.83
CA GLU H 539 -79.27 -13.18 9.27
C GLU H 539 -78.49 -14.47 9.44
N GLU H 540 -78.96 -15.54 8.79
CA GLU H 540 -78.18 -16.76 8.63
C GLU H 540 -77.46 -16.69 7.29
N VAL H 541 -76.14 -16.61 7.33
CA VAL H 541 -75.33 -16.58 6.13
C VAL H 541 -74.24 -17.62 6.32
N LEU H 542 -73.74 -18.13 5.20
CA LEU H 542 -72.89 -19.32 5.20
C LEU H 542 -71.44 -18.89 5.37
N ILE H 543 -70.84 -19.27 6.50
CA ILE H 543 -69.42 -19.03 6.71
C ILE H 543 -68.71 -20.34 6.48
N VAL H 544 -67.37 -20.31 6.53
CA VAL H 544 -66.52 -21.32 5.90
C VAL H 544 -65.77 -22.11 6.97
N ASP H 545 -66.11 -23.38 7.13
CA ASP H 545 -65.49 -24.19 8.17
C ASP H 545 -65.63 -25.67 7.82
N GLU H 546 -64.76 -26.47 8.42
CA GLU H 546 -64.51 -27.84 7.99
C GLU H 546 -65.34 -28.88 8.73
N ASN H 547 -66.26 -28.48 9.59
CA ASN H 547 -67.28 -29.37 10.11
C ASN H 547 -68.58 -29.27 9.34
N GLY H 548 -68.59 -28.48 8.26
CA GLY H 548 -69.83 -27.97 7.73
C GLY H 548 -70.75 -29.07 7.25
N SER H 549 -72.05 -28.87 7.49
CA SER H 549 -73.04 -29.81 7.06
C SER H 549 -73.49 -29.57 5.63
N VAL H 550 -73.02 -28.51 5.00
CA VAL H 550 -73.32 -28.22 3.60
C VAL H 550 -72.01 -28.25 2.84
N ILE H 551 -71.97 -29.06 1.79
CA ILE H 551 -70.73 -29.35 1.06
C ILE H 551 -70.84 -28.69 -0.31
N VAL H 552 -70.01 -27.67 -0.55
CA VAL H 552 -70.08 -26.93 -1.79
C VAL H 552 -69.92 -27.81 -2.99
N GLY H 553 -69.50 -29.04 -2.77
CA GLY H 553 -69.32 -29.99 -3.84
C GLY H 553 -67.90 -29.97 -4.35
N GLY H 554 -67.42 -31.14 -4.74
CA GLY H 554 -66.09 -31.25 -5.27
C GLY H 554 -66.05 -30.71 -6.68
N CYS H 555 -67.04 -31.10 -7.46
CA CYS H 555 -67.02 -30.78 -8.86
C CYS H 555 -68.28 -31.21 -9.55
N GLN H 556 -68.51 -30.57 -10.68
CA GLN H 556 -69.81 -30.47 -11.28
C GLN H 556 -70.22 -31.74 -11.98
N TYR H 557 -71.31 -32.37 -11.56
CA TYR H 557 -71.88 -33.40 -12.42
C TYR H 557 -72.82 -32.60 -13.28
N ASP H 558 -72.32 -32.26 -14.43
CA ASP H 558 -72.87 -31.05 -14.99
C ASP H 558 -72.97 -31.17 -16.47
N PRO H 559 -73.61 -32.21 -16.98
CA PRO H 559 -73.30 -32.60 -18.34
C PRO H 559 -73.50 -31.49 -19.33
N ASP H 560 -74.31 -30.49 -18.99
CA ASP H 560 -74.70 -29.46 -19.93
C ASP H 560 -73.59 -28.43 -20.05
N GLU H 561 -73.92 -27.26 -20.61
CA GLU H 561 -73.01 -26.11 -20.62
C GLU H 561 -73.61 -24.88 -19.95
N SER H 562 -74.74 -24.36 -20.41
CA SER H 562 -75.24 -23.03 -20.07
C SER H 562 -76.29 -22.97 -18.96
N GLY H 563 -76.67 -24.09 -18.35
CA GLY H 563 -77.52 -24.02 -17.19
C GLY H 563 -76.82 -23.22 -16.11
N PRO H 564 -77.46 -22.19 -15.58
CA PRO H 564 -76.71 -21.14 -14.89
C PRO H 564 -75.98 -21.61 -13.63
N ILE H 565 -74.69 -21.31 -13.57
CA ILE H 565 -73.87 -21.61 -12.40
C ILE H 565 -73.41 -20.31 -11.78
N TYR H 566 -72.71 -20.40 -10.67
CA TYR H 566 -72.11 -19.22 -10.05
C TYR H 566 -70.61 -19.36 -9.99
N THR H 567 -69.96 -18.30 -9.59
CA THR H 567 -68.66 -18.44 -8.97
C THR H 567 -68.81 -17.81 -7.58
N LYS H 568 -68.98 -18.66 -6.58
CA LYS H 568 -68.92 -18.15 -5.22
C LYS H 568 -67.45 -17.92 -4.91
N TYR H 569 -67.09 -16.69 -4.60
CA TYR H 569 -65.68 -16.35 -4.63
C TYR H 569 -64.95 -17.03 -3.47
N ARG H 570 -63.65 -16.84 -3.46
CA ARG H 570 -62.82 -17.57 -2.52
C ARG H 570 -63.18 -17.18 -1.11
N GLU H 571 -63.43 -18.18 -0.28
CA GLU H 571 -63.69 -17.91 1.12
C GLU H 571 -62.54 -17.13 1.72
N ALA H 572 -62.84 -15.95 2.26
CA ALA H 572 -61.84 -15.03 2.77
C ALA H 572 -62.45 -14.23 3.90
N LYS H 573 -61.65 -13.37 4.52
CA LYS H 573 -62.17 -12.45 5.50
C LYS H 573 -63.21 -11.55 4.85
N ALA H 574 -64.34 -11.39 5.52
CA ALA H 574 -65.50 -10.72 4.94
C ALA H 574 -65.50 -9.26 5.26
N SER H 575 -65.31 -8.46 4.23
CA SER H 575 -64.84 -7.11 4.37
C SER H 575 -65.92 -6.07 4.58
N THR H 576 -65.88 -5.41 5.73
CA THR H 576 -66.80 -4.33 6.03
C THR H 576 -66.10 -3.00 5.89
N ASN H 577 -66.81 -2.03 5.33
CA ASN H 577 -66.43 -0.63 5.36
C ASN H 577 -65.04 -0.37 4.83
N SER H 578 -64.50 -1.26 3.98
CA SER H 578 -63.16 -1.02 3.49
C SER H 578 -63.13 0.11 2.48
N THR H 579 -64.30 0.53 1.98
CA THR H 579 -64.38 1.76 1.21
C THR H 579 -63.95 2.95 2.05
N HIS H 580 -64.54 3.12 3.24
CA HIS H 580 -64.06 4.11 4.19
C HIS H 580 -63.54 3.38 5.43
N THR H 581 -62.24 3.17 5.46
CA THR H 581 -61.61 2.58 6.63
C THR H 581 -61.42 3.60 7.75
N PRO H 582 -60.70 4.68 7.46
CA PRO H 582 -60.29 5.62 8.51
C PRO H 582 -61.47 6.39 9.06
N PRO H 583 -62.66 6.25 8.44
CA PRO H 583 -63.68 7.31 8.49
C PRO H 583 -64.17 7.74 9.87
N THR H 584 -65.27 8.50 9.88
CA THR H 584 -65.47 9.70 10.69
C THR H 584 -65.07 9.59 12.17
N SER H 585 -64.57 10.72 12.67
CA SER H 585 -64.07 10.86 14.04
C SER H 585 -64.93 11.92 14.74
N ILE H 586 -65.73 11.50 15.72
CA ILE H 586 -66.68 12.39 16.36
C ILE H 586 -65.96 13.28 17.37
N THR H 587 -66.60 14.41 17.71
CA THR H 587 -66.05 15.40 18.62
C THR H 587 -66.31 14.97 20.05
N ASN H 588 -65.26 14.97 20.86
CA ASN H 588 -65.26 14.32 22.16
C ASN H 588 -65.66 15.24 23.30
N ILE H 589 -66.10 16.47 23.03
CA ILE H 589 -66.24 17.46 24.09
C ILE H 589 -67.68 17.95 24.28
N GLN H 590 -67.87 18.94 25.16
CA GLN H 590 -69.13 19.56 25.55
C GLN H 590 -69.14 21.03 25.13
N PRO H 591 -70.33 21.63 25.02
CA PRO H 591 -70.43 23.00 24.49
C PRO H 591 -69.55 23.98 25.26
N TYR H 592 -69.12 25.02 24.56
CA TYR H 592 -68.04 25.87 25.05
C TYR H 592 -68.55 27.00 25.91
N ILE H 593 -68.07 27.08 27.15
CA ILE H 593 -67.87 28.39 27.73
C ILE H 593 -66.43 28.74 27.35
N THR H 594 -66.29 29.62 26.36
CA THR H 594 -65.00 30.00 25.83
C THR H 594 -65.03 31.49 25.57
N VAL H 595 -64.14 32.21 26.24
CA VAL H 595 -64.08 33.66 26.13
C VAL H 595 -62.65 34.06 26.41
N TYR H 596 -62.22 35.18 25.84
CA TYR H 596 -60.81 35.50 25.84
C TYR H 596 -60.41 35.87 27.25
N ARG H 597 -59.57 35.04 27.86
CA ARG H 597 -59.35 35.07 29.29
C ARG H 597 -57.92 35.51 29.54
N TRP H 598 -57.75 36.76 29.98
CA TRP H 598 -56.43 37.34 30.18
C TRP H 598 -56.07 37.18 31.65
N ILE H 599 -55.12 36.31 31.93
CA ILE H 599 -54.78 35.93 33.30
C ILE H 599 -53.59 36.77 33.74
N ARG H 600 -53.83 37.67 34.70
CA ARG H 600 -52.85 38.66 35.10
C ARG H 600 -51.54 38.01 35.50
N ILE H 601 -50.43 38.52 34.95
CA ILE H 601 -49.11 37.95 35.21
C ILE H 601 -48.84 37.87 36.70
N ALA H 602 -48.93 39.01 37.36
CA ALA H 602 -48.76 39.14 38.80
C ALA H 602 -49.00 40.60 39.15
N MET I 1 -8.75 85.45 30.34
CA MET I 1 -7.79 86.49 30.00
C MET I 1 -8.20 87.18 28.72
N LYS I 2 -9.20 86.63 28.06
CA LYS I 2 -9.92 87.27 26.97
C LYS I 2 -9.03 87.73 25.82
N GLN I 3 -7.82 87.17 25.70
CA GLN I 3 -7.00 87.34 24.50
C GLN I 3 -6.56 85.98 24.00
N ASN I 4 -7.13 85.55 22.88
CA ASN I 4 -6.86 84.22 22.33
C ASN I 4 -7.15 84.25 20.84
N ILE I 5 -6.38 83.48 20.08
CA ILE I 5 -6.44 83.49 18.62
C ILE I 5 -6.94 82.14 18.12
N ASN I 6 -7.81 82.17 17.12
CA ASN I 6 -8.60 81.02 16.70
C ASN I 6 -8.06 80.25 15.50
N ILE I 7 -6.89 80.61 14.98
CA ILE I 7 -6.22 79.82 13.94
C ILE I 7 -6.99 79.76 12.63
N GLY I 8 -6.91 80.83 11.84
CA GLY I 8 -6.93 80.70 10.39
C GLY I 8 -8.19 80.12 9.77
N ASN I 9 -8.12 79.94 8.45
CA ASN I 9 -9.29 79.57 7.67
C ASN I 9 -9.93 78.33 8.27
N VAL I 10 -11.24 78.38 8.45
CA VAL I 10 -11.92 77.47 9.36
C VAL I 10 -12.66 76.34 8.69
N VAL I 11 -12.77 76.33 7.36
CA VAL I 11 -13.88 75.56 6.78
C VAL I 11 -13.47 74.46 5.80
N ASP I 12 -13.18 74.84 4.57
CA ASP I 12 -13.26 73.93 3.44
C ASP I 12 -12.12 74.25 2.46
N ASP I 13 -12.23 73.72 1.24
CA ASP I 13 -11.08 73.60 0.35
C ASP I 13 -10.25 74.88 0.26
N GLY I 14 -10.70 75.86 -0.53
CA GLY I 14 -10.10 77.18 -0.50
C GLY I 14 -8.67 77.21 -0.99
N THR I 15 -8.12 78.41 -1.20
CA THR I 15 -6.68 78.60 -1.07
C THR I 15 -6.31 79.27 0.24
N GLY I 16 -7.28 79.70 1.03
CA GLY I 16 -7.02 80.34 2.30
C GLY I 16 -6.86 79.33 3.42
N ASP I 17 -5.88 79.61 4.29
CA ASP I 17 -5.58 78.84 5.49
C ASP I 17 -4.25 79.37 6.02
N TYR I 18 -3.81 78.93 7.18
CA TYR I 18 -2.56 79.51 7.70
C TYR I 18 -1.40 78.55 7.51
N LEU I 19 -0.68 78.71 6.40
CA LEU I 19 0.77 78.60 6.25
C LEU I 19 1.46 77.65 7.21
N ARG I 20 0.74 76.69 7.78
CA ARG I 20 1.25 75.91 8.89
C ARG I 20 1.60 76.84 10.03
N LYS I 21 1.64 78.14 9.74
CA LYS I 21 2.12 79.14 10.67
C LYS I 21 1.31 79.14 11.93
N GLY I 22 0.09 78.66 11.83
CA GLY I 22 -0.86 78.77 12.90
C GLY I 22 -0.27 78.31 14.19
N GLY I 23 0.30 77.11 14.21
CA GLY I 23 0.61 76.49 15.47
C GLY I 23 1.26 77.49 16.39
N ILE I 24 2.08 78.35 15.79
CA ILE I 24 2.70 79.46 16.49
C ILE I 24 1.62 80.13 17.29
N LYS I 25 0.49 80.43 16.64
CA LYS I 25 -0.66 80.95 17.36
C LYS I 25 -1.03 79.93 18.43
N ILE I 26 -1.46 78.74 18.00
CA ILE I 26 -1.92 77.74 18.95
C ILE I 26 -0.85 77.45 19.97
N ASN I 27 0.40 77.76 19.63
CA ASN I 27 1.45 77.72 20.63
C ASN I 27 1.18 78.73 21.73
N GLU I 28 0.73 79.92 21.36
CA GLU I 28 0.64 81.01 22.34
C GLU I 28 -0.49 80.77 23.33
N ASN I 29 -1.64 80.32 22.83
CA ASN I 29 -2.80 80.11 23.68
C ASN I 29 -2.41 79.34 24.92
N PHE I 30 -1.96 78.10 24.73
CA PHE I 30 -1.53 77.26 25.84
C PHE I 30 -0.53 77.98 26.73
N ASP I 31 0.32 78.82 26.16
CA ASP I 31 1.23 79.62 26.97
C ASP I 31 0.41 80.51 27.90
N GLU I 32 -0.31 81.45 27.30
CA GLU I 32 -1.09 82.43 28.03
C GLU I 32 -1.93 81.73 29.07
N LEU I 33 -2.84 80.88 28.63
CA LEU I 33 -3.73 80.26 29.59
C LEU I 33 -3.04 79.23 30.46
N TYR I 34 -1.76 78.92 30.24
CA TYR I 34 -0.98 78.31 31.31
C TYR I 34 -0.50 79.36 32.29
N TYR I 35 -0.08 80.52 31.79
CA TYR I 35 0.29 81.62 32.66
C TYR I 35 -0.94 82.11 33.42
N GLU I 36 -2.12 81.57 33.10
CA GLU I 36 -3.32 81.85 33.88
C GLU I 36 -3.05 81.53 35.34
N LEU I 37 -2.97 80.25 35.67
CA LEU I 37 -2.43 79.85 36.95
C LEU I 37 -1.01 79.40 36.68
N GLY I 38 -0.04 80.22 37.05
CA GLY I 38 1.34 79.96 36.67
C GLY I 38 1.85 78.72 37.36
N ASP I 39 1.80 78.70 38.69
CA ASP I 39 1.84 77.47 39.43
C ASP I 39 0.47 76.97 39.85
N GLY I 40 -0.54 77.82 39.78
CA GLY I 40 -1.71 77.63 40.62
C GLY I 40 -2.54 76.42 40.22
N ASP I 41 -2.94 75.64 41.21
CA ASP I 41 -4.02 74.67 41.04
C ASP I 41 -4.95 74.77 42.24
N VAL I 42 -6.16 75.25 42.02
CA VAL I 42 -7.10 75.35 43.13
C VAL I 42 -7.54 73.95 43.51
N PRO I 43 -7.79 73.63 44.78
CA PRO I 43 -8.64 72.48 45.08
C PRO I 43 -10.09 72.72 44.72
N TYR I 44 -10.56 73.94 45.04
CA TYR I 44 -11.97 74.18 45.34
C TYR I 44 -12.90 73.48 44.36
N SER I 45 -12.56 73.53 43.07
CA SER I 45 -13.36 72.82 42.09
C SER I 45 -13.37 71.33 42.37
N ALA I 46 -12.21 70.75 42.60
CA ALA I 46 -12.05 69.36 43.02
C ALA I 46 -11.82 69.22 44.53
N GLY I 47 -11.96 70.29 45.30
CA GLY I 47 -11.31 70.40 46.60
C GLY I 47 -11.35 69.19 47.51
N ALA I 48 -12.47 68.49 47.56
CA ALA I 48 -12.57 67.28 48.36
C ALA I 48 -12.17 66.03 47.59
N TRP I 49 -11.76 66.14 46.32
CA TRP I 49 -11.53 64.96 45.50
C TRP I 49 -10.53 64.00 46.14
N LYS I 50 -9.36 64.50 46.47
CA LYS I 50 -8.19 63.63 46.57
C LYS I 50 -8.16 62.71 47.79
N THR I 51 -8.00 63.28 48.97
CA THR I 51 -7.26 62.61 50.04
C THR I 51 -7.84 61.28 50.46
N TYR I 52 -8.99 60.87 49.93
CA TYR I 52 -9.75 59.75 50.50
C TYR I 52 -8.85 58.56 50.80
N ASN I 53 -7.70 58.49 50.12
CA ASN I 53 -6.73 57.44 50.29
C ASN I 53 -6.14 57.43 51.70
N ALA I 54 -5.52 56.30 52.05
CA ALA I 54 -5.07 56.04 53.42
C ALA I 54 -3.83 56.86 53.77
N SER I 55 -3.90 57.54 54.92
CA SER I 55 -2.75 58.23 55.53
C SER I 55 -2.05 59.14 54.53
N SER I 56 -2.83 59.72 53.63
CA SER I 56 -2.27 60.37 52.46
C SER I 56 -1.28 61.45 52.87
N GLY I 57 -0.04 61.31 52.39
CA GLY I 57 0.83 62.46 52.34
C GLY I 57 0.13 63.59 51.62
N GLN I 58 -0.49 63.29 50.49
CA GLN I 58 -1.31 64.23 49.75
C GLN I 58 -0.55 65.54 49.55
N THR I 59 0.46 65.49 48.69
CA THR I 59 1.18 66.70 48.34
C THR I 59 0.34 67.49 47.35
N LEU I 60 -0.13 68.65 47.79
CA LEU I 60 -0.75 69.64 46.93
C LEU I 60 0.24 70.70 46.50
N THR I 61 1.52 70.50 46.77
CA THR I 61 2.45 71.57 47.08
C THR I 61 2.82 72.37 45.84
N ALA I 62 3.56 73.44 46.10
CA ALA I 62 4.22 74.33 45.14
C ALA I 62 3.27 75.05 44.21
N GLU I 63 2.20 74.38 43.83
CA GLU I 63 0.85 74.86 43.95
C GLU I 63 0.03 73.62 43.69
N TRP I 64 -1.05 73.45 44.43
CA TRP I 64 -2.25 72.71 44.04
C TRP I 64 -3.12 72.69 45.28
N GLY I 65 -4.40 72.48 45.07
CA GLY I 65 -5.29 72.09 46.15
C GLY I 65 -5.54 70.60 46.08
N LYS I 66 -6.00 70.04 47.18
CA LYS I 66 -6.12 68.60 47.18
C LYS I 66 -7.41 68.00 47.72
N SER I 67 -7.60 68.18 49.01
CA SER I 67 -8.02 67.07 49.83
C SER I 67 -9.36 67.14 50.50
N TYR I 68 -9.83 65.96 50.87
CA TYR I 68 -10.86 65.83 51.87
C TYR I 68 -10.30 65.07 53.04
N ALA I 69 -9.93 63.82 52.78
CA ALA I 69 -10.04 62.77 53.77
C ALA I 69 -11.51 62.74 54.10
N ILE I 70 -12.28 62.32 53.10
CA ILE I 70 -13.73 62.44 53.09
C ILE I 70 -14.32 61.47 54.09
N ASN I 71 -14.21 60.19 53.79
CA ASN I 71 -14.68 59.19 54.73
C ASN I 71 -13.81 59.11 55.96
N THR I 72 -12.74 59.91 56.00
CA THR I 72 -11.80 59.88 57.11
C THR I 72 -11.31 58.44 57.27
N SER I 73 -11.10 58.00 58.51
CA SER I 73 -10.22 56.88 58.84
C SER I 73 -8.80 57.26 58.46
N SER I 74 -8.64 58.46 57.90
CA SER I 74 -7.48 58.77 57.09
C SER I 74 -6.23 58.99 57.92
N GLY I 75 -6.35 59.51 59.14
CA GLY I 75 -5.18 59.99 59.85
C GLY I 75 -4.37 60.86 58.93
N ARG I 76 -5.08 61.67 58.15
CA ARG I 76 -4.56 62.22 56.90
C ARG I 76 -3.51 63.28 57.17
N VAL I 77 -3.10 63.96 56.11
CA VAL I 77 -2.08 64.99 56.20
C VAL I 77 -2.27 65.95 55.04
N THR I 78 -1.29 66.81 54.84
CA THR I 78 -1.08 67.53 53.59
C THR I 78 0.38 67.93 53.56
N ILE I 79 0.83 68.50 52.46
CA ILE I 79 2.27 68.72 52.32
C ILE I 79 2.56 70.17 52.00
N ASN I 80 3.82 70.47 51.70
CA ASN I 80 4.33 71.82 51.84
C ASN I 80 4.87 72.42 50.55
N LEU I 81 6.02 71.92 50.11
CA LEU I 81 6.96 72.46 49.12
C LEU I 81 7.91 73.46 49.76
N PRO I 82 9.06 73.69 49.15
CA PRO I 82 10.04 74.62 49.72
C PRO I 82 9.79 76.06 49.36
N LYS I 83 10.78 76.90 49.60
CA LYS I 83 10.63 78.34 49.53
C LYS I 83 10.54 78.79 48.07
N GLY I 84 10.63 80.10 47.85
CA GLY I 84 10.42 80.72 46.56
C GLY I 84 9.19 81.60 46.48
N THR I 85 8.27 81.50 47.44
CA THR I 85 7.44 82.61 47.93
C THR I 85 6.89 83.54 46.86
N VAL I 86 6.33 82.98 45.78
CA VAL I 86 5.73 83.80 44.74
C VAL I 86 4.27 84.09 45.04
N ASN I 87 3.81 83.68 46.21
CA ASN I 87 2.45 83.91 46.68
C ASN I 87 1.42 83.26 45.76
N ASP I 88 1.53 81.93 45.68
CA ASP I 88 0.48 81.14 45.05
C ASP I 88 0.37 79.79 45.74
N TYR I 89 -0.88 79.36 45.96
CA TYR I 89 -1.26 78.01 46.41
C TYR I 89 -2.75 77.93 46.70
N ASN I 90 -3.24 76.74 47.04
CA ASN I 90 -4.56 76.57 47.64
C ASN I 90 -4.53 75.25 48.39
N LYS I 91 -5.41 75.09 49.36
CA LYS I 91 -5.49 73.82 50.06
C LYS I 91 -6.87 73.60 50.65
N VAL I 92 -7.31 72.35 50.65
CA VAL I 92 -8.72 72.05 50.86
C VAL I 92 -9.02 71.58 52.27
N ILE I 93 -8.02 71.40 53.11
CA ILE I 93 -8.23 71.08 54.52
C ILE I 93 -9.06 69.80 54.69
N ARG I 94 -10.18 69.90 55.41
CA ARG I 94 -11.18 68.84 55.42
C ARG I 94 -12.38 69.15 54.51
N ALA I 95 -12.39 70.31 53.88
CA ALA I 95 -13.29 70.72 52.80
C ALA I 95 -14.76 70.49 53.17
N ARG I 96 -15.58 70.14 52.17
CA ARG I 96 -17.00 69.91 52.39
C ARG I 96 -17.35 68.45 52.62
N ASP I 97 -16.40 67.56 52.39
CA ASP I 97 -16.58 66.17 52.76
C ASP I 97 -16.46 66.07 54.26
N VAL I 98 -17.46 65.47 54.89
CA VAL I 98 -17.59 65.54 56.33
C VAL I 98 -16.29 65.07 56.96
N PHE I 99 -15.66 65.94 57.73
CA PHE I 99 -14.43 65.61 58.42
C PHE I 99 -14.72 64.67 59.58
N ALA I 100 -13.66 64.05 60.08
CA ALA I 100 -13.74 63.29 61.32
C ALA I 100 -12.36 63.33 61.97
N THR I 101 -12.20 62.51 63.01
CA THR I 101 -11.00 62.55 63.82
C THR I 101 -9.76 62.16 63.05
N TRP I 102 -9.90 61.69 61.81
CA TRP I 102 -8.74 61.46 60.97
C TRP I 102 -7.84 62.69 60.99
N ASN I 103 -8.43 63.86 60.82
CA ASN I 103 -7.78 65.16 60.87
C ASN I 103 -6.58 65.13 59.94
N VAL I 104 -5.51 65.81 60.35
CA VAL I 104 -4.31 66.00 59.55
C VAL I 104 -3.42 66.98 60.28
N ASN I 105 -2.26 67.25 59.72
CA ASN I 105 -1.58 68.51 59.97
C ASN I 105 -0.80 68.86 58.70
N PRO I 106 -0.63 70.16 58.41
CA PRO I 106 0.29 70.54 57.35
C PRO I 106 1.71 70.07 57.60
N VAL I 107 2.01 69.65 58.84
CA VAL I 107 3.31 69.12 59.19
C VAL I 107 3.38 67.61 58.96
N THR I 108 2.24 66.95 58.73
CA THR I 108 2.13 65.50 58.84
C THR I 108 2.34 64.76 57.51
N LEU I 109 2.63 65.45 56.42
CA LEU I 109 3.10 64.75 55.23
C LEU I 109 4.58 65.00 55.02
N VAL I 110 4.91 66.22 54.59
CA VAL I 110 6.29 66.68 54.65
C VAL I 110 6.28 68.18 54.88
N ALA I 111 7.18 68.64 55.75
CA ALA I 111 7.20 70.02 56.21
C ALA I 111 7.92 70.94 55.24
N ALA I 112 8.98 70.47 54.58
CA ALA I 112 9.94 71.32 53.89
C ALA I 112 10.32 72.48 54.78
N SER I 113 10.14 73.71 54.30
CA SER I 113 10.18 74.89 55.16
C SER I 113 8.81 75.32 55.64
N GLY I 114 7.75 74.76 55.08
CA GLY I 114 6.41 75.26 55.25
C GLY I 114 5.72 74.74 56.50
N ASP I 115 4.45 75.10 56.61
CA ASP I 115 3.53 74.81 57.70
C ASP I 115 3.85 75.61 58.96
N THR I 116 4.95 76.36 58.99
CA THR I 116 5.42 77.14 60.13
C THR I 116 5.94 76.27 61.27
N ILE I 117 5.96 74.94 61.12
CA ILE I 117 6.51 73.96 62.07
C ILE I 117 5.49 73.62 63.16
N LYS I 118 4.33 74.26 63.10
CA LYS I 118 3.21 73.90 63.98
C LYS I 118 2.78 72.47 63.68
N GLY I 119 2.02 71.88 64.61
CA GLY I 119 1.73 70.46 64.54
C GLY I 119 0.35 70.09 65.03
N SER I 120 -0.09 68.93 64.54
CA SER I 120 -1.45 68.38 64.62
C SER I 120 -2.55 69.33 64.13
N ALA I 121 -3.76 69.16 64.69
CA ALA I 121 -5.00 69.82 64.26
C ALA I 121 -6.18 69.24 65.02
N VAL I 122 -7.34 69.86 64.89
CA VAL I 122 -8.50 69.48 65.71
C VAL I 122 -9.42 68.52 64.96
N PRO I 123 -10.48 68.04 65.60
CA PRO I 123 -11.37 67.06 64.96
C PRO I 123 -12.31 67.72 63.97
N VAL I 124 -13.36 67.01 63.56
CA VAL I 124 -14.19 67.44 62.43
C VAL I 124 -14.70 68.86 62.63
N GLU I 125 -14.23 69.76 61.78
CA GLU I 125 -14.79 71.10 61.65
C GLU I 125 -15.59 71.27 60.36
N ILE I 126 -15.72 70.22 59.55
CA ILE I 126 -15.70 70.37 58.09
C ILE I 126 -16.57 71.52 57.63
N ASN I 127 -17.79 71.62 58.16
CA ASN I 127 -18.85 72.38 57.50
C ASN I 127 -18.40 73.79 57.15
N VAL I 128 -18.82 74.25 55.97
CA VAL I 128 -18.16 75.30 55.21
C VAL I 128 -16.75 74.87 54.87
N ARG I 129 -15.78 75.77 54.98
CA ARG I 129 -14.40 75.49 54.64
C ARG I 129 -13.53 75.48 55.89
N PHE I 130 -12.69 74.46 56.01
CA PHE I 130 -11.84 74.36 57.18
C PHE I 130 -10.58 75.23 57.10
N SER I 131 -9.84 75.18 56.00
CA SER I 131 -8.59 75.92 55.91
C SER I 131 -8.25 76.24 54.45
N ASP I 132 -7.59 77.38 54.24
CA ASP I 132 -7.05 77.73 52.94
C ASP I 132 -5.54 77.53 52.77
N LEU I 133 -4.82 77.05 53.80
CA LEU I 133 -3.35 77.08 53.80
C LEU I 133 -2.85 78.47 53.46
N GLU I 134 -1.81 78.56 52.64
CA GLU I 134 -1.38 79.90 52.25
C GLU I 134 -0.70 79.86 50.90
N LEU I 135 -0.72 81.01 50.24
CA LEU I 135 0.12 81.23 49.07
C LEU I 135 1.57 81.30 49.55
N VAL I 136 2.48 81.49 48.61
CA VAL I 136 3.90 81.47 48.93
C VAL I 136 4.14 80.15 49.64
N TYR I 137 4.91 80.18 50.71
CA TYR I 137 5.13 78.98 51.52
C TYR I 137 4.90 79.25 52.99
N CYS I 138 5.78 80.04 53.63
CA CYS I 138 5.79 80.17 55.09
C CYS I 138 4.45 80.63 55.62
N ALA I 139 3.89 79.87 56.57
CA ALA I 139 2.58 80.20 57.11
C ALA I 139 2.16 79.26 58.23
N PRO I 140 1.52 79.82 59.26
CA PRO I 140 0.76 79.01 60.24
C PRO I 140 -0.61 78.64 59.70
N GLY I 141 -1.57 78.38 60.60
CA GLY I 141 -2.88 77.89 60.24
C GLY I 141 -3.72 78.81 59.38
N ARG I 142 -3.06 79.79 58.75
CA ARG I 142 -3.46 80.55 57.56
C ARG I 142 -4.21 81.86 57.80
N TRP I 143 -4.61 82.18 59.02
CA TRP I 143 -5.51 83.31 59.25
C TRP I 143 -6.79 83.17 58.42
N LEU I 406 -55.63 60.33 53.14
CA LEU I 406 -56.86 60.08 52.41
C LEU I 406 -56.88 58.71 51.76
N TYR I 407 -57.79 57.86 52.22
CA TYR I 407 -57.97 56.54 51.64
C TYR I 407 -59.33 56.46 50.97
N VAL I 408 -59.42 55.60 49.95
CA VAL I 408 -60.66 55.50 49.19
C VAL I 408 -61.80 55.16 50.14
N SER I 409 -62.89 55.92 50.03
CA SER I 409 -63.88 56.06 51.10
C SER I 409 -64.31 54.72 51.67
N GLN I 410 -64.42 54.69 53.01
CA GLN I 410 -65.03 53.55 53.69
C GLN I 410 -66.37 53.21 53.06
N GLY I 411 -67.25 54.20 52.95
CA GLY I 411 -68.49 54.05 52.24
C GLY I 411 -69.50 53.15 52.93
N PRO I 412 -70.64 52.97 52.30
CA PRO I 412 -71.74 52.21 52.92
C PRO I 412 -71.42 50.74 53.09
N GLY I 413 -72.30 50.09 53.85
CA GLY I 413 -72.45 48.65 53.83
C GLY I 413 -73.40 48.22 52.73
N VAL I 414 -74.15 47.14 52.96
CA VAL I 414 -75.11 46.67 51.99
C VAL I 414 -76.18 45.84 52.68
N ASP I 415 -77.32 45.71 52.01
CA ASP I 415 -78.33 44.72 52.36
C ASP I 415 -78.03 43.42 51.64
N ILE I 416 -78.25 42.28 52.31
CA ILE I 416 -77.66 41.02 51.88
C ILE I 416 -78.70 39.90 51.96
N SER I 417 -79.01 39.30 50.81
CA SER I 417 -79.52 37.93 50.73
C SER I 417 -78.46 36.92 50.32
N GLY I 418 -77.23 37.36 50.12
CA GLY I 418 -76.23 36.62 49.38
C GLY I 418 -75.34 35.69 50.15
N ASP I 419 -75.36 35.74 51.46
CA ASP I 419 -74.55 34.82 52.24
C ASP I 419 -75.42 33.68 52.74
N VAL I 420 -75.15 32.49 52.24
CA VAL I 420 -75.55 31.31 53.00
C VAL I 420 -74.50 31.04 54.06
N ASN I 421 -74.91 30.38 55.14
CA ASN I 421 -73.92 29.86 56.06
C ASN I 421 -73.21 28.68 55.42
N LEU I 422 -72.05 28.34 55.96
CA LEU I 422 -71.46 27.04 55.64
C LEU I 422 -72.00 26.10 56.68
N THR I 423 -73.00 25.29 56.30
CA THR I 423 -73.83 24.58 57.26
C THR I 423 -73.46 23.12 57.28
N ASP I 424 -73.86 22.39 56.26
CA ASP I 424 -73.23 21.12 56.00
C ASP I 424 -71.82 21.43 55.51
N PHE I 425 -70.82 20.96 56.25
CA PHE I 425 -69.44 21.34 55.96
C PHE I 425 -68.89 20.52 54.80
N ASP I 426 -68.81 19.20 54.96
CA ASP I 426 -68.38 18.34 53.87
C ASP I 426 -69.26 18.51 52.65
N LYS I 427 -70.58 18.56 52.85
CA LYS I 427 -71.52 18.57 51.74
C LYS I 427 -71.40 19.84 50.92
N ILE I 428 -71.91 19.77 49.69
CA ILE I 428 -71.83 20.88 48.74
C ILE I 428 -72.58 22.14 49.11
N GLY I 429 -72.27 23.23 48.41
CA GLY I 429 -72.87 24.53 48.63
C GLY I 429 -74.39 24.59 48.70
N TRP I 430 -75.06 23.62 48.08
CA TRP I 430 -76.52 23.56 48.10
C TRP I 430 -76.96 22.29 48.81
N PRO I 431 -76.17 21.23 48.65
CA PRO I 431 -76.49 19.95 49.27
C PRO I 431 -76.81 20.14 50.73
N ASN I 432 -77.01 21.40 51.14
CA ASN I 432 -77.38 21.82 52.51
C ASN I 432 -76.85 23.16 53.07
N VAL I 433 -77.71 24.17 53.12
CA VAL I 433 -77.33 25.44 53.76
C VAL I 433 -78.45 26.41 53.42
N GLU I 434 -78.61 27.44 54.23
CA GLU I 434 -79.70 28.39 54.09
C GLU I 434 -79.12 29.78 54.09
N ALA I 435 -79.69 30.65 53.27
CA ALA I 435 -79.13 31.99 53.13
C ALA I 435 -79.10 32.64 54.51
N VAL I 436 -77.91 33.02 54.95
CA VAL I 436 -77.76 33.73 56.21
C VAL I 436 -78.41 35.09 56.01
N GLN I 437 -79.35 35.45 56.89
CA GLN I 437 -80.21 36.59 56.64
C GLN I 437 -79.36 37.86 56.72
N SER I 438 -80.01 39.01 56.61
CA SER I 438 -79.25 40.25 56.48
C SER I 438 -78.26 40.40 57.63
N TYR I 439 -77.00 40.49 57.26
CA TYR I 439 -75.94 41.03 58.11
C TYR I 439 -75.33 42.16 57.31
N GLN I 440 -75.57 43.39 57.75
CA GLN I 440 -75.10 44.55 57.01
C GLN I 440 -73.74 44.90 57.57
N ARG I 441 -72.70 44.64 56.78
CA ARG I 441 -71.33 44.73 57.26
C ARG I 441 -70.74 46.07 56.86
N ALA I 442 -70.28 46.79 57.87
CA ALA I 442 -69.85 48.16 57.74
C ALA I 442 -68.51 48.23 57.01
N PHE I 443 -67.94 49.42 56.94
CA PHE I 443 -66.62 49.63 56.37
C PHE I 443 -65.66 49.82 57.55
N ASN I 444 -64.84 48.79 57.80
CA ASN I 444 -64.04 48.79 59.02
C ASN I 444 -62.56 48.62 58.73
N ALA I 445 -62.16 47.39 58.42
CA ALA I 445 -60.76 47.04 58.23
C ALA I 445 -60.72 45.99 57.13
N VAL I 446 -59.58 45.30 57.00
CA VAL I 446 -59.29 44.51 55.80
C VAL I 446 -60.44 43.56 55.48
N SER I 447 -60.86 42.76 56.45
CA SER I 447 -61.71 41.60 56.18
C SER I 447 -62.95 41.95 55.38
N ASN I 448 -63.93 42.57 56.03
CA ASN I 448 -65.17 42.87 55.31
C ASN I 448 -64.97 43.91 54.23
N ILE I 449 -63.78 44.52 54.13
CA ILE I 449 -63.44 45.26 52.92
C ILE I 449 -63.12 44.28 51.79
N PHE I 450 -62.17 43.39 52.02
CA PHE I 450 -61.85 42.40 51.00
C PHE I 450 -62.80 41.20 51.03
N ASP I 451 -63.02 40.63 52.21
CA ASP I 451 -63.69 39.33 52.29
C ASP I 451 -65.12 39.44 51.82
N THR I 452 -65.73 40.61 51.95
CA THR I 452 -67.02 40.83 51.30
C THR I 452 -66.89 40.58 49.81
N ILE I 453 -65.91 41.25 49.18
CA ILE I 453 -65.77 41.26 47.72
C ILE I 453 -65.80 39.86 47.12
N TYR I 454 -65.36 38.86 47.88
CA TYR I 454 -65.34 37.47 47.44
C TYR I 454 -66.04 36.59 48.47
N PRO I 455 -67.35 36.37 48.33
CA PRO I 455 -68.04 35.41 49.21
C PRO I 455 -67.69 33.98 48.83
N ILE I 456 -68.00 33.08 49.75
CA ILE I 456 -67.69 31.66 49.58
C ILE I 456 -68.65 31.06 48.58
N GLY I 457 -68.12 30.40 47.56
CA GLY I 457 -68.91 29.89 46.47
C GLY I 457 -68.76 30.65 45.18
N THR I 458 -68.18 31.84 45.18
CA THR I 458 -67.82 32.45 43.92
C THR I 458 -66.69 31.64 43.32
N ILE I 459 -66.20 32.06 42.16
CA ILE I 459 -65.18 31.21 41.54
C ILE I 459 -63.96 31.26 42.45
N TYR I 460 -63.60 30.11 43.00
CA TYR I 460 -62.80 30.02 44.20
C TYR I 460 -61.64 29.06 43.97
N GLU I 461 -60.43 29.59 43.95
CA GLU I 461 -59.28 28.79 43.50
C GLU I 461 -57.99 29.54 43.83
N ASN I 462 -56.88 28.95 43.38
CA ASN I 462 -55.56 29.55 43.32
C ASN I 462 -54.81 28.88 42.19
N ALA I 463 -54.04 29.64 41.41
CA ALA I 463 -53.61 29.13 40.12
C ALA I 463 -52.47 28.13 40.22
N VAL I 464 -51.42 28.44 40.98
CA VAL I 464 -50.22 27.62 40.95
C VAL I 464 -49.92 27.07 42.33
N ASN I 465 -49.72 27.94 43.30
CA ASN I 465 -48.99 27.62 44.53
C ASN I 465 -49.50 26.31 45.12
N PRO I 466 -48.61 25.39 45.50
CA PRO I 466 -49.06 24.14 46.12
C PRO I 466 -49.90 24.34 47.37
N ASN I 467 -49.44 25.22 48.27
CA ASN I 467 -50.14 25.49 49.54
C ASN I 467 -51.53 26.10 49.42
N ASN I 468 -52.26 26.04 50.53
CA ASN I 468 -53.63 26.55 50.62
C ASN I 468 -53.78 27.95 50.06
N PRO I 469 -55.02 28.42 49.95
CA PRO I 469 -55.27 29.78 49.42
C PRO I 469 -55.24 30.86 50.48
N VAL I 470 -55.27 30.52 51.76
CA VAL I 470 -55.18 31.55 52.79
C VAL I 470 -53.85 32.29 52.70
N THR I 471 -52.76 31.55 52.46
CA THR I 471 -51.42 32.10 52.64
C THR I 471 -51.21 33.37 51.83
N TYR I 472 -51.97 33.55 50.76
CA TYR I 472 -51.97 34.74 49.93
C TYR I 472 -53.20 35.60 50.13
N MET I 473 -54.38 35.01 49.89
CA MET I 473 -55.64 35.74 49.88
C MET I 473 -55.84 36.60 51.13
N GLY I 474 -55.25 36.21 52.25
CA GLY I 474 -55.14 37.15 53.34
C GLY I 474 -56.43 37.59 53.99
N PHE I 475 -57.56 37.08 53.48
CA PHE I 475 -58.84 37.18 54.16
C PHE I 475 -59.27 35.77 54.49
N GLY I 476 -59.15 35.39 55.77
CA GLY I 476 -59.76 34.18 56.28
C GLY I 476 -59.10 32.89 55.79
N SER I 477 -59.96 31.89 55.59
CA SER I 477 -59.55 30.55 55.19
C SER I 477 -60.16 30.21 53.83
N TRP I 478 -59.53 29.27 53.13
CA TRP I 478 -60.04 28.78 51.85
C TRP I 478 -59.70 27.31 51.73
N LYS I 479 -60.68 26.50 51.28
CA LYS I 479 -60.57 25.05 51.29
C LYS I 479 -60.53 24.48 49.88
N LEU I 480 -59.55 23.62 49.63
CA LEU I 480 -59.28 23.14 48.28
C LEU I 480 -60.46 22.35 47.72
N PHE I 481 -60.77 22.58 46.46
CA PHE I 481 -61.88 21.94 45.77
C PHE I 481 -61.47 21.59 44.34
N GLY I 482 -62.32 20.78 43.70
CA GLY I 482 -62.18 20.46 42.30
C GLY I 482 -61.40 19.21 42.00
N GLN I 483 -61.01 18.44 43.02
CA GLN I 483 -60.15 17.28 42.81
C GLN I 483 -60.80 16.34 41.83
N GLY I 484 -60.08 16.02 40.77
CA GLY I 484 -60.66 15.20 39.73
C GLY I 484 -62.00 15.74 39.30
N LYS I 485 -62.04 17.01 38.91
CA LYS I 485 -63.28 17.63 38.48
C LYS I 485 -63.01 18.65 37.39
N VAL I 486 -64.04 19.42 37.04
CA VAL I 486 -63.88 20.57 36.16
C VAL I 486 -65.04 21.50 36.41
N LEU I 487 -64.89 22.76 36.00
CA LEU I 487 -65.92 23.76 36.24
C LEU I 487 -66.84 23.76 35.04
N VAL I 488 -68.07 23.28 35.24
CA VAL I 488 -69.10 23.31 34.22
C VAL I 488 -70.24 24.15 34.76
N GLY I 489 -71.06 24.67 33.85
CA GLY I 489 -72.23 25.39 34.29
C GLY I 489 -73.35 24.47 34.73
N TRP I 490 -73.92 24.77 35.89
CA TRP I 490 -75.30 24.36 36.18
C TRP I 490 -76.11 25.63 36.10
N ASN I 491 -76.84 25.78 35.02
CA ASN I 491 -77.59 26.99 34.77
C ASN I 491 -78.86 27.02 35.60
N GLU I 492 -79.41 28.22 35.75
CA GLU I 492 -80.78 28.31 36.19
C GLU I 492 -81.69 27.51 35.26
N ASP I 493 -81.21 27.23 34.05
CA ASP I 493 -81.96 26.42 33.10
C ASP I 493 -82.28 25.09 33.77
N ILE I 494 -83.57 24.84 33.95
CA ILE I 494 -84.00 23.78 34.87
C ILE I 494 -83.99 22.43 34.18
N SER I 495 -84.47 22.38 32.94
CA SER I 495 -84.50 21.14 32.19
C SER I 495 -83.23 20.91 31.38
N ASP I 496 -82.24 21.82 31.48
CA ASP I 496 -80.97 21.66 30.79
C ASP I 496 -80.28 20.36 31.22
N PRO I 497 -79.40 19.83 30.37
CA PRO I 497 -78.93 18.45 30.60
C PRO I 497 -78.20 18.26 31.92
N ASN I 498 -77.24 19.13 32.24
CA ASN I 498 -76.43 18.97 33.43
C ASN I 498 -76.90 19.80 34.62
N PHE I 499 -77.93 20.65 34.43
CA PHE I 499 -78.25 21.71 35.37
C PHE I 499 -79.40 21.42 36.34
N ALA I 500 -80.05 20.26 36.25
CA ALA I 500 -81.26 20.11 37.04
C ALA I 500 -80.97 19.60 38.45
N LEU I 501 -80.71 18.33 38.58
CA LEU I 501 -80.29 17.79 39.86
C LEU I 501 -78.88 17.28 39.67
N ASN I 502 -77.92 17.98 40.26
CA ASN I 502 -76.56 17.49 40.25
C ASN I 502 -76.53 16.15 40.98
N ASN I 503 -75.47 15.37 40.74
CA ASN I 503 -75.43 14.00 41.23
C ASN I 503 -75.92 13.88 42.67
N ASN I 504 -75.16 14.43 43.62
CA ASN I 504 -75.62 14.44 45.00
C ASN I 504 -76.84 15.33 45.17
N ASP I 505 -77.10 16.20 44.20
CA ASP I 505 -78.23 17.11 44.33
C ASP I 505 -79.51 16.38 43.96
N LEU I 506 -80.39 16.20 44.94
CA LEU I 506 -81.74 15.80 44.65
C LEU I 506 -82.60 16.12 45.86
N ASP I 507 -83.89 16.29 45.61
CA ASP I 507 -84.87 15.99 46.65
C ASP I 507 -85.04 14.47 46.74
N SER I 508 -85.61 14.01 47.85
CA SER I 508 -86.04 12.62 47.92
C SER I 508 -86.86 12.24 46.69
N GLY I 509 -87.75 13.13 46.25
CA GLY I 509 -88.43 12.95 44.99
C GLY I 509 -87.60 13.22 43.76
N GLY I 510 -86.34 13.61 43.91
CA GLY I 510 -85.42 13.77 42.81
C GLY I 510 -85.09 15.20 42.45
N ASN I 511 -85.81 16.17 42.98
CA ASN I 511 -85.70 17.54 42.51
C ASN I 511 -84.68 18.30 43.35
N PRO I 512 -83.51 18.59 42.83
CA PRO I 512 -82.71 19.67 43.42
C PRO I 512 -83.25 21.01 42.97
N SER I 513 -82.48 22.06 43.17
CA SER I 513 -82.82 23.33 42.56
C SER I 513 -82.52 23.21 41.07
N HIS I 514 -82.46 24.32 40.36
CA HIS I 514 -81.61 24.37 39.18
C HIS I 514 -80.28 24.87 39.73
N THR I 515 -79.29 23.98 39.82
CA THR I 515 -78.24 24.21 40.81
C THR I 515 -77.06 23.24 40.79
N ALA I 516 -76.08 23.56 41.64
CA ALA I 516 -74.71 23.08 41.53
C ALA I 516 -74.45 21.85 42.39
N GLY I 517 -73.17 21.53 42.55
CA GLY I 517 -72.66 20.26 43.04
C GLY I 517 -72.59 19.24 41.91
N GLY I 518 -72.15 19.71 40.75
CA GLY I 518 -72.43 19.02 39.51
C GLY I 518 -71.48 17.87 39.22
N THR I 519 -71.98 16.92 38.44
CA THR I 519 -71.20 15.81 37.94
C THR I 519 -71.82 15.33 36.63
N GLY I 520 -70.96 14.83 35.74
CA GLY I 520 -71.37 13.90 34.70
C GLY I 520 -70.28 13.45 33.73
N GLY I 521 -70.46 12.27 33.15
CA GLY I 521 -69.53 11.78 32.15
C GLY I 521 -68.11 11.54 32.62
N SER I 522 -67.30 11.00 31.71
CA SER I 522 -65.87 10.79 31.94
C SER I 522 -65.23 10.68 30.56
N THR I 523 -63.90 10.81 30.52
CA THR I 523 -63.23 10.87 29.23
C THR I 523 -63.50 9.62 28.39
N SER I 524 -62.91 8.48 28.73
CA SER I 524 -62.94 7.36 27.82
C SER I 524 -64.18 6.50 28.00
N VAL I 525 -64.74 6.04 26.87
CA VAL I 525 -65.93 5.19 26.86
C VAL I 525 -65.99 4.47 25.51
N THR I 526 -66.76 3.39 25.44
CA THR I 526 -66.83 2.59 24.22
C THR I 526 -68.21 1.96 24.08
N LEU I 527 -68.40 1.23 22.98
CA LEU I 527 -69.70 0.81 22.47
C LEU I 527 -70.29 -0.41 23.16
N GLU I 528 -71.60 -0.56 22.99
CA GLU I 528 -72.35 -1.80 23.06
C GLU I 528 -73.02 -1.98 21.71
N ASN I 529 -73.54 -3.18 21.44
CA ASN I 529 -74.06 -3.45 20.10
C ASN I 529 -74.95 -2.33 19.59
N ALA I 530 -75.91 -1.90 20.42
CA ALA I 530 -76.74 -0.75 20.11
C ALA I 530 -75.94 0.53 19.94
N ASN I 531 -74.69 0.56 20.35
CA ASN I 531 -73.79 1.60 19.89
C ASN I 531 -73.07 0.99 18.71
N LEU I 532 -73.45 1.42 17.55
CA LEU I 532 -72.91 0.91 16.29
C LEU I 532 -73.69 1.60 15.19
N PRO I 533 -73.04 2.08 14.19
CA PRO I 533 -73.78 2.63 13.06
C PRO I 533 -74.47 1.52 12.30
N ALA I 534 -74.98 1.78 11.12
CA ALA I 534 -75.60 0.73 10.32
C ALA I 534 -74.54 0.12 9.42
N THR I 535 -74.14 -1.11 9.71
CA THR I 535 -73.01 -1.75 9.03
C THR I 535 -73.48 -2.70 7.93
N GLU I 536 -72.80 -2.63 6.78
CA GLU I 536 -72.97 -3.59 5.70
C GLU I 536 -71.63 -3.86 5.03
N THR I 537 -71.25 -5.14 4.92
CA THR I 537 -69.96 -5.50 4.34
C THR I 537 -70.01 -5.40 2.82
N ASP I 538 -68.96 -4.83 2.24
CA ASP I 538 -68.98 -4.31 0.88
C ASP I 538 -69.38 -5.33 -0.16
N GLU I 539 -68.48 -6.27 -0.44
CA GLU I 539 -68.69 -7.19 -1.56
C GLU I 539 -69.77 -8.22 -1.23
N GLU I 540 -70.58 -8.53 -2.24
CA GLU I 540 -71.91 -9.09 -2.02
C GLU I 540 -71.81 -10.55 -1.59
N VAL I 541 -72.30 -10.85 -0.40
CA VAL I 541 -72.13 -12.15 0.23
C VAL I 541 -73.45 -12.88 0.24
N LEU I 542 -73.37 -14.21 0.14
CA LEU I 542 -74.56 -15.05 0.17
C LEU I 542 -75.03 -15.30 1.59
N ILE I 543 -76.32 -15.57 1.72
CA ILE I 543 -76.89 -15.83 3.05
C ILE I 543 -78.00 -16.86 2.89
N VAL I 544 -78.60 -17.29 4.00
CA VAL I 544 -79.71 -18.24 3.91
C VAL I 544 -80.95 -17.52 3.40
N ASP I 545 -81.89 -18.27 2.88
CA ASP I 545 -83.27 -17.86 2.65
C ASP I 545 -84.03 -19.11 2.23
N GLU I 546 -85.33 -18.99 2.04
CA GLU I 546 -86.05 -19.95 1.23
C GLU I 546 -86.33 -19.43 -0.17
N ASN I 547 -85.96 -18.19 -0.47
CA ASN I 547 -86.36 -17.57 -1.73
C ASN I 547 -85.35 -17.66 -2.85
N GLY I 548 -84.14 -18.05 -2.53
CA GLY I 548 -82.98 -17.77 -3.36
C GLY I 548 -82.86 -18.30 -4.79
N SER I 549 -81.91 -17.73 -5.53
CA SER I 549 -81.52 -18.26 -6.82
C SER I 549 -80.51 -19.40 -6.71
N VAL I 550 -79.65 -19.38 -5.69
CA VAL I 550 -78.55 -20.33 -5.62
C VAL I 550 -79.07 -21.68 -5.13
N ILE I 551 -78.98 -22.69 -5.99
CA ILE I 551 -79.31 -24.04 -5.55
C ILE I 551 -78.18 -24.57 -4.68
N VAL I 552 -78.52 -25.08 -3.51
CA VAL I 552 -77.51 -25.70 -2.66
C VAL I 552 -77.17 -27.08 -3.17
N GLY I 553 -78.18 -27.90 -3.33
CA GLY I 553 -78.07 -29.34 -3.44
C GLY I 553 -78.02 -29.85 -2.01
N GLY I 554 -78.72 -30.95 -1.75
CA GLY I 554 -78.65 -31.59 -0.45
C GLY I 554 -77.98 -32.93 -0.52
N CYS I 555 -77.73 -33.37 -1.75
CA CYS I 555 -77.25 -34.70 -2.07
C CYS I 555 -77.05 -34.73 -3.58
N GLN I 556 -76.24 -35.67 -4.02
CA GLN I 556 -75.55 -35.50 -5.27
C GLN I 556 -74.93 -36.80 -5.67
N TYR I 557 -74.08 -36.68 -6.66
CA TYR I 557 -72.89 -37.47 -6.66
C TYR I 557 -71.86 -36.70 -5.82
N ASP I 558 -71.38 -37.33 -4.78
CA ASP I 558 -70.02 -37.05 -4.36
C ASP I 558 -69.43 -38.45 -4.41
N PRO I 559 -69.58 -39.11 -5.57
CA PRO I 559 -69.34 -40.56 -5.66
C PRO I 559 -67.89 -40.85 -5.36
N ASP I 560 -67.01 -40.13 -6.02
CA ASP I 560 -65.63 -40.08 -5.58
C ASP I 560 -65.56 -39.08 -4.43
N GLU I 561 -65.18 -39.58 -3.25
CA GLU I 561 -64.79 -38.74 -2.14
C GLU I 561 -63.52 -38.00 -2.53
N SER I 562 -62.97 -38.39 -3.67
CA SER I 562 -61.68 -37.97 -4.15
C SER I 562 -61.67 -36.54 -4.66
N GLY I 563 -62.81 -35.99 -5.05
CA GLY I 563 -62.84 -34.60 -5.42
C GLY I 563 -62.40 -33.78 -4.22
N PRO I 564 -61.83 -32.62 -4.45
CA PRO I 564 -61.63 -31.74 -3.31
C PRO I 564 -62.97 -31.58 -2.65
N ILE I 565 -63.09 -31.89 -1.37
CA ILE I 565 -64.36 -31.78 -0.70
C ILE I 565 -64.27 -30.45 0.04
N TYR I 566 -64.86 -29.43 -0.55
CA TYR I 566 -64.86 -28.10 0.03
C TYR I 566 -66.26 -27.90 0.57
N THR I 567 -66.40 -28.00 1.89
CA THR I 567 -67.68 -27.77 2.54
C THR I 567 -67.50 -26.57 3.44
N LYS I 568 -68.03 -25.43 3.00
CA LYS I 568 -68.16 -24.33 3.93
C LYS I 568 -69.23 -24.71 4.95
N TYR I 569 -69.10 -24.19 6.16
CA TYR I 569 -70.01 -24.56 7.24
C TYR I 569 -71.33 -23.80 7.15
N ARG I 570 -72.11 -23.88 8.23
CA ARG I 570 -73.52 -23.57 8.21
C ARG I 570 -73.78 -22.11 7.89
N GLU I 571 -75.01 -21.83 7.47
CA GLU I 571 -75.54 -20.48 7.52
C GLU I 571 -75.58 -20.01 8.96
N ALA I 572 -75.08 -18.82 9.22
CA ALA I 572 -75.00 -18.34 10.59
C ALA I 572 -74.71 -16.84 10.59
N LYS I 573 -74.46 -16.32 11.77
CA LYS I 573 -74.10 -14.92 11.94
C LYS I 573 -72.59 -14.78 11.99
N ALA I 574 -72.06 -13.83 11.22
CA ALA I 574 -70.62 -13.66 11.01
C ALA I 574 -70.08 -12.67 12.03
N SER I 575 -69.18 -13.14 12.88
CA SER I 575 -68.71 -12.31 13.99
C SER I 575 -67.67 -11.32 13.51
N THR I 576 -67.93 -10.04 13.76
CA THR I 576 -66.95 -8.99 13.50
C THR I 576 -66.21 -8.66 14.78
N ASN I 577 -64.87 -8.69 14.71
CA ASN I 577 -64.00 -8.36 15.83
C ASN I 577 -64.49 -9.03 17.08
N SER I 578 -64.95 -10.28 16.94
CA SER I 578 -65.50 -10.99 18.08
C SER I 578 -64.50 -11.07 19.22
N THR I 579 -63.21 -10.88 18.91
CA THR I 579 -62.18 -11.07 19.92
C THR I 579 -62.43 -10.22 21.14
N HIS I 580 -62.96 -9.01 20.96
CA HIS I 580 -63.11 -8.06 22.04
C HIS I 580 -64.47 -7.37 21.95
N THR I 581 -65.25 -7.50 23.03
CA THR I 581 -66.26 -6.49 23.35
C THR I 581 -65.60 -5.21 23.82
N PRO I 582 -64.57 -5.25 24.66
CA PRO I 582 -64.02 -4.02 25.25
C PRO I 582 -63.23 -3.24 24.22
N PRO I 583 -63.89 -2.44 23.42
CA PRO I 583 -63.22 -1.69 22.36
C PRO I 583 -62.19 -0.69 22.86
N THR I 584 -61.62 0.07 21.94
CA THR I 584 -60.84 1.23 22.32
C THR I 584 -61.76 2.34 22.81
N SER I 585 -61.42 2.94 23.94
CA SER I 585 -62.31 3.92 24.57
C SER I 585 -61.79 5.32 24.25
N ILE I 586 -62.49 6.00 23.34
CA ILE I 586 -62.02 7.31 22.90
C ILE I 586 -62.08 8.27 24.08
N THR I 587 -60.97 8.95 24.34
CA THR I 587 -60.98 9.99 25.36
C THR I 587 -61.97 11.08 24.99
N ASN I 588 -62.89 11.35 25.90
CA ASN I 588 -63.72 12.53 25.74
C ASN I 588 -63.17 13.71 26.52
N ILE I 589 -62.07 13.52 27.23
CA ILE I 589 -61.27 14.65 27.67
C ILE I 589 -60.99 15.53 26.48
N GLN I 590 -61.21 16.82 26.65
CA GLN I 590 -60.96 17.84 25.65
C GLN I 590 -59.79 18.67 26.12
N PRO I 591 -59.10 19.41 25.23
CA PRO I 591 -57.81 19.98 25.64
C PRO I 591 -57.97 20.72 26.95
N TYR I 592 -57.22 20.29 27.95
CA TYR I 592 -57.54 20.61 29.34
C TYR I 592 -56.27 20.85 30.11
N ILE I 593 -56.06 22.08 30.59
CA ILE I 593 -54.93 22.39 31.44
C ILE I 593 -55.42 22.28 32.88
N THR I 594 -54.93 21.27 33.60
CA THR I 594 -55.29 21.16 35.00
C THR I 594 -54.78 22.39 35.72
N VAL I 595 -55.68 23.12 36.37
CA VAL I 595 -55.34 24.35 37.07
C VAL I 595 -55.76 24.19 38.53
N TYR I 596 -54.92 24.68 39.43
CA TYR I 596 -55.14 24.41 40.85
C TYR I 596 -56.39 25.10 41.34
N ARG I 597 -57.17 24.41 42.15
CA ARG I 597 -58.36 25.00 42.74
C ARG I 597 -58.35 24.77 44.25
N TRP I 598 -58.17 25.87 44.99
CA TRP I 598 -58.44 25.89 46.42
C TRP I 598 -59.59 26.86 46.60
N ILE I 599 -60.75 26.34 46.94
CA ILE I 599 -61.95 27.15 47.01
C ILE I 599 -61.96 27.93 48.31
N ARG I 600 -62.55 29.11 48.27
CA ARG I 600 -62.59 29.97 49.43
C ARG I 600 -63.58 29.40 50.42
N ILE I 601 -63.11 29.12 51.65
CA ILE I 601 -64.02 28.72 52.70
C ILE I 601 -64.97 29.86 53.04
N ALA I 602 -64.51 31.10 52.86
CA ALA I 602 -65.37 32.28 52.92
C ALA I 602 -64.71 33.46 52.20
#